data_8I4X
#
_entry.id   8I4X
#
loop_
_entity.id
_entity.type
_entity.pdbx_description
1 polymer 'Structural maintenance of chromosomes protein 5'
2 polymer 'Structural maintenance of chromosomes protein 6'
3 polymer 'E3 SUMO-protein ligase MMS21'
4 polymer Nse6
5 polymer 'Non-structural maintenance of chromosome element 5'
#
loop_
_entity_poly.entity_id
_entity_poly.type
_entity_poly.pdbx_seq_one_letter_code
_entity_poly.pdbx_strand_id
1 'polypeptide(L)'
;KRVKIAKPDLSSFQPGSIIKIRLQDFVTYTLTEFNLSPSLNMIIGPNGSGKSTFVCAVCLGLAGKPEYIGRSKKVEDFIK
NGQDVSKIEITLKNSPNVTDIEYIDARDETIKITRIITRSKRRSDYLINDYQVSESVVKTLVAQLNIQLDNLCQFLSQER
VEEFARLKSVKLLVETIRSIDASLLDVLDELRELQGNEQSLQKDLDFKKAKIVHLRQESDKLRKSVESLRDFQNKKGEIE
LHSQLLPYVKVKDHKEKLNIYKEEYERAKANLRAILKDKKPFANTKKTLENQVEELTEKCSLKTDEFLKAKEKINEIFEK
LNTIRDEVIKKKNQNEYYRGRTKKLQATIISTKEDFLRSQEILAQTHLPEKSVFEDIDIKRKEIINKEGEIRDLISEIDA
KANAINHEMRSIQRQAESKTKSLTTTDKIGILNQDQDLKEVRDAVLMVREHPEMKDKILEPPIMTVSAINAQFAAYLAQC
VDYNTSKALTVVDSDSYKLFANPILDKFKVNLRELSSADTTPPVPAETVRDLGFEGYLSDFITGDKRVMKMLCQTSKIHT
IPVSRRELTPAQIKKLITPRPNGKILFKRIIHGNRLVDIKQSAYGSKQVFPTDVSIKQTNFYQGSIMSNEQKIRIENEII
NLKNEYNDRKSTLDALSNQKSGYRHELSELASKNDDINREAHQLNEIRKKYTMRKSTIETLREKLDQLKREARKDVSQKI
KDIDDQIQQLLLKQRHLLSKMASSMKSLKNCQKELISTQILQFEAQNMDVSMNDVIGFFNEREADLKSQYEDKKKFVKEA
RDTPEFQSWMREIRSYDQDTKEKLNKVAEKYEEEGNFNLSFVQDVLDKLESEIAMVNHDESAVTILDQVTAELRELEHTV
PQQSKDLETIKAKLKEDHAVLEPKLDDIVSKISARFARLFNNVGSAGAVRLEKPKDYAEWKIEIMVKFRDNAPLKKLDSH
TQSGGERAVSTVLYMIALQEFTSAPFRVVDEINQGMDSRNERIVHKAMVENACAENTSQYFLITPKLLTGLHYHEKMRIH
CVMAGSWIPNPSEDPKMIHFGETSNYSFD
;
A
2 'polypeptide(L)'
;MISTTISGKRPIEQVDDELLSLTAQQENEEQQQQRKRRRHQFAPMTQFNSNTLDEDSGFRSSSDVATADQDNFLEESPSG
YIKKVILRNFMCHEHFELELGSRLNFIVGNNGSGKSAILTAITIGLGAKASETNRGSSLKDLIREGCYSAKIILHLDNSK
YGAYQQGIFGNEIIVERIIKRDGPASFSLRSENGKEISNKKKDIQTVVDYFSVPVSNPMCFLSQDAARSFLTASTSQDKY
SHFMKGTLLQEITENLLYASAIHDSAQENMALHLENLKSLKAEYEDAKKLLRELNQTSDLNERKMLLQAKSLWIDVAHNT
DACKNLENEISGIQQKVDEVTEKIRNRQEKIERYTSDGTTIEAQIDAKVIYVNEKDSEHQNARELLRDVKSRFEKEKSNQ
AEAQSNIDQGRKKVDALNKTIAHLEEELTKEMGGDKDQMRQELEQLEKANEKLREVNNSLVVSAQDVKNEERDIQHERES
ELRTISRSIQNKKVELQNIAKGNDTFLMNFDRNMDRLLRTIEQRKNEFETPAIGPLGSLVTIRKGFEKWTRSIQRAISSS
LNAFVVSNPKDNRLFRDIMRSCGIRSNIPIVTYCLSQFDYSKGRAHGNYPTIVDALEFSKPEIECLFVDLSRIERIVLIE
DKNEARNFLQRNPVNVNMALSLRDRRSGFQLSGGYRLDTVTYQDKIRLKVNSSSDNGTQYLKDLIEQETKELQNIRDRYE
EKLSEVRSRLKEIDGRLKSTKNEMRKTNFRMTELKMNVGKVVDTGILNSKINERKNQEQAIASYEAAKEELGLKIEQIAQ
EAQPIKEQYDSTKLALVEAQDELQQLKEDINSRQSKIQKYKDDTIYYEDKKKVYLENIKKIEVNVAALKEGIQRQIQNAC
AFCSKERIENVDLPDTQEEIKRELDKVSRMIQKAEKSLGLSQEEVIALFEKCRNKYKEGQKKYMEIDEALNRLHNSLKAR
DQNYKNAEKGTCFDADMDFRASLKVRKFSGNLSFIKDTKSLEIYILTTNDEKARNVDTLSGGEKSFSQMALLLATWKPMR
SRIIALDEFDVFMDQVNRKIGTTLIVKKLKDIARTQTIIITPQDIGKIADIDSSGVSIHRMRDP
;
B
3 'polypeptide(L)'
;MALNDNPIPKSVPLHPKSGKYFHNLHARDLSNIYQQCYKQIDETINQLVDSTSPSTIGIEEQVADITSTYKLLSTYESES
NSFDEHIKDLKKNFKQSSDACPQIDLSTWDKYRTGELTAPKLSELYLNMPTPEPATMVNNTDTLKILKVLPYIWNDPTCV
IPDLQNPADEDDLQIEGGKIELTCPITCKPYEAPLISRKCNHVFDRDGIQNYLQGYTTRDCPQAACSQVVSMRDFVRDPI
MELRCKIAKMKESQEQDKRSSQAIDVL
;
C
4 'polypeptide(L)'
;PILKRTIISKRKAPSNNEDEEIVKTPRKLVNYVPLKIFNLGDSFDDTITTTVAKLQDLKKEILDSPRSNKSIVITSNTVA
KSELQKSIKFSGSIPEIYLDVVTKETISDKYKDWHFISKNCHYEQLMDLEMKDTAYSFLFGSSRSQGKVPEFVHLKCPSI
TNLLVLFGVNQEKCNSLKINYEKKENSRYDNLCTIFPVNKMLKFLMYFYSDDDNDDVREFFLKAFICLILDRKVFNAMES
DHRLCFKVLELFNEAHFINSYFEIVDKNDFFLHYRLLQIFPHLQSALLRRRFSEKQGRTETIQQNIIKEFNEFFDCKNYK
NLLYFILTMYGSKFIPFGPKCQVTEYFKDCILDISNETTNDVEISILKGILNLFSKIR
;
D
5 'polypeptide(L)'
;MDGALINSVLYVSPRNGAHYFVELTEKHLLAFEMLNSMCLLENYDHVLLFLECQFGKSHNLAVIPFDIILVLFTLSTLSE
YYKEPILRANDPYNTSRETLSRRALKLLQKYLAILKEFDSEQYNLYDLELLRCQFFLAIDTLTPKKQKWGFDRFRRTKSE
SGVTYRQNASVDPELDQAKTFKNPYRSYISCLEQRNTILGNRLLNLKLNEPGEFINMILWTLSNSLQESTPLFLSSHEIW
MPLLEILIDLFSCRQDYFIQHEVAQNVSKSLFVQRLSESPLAVFFESLNTRNFANRFSEYVFLNCDYKLPSDNYATPVHP
VYNGENTIVDTYIPTIKCSPLYKSQKSLALRRKLIGSCFKLLLRVPDGHRLITPRIVADDVIQGISRTLASFNDILQFKK
FFMTENLSQESYFIPLLAEGTLSEILKDTQECVVILTLVENLSDGVSFCNEVIGLVKSKCFAFTEQCSQASYEEAVLNIE
KCDVCLLVLLRYLLHLIGTEAILDAKEQLEMLHAIEKNDSGRRQWAKALNLGNDPPLLYPIVSQMFGVHDKSVIIE
;
E
#
# COMPACT_ATOMS: atom_id res chain seq x y z
N LYS A 1 65.50 133.02 91.26
CA LYS A 1 66.62 132.07 91.51
C LYS A 1 66.98 131.32 90.23
N ARG A 2 67.82 130.28 90.35
CA ARG A 2 68.23 129.47 89.17
C ARG A 2 67.03 128.69 88.65
N VAL A 3 66.90 128.61 87.32
CA VAL A 3 65.78 127.83 86.71
C VAL A 3 66.07 126.33 86.90
N LYS A 4 65.08 125.58 87.38
CA LYS A 4 65.26 124.13 87.62
C LYS A 4 64.34 123.34 86.70
N ILE A 5 64.88 122.32 86.03
CA ILE A 5 64.07 121.49 85.10
C ILE A 5 63.10 120.63 85.90
N ALA A 6 61.99 120.21 85.27
CA ALA A 6 60.97 119.38 85.95
C ALA A 6 61.61 118.07 86.42
N LYS A 7 61.28 117.65 87.64
CA LYS A 7 61.87 116.41 88.21
C LYS A 7 61.39 115.20 87.41
N PRO A 8 62.30 114.33 86.91
CA PRO A 8 61.90 113.10 86.22
C PRO A 8 61.50 112.00 87.21
N ASP A 9 60.38 112.18 87.90
CA ASP A 9 59.98 111.20 88.93
C ASP A 9 59.33 110.01 88.23
N LEU A 10 59.96 108.83 88.31
CA LEU A 10 59.44 107.60 87.64
C LEU A 10 58.16 107.11 88.33
N SER A 11 57.98 107.40 89.63
CA SER A 11 56.79 106.92 90.38
C SER A 11 55.51 107.50 89.75
N SER A 12 55.51 108.80 89.42
CA SER A 12 54.32 109.44 88.80
C SER A 12 54.04 108.79 87.44
N PHE A 13 55.07 108.53 86.65
CA PHE A 13 54.90 107.93 85.31
C PHE A 13 54.47 106.47 85.44
N GLN A 14 53.66 106.01 84.48
CA GLN A 14 53.17 104.61 84.51
C GLN A 14 54.34 103.67 84.27
N PRO A 15 54.32 102.44 84.83
CA PRO A 15 55.44 101.54 84.65
C PRO A 15 55.65 101.21 83.17
N GLY A 16 56.92 101.13 82.78
CA GLY A 16 57.30 100.84 81.39
C GLY A 16 57.44 102.07 80.49
N SER A 17 57.13 103.26 81.01
CA SER A 17 57.26 104.52 80.22
C SER A 17 58.68 105.08 80.26
N ILE A 18 59.00 105.97 79.32
CA ILE A 18 60.33 106.62 79.30
C ILE A 18 60.15 108.12 79.53
N ILE A 19 60.91 108.70 80.46
CA ILE A 19 60.75 110.14 80.80
C ILE A 19 61.77 110.97 80.01
N LYS A 20 63.06 110.66 80.16
CA LYS A 20 64.12 111.49 79.52
C LYS A 20 64.98 110.62 78.61
N ILE A 21 65.26 111.11 77.40
CA ILE A 21 66.15 110.36 76.47
C ILE A 21 67.33 111.26 76.11
N ARG A 22 68.56 110.74 76.22
CA ARG A 22 69.76 111.52 75.82
C ARG A 22 70.32 110.92 74.53
N LEU A 23 70.45 111.74 73.50
CA LEU A 23 71.02 111.26 72.21
C LEU A 23 72.37 111.95 72.00
N GLN A 24 73.45 111.17 71.94
CA GLN A 24 74.81 111.76 71.87
C GLN A 24 75.51 111.34 70.58
N ASP A 25 76.08 112.30 69.84
CA ASP A 25 76.86 112.01 68.61
C ASP A 25 76.01 111.29 67.56
N PHE A 26 74.90 111.92 67.14
CA PHE A 26 74.05 111.35 66.06
C PHE A 26 73.97 112.35 64.90
N VAL A 27 73.39 111.93 63.78
CA VAL A 27 73.40 112.80 62.58
C VAL A 27 72.67 114.12 62.87
N THR A 28 73.35 115.26 62.67
CA THR A 28 72.76 116.62 62.82
C THR A 28 72.36 116.89 64.27
N TYR A 29 72.65 115.98 65.20
CA TYR A 29 72.31 116.15 66.63
C TYR A 29 73.41 115.50 67.47
N THR A 30 74.50 116.24 67.73
CA THR A 30 75.61 115.71 68.57
C THR A 30 75.18 115.58 70.03
N LEU A 31 74.44 116.56 70.58
CA LEU A 31 73.92 116.43 71.97
C LEU A 31 72.45 116.85 71.94
N THR A 32 71.54 115.92 72.26
CA THR A 32 70.09 116.28 72.30
C THR A 32 69.39 115.63 73.49
N GLU A 33 68.35 116.29 73.99
CA GLU A 33 67.55 115.72 75.10
C GLU A 33 66.08 115.69 74.67
N PHE A 34 65.38 114.60 75.00
CA PHE A 34 63.96 114.46 74.60
C PHE A 34 63.11 114.08 75.82
N ASN A 35 61.89 114.61 75.88
CA ASN A 35 60.96 114.27 77.00
C ASN A 35 59.69 113.67 76.40
N LEU A 36 59.12 112.64 77.03
CA LEU A 36 57.92 111.96 76.47
C LEU A 36 56.77 112.09 77.47
N SER A 37 55.59 112.48 76.99
CA SER A 37 54.40 112.59 77.87
C SER A 37 53.97 111.20 78.34
N PRO A 38 53.49 111.02 79.59
CA PRO A 38 53.02 109.71 80.04
C PRO A 38 51.83 109.19 79.22
N SER A 39 50.89 110.06 78.83
CA SER A 39 49.70 109.62 78.07
C SER A 39 50.04 109.27 76.61
N LEU A 40 50.59 110.21 75.84
CA LEU A 40 50.89 109.97 74.39
C LEU A 40 52.00 110.90 73.94
N ASN A 41 52.79 110.48 72.94
CA ASN A 41 53.92 111.31 72.45
C ASN A 41 53.65 111.73 71.01
N MET A 42 53.83 113.02 70.71
CA MET A 42 53.67 113.48 69.31
C MET A 42 55.00 114.11 68.86
N ILE A 43 55.55 113.64 67.76
CA ILE A 43 56.84 114.19 67.24
C ILE A 43 56.59 114.73 65.83
N ILE A 44 56.96 115.98 65.59
CA ILE A 44 56.76 116.61 64.26
C ILE A 44 58.12 116.87 63.62
N GLY A 45 58.37 116.28 62.44
CA GLY A 45 59.61 116.56 61.70
C GLY A 45 59.57 115.96 60.31
N PRO A 46 60.25 116.52 59.30
CA PRO A 46 60.30 115.87 57.98
C PRO A 46 61.12 114.56 58.07
N ASN A 47 60.78 113.58 57.22
CA ASN A 47 61.56 112.32 57.20
C ASN A 47 62.99 112.61 56.71
N GLY A 48 63.98 111.89 57.26
CA GLY A 48 65.38 112.09 56.86
C GLY A 48 66.05 113.24 57.59
N SER A 49 65.35 113.87 58.53
CA SER A 49 65.94 114.98 59.34
C SER A 49 66.49 114.41 60.66
N GLY A 50 66.45 113.08 60.84
CA GLY A 50 66.97 112.44 62.07
C GLY A 50 65.89 112.08 63.08
N LYS A 51 64.64 112.51 62.89
CA LYS A 51 63.56 112.08 63.81
C LYS A 51 63.35 110.57 63.66
N SER A 52 63.30 110.09 62.43
CA SER A 52 63.18 108.62 62.19
C SER A 52 64.43 107.95 62.75
N THR A 53 65.59 108.58 62.56
CA THR A 53 66.87 108.02 63.08
C THR A 53 66.80 107.98 64.60
N PHE A 54 66.26 109.03 65.22
CA PHE A 54 66.14 109.06 66.69
C PHE A 54 65.24 107.91 67.16
N VAL A 55 64.11 107.71 66.48
CA VAL A 55 63.16 106.62 66.87
C VAL A 55 63.84 105.26 66.71
N CYS A 56 64.57 105.09 65.60
CA CYS A 56 65.28 103.81 65.35
C CYS A 56 66.34 103.59 66.44
N ALA A 57 67.07 104.63 66.82
CA ALA A 57 68.10 104.53 67.88
C ALA A 57 67.44 104.14 69.20
N VAL A 58 66.29 104.75 69.51
CA VAL A 58 65.55 104.43 70.76
C VAL A 58 65.13 102.96 70.71
N CYS A 59 64.63 102.48 69.56
CA CYS A 59 64.26 101.06 69.41
C CYS A 59 65.50 100.16 69.58
N LEU A 60 66.64 100.57 69.00
CA LEU A 60 67.88 99.77 69.11
C LEU A 60 68.35 99.75 70.57
N GLY A 61 68.14 100.83 71.32
CA GLY A 61 68.62 100.89 72.70
C GLY A 61 68.00 99.82 73.59
N LEU A 62 66.71 99.56 73.42
CA LEU A 62 66.04 98.49 74.22
C LEU A 62 66.26 97.13 73.57
N ALA A 63 67.51 96.66 73.55
CA ALA A 63 67.85 95.32 72.99
C ALA A 63 67.38 95.21 71.53
N GLY A 64 67.54 96.28 70.75
CA GLY A 64 67.04 96.27 69.37
C GLY A 64 68.16 96.16 68.36
N LYS A 65 67.97 95.38 67.30
CA LYS A 65 68.96 95.28 66.20
C LYS A 65 68.24 95.64 64.90
N PRO A 66 68.90 96.33 63.96
CA PRO A 66 68.19 96.82 62.77
C PRO A 66 67.54 95.72 61.94
N GLU A 67 68.17 94.55 61.86
CA GLU A 67 67.60 93.41 61.08
C GLU A 67 66.38 92.80 61.81
N TYR A 68 66.20 93.05 63.11
CA TYR A 68 65.08 92.42 63.87
C TYR A 68 63.82 93.31 63.83
N ILE A 69 63.90 94.47 63.17
CA ILE A 69 62.72 95.39 63.07
C ILE A 69 62.10 95.28 61.67
N GLY A 70 62.46 94.25 60.89
CA GLY A 70 61.95 94.10 59.51
C GLY A 70 62.33 95.28 58.63
N ARG A 71 63.55 95.80 58.78
CA ARG A 71 64.03 96.92 57.93
C ARG A 71 65.51 96.73 57.62
N SER A 72 66.04 97.50 56.67
CA SER A 72 67.47 97.40 56.27
C SER A 72 68.36 97.77 57.46
N LYS A 73 69.52 97.13 57.55
CA LYS A 73 70.45 97.38 58.68
C LYS A 73 71.51 98.40 58.27
N LYS A 74 71.53 99.56 58.92
CA LYS A 74 72.53 100.62 58.61
C LYS A 74 73.11 101.12 59.94
N VAL A 75 74.09 100.42 60.51
CA VAL A 75 74.73 100.83 61.80
C VAL A 75 75.46 102.15 61.61
N GLU A 76 76.08 102.37 60.44
CA GLU A 76 76.90 103.60 60.19
C GLU A 76 76.01 104.86 60.27
N ASP A 77 74.75 104.77 59.85
CA ASP A 77 73.88 105.97 59.82
C ASP A 77 73.74 106.53 61.23
N PHE A 78 73.59 105.66 62.22
CA PHE A 78 73.42 106.11 63.63
C PHE A 78 74.69 106.81 64.10
N ILE A 79 75.85 106.29 63.73
CA ILE A 79 77.13 106.88 64.19
C ILE A 79 77.31 108.25 63.53
N LYS A 80 77.68 109.27 64.32
CA LYS A 80 77.96 110.60 63.75
C LYS A 80 79.19 110.49 62.83
N ASN A 81 79.16 111.17 61.69
CA ASN A 81 80.31 111.08 60.76
C ASN A 81 81.52 111.74 61.43
N GLY A 82 82.60 110.98 61.64
CA GLY A 82 83.81 111.54 62.28
C GLY A 82 83.87 111.28 63.78
N GLN A 83 82.73 110.95 64.41
CA GLN A 83 82.78 110.60 65.86
C GLN A 83 82.93 109.09 65.96
N ASP A 84 83.81 108.64 66.86
CA ASP A 84 84.07 107.19 67.04
C ASP A 84 82.84 106.48 67.62
N VAL A 85 82.16 107.10 68.59
CA VAL A 85 81.05 106.38 69.30
C VAL A 85 79.74 107.19 69.27
N SER A 86 78.62 106.50 69.07
CA SER A 86 77.28 107.17 69.14
C SER A 86 76.55 106.57 70.34
N LYS A 87 76.00 107.40 71.22
CA LYS A 87 75.39 106.87 72.48
C LYS A 87 73.89 107.19 72.57
N ILE A 88 73.09 106.21 72.95
CA ILE A 88 71.64 106.45 73.17
C ILE A 88 71.27 105.88 74.54
N GLU A 89 70.62 106.68 75.38
CA GLU A 89 70.26 106.24 76.75
C GLU A 89 68.74 106.25 76.93
N ILE A 90 68.19 105.18 77.51
CA ILE A 90 66.73 105.11 77.77
C ILE A 90 66.51 104.78 79.25
N THR A 91 65.66 105.56 79.92
CA THR A 91 65.36 105.32 81.35
C THR A 91 63.92 104.80 81.47
N LEU A 92 63.72 103.71 82.21
CA LEU A 92 62.36 103.11 82.31
C LEU A 92 61.99 102.85 83.77
N LYS A 93 60.69 102.79 84.06
CA LYS A 93 60.24 102.45 85.44
C LYS A 93 60.56 100.97 85.71
N ASN A 94 61.01 100.68 86.93
CA ASN A 94 61.37 99.29 87.28
C ASN A 94 60.39 98.77 88.34
N SER A 95 59.90 97.54 88.16
CA SER A 95 58.98 96.92 89.14
C SER A 95 59.54 95.54 89.50
N PRO A 96 59.30 95.00 90.72
CA PRO A 96 59.89 93.72 91.09
C PRO A 96 59.17 92.55 90.41
N ASN A 97 59.15 92.53 89.08
CA ASN A 97 58.57 91.37 88.35
C ASN A 97 59.55 90.89 87.28
N VAL A 98 60.74 91.50 87.20
CA VAL A 98 61.72 91.14 86.12
C VAL A 98 63.04 90.69 86.75
N THR A 99 63.57 89.56 86.29
CA THR A 99 64.85 89.00 86.83
C THR A 99 66.03 89.34 85.92
N ASP A 100 67.22 88.83 86.28
CA ASP A 100 68.45 89.02 85.44
C ASP A 100 68.76 90.51 85.26
N ILE A 101 68.91 91.26 86.37
CA ILE A 101 69.27 92.71 86.29
C ILE A 101 70.61 92.95 86.97
N GLU A 102 71.35 93.97 86.52
CA GLU A 102 72.70 94.25 87.08
C GLU A 102 72.70 95.60 87.80
N TYR A 103 73.21 95.64 89.04
CA TYR A 103 73.38 96.91 89.80
C TYR A 103 72.03 97.55 90.17
N ILE A 104 70.93 96.83 89.95
CA ILE A 104 69.59 97.39 90.27
C ILE A 104 68.87 96.43 91.20
N ASP A 105 68.37 96.95 92.33
CA ASP A 105 67.59 96.12 93.28
C ASP A 105 66.14 95.99 92.78
N ALA A 106 65.42 95.00 93.29
CA ALA A 106 63.99 94.82 92.91
C ALA A 106 63.19 96.04 93.34
N ARG A 107 63.48 96.58 94.52
CA ARG A 107 62.73 97.77 95.06
C ARG A 107 63.03 99.01 94.19
N ASP A 108 64.19 99.06 93.54
CA ASP A 108 64.58 100.25 92.73
C ASP A 108 63.58 100.45 91.59
N GLU A 109 63.24 101.71 91.30
CA GLU A 109 62.21 102.02 90.27
C GLU A 109 62.86 102.46 88.95
N THR A 110 64.19 102.36 88.84
CA THR A 110 64.84 102.87 87.62
C THR A 110 65.59 101.75 86.90
N ILE A 111 65.34 101.59 85.61
CA ILE A 111 66.16 100.62 84.82
C ILE A 111 66.75 101.43 83.65
N LYS A 112 68.04 101.73 83.68
CA LYS A 112 68.62 102.59 82.62
C LYS A 112 69.38 101.72 81.63
N ILE A 113 69.05 101.84 80.35
CA ILE A 113 69.72 101.02 79.31
C ILE A 113 70.46 101.95 78.34
N THR A 114 71.75 101.69 78.12
CA THR A 114 72.56 102.55 77.22
C THR A 114 73.10 101.72 76.06
N ARG A 115 73.00 102.24 74.84
CA ARG A 115 73.59 101.54 73.67
C ARG A 115 74.68 102.43 73.08
N ILE A 116 75.87 101.87 72.88
CA ILE A 116 76.98 102.64 72.24
C ILE A 116 77.35 101.91 70.95
N ILE A 117 77.43 102.65 69.84
CA ILE A 117 77.78 102.03 68.54
C ILE A 117 79.09 102.65 68.06
N THR A 118 80.06 101.80 67.73
CA THR A 118 81.38 102.28 67.24
C THR A 118 81.75 101.51 65.97
N ARG A 119 82.39 102.19 65.00
CA ARG A 119 82.81 101.52 63.74
C ARG A 119 83.92 100.49 64.00
N SER A 120 84.90 100.81 64.84
CA SER A 120 86.07 99.92 65.06
C SER A 120 85.65 98.57 65.64
N LYS A 121 84.73 98.57 66.61
CA LYS A 121 84.36 97.29 67.28
C LYS A 121 83.04 96.77 66.71
N ARG A 122 83.00 95.49 66.37
CA ARG A 122 81.73 94.89 65.88
C ARG A 122 81.28 93.83 66.88
N ARG A 123 80.46 94.22 67.86
CA ARG A 123 79.91 93.27 68.86
C ARG A 123 78.63 93.90 69.43
N SER A 124 77.75 93.07 70.01
CA SER A 124 76.55 93.65 70.67
C SER A 124 76.86 93.87 72.16
N ASP A 125 77.12 95.11 72.53
CA ASP A 125 77.45 95.43 73.95
C ASP A 125 76.50 96.52 74.41
N TYR A 126 75.86 96.31 75.57
CA TYR A 126 74.93 97.31 76.12
C TYR A 126 75.38 97.68 77.52
N LEU A 127 74.77 98.71 78.07
CA LEU A 127 75.19 99.17 79.42
C LEU A 127 73.98 99.24 80.33
N ILE A 128 74.09 98.67 81.53
CA ILE A 128 73.01 98.85 82.54
C ILE A 128 73.63 99.63 83.70
N ASN A 129 73.08 100.79 84.04
CA ASN A 129 73.66 101.66 85.11
C ASN A 129 75.13 101.95 84.77
N ASP A 130 75.44 102.20 83.50
CA ASP A 130 76.83 102.48 83.04
C ASP A 130 77.74 101.29 83.36
N TYR A 131 77.22 100.05 83.26
CA TYR A 131 78.08 98.85 83.44
C TYR A 131 77.93 97.99 82.17
N GLN A 132 79.05 97.60 81.57
CA GLN A 132 78.98 96.85 80.28
C GLN A 132 78.32 95.49 80.49
N VAL A 133 77.42 95.11 79.57
CA VAL A 133 76.74 93.78 79.64
C VAL A 133 76.52 93.27 78.22
N SER A 134 76.29 91.96 78.07
CA SER A 134 75.99 91.39 76.74
C SER A 134 74.57 91.73 76.31
N GLU A 135 74.26 91.60 75.02
CA GLU A 135 72.90 91.91 74.50
C GLU A 135 71.87 90.91 75.04
N SER A 136 72.30 89.69 75.40
CA SER A 136 71.33 88.65 75.85
C SER A 136 70.59 89.13 77.11
N VAL A 137 71.30 89.78 78.03
CA VAL A 137 70.67 90.27 79.30
C VAL A 137 69.60 91.32 78.97
N VAL A 138 69.93 92.27 78.10
CA VAL A 138 68.92 93.30 77.73
C VAL A 138 67.76 92.64 76.99
N LYS A 139 68.07 91.68 76.11
CA LYS A 139 67.00 91.04 75.31
C LYS A 139 66.04 90.32 76.25
N THR A 140 66.59 89.60 77.24
CA THR A 140 65.74 88.88 78.23
C THR A 140 65.00 89.89 79.11
N LEU A 141 65.62 91.04 79.41
CA LEU A 141 64.91 92.08 80.20
C LEU A 141 63.72 92.57 79.37
N VAL A 142 63.92 92.77 78.07
CA VAL A 142 62.80 93.21 77.18
C VAL A 142 61.75 92.09 77.09
N ALA A 143 62.18 90.84 76.98
CA ALA A 143 61.23 89.71 76.88
C ALA A 143 60.41 89.61 78.17
N GLN A 144 61.03 89.81 79.33
CA GLN A 144 60.32 89.71 80.63
C GLN A 144 59.41 90.94 80.84
N LEU A 145 59.59 92.00 80.04
CA LEU A 145 58.73 93.22 80.16
C LEU A 145 57.48 93.04 79.28
N ASN A 146 57.31 91.88 78.62
CA ASN A 146 56.09 91.57 77.81
C ASN A 146 56.07 92.45 76.56
N ILE A 147 57.23 92.97 76.16
CA ILE A 147 57.33 93.79 74.93
C ILE A 147 58.16 93.00 73.91
N GLN A 148 57.65 92.86 72.69
CA GLN A 148 58.35 92.05 71.66
C GLN A 148 58.71 92.94 70.46
N LEU A 149 59.96 92.87 69.98
CA LEU A 149 60.35 93.62 68.75
C LEU A 149 59.94 92.85 67.47
N ASP A 150 60.12 91.52 67.44
CA ASP A 150 59.84 90.74 66.21
C ASP A 150 58.34 90.79 65.88
N ASN A 151 57.49 90.70 66.91
CA ASN A 151 56.02 90.72 66.68
C ASN A 151 55.60 92.06 66.07
N LEU A 152 54.74 92.01 65.06
CA LEU A 152 54.26 93.22 64.35
C LEU A 152 53.30 94.06 65.22
N CYS A 153 52.61 93.45 66.19
CA CYS A 153 51.62 94.23 66.97
C CYS A 153 52.31 95.32 67.81
N GLN A 154 53.36 94.98 68.55
CA GLN A 154 54.02 95.96 69.45
C GLN A 154 54.74 97.04 68.63
N PHE A 155 55.46 96.63 67.59
CA PHE A 155 56.23 97.60 66.77
C PHE A 155 55.73 97.52 65.33
N LEU A 156 55.47 98.68 64.73
CA LEU A 156 54.96 98.72 63.33
C LEU A 156 55.91 99.55 62.47
N SER A 157 56.40 98.98 61.38
CA SER A 157 57.37 99.65 60.47
C SER A 157 56.78 99.69 59.07
N GLN A 158 57.43 100.37 58.14
CA GLN A 158 56.86 100.52 56.77
C GLN A 158 56.67 99.13 56.14
N GLU A 159 57.64 98.23 56.28
CA GLU A 159 57.46 96.85 55.75
C GLU A 159 56.32 96.16 56.50
N ARG A 160 56.24 96.34 57.83
CA ARG A 160 55.13 95.76 58.63
C ARG A 160 53.80 96.41 58.21
N VAL A 161 53.82 97.71 57.91
CA VAL A 161 52.58 98.42 57.43
C VAL A 161 52.14 97.76 56.12
N GLU A 162 53.08 97.49 55.22
CA GLU A 162 52.75 96.85 53.92
C GLU A 162 52.19 95.43 54.17
N GLU A 163 52.80 94.69 55.09
CA GLU A 163 52.34 93.31 55.39
C GLU A 163 50.91 93.37 55.97
N PHE A 164 50.66 94.33 56.88
CA PHE A 164 49.32 94.48 57.49
C PHE A 164 48.29 94.95 56.46
N ALA A 165 48.74 95.69 55.44
CA ALA A 165 47.79 96.22 54.43
C ALA A 165 47.10 95.05 53.72
N ARG A 166 47.86 94.04 53.32
CA ARG A 166 47.21 92.83 52.72
C ARG A 166 47.23 91.71 53.77
N LEU A 167 46.17 91.60 54.55
CA LEU A 167 46.15 90.59 55.64
C LEU A 167 44.99 89.62 55.40
N LYS A 168 45.30 88.31 55.39
CA LYS A 168 44.25 87.28 55.18
C LYS A 168 43.59 86.92 56.53
N SER A 169 42.39 86.32 56.47
CA SER A 169 41.67 85.91 57.72
C SER A 169 42.51 84.88 58.48
N VAL A 170 43.24 84.02 57.78
CA VAL A 170 44.11 83.01 58.44
C VAL A 170 45.20 83.73 59.24
N LYS A 171 45.74 84.83 58.72
CA LYS A 171 46.75 85.61 59.49
C LYS A 171 46.11 86.18 60.76
N LEU A 172 44.88 86.70 60.66
CA LEU A 172 44.18 87.22 61.86
C LEU A 172 43.96 86.08 62.86
N LEU A 173 43.58 84.89 62.39
CA LEU A 173 43.38 83.73 63.30
C LEU A 173 44.72 83.39 63.97
N VAL A 174 45.82 83.41 63.21
CA VAL A 174 47.15 83.07 63.77
C VAL A 174 47.51 84.11 64.84
N GLU A 175 47.27 85.39 64.55
CA GLU A 175 47.61 86.45 65.53
C GLU A 175 46.76 86.27 66.79
N THR A 176 45.46 85.98 66.62
CA THR A 176 44.57 85.84 67.81
C THR A 176 45.01 84.62 68.62
N ILE A 177 45.35 83.52 67.95
CA ILE A 177 45.75 82.27 68.67
C ILE A 177 47.15 82.42 69.29
N ARG A 178 48.03 83.23 68.70
CA ARG A 178 49.38 83.49 69.30
C ARG A 178 49.30 84.48 70.47
N SER A 179 48.37 85.45 70.44
CA SER A 179 48.22 86.39 71.59
C SER A 179 47.79 85.59 72.82
N ILE A 180 46.77 84.74 72.67
CA ILE A 180 46.36 83.84 73.79
C ILE A 180 47.24 82.59 73.67
N ASP A 181 47.20 81.71 74.66
CA ASP A 181 47.98 80.44 74.55
C ASP A 181 47.48 79.66 73.33
N ALA A 182 48.40 79.11 72.53
CA ALA A 182 48.01 78.39 71.29
C ALA A 182 47.82 76.89 71.55
N SER A 183 48.07 76.44 72.78
CA SER A 183 47.92 74.99 73.11
C SER A 183 46.46 74.58 72.96
N LEU A 184 45.52 75.45 73.33
CA LEU A 184 44.09 75.08 73.29
C LEU A 184 43.66 74.76 71.85
N LEU A 185 44.08 75.57 70.87
CA LEU A 185 43.71 75.29 69.45
C LEU A 185 44.30 73.94 69.03
N ASP A 186 45.55 73.67 69.40
CA ASP A 186 46.20 72.39 69.02
C ASP A 186 45.43 71.22 69.63
N VAL A 187 45.05 71.34 70.90
CA VAL A 187 44.29 70.25 71.58
C VAL A 187 42.95 70.07 70.88
N LEU A 188 42.27 71.16 70.54
CA LEU A 188 40.95 71.08 69.88
C LEU A 188 41.10 70.44 68.50
N ASP A 189 42.16 70.78 67.77
CA ASP A 189 42.41 70.19 66.43
C ASP A 189 42.68 68.68 66.58
N GLU A 190 43.46 68.30 67.59
CA GLU A 190 43.75 66.86 67.83
C GLU A 190 42.44 66.13 68.18
N LEU A 191 41.59 66.75 69.00
CA LEU A 191 40.29 66.13 69.36
C LEU A 191 39.42 66.02 68.11
N ARG A 192 39.45 67.03 67.23
CA ARG A 192 38.65 66.99 65.97
C ARG A 192 39.16 65.83 65.09
N GLU A 193 40.49 65.63 65.01
CA GLU A 193 41.04 64.49 64.23
C GLU A 193 40.63 63.16 64.86
N LEU A 194 40.62 63.09 66.19
CA LEU A 194 40.16 61.86 66.89
C LEU A 194 38.69 61.63 66.57
N GLN A 195 37.90 62.71 66.55
CA GLN A 195 36.46 62.57 66.18
C GLN A 195 36.35 62.07 64.73
N GLY A 196 37.19 62.58 63.83
CA GLY A 196 37.17 62.12 62.43
C GLY A 196 37.48 60.63 62.27
N ASN A 197 38.56 60.13 62.91
CA ASN A 197 38.89 58.68 62.83
C ASN A 197 37.80 57.86 63.54
N GLU A 198 37.23 58.39 64.63
CA GLU A 198 36.13 57.68 65.34
C GLU A 198 34.89 57.62 64.44
N GLN A 199 34.61 58.71 63.71
CA GLN A 199 33.45 58.73 62.77
C GLN A 199 33.73 57.73 61.64
N SER A 200 34.98 57.65 61.18
CA SER A 200 35.32 56.65 60.13
C SER A 200 35.08 55.24 60.68
N LEU A 201 35.49 54.99 61.92
CA LEU A 201 35.25 53.66 62.55
C LEU A 201 33.73 53.45 62.71
N GLN A 202 33.00 54.50 63.04
CA GLN A 202 31.53 54.38 63.23
C GLN A 202 30.83 54.05 61.91
N LYS A 203 31.23 54.70 60.82
CA LYS A 203 30.63 54.38 59.50
C LYS A 203 31.04 52.95 59.11
N ASP A 204 32.27 52.54 59.46
CA ASP A 204 32.68 51.14 59.20
C ASP A 204 31.80 50.21 60.01
N LEU A 205 31.48 50.58 61.25
CA LEU A 205 30.56 49.76 62.10
C LEU A 205 29.17 49.75 61.48
N ASP A 206 28.73 50.88 60.91
CA ASP A 206 27.40 50.93 60.24
C ASP A 206 27.42 49.97 59.04
N PHE A 207 28.52 49.95 58.29
CA PHE A 207 28.65 49.01 57.15
C PHE A 207 28.61 47.58 57.69
N LYS A 208 29.30 47.34 58.81
CA LYS A 208 29.30 45.99 59.45
C LYS A 208 27.88 45.66 59.91
N LYS A 209 27.15 46.65 60.43
CA LYS A 209 25.73 46.42 60.86
C LYS A 209 24.89 46.05 59.63
N ALA A 210 25.12 46.73 58.51
CA ALA A 210 24.39 46.38 57.26
C ALA A 210 24.75 44.95 56.86
N LYS A 211 26.03 44.58 56.99
CA LYS A 211 26.45 43.20 56.68
C LYS A 211 25.77 42.23 57.66
N ILE A 212 25.67 42.61 58.94
CA ILE A 212 24.98 41.75 59.95
C ILE A 212 23.50 41.63 59.57
N VAL A 213 22.90 42.72 59.08
CA VAL A 213 21.48 42.66 58.63
C VAL A 213 21.38 41.69 57.44
N HIS A 214 22.33 41.73 56.51
CA HIS A 214 22.33 40.77 55.38
C HIS A 214 22.53 39.35 55.91
N LEU A 215 23.41 39.18 56.90
CA LEU A 215 23.63 37.84 57.51
C LEU A 215 22.35 37.39 58.19
N ARG A 216 21.63 38.30 58.87
CA ARG A 216 20.34 37.95 59.51
C ARG A 216 19.33 37.54 58.43
N GLN A 217 19.32 38.24 57.30
CA GLN A 217 18.42 37.88 56.19
C GLN A 217 18.78 36.48 55.66
N GLU A 218 20.07 36.21 55.51
CA GLU A 218 20.51 34.90 54.92
C GLU A 218 20.52 33.80 55.99
N SER A 219 20.41 34.14 57.28
CA SER A 219 20.35 33.11 58.34
C SER A 219 19.08 32.29 58.15
N ASP A 220 17.98 32.96 57.75
CA ASP A 220 16.72 32.22 57.46
C ASP A 220 16.96 31.26 56.30
N LYS A 221 17.68 31.70 55.26
CA LYS A 221 18.01 30.82 54.12
C LYS A 221 18.91 29.66 54.59
N LEU A 222 19.86 29.95 55.49
CA LEU A 222 20.73 28.87 56.02
C LEU A 222 19.89 27.90 56.83
N ARG A 223 18.98 28.40 57.66
CA ARG A 223 18.10 27.50 58.44
C ARG A 223 17.22 26.69 57.48
N LYS A 224 16.74 27.32 56.41
CA LYS A 224 15.93 26.60 55.40
C LYS A 224 16.80 25.52 54.75
N SER A 225 18.04 25.84 54.41
CA SER A 225 18.95 24.82 53.82
C SER A 225 19.22 23.71 54.84
N VAL A 226 19.42 24.06 56.11
CA VAL A 226 19.69 23.04 57.17
C VAL A 226 18.47 22.14 57.33
N GLU A 227 17.27 22.73 57.40
CA GLU A 227 16.04 21.91 57.53
C GLU A 227 15.84 21.09 56.26
N SER A 228 16.19 21.64 55.09
CA SER A 228 16.08 20.88 53.82
C SER A 228 17.07 19.72 53.84
N LEU A 229 18.29 19.94 54.35
CA LEU A 229 19.26 18.83 54.47
C LEU A 229 18.73 17.80 55.47
N ARG A 230 18.15 18.26 56.57
CA ARG A 230 17.60 17.32 57.58
C ARG A 230 16.47 16.53 56.91
N ASP A 231 15.62 17.21 56.14
CA ASP A 231 14.52 16.52 55.44
C ASP A 231 15.13 15.56 54.40
N PHE A 232 16.24 15.95 53.77
CA PHE A 232 16.92 15.05 52.81
C PHE A 232 17.43 13.82 53.57
N GLN A 233 17.99 14.02 54.76
CA GLN A 233 18.44 12.87 55.59
C GLN A 233 17.22 12.01 55.97
N ASN A 234 16.09 12.65 56.31
CA ASN A 234 14.85 11.90 56.62
C ASN A 234 14.37 11.16 55.36
N LYS A 235 14.45 11.81 54.20
CA LYS A 235 14.06 11.14 52.93
C LYS A 235 15.01 9.96 52.67
N LYS A 236 16.31 10.15 52.90
CA LYS A 236 17.29 9.05 52.71
C LYS A 236 16.94 7.94 53.70
N GLY A 237 16.58 8.30 54.93
CA GLY A 237 16.16 7.30 55.93
C GLY A 237 14.90 6.58 55.48
N GLU A 238 13.93 7.31 54.92
CA GLU A 238 12.69 6.66 54.40
C GLU A 238 13.04 5.74 53.24
N ILE A 239 13.94 6.19 52.35
CA ILE A 239 14.40 5.33 51.22
C ILE A 239 15.11 4.10 51.80
N GLU A 240 15.97 4.30 52.81
CA GLU A 240 16.71 3.18 53.45
C GLU A 240 15.69 2.23 54.10
N LEU A 241 14.56 2.77 54.58
CA LEU A 241 13.59 1.90 55.29
C LEU A 241 13.13 0.80 54.33
N HIS A 242 12.94 1.14 53.06
CA HIS A 242 12.58 0.09 52.07
C HIS A 242 13.83 -0.48 51.36
N SER A 243 14.91 0.29 51.22
CA SER A 243 16.15 -0.20 50.54
C SER A 243 16.98 -1.15 51.42
N GLN A 244 17.20 -0.83 52.70
CA GLN A 244 18.03 -1.68 53.58
C GLN A 244 17.31 -3.01 53.76
N LEU A 245 16.00 -2.97 53.98
CA LEU A 245 15.19 -4.22 54.06
C LEU A 245 14.75 -4.61 52.66
N LEU A 246 14.05 -5.74 52.52
CA LEU A 246 13.53 -6.15 51.20
C LEU A 246 12.52 -5.10 50.71
N PRO A 247 12.52 -4.73 49.42
CA PRO A 247 11.62 -3.70 48.93
C PRO A 247 10.17 -4.13 49.16
N TYR A 248 9.40 -3.33 49.91
CA TYR A 248 8.01 -3.74 50.28
C TYR A 248 7.14 -3.82 49.04
N VAL A 249 7.23 -2.83 48.16
CA VAL A 249 6.32 -2.84 46.97
C VAL A 249 6.67 -4.07 46.14
N LYS A 250 7.96 -4.28 45.91
CA LYS A 250 8.38 -5.42 45.04
C LYS A 250 8.02 -6.72 45.75
N VAL A 251 8.30 -6.84 47.05
CA VAL A 251 8.02 -8.16 47.71
C VAL A 251 6.51 -8.41 47.66
N LYS A 252 5.69 -7.38 47.92
CA LYS A 252 4.22 -7.57 47.92
C LYS A 252 3.77 -7.95 46.51
N ASP A 253 4.28 -7.26 45.50
CA ASP A 253 3.90 -7.56 44.10
C ASP A 253 4.34 -8.97 43.76
N HIS A 254 5.56 -9.35 44.16
CA HIS A 254 6.08 -10.70 43.85
C HIS A 254 5.24 -11.76 44.57
N LYS A 255 4.88 -11.51 45.82
CA LYS A 255 4.06 -12.48 46.58
C LYS A 255 2.68 -12.60 45.91
N GLU A 256 2.09 -11.47 45.54
CA GLU A 256 0.73 -11.51 44.92
C GLU A 256 0.81 -12.26 43.58
N LYS A 257 1.81 -11.93 42.77
CA LYS A 257 1.94 -12.58 41.43
C LYS A 257 2.25 -14.07 41.64
N LEU A 258 3.08 -14.42 42.62
CA LEU A 258 3.39 -15.85 42.88
C LEU A 258 2.10 -16.55 43.33
N ASN A 259 1.31 -15.90 44.19
CA ASN A 259 0.06 -16.55 44.68
C ASN A 259 -0.89 -16.77 43.49
N ILE A 260 -1.08 -15.74 42.67
CA ILE A 260 -2.04 -15.87 41.53
C ILE A 260 -1.50 -16.92 40.55
N TYR A 261 -0.19 -16.93 40.30
CA TYR A 261 0.40 -17.92 39.37
C TYR A 261 0.22 -19.32 39.95
N LYS A 262 0.46 -19.47 41.26
CA LYS A 262 0.33 -20.80 41.91
C LYS A 262 -1.13 -21.28 41.86
N GLU A 263 -2.09 -20.38 42.15
CA GLU A 263 -3.52 -20.80 42.10
C GLU A 263 -3.90 -21.16 40.65
N GLU A 264 -3.42 -20.38 39.68
CA GLU A 264 -3.72 -20.68 38.25
C GLU A 264 -3.07 -22.02 37.89
N TYR A 265 -1.85 -22.26 38.36
CA TYR A 265 -1.18 -23.54 38.10
C TYR A 265 -1.98 -24.68 38.76
N GLU A 266 -2.45 -24.46 39.98
CA GLU A 266 -3.19 -25.51 40.71
C GLU A 266 -4.50 -25.82 39.98
N ARG A 267 -5.24 -24.79 39.56
CA ARG A 267 -6.53 -25.04 38.87
C ARG A 267 -6.23 -25.72 37.53
N ALA A 268 -5.18 -25.28 36.83
CA ALA A 268 -4.85 -25.86 35.51
C ALA A 268 -4.46 -27.33 35.68
N LYS A 269 -3.63 -27.64 36.68
CA LYS A 269 -3.20 -29.05 36.91
C LYS A 269 -4.41 -29.89 37.36
N ALA A 270 -5.29 -29.33 38.20
CA ALA A 270 -6.48 -30.07 38.63
C ALA A 270 -7.35 -30.36 37.41
N ASN A 271 -7.54 -29.36 36.55
CA ASN A 271 -8.36 -29.55 35.32
C ASN A 271 -7.67 -30.58 34.43
N LEU A 272 -6.35 -30.50 34.30
CA LEU A 272 -5.61 -31.45 33.43
C LEU A 272 -5.73 -32.87 33.99
N ARG A 273 -5.60 -33.03 35.32
CA ARG A 273 -5.76 -34.38 35.92
C ARG A 273 -7.19 -34.85 35.68
N ALA A 274 -8.18 -33.97 35.86
CA ALA A 274 -9.59 -34.39 35.69
C ALA A 274 -9.82 -34.85 34.26
N ILE A 275 -9.33 -34.06 33.29
CA ILE A 275 -9.56 -34.40 31.85
C ILE A 275 -8.78 -35.69 31.51
N LEU A 276 -7.57 -35.85 32.05
CA LEU A 276 -6.78 -37.09 31.79
C LEU A 276 -7.50 -38.29 32.38
N LYS A 277 -8.05 -38.16 33.59
CA LYS A 277 -8.82 -39.29 34.20
C LYS A 277 -10.08 -39.55 33.37
N ASP A 278 -10.75 -38.50 32.91
CA ASP A 278 -12.01 -38.64 32.13
C ASP A 278 -11.72 -39.17 30.72
N LYS A 279 -10.50 -39.01 30.20
CA LYS A 279 -10.22 -39.43 28.81
C LYS A 279 -10.36 -40.94 28.64
N LYS A 280 -9.91 -41.73 29.62
CA LYS A 280 -9.91 -43.21 29.47
C LYS A 280 -11.34 -43.76 29.23
N PRO A 281 -12.40 -43.34 29.96
CA PRO A 281 -13.76 -43.81 29.65
C PRO A 281 -14.14 -43.50 28.20
N PHE A 282 -13.70 -42.37 27.64
CA PHE A 282 -13.98 -42.11 26.21
C PHE A 282 -13.31 -43.17 25.33
N ALA A 283 -12.07 -43.56 25.65
CA ALA A 283 -11.42 -44.64 24.88
C ALA A 283 -12.22 -45.94 25.06
N ASN A 284 -12.68 -46.21 26.27
CA ASN A 284 -13.49 -47.43 26.53
C ASN A 284 -14.78 -47.37 25.72
N THR A 285 -15.42 -46.19 25.69
CA THR A 285 -16.68 -46.04 24.91
C THR A 285 -16.38 -46.20 23.42
N LYS A 286 -15.24 -45.70 22.95
CA LYS A 286 -14.87 -45.90 21.53
C LYS A 286 -14.69 -47.38 21.26
N LYS A 287 -14.05 -48.11 22.18
CA LYS A 287 -13.87 -49.58 22.01
C LYS A 287 -15.25 -50.25 22.00
N THR A 288 -16.14 -49.86 22.92
CA THR A 288 -17.51 -50.45 22.93
C THR A 288 -18.24 -50.11 21.63
N LEU A 289 -18.09 -48.88 21.13
CA LEU A 289 -18.75 -48.49 19.86
C LEU A 289 -18.15 -49.26 18.68
N GLU A 290 -16.85 -49.52 18.68
CA GLU A 290 -16.25 -50.36 17.60
C GLU A 290 -16.79 -51.79 17.73
N ASN A 291 -16.99 -52.29 18.96
CA ASN A 291 -17.62 -53.62 19.14
C ASN A 291 -19.05 -53.55 18.60
N GLN A 292 -19.75 -52.44 18.85
CA GLN A 292 -21.12 -52.25 18.32
C GLN A 292 -21.07 -52.18 16.79
N VAL A 293 -20.01 -51.59 16.22
CA VAL A 293 -19.84 -51.57 14.74
C VAL A 293 -19.63 -52.99 14.22
N GLU A 294 -18.84 -53.82 14.92
CA GLU A 294 -18.68 -55.22 14.52
C GLU A 294 -20.06 -55.88 14.66
N GLU A 295 -20.82 -55.55 15.71
CA GLU A 295 -22.21 -56.09 15.84
C GLU A 295 -23.07 -55.59 14.69
N LEU A 296 -22.94 -54.30 14.32
CA LEU A 296 -23.68 -53.76 13.16
C LEU A 296 -23.28 -54.54 11.89
N THR A 297 -21.98 -54.81 11.71
CA THR A 297 -21.52 -55.55 10.50
C THR A 297 -22.16 -56.95 10.52
N GLU A 298 -22.17 -57.62 11.68
CA GLU A 298 -22.82 -58.96 11.77
C GLU A 298 -24.31 -58.81 11.50
N LYS A 299 -24.95 -57.78 12.05
CA LYS A 299 -26.41 -57.56 11.84
C LYS A 299 -26.69 -57.27 10.37
N CYS A 300 -25.90 -56.40 9.76
CA CYS A 300 -26.09 -56.12 8.32
C CYS A 300 -25.88 -57.42 7.52
N SER A 301 -24.84 -58.19 7.87
CA SER A 301 -24.55 -59.45 7.14
C SER A 301 -25.72 -60.42 7.31
N LEU A 302 -26.23 -60.58 8.53
CA LEU A 302 -27.34 -61.55 8.76
C LEU A 302 -28.61 -61.03 8.06
N LYS A 303 -28.85 -59.71 8.08
CA LYS A 303 -30.03 -59.15 7.39
C LYS A 303 -29.91 -59.37 5.89
N THR A 304 -28.72 -59.14 5.34
CA THR A 304 -28.50 -59.41 3.89
C THR A 304 -28.69 -60.91 3.63
N ASP A 305 -28.18 -61.77 4.52
CA ASP A 305 -28.33 -63.23 4.36
C ASP A 305 -29.82 -63.58 4.37
N GLU A 306 -30.57 -63.02 5.33
CA GLU A 306 -32.02 -63.30 5.43
C GLU A 306 -32.74 -62.76 4.19
N PHE A 307 -32.38 -61.56 3.74
CA PHE A 307 -33.02 -60.97 2.53
C PHE A 307 -32.71 -61.88 1.33
N LEU A 308 -31.45 -62.31 1.20
CA LEU A 308 -31.07 -63.18 0.07
C LEU A 308 -31.83 -64.50 0.18
N LYS A 309 -31.91 -65.06 1.38
CA LYS A 309 -32.61 -66.35 1.57
C LYS A 309 -34.10 -66.18 1.25
N ALA A 310 -34.72 -65.10 1.73
CA ALA A 310 -36.16 -64.87 1.48
C ALA A 310 -36.39 -64.67 -0.02
N LYS A 311 -35.54 -63.86 -0.65
CA LYS A 311 -35.70 -63.60 -2.11
C LYS A 311 -35.46 -64.90 -2.88
N GLU A 312 -34.43 -65.66 -2.50
CA GLU A 312 -34.13 -66.93 -3.19
C GLU A 312 -35.33 -67.87 -3.00
N LYS A 313 -35.87 -67.94 -1.77
CA LYS A 313 -37.00 -68.86 -1.49
C LYS A 313 -38.23 -68.41 -2.30
N ILE A 314 -38.54 -67.11 -2.32
CA ILE A 314 -39.75 -66.64 -3.06
C ILE A 314 -39.52 -66.86 -4.56
N ASN A 315 -38.30 -66.61 -5.05
CA ASN A 315 -37.99 -66.86 -6.48
C ASN A 315 -38.08 -68.35 -6.77
N GLU A 316 -37.58 -69.20 -5.87
CA GLU A 316 -37.69 -70.67 -6.06
C GLU A 316 -39.16 -71.08 -6.03
N ILE A 317 -39.94 -70.50 -5.12
CA ILE A 317 -41.40 -70.81 -5.06
C ILE A 317 -42.05 -70.37 -6.37
N PHE A 318 -41.71 -69.17 -6.85
CA PHE A 318 -42.27 -68.68 -8.13
C PHE A 318 -41.84 -69.60 -9.26
N GLU A 319 -40.57 -70.02 -9.27
CA GLU A 319 -40.07 -70.95 -10.32
C GLU A 319 -40.77 -72.30 -10.19
N LYS A 320 -40.97 -72.78 -8.97
CA LYS A 320 -41.69 -74.07 -8.77
C LYS A 320 -43.13 -73.90 -9.27
N LEU A 321 -43.75 -72.74 -9.01
CA LEU A 321 -45.12 -72.49 -9.51
C LEU A 321 -45.08 -72.45 -11.04
N ASN A 322 -44.05 -71.83 -11.61
CA ASN A 322 -43.91 -71.80 -13.09
C ASN A 322 -43.73 -73.23 -13.62
N THR A 323 -42.88 -74.04 -12.96
CA THR A 323 -42.66 -75.44 -13.41
C THR A 323 -43.96 -76.23 -13.26
N ILE A 324 -44.69 -76.02 -12.17
CA ILE A 324 -46.00 -76.71 -11.97
C ILE A 324 -46.95 -76.26 -13.09
N ARG A 325 -46.97 -74.97 -13.41
CA ARG A 325 -47.85 -74.46 -14.50
C ARG A 325 -47.42 -75.12 -15.82
N ASP A 326 -46.11 -75.20 -16.04
CA ASP A 326 -45.60 -75.83 -17.29
C ASP A 326 -46.00 -77.30 -17.32
N GLU A 327 -45.87 -78.00 -16.19
CA GLU A 327 -46.26 -79.43 -16.13
C GLU A 327 -47.76 -79.55 -16.38
N VAL A 328 -48.56 -78.66 -15.81
CA VAL A 328 -50.04 -78.69 -16.02
C VAL A 328 -50.33 -78.40 -17.50
N ILE A 329 -49.63 -77.44 -18.10
CA ILE A 329 -49.83 -77.15 -19.56
C ILE A 329 -49.41 -78.37 -20.37
N LYS A 330 -48.31 -79.02 -20.00
CA LYS A 330 -47.87 -80.25 -20.71
C LYS A 330 -48.92 -81.33 -20.56
N LYS A 331 -49.47 -81.49 -19.35
CA LYS A 331 -50.54 -82.48 -19.11
C LYS A 331 -51.79 -82.08 -19.91
N LYS A 332 -52.08 -80.77 -20.01
CA LYS A 332 -53.23 -80.32 -20.83
C LYS A 332 -52.96 -80.64 -22.29
N ASN A 333 -51.73 -80.46 -22.76
CA ASN A 333 -51.40 -80.84 -24.16
C ASN A 333 -51.59 -82.34 -24.32
N GLN A 334 -51.14 -83.12 -23.34
CA GLN A 334 -51.35 -84.59 -23.39
C GLN A 334 -52.85 -84.88 -23.37
N ASN A 335 -53.60 -84.17 -22.54
CA ASN A 335 -55.07 -84.40 -22.44
C ASN A 335 -55.75 -84.03 -23.76
N GLU A 336 -55.39 -82.90 -24.36
CA GLU A 336 -56.02 -82.47 -25.64
C GLU A 336 -55.62 -83.45 -26.74
N TYR A 337 -54.36 -83.94 -26.74
CA TYR A 337 -53.93 -84.94 -27.74
C TYR A 337 -54.71 -86.23 -27.50
N TYR A 338 -54.91 -86.59 -26.23
CA TYR A 338 -55.72 -87.80 -25.91
C TYR A 338 -57.17 -87.57 -26.37
N ARG A 339 -57.70 -86.36 -26.19
CA ARG A 339 -59.07 -86.05 -26.67
C ARG A 339 -59.10 -86.13 -28.20
N GLY A 340 -58.06 -85.64 -28.87
CA GLY A 340 -57.98 -85.74 -30.33
C GLY A 340 -57.93 -87.19 -30.75
N ARG A 341 -57.14 -88.00 -30.05
CA ARG A 341 -57.07 -89.46 -30.34
C ARG A 341 -58.45 -90.08 -30.03
N THR A 342 -59.12 -89.60 -28.98
CA THR A 342 -60.46 -90.11 -28.64
C THR A 342 -61.43 -89.79 -29.78
N LYS A 343 -61.36 -88.57 -30.31
CA LYS A 343 -62.24 -88.21 -31.46
C LYS A 343 -61.87 -89.12 -32.64
N LYS A 344 -60.58 -89.34 -32.86
CA LYS A 344 -60.13 -90.19 -33.99
C LYS A 344 -60.66 -91.62 -33.78
N LEU A 345 -60.54 -92.14 -32.56
CA LEU A 345 -61.03 -93.52 -32.30
C LEU A 345 -62.57 -93.55 -32.39
N GLN A 346 -63.26 -92.47 -32.01
CA GLN A 346 -64.73 -92.44 -32.19
C GLN A 346 -65.05 -92.48 -33.68
N ALA A 347 -64.29 -91.73 -34.50
CA ALA A 347 -64.51 -91.78 -35.95
C ALA A 347 -64.23 -93.19 -36.46
N THR A 348 -63.14 -93.80 -35.97
CA THR A 348 -62.77 -95.15 -36.45
C THR A 348 -63.86 -96.14 -36.04
N ILE A 349 -64.38 -96.04 -34.82
CA ILE A 349 -65.42 -97.01 -34.38
C ILE A 349 -66.71 -96.74 -35.17
N ILE A 350 -66.98 -95.49 -35.55
CA ILE A 350 -68.16 -95.23 -36.42
C ILE A 350 -67.91 -95.94 -37.76
N SER A 351 -66.69 -95.84 -38.28
CA SER A 351 -66.36 -96.52 -39.56
C SER A 351 -66.48 -98.04 -39.36
N THR A 352 -66.04 -98.55 -38.20
CA THR A 352 -66.14 -100.00 -37.92
C THR A 352 -67.60 -100.42 -37.83
N LYS A 353 -68.45 -99.59 -37.24
CA LYS A 353 -69.91 -99.90 -37.18
C LYS A 353 -70.47 -99.94 -38.61
N GLU A 354 -70.04 -98.99 -39.45
CA GLU A 354 -70.50 -98.99 -40.86
C GLU A 354 -70.00 -100.27 -41.53
N ASP A 355 -68.75 -100.67 -41.26
CA ASP A 355 -68.20 -101.91 -41.84
C ASP A 355 -69.00 -103.10 -41.32
N PHE A 356 -69.37 -103.08 -40.05
CA PHE A 356 -70.18 -104.19 -39.46
C PHE A 356 -71.53 -104.24 -40.16
N LEU A 357 -72.14 -103.09 -40.42
CA LEU A 357 -73.44 -103.05 -41.14
C LEU A 357 -73.25 -103.61 -42.55
N ARG A 358 -72.16 -103.23 -43.22
CA ARG A 358 -71.87 -103.77 -44.57
C ARG A 358 -71.64 -105.27 -44.47
N SER A 359 -70.94 -105.72 -43.41
CA SER A 359 -70.68 -107.16 -43.21
C SER A 359 -72.02 -107.88 -43.02
N GLN A 360 -72.95 -107.29 -42.26
CA GLN A 360 -74.29 -107.89 -42.07
C GLN A 360 -75.02 -107.95 -43.42
N GLU A 361 -74.90 -106.90 -44.22
CA GLU A 361 -75.55 -106.90 -45.57
C GLU A 361 -74.94 -108.02 -46.42
N ILE A 362 -73.63 -108.22 -46.34
CA ILE A 362 -72.98 -109.35 -47.06
C ILE A 362 -73.50 -110.67 -46.46
N LEU A 363 -73.64 -110.74 -45.14
CA LEU A 363 -74.13 -111.98 -44.46
C LEU A 363 -75.58 -112.27 -44.86
N ALA A 364 -76.32 -111.25 -45.33
CA ALA A 364 -77.70 -111.46 -45.81
C ALA A 364 -77.64 -112.48 -46.95
N GLN A 365 -76.59 -112.44 -47.77
CA GLN A 365 -76.42 -113.50 -48.80
C GLN A 365 -75.90 -114.74 -48.07
N THR A 366 -76.68 -115.83 -48.09
CA THR A 366 -76.29 -117.03 -47.29
C THR A 366 -74.99 -117.65 -47.81
N HIS A 367 -74.85 -117.84 -49.12
CA HIS A 367 -73.64 -118.52 -49.67
C HIS A 367 -73.42 -119.84 -48.92
N LEU A 368 -74.49 -120.57 -48.63
CA LEU A 368 -74.36 -121.82 -47.81
C LEU A 368 -73.47 -122.82 -48.55
N PRO A 369 -72.52 -123.49 -47.86
CA PRO A 369 -71.72 -124.53 -48.50
C PRO A 369 -72.65 -125.66 -48.93
N GLU A 370 -72.24 -126.41 -49.96
CA GLU A 370 -73.09 -127.50 -50.46
C GLU A 370 -73.38 -128.47 -49.31
N LYS A 371 -74.61 -128.97 -49.20
CA LYS A 371 -74.99 -129.87 -48.08
C LYS A 371 -74.23 -131.20 -48.16
N SER A 372 -73.76 -131.58 -49.35
CA SER A 372 -73.13 -132.91 -49.52
C SER A 372 -71.67 -132.78 -50.01
N VAL A 373 -70.90 -131.81 -49.51
CA VAL A 373 -69.46 -131.71 -49.92
C VAL A 373 -68.71 -132.96 -49.47
N PHE A 374 -68.86 -133.32 -48.20
CA PHE A 374 -68.19 -134.54 -47.67
C PHE A 374 -68.73 -135.77 -48.40
N GLU A 375 -70.03 -135.79 -48.68
CA GLU A 375 -70.64 -136.94 -49.40
C GLU A 375 -70.05 -137.02 -50.82
N ASP A 376 -69.91 -135.89 -51.50
CA ASP A 376 -69.29 -135.87 -52.86
C ASP A 376 -67.83 -136.30 -52.76
N ILE A 377 -67.12 -135.89 -51.71
CA ILE A 377 -65.71 -136.30 -51.52
C ILE A 377 -65.67 -137.82 -51.36
N ASP A 378 -66.57 -138.37 -50.55
CA ASP A 378 -66.62 -139.85 -50.38
C ASP A 378 -66.98 -140.50 -51.72
N ILE A 379 -67.91 -139.91 -52.47
CA ILE A 379 -68.36 -140.53 -53.76
C ILE A 379 -67.17 -140.55 -54.73
N LYS A 380 -66.43 -139.44 -54.82
CA LYS A 380 -65.26 -139.39 -55.73
C LYS A 380 -64.16 -140.33 -55.21
N ARG A 381 -64.00 -140.46 -53.90
CA ARG A 381 -63.01 -141.43 -53.37
C ARG A 381 -63.41 -142.84 -53.79
N LYS A 382 -64.71 -143.18 -53.67
CA LYS A 382 -65.17 -144.51 -54.12
C LYS A 382 -64.93 -144.62 -55.63
N GLU A 383 -65.23 -143.56 -56.39
CA GLU A 383 -65.08 -143.61 -57.86
C GLU A 383 -63.61 -143.85 -58.22
N ILE A 384 -62.69 -143.13 -57.58
CA ILE A 384 -61.23 -143.27 -57.92
C ILE A 384 -60.80 -144.68 -57.52
N ILE A 385 -61.25 -145.18 -56.37
CA ILE A 385 -60.86 -146.54 -55.92
C ILE A 385 -61.37 -147.54 -56.94
N ASN A 386 -62.62 -147.39 -57.38
CA ASN A 386 -63.20 -148.32 -58.38
C ASN A 386 -62.42 -148.20 -59.69
N LYS A 387 -62.07 -146.96 -60.08
CA LYS A 387 -61.36 -146.76 -61.37
C LYS A 387 -59.99 -147.44 -61.32
N GLU A 388 -59.27 -147.25 -60.21
CA GLU A 388 -57.94 -147.89 -60.07
C GLU A 388 -58.10 -149.41 -59.99
N GLY A 389 -59.14 -149.90 -59.30
CA GLY A 389 -59.40 -151.36 -59.26
C GLY A 389 -59.70 -151.88 -60.66
N GLU A 390 -60.50 -151.14 -61.43
CA GLU A 390 -60.77 -151.54 -62.83
C GLU A 390 -59.45 -151.49 -63.61
N ILE A 391 -58.61 -150.49 -63.36
CA ILE A 391 -57.33 -150.35 -64.11
C ILE A 391 -56.42 -151.54 -63.79
N ARG A 392 -56.28 -151.89 -62.51
CA ARG A 392 -55.42 -153.05 -62.11
C ARG A 392 -56.10 -154.33 -62.60
N ASP A 393 -57.43 -154.37 -62.61
CA ASP A 393 -58.14 -155.55 -63.19
C ASP A 393 -57.85 -155.56 -64.68
N LEU A 394 -57.92 -154.40 -65.32
CA LEU A 394 -57.59 -154.29 -66.77
C LEU A 394 -56.12 -154.64 -66.95
N ILE A 395 -55.25 -154.21 -66.03
CA ILE A 395 -53.80 -154.55 -66.10
C ILE A 395 -53.71 -156.07 -66.15
N SER A 396 -54.36 -156.76 -65.22
CA SER A 396 -54.34 -158.25 -65.20
C SER A 396 -54.99 -158.78 -66.48
N GLU A 397 -56.10 -158.17 -66.92
CA GLU A 397 -56.83 -158.65 -68.12
C GLU A 397 -55.93 -158.53 -69.34
N ILE A 398 -55.28 -157.36 -69.53
CA ILE A 398 -54.41 -157.14 -70.72
C ILE A 398 -53.12 -157.93 -70.54
N ASP A 399 -52.66 -158.10 -69.30
CA ASP A 399 -51.45 -158.94 -69.06
C ASP A 399 -51.81 -160.36 -69.45
N ALA A 400 -53.00 -160.82 -69.06
CA ALA A 400 -53.46 -162.18 -69.42
C ALA A 400 -53.75 -162.21 -70.92
N LYS A 401 -54.31 -161.13 -71.47
CA LYS A 401 -54.59 -161.05 -72.93
C LYS A 401 -53.24 -161.11 -73.66
N ALA A 402 -52.24 -160.38 -73.17
CA ALA A 402 -50.89 -160.39 -73.78
C ALA A 402 -50.20 -161.72 -73.51
N ASN A 403 -50.47 -162.34 -72.36
CA ASN A 403 -49.91 -163.69 -72.08
C ASN A 403 -50.55 -164.67 -73.05
N ALA A 404 -51.87 -164.57 -73.24
CA ALA A 404 -52.56 -165.43 -74.23
C ALA A 404 -52.02 -165.06 -75.62
N ILE A 405 -51.75 -163.78 -75.86
CA ILE A 405 -51.17 -163.32 -77.15
C ILE A 405 -49.75 -163.88 -77.27
N ASN A 406 -49.02 -163.96 -76.14
CA ASN A 406 -47.65 -164.55 -76.15
C ASN A 406 -47.76 -166.02 -76.54
N HIS A 407 -48.71 -166.74 -75.96
CA HIS A 407 -48.92 -168.16 -76.34
C HIS A 407 -49.41 -168.20 -77.80
N GLU A 408 -50.29 -167.26 -78.17
CA GLU A 408 -50.83 -167.21 -79.55
C GLU A 408 -49.67 -166.91 -80.52
N MET A 409 -48.78 -165.99 -80.15
CA MET A 409 -47.61 -165.66 -81.02
C MET A 409 -46.67 -166.87 -81.09
N ARG A 410 -46.53 -167.61 -79.98
CA ARG A 410 -45.70 -168.84 -80.01
C ARG A 410 -46.32 -169.80 -81.01
N SER A 411 -47.64 -169.96 -80.98
CA SER A 411 -48.34 -170.86 -81.92
C SER A 411 -48.15 -170.36 -83.36
N ILE A 412 -48.17 -169.03 -83.55
CA ILE A 412 -47.98 -168.43 -84.91
C ILE A 412 -46.59 -168.83 -85.40
N GLN A 413 -45.57 -168.64 -84.58
CA GLN A 413 -44.19 -169.02 -84.97
C GLN A 413 -44.19 -170.50 -85.39
N ARG A 414 -44.83 -171.36 -84.61
CA ARG A 414 -44.84 -172.82 -84.91
C ARG A 414 -45.54 -173.08 -86.25
N GLN A 415 -46.72 -172.52 -86.46
CA GLN A 415 -47.49 -172.82 -87.71
C GLN A 415 -46.78 -172.19 -88.91
N ALA A 416 -46.21 -170.99 -88.75
CA ALA A 416 -45.45 -170.36 -89.87
C ALA A 416 -44.28 -171.28 -90.22
N GLU A 417 -43.56 -171.76 -89.21
CA GLU A 417 -42.41 -172.67 -89.44
C GLU A 417 -42.93 -173.93 -90.15
N SER A 418 -44.07 -174.48 -89.68
CA SER A 418 -44.63 -175.72 -90.28
C SER A 418 -44.95 -175.51 -91.76
N LYS A 419 -45.61 -174.39 -92.10
CA LYS A 419 -46.02 -174.15 -93.51
C LYS A 419 -44.77 -174.02 -94.39
N THR A 420 -43.75 -173.31 -93.89
CA THR A 420 -42.50 -173.12 -94.68
C THR A 420 -41.65 -174.39 -94.63
N LYS A 421 -42.00 -175.35 -93.75
CA LYS A 421 -41.24 -176.61 -93.62
C LYS A 421 -41.81 -177.67 -94.57
N SER A 422 -42.69 -177.28 -95.50
CA SER A 422 -43.21 -178.25 -96.50
C SER A 422 -42.04 -178.76 -97.34
N LEU A 423 -41.06 -177.89 -97.63
CA LEU A 423 -39.84 -178.31 -98.38
C LEU A 423 -38.88 -179.01 -97.42
N THR A 424 -37.76 -179.54 -97.92
CA THR A 424 -36.81 -180.34 -97.08
C THR A 424 -36.54 -179.66 -95.73
N THR A 425 -36.39 -180.46 -94.66
CA THR A 425 -36.18 -179.91 -93.30
C THR A 425 -35.04 -178.88 -93.29
N THR A 426 -35.24 -177.73 -92.67
CA THR A 426 -34.21 -176.66 -92.61
C THR A 426 -32.95 -177.19 -91.91
N ASP A 427 -33.12 -177.84 -90.75
CA ASP A 427 -31.97 -178.45 -90.03
C ASP A 427 -32.19 -179.96 -89.95
N LYS A 428 -31.12 -180.74 -90.16
CA LYS A 428 -31.27 -182.22 -90.16
C LYS A 428 -30.81 -182.78 -88.81
N ILE A 429 -30.35 -181.91 -87.89
CA ILE A 429 -29.99 -182.37 -86.52
C ILE A 429 -31.27 -182.87 -85.84
N GLY A 430 -32.43 -182.39 -86.31
CA GLY A 430 -33.73 -182.83 -85.74
C GLY A 430 -34.13 -184.22 -86.24
N ILE A 431 -33.73 -184.59 -87.45
CA ILE A 431 -34.02 -185.98 -87.94
C ILE A 431 -33.39 -187.00 -86.97
N LEU A 432 -32.22 -186.70 -86.41
CA LEU A 432 -31.51 -187.64 -85.48
C LEU A 432 -32.18 -187.70 -84.09
N ASN A 433 -33.13 -186.80 -83.78
CA ASN A 433 -33.86 -186.84 -82.48
C ASN A 433 -35.03 -187.85 -82.51
N GLN A 434 -35.38 -188.39 -83.69
CA GLN A 434 -36.57 -189.29 -83.81
C GLN A 434 -36.37 -190.63 -83.09
N ASP A 435 -35.14 -191.17 -83.09
CA ASP A 435 -34.92 -192.53 -82.52
C ASP A 435 -33.76 -192.53 -81.50
N GLN A 436 -33.83 -193.41 -80.49
CA GLN A 436 -32.79 -193.47 -79.42
C GLN A 436 -31.44 -193.84 -80.06
N ASP A 437 -31.43 -194.74 -81.04
CA ASP A 437 -30.20 -195.18 -81.75
C ASP A 437 -29.53 -194.02 -82.50
N LEU A 438 -30.30 -193.01 -82.91
CA LEU A 438 -29.75 -191.85 -83.67
C LEU A 438 -29.23 -190.75 -82.73
N LYS A 439 -29.54 -190.79 -81.44
CA LYS A 439 -29.00 -189.78 -80.48
C LYS A 439 -27.47 -189.86 -80.37
N GLU A 440 -26.91 -191.08 -80.30
CA GLU A 440 -25.42 -191.23 -80.27
C GLU A 440 -24.83 -190.69 -81.58
N VAL A 441 -25.49 -190.92 -82.71
CA VAL A 441 -25.03 -190.37 -84.02
C VAL A 441 -25.10 -188.83 -83.95
N ARG A 442 -26.15 -188.27 -83.32
CA ARG A 442 -26.26 -186.80 -83.17
C ARG A 442 -25.09 -186.27 -82.32
N ASP A 443 -24.77 -186.94 -81.22
CA ASP A 443 -23.67 -186.49 -80.32
C ASP A 443 -22.33 -186.59 -81.06
N ALA A 444 -22.13 -187.65 -81.85
CA ALA A 444 -20.90 -187.78 -82.68
C ALA A 444 -20.85 -186.67 -83.73
N VAL A 445 -21.98 -186.34 -84.37
CA VAL A 445 -22.03 -185.23 -85.37
C VAL A 445 -21.74 -183.90 -84.67
N LEU A 446 -22.26 -183.70 -83.45
CA LEU A 446 -21.97 -182.45 -82.68
C LEU A 446 -20.47 -182.39 -82.36
N MET A 447 -19.86 -183.51 -81.97
CA MET A 447 -18.39 -183.52 -81.70
C MET A 447 -17.60 -183.17 -82.97
N VAL A 448 -17.98 -183.76 -84.12
CA VAL A 448 -17.30 -183.47 -85.42
C VAL A 448 -17.49 -181.99 -85.78
N ARG A 449 -18.65 -181.41 -85.50
CA ARG A 449 -18.89 -179.95 -85.73
C ARG A 449 -18.07 -179.09 -84.77
N GLU A 450 -17.87 -179.55 -83.53
CA GLU A 450 -17.09 -178.79 -82.50
C GLU A 450 -15.58 -178.78 -82.80
N HIS A 451 -15.05 -179.84 -83.43
CA HIS A 451 -13.59 -179.94 -83.71
C HIS A 451 -13.28 -179.53 -85.15
N PRO A 452 -12.67 -178.35 -85.40
CA PRO A 452 -12.43 -177.87 -86.77
C PRO A 452 -11.57 -178.84 -87.61
N GLU A 453 -10.64 -179.55 -86.96
CA GLU A 453 -9.72 -180.49 -87.65
C GLU A 453 -10.49 -181.67 -88.28
N MET A 454 -11.66 -182.05 -87.73
CA MET A 454 -12.45 -183.20 -88.25
C MET A 454 -13.46 -182.78 -89.34
N LYS A 455 -13.76 -181.49 -89.48
CA LYS A 455 -14.87 -181.02 -90.38
C LYS A 455 -14.79 -181.49 -91.84
N ASP A 456 -13.58 -181.54 -92.42
CA ASP A 456 -13.43 -181.97 -93.84
C ASP A 456 -12.93 -183.42 -93.93
N LYS A 457 -12.62 -184.06 -92.80
CA LYS A 457 -12.05 -185.44 -92.80
C LYS A 457 -13.13 -186.47 -92.44
N ILE A 458 -14.16 -186.04 -91.70
CA ILE A 458 -15.29 -186.95 -91.34
C ILE A 458 -16.58 -186.25 -91.77
N LEU A 459 -17.36 -186.92 -92.61
CA LEU A 459 -18.58 -186.29 -93.17
C LEU A 459 -19.84 -186.80 -92.48
N GLU A 460 -20.87 -185.95 -92.43
CA GLU A 460 -22.14 -186.29 -91.75
C GLU A 460 -22.87 -187.44 -92.46
N PRO A 461 -23.70 -188.23 -91.75
CA PRO A 461 -24.34 -189.42 -92.32
C PRO A 461 -25.28 -189.15 -93.51
N PRO A 462 -25.43 -190.12 -94.44
CA PRO A 462 -26.27 -189.95 -95.63
C PRO A 462 -27.71 -189.54 -95.33
N ILE A 463 -28.26 -189.96 -94.18
CA ILE A 463 -29.66 -189.62 -93.80
C ILE A 463 -29.83 -188.09 -93.70
N MET A 464 -28.77 -187.35 -93.35
CA MET A 464 -28.80 -185.87 -93.29
C MET A 464 -28.31 -185.23 -94.59
N THR A 465 -27.25 -185.77 -95.20
CA THR A 465 -26.60 -185.09 -96.37
C THR A 465 -27.19 -185.48 -97.73
N VAL A 466 -27.97 -186.54 -97.82
CA VAL A 466 -28.48 -187.01 -99.15
C VAL A 466 -30.00 -186.81 -99.20
N SER A 467 -30.50 -186.33 -100.35
CA SER A 467 -31.96 -186.13 -100.54
C SER A 467 -32.36 -186.61 -101.93
N ALA A 468 -33.46 -187.38 -102.03
CA ALA A 468 -33.97 -187.83 -103.34
C ALA A 468 -34.84 -186.74 -103.99
N ILE A 469 -34.89 -186.71 -105.32
CA ILE A 469 -35.67 -185.66 -106.05
C ILE A 469 -37.16 -185.78 -105.70
N ASN A 470 -37.66 -187.00 -105.45
CA ASN A 470 -39.07 -187.16 -105.02
C ASN A 470 -39.18 -188.20 -103.89
N ALA A 471 -40.36 -188.29 -103.25
CA ALA A 471 -40.58 -189.22 -102.13
C ALA A 471 -40.45 -190.70 -102.57
N GLN A 472 -40.83 -191.03 -103.80
CA GLN A 472 -40.76 -192.45 -104.30
C GLN A 472 -39.30 -192.88 -104.45
N PHE A 473 -38.43 -192.03 -105.01
CA PHE A 473 -36.97 -192.33 -105.11
C PHE A 473 -36.37 -192.40 -103.70
N ALA A 474 -36.90 -191.61 -102.74
CA ALA A 474 -36.44 -191.69 -101.33
C ALA A 474 -36.74 -193.08 -100.77
N ALA A 475 -37.94 -193.62 -101.05
CA ALA A 475 -38.29 -195.00 -100.62
C ALA A 475 -37.37 -196.02 -101.31
N TYR A 476 -37.07 -195.81 -102.59
CA TYR A 476 -36.15 -196.72 -103.33
C TYR A 476 -34.75 -196.68 -102.70
N LEU A 477 -34.25 -195.49 -102.37
CA LEU A 477 -32.91 -195.35 -101.74
C LEU A 477 -32.88 -196.02 -100.36
N ALA A 478 -33.90 -195.78 -99.53
CA ALA A 478 -33.94 -196.33 -98.15
C ALA A 478 -33.99 -197.87 -98.20
N GLN A 479 -34.65 -198.46 -99.20
CA GLN A 479 -34.69 -199.95 -99.34
C GLN A 479 -33.34 -200.50 -99.82
N CYS A 480 -32.60 -199.75 -100.65
CA CYS A 480 -31.29 -200.21 -101.19
C CYS A 480 -30.11 -200.02 -100.22
N VAL A 481 -30.12 -198.95 -99.41
CA VAL A 481 -28.99 -198.66 -98.47
C VAL A 481 -29.35 -199.25 -97.10
N ASP A 482 -28.44 -200.04 -96.52
CA ASP A 482 -28.71 -200.64 -95.19
C ASP A 482 -28.77 -199.53 -94.13
N TYR A 483 -29.58 -199.72 -93.08
CA TYR A 483 -29.78 -198.66 -92.05
C TYR A 483 -28.46 -198.25 -91.38
N ASN A 484 -27.54 -199.19 -91.14
CA ASN A 484 -26.25 -198.88 -90.50
C ASN A 484 -25.40 -197.96 -91.41
N THR A 485 -25.42 -198.19 -92.72
CA THR A 485 -24.72 -197.29 -93.69
C THR A 485 -25.44 -195.94 -93.76
N SER A 486 -26.77 -195.93 -93.67
CA SER A 486 -27.56 -194.67 -93.68
C SER A 486 -27.18 -193.76 -92.52
N LYS A 487 -26.86 -194.33 -91.35
CA LYS A 487 -26.49 -193.53 -90.14
C LYS A 487 -24.96 -193.49 -89.93
N ALA A 488 -24.16 -194.01 -90.86
CA ALA A 488 -22.68 -194.05 -90.69
C ALA A 488 -22.00 -192.73 -91.06
N LEU A 489 -20.99 -192.32 -90.29
CA LEU A 489 -20.16 -191.14 -90.67
C LEU A 489 -19.18 -191.59 -91.76
N THR A 490 -18.90 -190.73 -92.74
CA THR A 490 -18.00 -191.11 -93.86
C THR A 490 -16.59 -190.55 -93.62
N VAL A 491 -15.58 -191.42 -93.55
CA VAL A 491 -14.17 -190.98 -93.36
C VAL A 491 -13.53 -190.83 -94.76
N VAL A 492 -12.92 -189.67 -95.04
CA VAL A 492 -12.41 -189.35 -96.41
C VAL A 492 -11.19 -190.19 -96.81
N ASP A 493 -10.25 -190.47 -95.90
CA ASP A 493 -9.00 -191.19 -96.27
C ASP A 493 -8.49 -192.06 -95.10
N SER A 494 -7.54 -192.96 -95.36
CA SER A 494 -7.00 -193.89 -94.33
C SER A 494 -6.28 -193.17 -93.19
N ASP A 495 -5.56 -192.08 -93.49
CA ASP A 495 -4.84 -191.29 -92.44
C ASP A 495 -5.87 -190.65 -91.49
N SER A 496 -6.95 -190.09 -92.04
CA SER A 496 -8.04 -189.50 -91.24
C SER A 496 -8.68 -190.58 -90.37
N TYR A 497 -8.81 -191.79 -90.92
CA TYR A 497 -9.35 -192.93 -90.11
C TYR A 497 -8.42 -193.18 -88.93
N LYS A 498 -7.10 -193.26 -89.16
CA LYS A 498 -6.15 -193.55 -88.04
C LYS A 498 -6.16 -192.44 -86.99
N LEU A 499 -6.23 -191.18 -87.41
CA LEU A 499 -6.19 -190.02 -86.47
C LEU A 499 -7.52 -189.80 -85.74
N PHE A 500 -8.65 -189.95 -86.42
CA PHE A 500 -9.94 -189.52 -85.81
C PHE A 500 -10.94 -190.66 -85.54
N ALA A 501 -10.71 -191.90 -86.02
CA ALA A 501 -11.67 -192.99 -85.71
C ALA A 501 -11.68 -193.32 -84.22
N ASN A 502 -10.51 -193.46 -83.58
CA ASN A 502 -10.44 -193.88 -82.16
C ASN A 502 -11.15 -192.86 -81.24
N PRO A 503 -10.91 -191.54 -81.31
CA PRO A 503 -11.62 -190.59 -80.43
C PRO A 503 -13.15 -190.64 -80.55
N ILE A 504 -13.67 -190.86 -81.77
CA ILE A 504 -15.14 -190.99 -81.97
C ILE A 504 -15.66 -192.36 -81.50
N LEU A 505 -14.96 -193.46 -81.85
CA LEU A 505 -15.43 -194.83 -81.50
C LEU A 505 -15.34 -195.07 -79.98
N ASP A 506 -14.37 -194.46 -79.30
CA ASP A 506 -14.25 -194.59 -77.82
C ASP A 506 -15.44 -193.90 -77.12
N LYS A 507 -15.94 -192.78 -77.66
CA LYS A 507 -17.03 -192.00 -76.99
C LYS A 507 -18.44 -192.36 -77.49
N PHE A 508 -18.58 -192.74 -78.77
CA PHE A 508 -19.93 -192.99 -79.34
C PHE A 508 -19.97 -194.30 -80.15
N LYS A 509 -21.05 -195.08 -79.99
CA LYS A 509 -21.14 -196.41 -80.69
C LYS A 509 -21.71 -196.14 -82.10
N VAL A 510 -20.93 -195.46 -82.95
CA VAL A 510 -21.40 -195.08 -84.31
C VAL A 510 -20.65 -195.89 -85.37
N ASN A 511 -21.26 -196.09 -86.53
CA ASN A 511 -20.57 -196.80 -87.64
C ASN A 511 -19.73 -195.82 -88.47
N LEU A 512 -18.53 -196.24 -88.89
CA LEU A 512 -17.68 -195.38 -89.76
C LEU A 512 -17.52 -196.07 -91.12
N ARG A 513 -17.61 -195.31 -92.23
CA ARG A 513 -17.38 -195.88 -93.58
C ARG A 513 -16.23 -195.13 -94.24
N GLU A 514 -15.19 -195.85 -94.64
CA GLU A 514 -14.02 -195.21 -95.30
C GLU A 514 -14.25 -195.12 -96.80
N LEU A 515 -13.88 -193.99 -97.40
CA LEU A 515 -13.98 -193.85 -98.87
C LEU A 515 -12.82 -194.59 -99.51
N SER A 516 -13.12 -195.46 -100.49
CA SER A 516 -12.07 -196.23 -101.20
C SER A 516 -11.81 -195.66 -102.60
N SER A 517 -10.80 -196.20 -103.29
CA SER A 517 -10.47 -195.74 -104.66
C SER A 517 -11.28 -196.53 -105.69
N ALA A 518 -12.25 -197.35 -105.26
CA ALA A 518 -13.02 -198.23 -106.18
C ALA A 518 -13.76 -197.44 -107.26
N ASP A 519 -13.72 -197.94 -108.51
CA ASP A 519 -14.39 -197.27 -109.65
C ASP A 519 -15.91 -197.36 -109.49
N THR A 520 -16.62 -196.29 -109.85
CA THR A 520 -18.10 -196.25 -109.65
C THR A 520 -18.81 -196.08 -111.01
N THR A 521 -18.21 -196.59 -112.08
CA THR A 521 -18.81 -196.48 -113.44
C THR A 521 -20.04 -197.39 -113.55
N PRO A 522 -21.19 -196.90 -114.07
CA PRO A 522 -22.38 -197.76 -114.27
C PRO A 522 -22.13 -198.88 -115.29
N PRO A 523 -22.73 -200.08 -115.11
CA PRO A 523 -22.45 -201.23 -116.00
C PRO A 523 -22.84 -201.01 -117.47
N VAL A 524 -23.86 -200.20 -117.74
CA VAL A 524 -24.21 -199.84 -119.16
C VAL A 524 -24.57 -198.35 -119.22
N PRO A 525 -24.45 -197.69 -120.40
CA PRO A 525 -24.83 -196.29 -120.54
C PRO A 525 -26.31 -196.03 -120.23
N ALA A 526 -26.63 -194.84 -119.71
CA ALA A 526 -28.01 -194.49 -119.29
C ALA A 526 -29.00 -194.58 -120.47
N GLU A 527 -28.56 -194.39 -121.71
CA GLU A 527 -29.45 -194.56 -122.88
C GLU A 527 -29.92 -196.02 -122.99
N THR A 528 -29.00 -196.98 -122.86
CA THR A 528 -29.36 -198.43 -122.92
C THR A 528 -30.34 -198.78 -121.80
N VAL A 529 -30.16 -198.17 -120.63
CA VAL A 529 -31.07 -198.41 -119.46
C VAL A 529 -32.47 -197.89 -119.79
N ARG A 530 -32.55 -196.73 -120.46
CA ARG A 530 -33.86 -196.17 -120.87
C ARG A 530 -34.51 -197.07 -121.94
N ASP A 531 -33.72 -197.64 -122.85
CA ASP A 531 -34.25 -198.56 -123.89
C ASP A 531 -34.87 -199.80 -123.22
N LEU A 532 -34.35 -200.19 -122.05
CA LEU A 532 -34.85 -201.39 -121.32
C LEU A 532 -36.10 -201.04 -120.47
N GLY A 533 -36.55 -199.79 -120.46
CA GLY A 533 -37.79 -199.41 -119.74
C GLY A 533 -37.56 -198.76 -118.37
N PHE A 534 -36.31 -198.45 -118.03
CA PHE A 534 -35.99 -197.80 -116.74
C PHE A 534 -35.78 -196.29 -116.97
N GLU A 535 -36.13 -195.46 -115.98
CA GLU A 535 -35.92 -193.99 -116.08
C GLU A 535 -34.43 -193.64 -115.97
N GLY A 536 -33.65 -194.42 -115.22
CA GLY A 536 -32.19 -194.18 -115.05
C GLY A 536 -31.65 -195.03 -113.91
N TYR A 537 -30.44 -194.76 -113.43
CA TYR A 537 -29.92 -195.47 -112.23
C TYR A 537 -30.38 -194.76 -110.96
N LEU A 538 -30.38 -195.48 -109.82
CA LEU A 538 -30.84 -194.89 -108.54
C LEU A 538 -29.95 -193.70 -108.18
N SER A 539 -28.66 -193.74 -108.52
CA SER A 539 -27.72 -192.61 -108.27
C SER A 539 -28.16 -191.32 -108.98
N ASP A 540 -28.84 -191.42 -110.12
CA ASP A 540 -29.25 -190.24 -110.93
C ASP A 540 -30.40 -189.45 -110.27
N PHE A 541 -31.16 -190.07 -109.36
CA PHE A 541 -32.36 -189.41 -108.76
C PHE A 541 -32.09 -188.95 -107.32
N ILE A 542 -30.82 -188.85 -106.93
CA ILE A 542 -30.46 -188.40 -105.55
C ILE A 542 -29.43 -187.27 -105.60
N THR A 543 -29.48 -186.37 -104.61
CA THR A 543 -28.55 -185.21 -104.54
C THR A 543 -27.94 -185.19 -103.13
N GLY A 544 -26.71 -184.71 -102.99
CA GLY A 544 -26.06 -184.64 -101.67
C GLY A 544 -24.56 -184.36 -101.76
N ASP A 545 -23.83 -184.52 -100.66
CA ASP A 545 -22.35 -184.36 -100.72
C ASP A 545 -21.80 -185.41 -101.69
N LYS A 546 -20.94 -185.00 -102.63
CA LYS A 546 -20.41 -185.92 -103.67
C LYS A 546 -19.61 -187.07 -103.04
N ARG A 547 -18.86 -186.79 -101.97
CA ARG A 547 -18.07 -187.84 -101.26
C ARG A 547 -19.00 -188.86 -100.59
N VAL A 548 -20.06 -188.39 -99.92
CA VAL A 548 -21.05 -189.31 -99.28
C VAL A 548 -21.78 -190.12 -100.38
N MET A 549 -22.13 -189.47 -101.49
CA MET A 549 -22.77 -190.20 -102.62
C MET A 549 -21.80 -191.24 -103.18
N LYS A 550 -20.51 -190.91 -103.28
CA LYS A 550 -19.48 -191.89 -103.77
C LYS A 550 -19.38 -193.05 -102.78
N MET A 551 -19.44 -192.79 -101.46
CA MET A 551 -19.44 -193.87 -100.45
C MET A 551 -20.68 -194.76 -100.66
N LEU A 552 -21.86 -194.18 -100.85
CA LEU A 552 -23.10 -194.98 -101.09
C LEU A 552 -22.95 -195.79 -102.38
N CYS A 553 -22.32 -195.21 -103.41
CA CYS A 553 -22.08 -195.95 -104.67
C CYS A 553 -21.14 -197.15 -104.42
N GLN A 554 -20.11 -196.98 -103.59
CA GLN A 554 -19.20 -198.13 -103.28
C GLN A 554 -19.85 -199.19 -102.39
N THR A 555 -20.50 -198.79 -101.29
CA THR A 555 -21.09 -199.75 -100.32
C THR A 555 -22.40 -200.36 -100.83
N SER A 556 -23.33 -199.55 -101.35
CA SER A 556 -24.68 -200.06 -101.74
C SER A 556 -24.85 -200.23 -103.26
N LYS A 557 -23.85 -199.84 -104.06
CA LYS A 557 -23.89 -200.00 -105.55
C LYS A 557 -25.14 -199.34 -106.18
N ILE A 558 -25.54 -198.17 -105.66
CA ILE A 558 -26.76 -197.46 -106.16
C ILE A 558 -26.58 -197.05 -107.64
N HIS A 559 -25.35 -196.82 -108.09
CA HIS A 559 -25.03 -196.48 -109.50
C HIS A 559 -25.25 -197.66 -110.46
N THR A 560 -25.45 -198.89 -109.92
CA THR A 560 -25.67 -200.10 -110.76
C THR A 560 -27.14 -200.54 -110.75
N ILE A 561 -28.02 -199.82 -110.05
CA ILE A 561 -29.45 -200.25 -109.90
C ILE A 561 -30.34 -199.42 -110.82
N PRO A 562 -30.88 -199.98 -111.93
CA PRO A 562 -31.86 -199.28 -112.76
C PRO A 562 -33.20 -199.12 -112.04
N VAL A 563 -33.85 -197.98 -112.26
CA VAL A 563 -35.11 -197.67 -111.54
C VAL A 563 -36.21 -197.25 -112.51
N SER A 564 -37.41 -197.80 -112.36
CA SER A 564 -38.59 -197.35 -113.14
C SER A 564 -39.75 -197.15 -112.16
N ARG A 565 -40.46 -196.02 -112.21
CA ARG A 565 -41.66 -195.86 -111.34
C ARG A 565 -42.82 -196.70 -111.89
N ARG A 566 -42.75 -197.11 -113.17
CA ARG A 566 -43.77 -198.01 -113.74
C ARG A 566 -43.37 -199.47 -113.51
N GLU A 567 -44.35 -200.35 -113.34
CA GLU A 567 -44.03 -201.80 -113.23
C GLU A 567 -43.62 -202.32 -114.61
N LEU A 568 -42.54 -203.10 -114.66
CA LEU A 568 -42.13 -203.71 -115.95
C LEU A 568 -43.03 -204.92 -116.27
N THR A 569 -43.30 -205.14 -117.56
CA THR A 569 -44.11 -206.31 -117.98
C THR A 569 -43.35 -207.61 -117.70
N PRO A 570 -44.03 -208.76 -117.46
CA PRO A 570 -43.36 -210.04 -117.21
C PRO A 570 -42.37 -210.39 -118.34
N ALA A 571 -42.69 -210.04 -119.59
CA ALA A 571 -41.76 -210.28 -120.73
C ALA A 571 -40.48 -209.46 -120.59
N GLN A 572 -40.59 -208.18 -120.18
CA GLN A 572 -39.38 -207.33 -119.94
C GLN A 572 -38.56 -207.91 -118.78
N ILE A 573 -39.22 -208.29 -117.69
CA ILE A 573 -38.51 -208.88 -116.51
C ILE A 573 -37.82 -210.18 -116.93
N LYS A 574 -38.49 -211.02 -117.72
CA LYS A 574 -37.91 -212.31 -118.18
C LYS A 574 -36.66 -212.03 -119.04
N LYS A 575 -36.69 -211.01 -119.90
CA LYS A 575 -35.49 -210.63 -120.71
C LYS A 575 -34.34 -210.18 -119.81
N LEU A 576 -34.63 -209.42 -118.75
CA LEU A 576 -33.58 -208.92 -117.82
C LEU A 576 -32.98 -210.07 -116.99
N ILE A 577 -33.79 -211.06 -116.58
CA ILE A 577 -33.30 -212.24 -115.78
C ILE A 577 -32.48 -213.19 -116.67
N THR A 578 -32.81 -213.31 -117.95
CA THR A 578 -32.09 -214.29 -118.81
C THR A 578 -30.63 -213.85 -118.95
N PRO A 579 -29.64 -214.71 -118.63
CA PRO A 579 -28.25 -214.34 -118.76
C PRO A 579 -27.87 -214.12 -120.24
N ARG A 580 -26.97 -213.18 -120.49
CA ARG A 580 -26.50 -212.90 -121.87
C ARG A 580 -25.64 -214.09 -122.35
N PRO A 581 -25.30 -214.22 -123.65
CA PRO A 581 -24.53 -215.37 -124.16
C PRO A 581 -23.22 -215.58 -123.40
N ASN A 582 -22.69 -214.52 -122.76
CA ASN A 582 -21.45 -214.61 -121.94
C ASN A 582 -21.76 -215.20 -120.54
N GLY A 583 -23.02 -215.56 -120.27
CA GLY A 583 -23.40 -216.18 -118.98
C GLY A 583 -23.63 -215.18 -117.88
N LYS A 584 -23.47 -213.89 -118.18
CA LYS A 584 -23.60 -212.85 -117.12
C LYS A 584 -24.95 -212.14 -117.18
N ILE A 585 -25.57 -211.92 -116.02
CA ILE A 585 -26.83 -211.11 -115.96
C ILE A 585 -26.44 -209.64 -116.08
N LEU A 586 -27.27 -208.86 -116.77
CA LEU A 586 -26.96 -207.43 -117.00
C LEU A 586 -27.05 -206.63 -115.69
N PHE A 587 -28.11 -206.82 -114.90
CA PHE A 587 -28.27 -206.08 -113.62
C PHE A 587 -28.52 -207.08 -112.48
N LYS A 588 -27.77 -206.94 -111.39
CA LYS A 588 -27.98 -207.81 -110.20
C LYS A 588 -29.22 -207.35 -109.42
N ARG A 589 -29.51 -206.06 -109.45
CA ARG A 589 -30.68 -205.52 -108.71
C ARG A 589 -31.40 -204.51 -109.60
N ILE A 590 -32.74 -204.58 -109.65
CA ILE A 590 -33.54 -203.61 -110.46
C ILE A 590 -34.72 -203.14 -109.61
N ILE A 591 -35.20 -201.93 -109.86
CA ILE A 591 -36.43 -201.44 -109.16
C ILE A 591 -37.47 -201.10 -110.22
N HIS A 592 -38.69 -201.64 -110.10
CA HIS A 592 -39.79 -201.23 -111.01
C HIS A 592 -41.08 -201.09 -110.20
N GLY A 593 -41.83 -200.01 -110.43
CA GLY A 593 -43.09 -199.80 -109.67
C GLY A 593 -42.84 -199.70 -108.18
N ASN A 594 -43.41 -200.62 -107.40
CA ASN A 594 -43.21 -200.62 -105.94
C ASN A 594 -42.41 -201.87 -105.54
N ARG A 595 -41.62 -202.42 -106.47
CA ARG A 595 -40.90 -203.70 -106.21
C ARG A 595 -39.40 -203.61 -106.47
N LEU A 596 -38.62 -204.23 -105.60
CA LEU A 596 -37.16 -204.32 -105.80
C LEU A 596 -36.87 -205.80 -106.11
N VAL A 597 -36.30 -206.06 -107.29
CA VAL A 597 -36.01 -207.46 -107.69
C VAL A 597 -34.50 -207.69 -107.63
N ASP A 598 -34.08 -208.61 -106.76
CA ASP A 598 -32.65 -208.99 -106.68
C ASP A 598 -32.45 -210.22 -107.56
N ILE A 599 -31.71 -210.08 -108.65
CA ILE A 599 -31.44 -211.22 -109.55
C ILE A 599 -30.12 -211.86 -109.11
N LYS A 600 -30.21 -213.06 -108.56
CA LYS A 600 -28.99 -213.73 -108.05
C LYS A 600 -28.63 -214.88 -108.98
N GLN A 601 -27.34 -215.01 -109.28
CA GLN A 601 -26.88 -216.18 -110.06
C GLN A 601 -26.07 -217.04 -109.09
N SER A 602 -26.41 -218.33 -108.99
CA SER A 602 -25.72 -219.20 -108.02
C SER A 602 -24.23 -219.24 -108.35
N ALA A 603 -23.37 -219.04 -107.34
CA ALA A 603 -21.92 -219.18 -107.53
C ALA A 603 -21.57 -220.66 -107.68
N TYR A 604 -22.48 -221.56 -107.26
CA TYR A 604 -22.19 -223.01 -107.26
C TYR A 604 -23.10 -223.78 -108.24
N GLY A 605 -22.63 -224.93 -108.72
CA GLY A 605 -23.47 -225.79 -109.59
C GLY A 605 -23.72 -225.26 -110.99
N SER A 606 -24.95 -225.36 -111.49
CA SER A 606 -25.28 -225.01 -112.89
C SER A 606 -25.41 -223.50 -113.11
N LYS A 607 -24.99 -222.68 -112.14
CA LYS A 607 -25.10 -221.20 -112.23
C LYS A 607 -26.56 -220.80 -112.49
N GLN A 608 -27.49 -221.46 -111.81
CA GLN A 608 -28.93 -221.15 -111.97
C GLN A 608 -29.19 -219.69 -111.56
N VAL A 609 -30.01 -218.98 -112.35
CA VAL A 609 -30.36 -217.57 -112.02
C VAL A 609 -31.73 -217.60 -111.36
N PHE A 610 -31.84 -216.98 -110.18
CA PHE A 610 -33.13 -216.90 -109.47
C PHE A 610 -33.40 -215.46 -109.00
N PRO A 611 -34.56 -214.86 -109.33
CA PRO A 611 -34.90 -213.54 -108.80
C PRO A 611 -35.52 -213.60 -107.40
N THR A 612 -35.26 -212.58 -106.57
CA THR A 612 -35.94 -212.47 -105.25
C THR A 612 -36.67 -211.13 -105.29
N ASP A 613 -37.99 -211.12 -105.06
CA ASP A 613 -38.78 -209.88 -105.20
C ASP A 613 -39.16 -209.34 -103.82
N VAL A 614 -38.94 -208.04 -103.58
CA VAL A 614 -39.27 -207.42 -102.25
C VAL A 614 -40.12 -206.16 -102.45
N SER A 615 -41.24 -206.05 -101.75
CA SER A 615 -42.07 -204.82 -101.83
C SER A 615 -41.34 -203.66 -101.16
N ILE A 616 -41.31 -202.51 -101.82
CA ILE A 616 -40.59 -201.33 -101.28
C ILE A 616 -41.46 -200.65 -100.21
N LYS A 617 -40.90 -200.46 -99.02
CA LYS A 617 -41.65 -199.79 -97.92
C LYS A 617 -41.51 -198.27 -98.04
N GLN A 618 -42.55 -197.54 -97.65
CA GLN A 618 -42.45 -196.05 -97.63
C GLN A 618 -41.49 -195.63 -96.51
N THR A 619 -40.79 -194.50 -96.70
CA THR A 619 -39.80 -194.03 -95.70
C THR A 619 -39.91 -192.52 -95.48
N ASN A 620 -39.61 -192.05 -94.27
CA ASN A 620 -39.58 -190.58 -94.00
C ASN A 620 -38.11 -190.14 -93.99
N PHE A 621 -37.19 -191.08 -94.18
CA PHE A 621 -35.73 -190.78 -94.17
C PHE A 621 -35.22 -190.69 -95.61
N TYR A 622 -34.05 -190.06 -95.81
CA TYR A 622 -33.53 -189.85 -97.18
C TYR A 622 -34.57 -189.08 -97.99
N GLN A 623 -35.55 -188.48 -97.30
CA GLN A 623 -36.68 -187.86 -98.03
C GLN A 623 -36.42 -186.40 -98.34
N GLY A 624 -35.84 -186.11 -99.51
CA GLY A 624 -35.73 -184.71 -99.92
C GLY A 624 -37.15 -184.19 -100.05
N SER A 625 -38.04 -185.02 -100.60
CA SER A 625 -39.48 -184.65 -100.66
C SER A 625 -40.18 -185.33 -99.48
N ILE A 626 -40.44 -184.57 -98.41
CA ILE A 626 -41.03 -185.16 -97.17
C ILE A 626 -42.46 -185.64 -97.46
N MET A 627 -42.72 -186.94 -97.36
CA MET A 627 -44.08 -187.53 -97.56
C MET A 627 -44.69 -187.01 -98.87
N SER A 628 -43.93 -187.02 -99.96
CA SER A 628 -44.45 -186.60 -101.28
C SER A 628 -45.09 -185.22 -101.19
N ASN A 629 -46.29 -185.06 -101.74
CA ASN A 629 -47.01 -183.75 -101.70
C ASN A 629 -48.42 -184.01 -101.17
N GLU A 630 -49.20 -184.83 -101.88
CA GLU A 630 -50.57 -185.17 -101.43
C GLU A 630 -50.48 -185.89 -100.08
N GLN A 631 -49.55 -186.84 -99.95
CA GLN A 631 -49.40 -187.61 -98.68
C GLN A 631 -49.02 -186.65 -97.54
N LYS A 632 -48.12 -185.70 -97.82
CA LYS A 632 -47.72 -184.69 -96.80
C LYS A 632 -48.97 -183.92 -96.37
N ILE A 633 -49.76 -183.45 -97.35
CA ILE A 633 -51.02 -182.72 -97.04
C ILE A 633 -51.95 -183.65 -96.26
N ARG A 634 -52.04 -184.92 -96.67
CA ARG A 634 -52.95 -185.89 -96.00
C ARG A 634 -52.62 -185.93 -94.49
N ILE A 635 -51.33 -185.96 -94.14
CA ILE A 635 -50.97 -185.93 -92.68
C ILE A 635 -50.77 -184.47 -92.25
N GLU A 636 -49.60 -183.87 -92.53
CA GLU A 636 -49.28 -182.50 -92.05
C GLU A 636 -50.45 -181.54 -92.20
N ASN A 637 -50.86 -181.20 -93.43
CA ASN A 637 -51.91 -180.16 -93.59
C ASN A 637 -53.10 -180.46 -92.66
N GLU A 638 -53.68 -181.66 -92.72
CA GLU A 638 -54.88 -181.98 -91.92
C GLU A 638 -54.63 -181.66 -90.44
N ILE A 639 -53.56 -182.22 -89.85
CA ILE A 639 -53.27 -182.02 -88.39
C ILE A 639 -52.89 -180.55 -88.11
N ILE A 640 -51.99 -179.98 -88.90
CA ILE A 640 -51.49 -178.60 -88.62
C ILE A 640 -52.63 -177.59 -88.78
N ASN A 641 -53.63 -177.85 -89.64
CA ASN A 641 -54.73 -176.89 -89.92
C ASN A 641 -55.79 -177.03 -88.83
N LEU A 642 -55.90 -178.22 -88.24
CA LEU A 642 -56.80 -178.33 -87.08
C LEU A 642 -56.13 -177.45 -86.02
N LYS A 643 -54.81 -177.58 -85.91
CA LYS A 643 -54.09 -176.77 -84.88
C LYS A 643 -54.22 -175.29 -85.28
N ASN A 644 -54.31 -174.99 -86.58
CA ASN A 644 -54.37 -173.60 -87.09
C ASN A 644 -55.74 -172.98 -86.83
N GLU A 645 -56.79 -173.79 -86.91
CA GLU A 645 -58.14 -173.31 -86.58
C GLU A 645 -58.13 -173.06 -85.07
N TYR A 646 -57.46 -173.92 -84.31
CA TYR A 646 -57.33 -173.64 -82.86
C TYR A 646 -56.63 -172.30 -82.70
N ASN A 647 -55.58 -172.06 -83.49
CA ASN A 647 -54.78 -170.81 -83.36
C ASN A 647 -55.65 -169.60 -83.71
N ASP A 648 -56.45 -169.72 -84.77
CA ASP A 648 -57.33 -168.61 -85.20
C ASP A 648 -58.31 -168.32 -84.07
N ARG A 649 -58.89 -169.38 -83.50
CA ARG A 649 -59.85 -169.20 -82.38
C ARG A 649 -59.14 -168.47 -81.25
N LYS A 650 -57.93 -168.90 -80.89
CA LYS A 650 -57.18 -168.27 -79.78
C LYS A 650 -56.98 -166.79 -80.10
N SER A 651 -56.50 -166.48 -81.31
CA SER A 651 -56.20 -165.08 -81.68
C SER A 651 -57.48 -164.24 -81.61
N THR A 652 -58.61 -164.78 -82.09
CA THR A 652 -59.88 -164.02 -82.10
C THR A 652 -60.36 -163.81 -80.68
N LEU A 653 -60.19 -164.82 -79.82
CA LEU A 653 -60.57 -164.68 -78.39
C LEU A 653 -59.74 -163.57 -77.77
N ASP A 654 -58.45 -163.51 -78.12
CA ASP A 654 -57.57 -162.49 -77.48
C ASP A 654 -57.89 -161.12 -78.08
N ALA A 655 -58.36 -161.08 -79.33
CA ALA A 655 -58.76 -159.80 -79.97
C ALA A 655 -60.07 -159.34 -79.32
N LEU A 656 -60.88 -160.29 -78.87
CA LEU A 656 -62.14 -159.96 -78.16
C LEU A 656 -61.74 -159.47 -76.76
N SER A 657 -60.67 -160.03 -76.21
CA SER A 657 -60.16 -159.52 -74.91
C SER A 657 -59.67 -158.09 -75.16
N ASN A 658 -59.12 -157.83 -76.35
CA ASN A 658 -58.63 -156.47 -76.71
C ASN A 658 -59.84 -155.55 -76.81
N GLN A 659 -60.94 -156.05 -77.40
CA GLN A 659 -62.16 -155.23 -77.52
C GLN A 659 -62.68 -154.94 -76.12
N LYS A 660 -62.58 -155.91 -75.19
CA LYS A 660 -63.07 -155.75 -73.80
C LYS A 660 -62.19 -154.73 -73.07
N SER A 661 -60.89 -154.74 -73.36
CA SER A 661 -59.98 -153.74 -72.77
C SER A 661 -60.40 -152.37 -73.28
N GLY A 662 -60.71 -152.27 -74.57
CA GLY A 662 -61.21 -151.00 -75.13
C GLY A 662 -62.48 -150.59 -74.44
N TYR A 663 -63.39 -151.55 -74.19
CA TYR A 663 -64.66 -151.25 -73.50
C TYR A 663 -64.33 -150.85 -72.07
N ARG A 664 -63.36 -151.53 -71.48
CA ARG A 664 -62.95 -151.10 -70.11
C ARG A 664 -62.28 -149.73 -70.22
N HIS A 665 -61.54 -149.50 -71.31
CA HIS A 665 -60.89 -148.18 -71.55
C HIS A 665 -61.98 -147.13 -71.77
N GLU A 666 -62.99 -147.46 -72.57
CA GLU A 666 -64.12 -146.51 -72.79
C GLU A 666 -64.75 -146.24 -71.43
N LEU A 667 -65.04 -147.31 -70.67
CA LEU A 667 -65.71 -147.12 -69.36
C LEU A 667 -64.77 -146.34 -68.45
N SER A 668 -63.47 -146.66 -68.50
CA SER A 668 -62.50 -145.88 -67.69
C SER A 668 -62.45 -144.44 -68.17
N GLU A 669 -62.48 -144.22 -69.49
CA GLU A 669 -62.48 -142.83 -70.04
C GLU A 669 -63.77 -142.12 -69.62
N LEU A 670 -64.91 -142.81 -69.67
CA LEU A 670 -66.19 -142.20 -69.23
C LEU A 670 -66.09 -141.87 -67.74
N ALA A 671 -65.52 -142.78 -66.95
CA ALA A 671 -65.37 -142.55 -65.50
C ALA A 671 -64.44 -141.36 -65.26
N SER A 672 -63.37 -141.25 -66.06
CA SER A 672 -62.44 -140.10 -65.94
C SER A 672 -63.19 -138.81 -66.29
N LYS A 673 -64.03 -138.84 -67.31
CA LYS A 673 -64.84 -137.65 -67.68
C LYS A 673 -65.77 -137.30 -66.52
N ASN A 674 -66.39 -138.31 -65.91
CA ASN A 674 -67.28 -138.07 -64.73
C ASN A 674 -66.45 -137.49 -63.59
N ASP A 675 -65.22 -137.99 -63.41
CA ASP A 675 -64.33 -137.46 -62.35
C ASP A 675 -63.99 -136.00 -62.64
N ASP A 676 -63.76 -135.68 -63.92
CA ASP A 676 -63.49 -134.27 -64.30
C ASP A 676 -64.72 -133.41 -64.02
N ILE A 677 -65.92 -133.92 -64.31
CA ILE A 677 -67.17 -133.17 -64.01
C ILE A 677 -67.27 -132.99 -62.49
N ASN A 678 -66.96 -134.03 -61.73
CA ASN A 678 -67.01 -133.94 -60.25
C ASN A 678 -65.97 -132.91 -59.78
N ARG A 679 -64.79 -132.90 -60.40
CA ARG A 679 -63.75 -131.92 -60.03
C ARG A 679 -64.24 -130.50 -60.34
N GLU A 680 -64.91 -130.32 -61.48
CA GLU A 680 -65.48 -128.99 -61.83
C GLU A 680 -66.54 -128.62 -60.78
N ALA A 681 -67.38 -129.58 -60.39
CA ALA A 681 -68.40 -129.32 -59.36
C ALA A 681 -67.70 -128.95 -58.05
N HIS A 682 -66.60 -129.65 -57.72
CA HIS A 682 -65.82 -129.32 -56.49
C HIS A 682 -65.19 -127.93 -56.62
N GLN A 683 -64.74 -127.56 -57.83
CA GLN A 683 -64.21 -126.19 -58.02
C GLN A 683 -65.32 -125.18 -57.76
N LEU A 684 -66.54 -125.46 -58.22
CA LEU A 684 -67.69 -124.55 -57.92
C LEU A 684 -67.93 -124.54 -56.42
N ASN A 685 -67.84 -125.71 -55.78
CA ASN A 685 -68.01 -125.79 -54.31
C ASN A 685 -66.87 -125.01 -53.64
N GLU A 686 -65.66 -125.08 -54.19
CA GLU A 686 -64.52 -124.30 -53.63
C GLU A 686 -64.80 -122.80 -53.81
N ILE A 687 -65.42 -122.40 -54.93
CA ILE A 687 -65.80 -120.97 -55.11
C ILE A 687 -66.84 -120.61 -54.04
N ARG A 688 -67.80 -121.49 -53.77
CA ARG A 688 -68.79 -121.22 -52.68
C ARG A 688 -68.04 -121.20 -51.35
N LYS A 689 -67.06 -122.09 -51.18
CA LYS A 689 -66.23 -122.08 -49.94
C LYS A 689 -65.45 -120.78 -49.88
N LYS A 690 -64.96 -120.26 -51.01
CA LYS A 690 -64.26 -118.95 -51.02
C LYS A 690 -65.25 -117.86 -50.59
N TYR A 691 -66.50 -117.92 -51.05
CA TYR A 691 -67.53 -116.95 -50.60
C TYR A 691 -67.77 -117.12 -49.10
N THR A 692 -67.86 -118.37 -48.63
CA THR A 692 -68.03 -118.60 -47.16
C THR A 692 -66.78 -118.12 -46.43
N MET A 693 -65.60 -118.34 -46.99
CA MET A 693 -64.34 -117.86 -46.37
C MET A 693 -64.36 -116.32 -46.36
N ARG A 694 -64.91 -115.69 -47.40
CA ARG A 694 -65.06 -114.21 -47.39
C ARG A 694 -66.01 -113.85 -46.24
N LYS A 695 -67.09 -114.59 -46.05
CA LYS A 695 -67.99 -114.35 -44.90
C LYS A 695 -67.21 -114.59 -43.61
N SER A 696 -66.38 -115.63 -43.58
CA SER A 696 -65.55 -115.90 -42.37
C SER A 696 -64.60 -114.72 -42.16
N THR A 697 -64.02 -114.19 -43.23
CA THR A 697 -63.08 -113.04 -43.11
C THR A 697 -63.83 -111.81 -42.59
N ILE A 698 -65.05 -111.56 -43.09
CA ILE A 698 -65.84 -110.41 -42.55
C ILE A 698 -66.23 -110.70 -41.10
N GLU A 699 -66.53 -111.96 -40.75
CA GLU A 699 -66.80 -112.30 -39.33
C GLU A 699 -65.53 -112.06 -38.51
N THR A 700 -64.36 -112.44 -39.04
CA THR A 700 -63.08 -112.18 -38.34
C THR A 700 -62.89 -110.67 -38.23
N LEU A 701 -63.21 -109.95 -39.30
CA LEU A 701 -63.11 -108.47 -39.25
C LEU A 701 -64.06 -107.95 -38.17
N ARG A 702 -65.29 -108.46 -38.11
CA ARG A 702 -66.28 -107.93 -37.12
C ARG A 702 -65.79 -108.24 -35.70
N GLU A 703 -65.25 -109.44 -35.47
CA GLU A 703 -64.76 -109.80 -34.11
C GLU A 703 -63.52 -108.95 -33.79
N LYS A 704 -62.65 -108.71 -34.79
CA LYS A 704 -61.47 -107.85 -34.58
C LYS A 704 -61.93 -106.42 -34.29
N LEU A 705 -62.94 -105.94 -35.01
CA LEU A 705 -63.48 -104.58 -34.74
C LEU A 705 -64.06 -104.55 -33.34
N ASP A 706 -64.78 -105.61 -32.94
CA ASP A 706 -65.39 -105.65 -31.59
C ASP A 706 -64.29 -105.61 -30.53
N GLN A 707 -63.27 -106.46 -30.69
CA GLN A 707 -62.18 -106.49 -29.68
C GLN A 707 -61.43 -105.16 -29.72
N LEU A 708 -61.23 -104.60 -30.92
CA LEU A 708 -60.49 -103.31 -31.04
C LEU A 708 -61.28 -102.21 -30.36
N LYS A 709 -62.60 -102.16 -30.58
CA LYS A 709 -63.44 -101.12 -29.92
C LYS A 709 -63.42 -101.35 -28.41
N ARG A 710 -63.49 -102.61 -27.96
CA ARG A 710 -63.51 -102.90 -26.50
C ARG A 710 -62.18 -102.45 -25.89
N GLU A 711 -61.06 -102.85 -26.51
CA GLU A 711 -59.74 -102.48 -25.96
C GLU A 711 -59.60 -100.95 -26.05
N ALA A 712 -60.07 -100.35 -27.15
CA ALA A 712 -59.93 -98.90 -27.34
C ALA A 712 -60.71 -98.17 -26.25
N ARG A 713 -61.96 -98.58 -26.02
CA ARG A 713 -62.79 -97.88 -24.99
C ARG A 713 -62.13 -98.11 -23.62
N LYS A 714 -61.63 -99.33 -23.36
CA LYS A 714 -61.04 -99.60 -22.04
C LYS A 714 -59.80 -98.73 -21.86
N ASP A 715 -58.93 -98.70 -22.86
CA ASP A 715 -57.67 -97.93 -22.71
C ASP A 715 -58.01 -96.44 -22.62
N VAL A 716 -58.95 -95.97 -23.42
CA VAL A 716 -59.26 -94.51 -23.44
C VAL A 716 -59.86 -94.15 -22.08
N SER A 717 -60.73 -95.01 -21.54
CA SER A 717 -61.32 -94.75 -20.20
C SER A 717 -60.21 -94.74 -19.14
N GLN A 718 -59.30 -95.70 -19.21
CA GLN A 718 -58.19 -95.76 -18.22
C GLN A 718 -57.33 -94.52 -18.37
N LYS A 719 -57.02 -94.14 -19.61
CA LYS A 719 -56.15 -92.97 -19.86
C LYS A 719 -56.85 -91.70 -19.37
N ILE A 720 -58.16 -91.58 -19.63
CA ILE A 720 -58.91 -90.37 -19.20
C ILE A 720 -58.89 -90.33 -17.67
N LYS A 721 -59.12 -91.48 -17.01
CA LYS A 721 -59.14 -91.51 -15.53
C LYS A 721 -57.76 -91.15 -15.01
N ASP A 722 -56.71 -91.70 -15.63
CA ASP A 722 -55.32 -91.40 -15.18
C ASP A 722 -55.02 -89.91 -15.38
N ILE A 723 -55.41 -89.37 -16.53
CA ILE A 723 -55.16 -87.93 -16.83
C ILE A 723 -55.92 -87.08 -15.82
N ASP A 724 -57.18 -87.44 -15.54
CA ASP A 724 -57.99 -86.67 -14.56
C ASP A 724 -57.35 -86.77 -13.17
N ASP A 725 -56.89 -87.97 -12.79
CA ASP A 725 -56.25 -88.15 -11.47
C ASP A 725 -54.97 -87.30 -11.41
N GLN A 726 -54.19 -87.32 -12.49
CA GLN A 726 -52.95 -86.51 -12.54
C GLN A 726 -53.30 -85.02 -12.48
N ILE A 727 -54.35 -84.61 -13.20
CA ILE A 727 -54.77 -83.18 -13.18
C ILE A 727 -55.22 -82.82 -11.77
N GLN A 728 -56.01 -83.68 -11.12
CA GLN A 728 -56.48 -83.40 -9.74
C GLN A 728 -55.28 -83.30 -8.82
N GLN A 729 -54.31 -84.22 -8.97
CA GLN A 729 -53.10 -84.20 -8.11
C GLN A 729 -52.34 -82.91 -8.36
N LEU A 730 -52.21 -82.50 -9.63
CA LEU A 730 -51.48 -81.25 -9.97
C LEU A 730 -52.25 -80.04 -9.41
N LEU A 731 -53.58 -80.06 -9.48
CA LEU A 731 -54.39 -78.95 -8.90
C LEU A 731 -54.19 -78.91 -7.38
N LEU A 732 -54.19 -80.08 -6.74
CA LEU A 732 -53.93 -80.10 -5.27
C LEU A 732 -52.52 -79.58 -5.00
N LYS A 733 -51.56 -80.00 -5.83
CA LYS A 733 -50.16 -79.55 -5.62
C LYS A 733 -50.08 -78.04 -5.81
N GLN A 734 -50.74 -77.52 -6.85
CA GLN A 734 -50.68 -76.05 -7.13
C GLN A 734 -51.41 -75.28 -6.02
N ARG A 735 -52.53 -75.80 -5.50
CA ARG A 735 -53.22 -75.12 -4.37
C ARG A 735 -52.33 -75.19 -3.13
N HIS A 736 -51.62 -76.31 -2.92
CA HIS A 736 -50.68 -76.41 -1.77
C HIS A 736 -49.55 -75.40 -1.98
N LEU A 737 -49.07 -75.27 -3.22
CA LEU A 737 -48.01 -74.28 -3.52
C LEU A 737 -48.57 -72.86 -3.31
N LEU A 738 -49.82 -72.62 -3.69
CA LEU A 738 -50.44 -71.29 -3.44
C LEU A 738 -50.53 -71.05 -1.93
N SER A 739 -50.88 -72.08 -1.16
CA SER A 739 -50.92 -71.94 0.31
C SER A 739 -49.51 -71.65 0.83
N LYS A 740 -48.50 -72.37 0.30
CA LYS A 740 -47.10 -72.18 0.75
C LYS A 740 -46.63 -70.76 0.39
N MET A 741 -46.97 -70.29 -0.81
CA MET A 741 -46.57 -68.91 -1.21
C MET A 741 -47.35 -67.88 -0.38
N ALA A 742 -48.60 -68.16 -0.03
CA ALA A 742 -49.35 -67.25 0.87
C ALA A 742 -48.66 -67.25 2.25
N SER A 743 -48.19 -68.41 2.71
CA SER A 743 -47.45 -68.48 3.99
C SER A 743 -46.13 -67.73 3.87
N SER A 744 -45.45 -67.86 2.73
CA SER A 744 -44.20 -67.09 2.50
C SER A 744 -44.55 -65.61 2.45
N MET A 745 -45.75 -65.27 1.99
CA MET A 745 -46.20 -63.86 2.06
C MET A 745 -46.41 -63.53 3.53
N LYS A 746 -45.95 -62.35 3.97
CA LYS A 746 -46.05 -61.90 5.39
C LYS A 746 -44.85 -62.49 6.12
N SER A 747 -44.34 -63.64 5.67
CA SER A 747 -43.05 -64.14 6.22
C SER A 747 -41.99 -63.24 5.61
N LEU A 748 -42.16 -62.89 4.33
CA LEU A 748 -41.24 -61.92 3.67
C LEU A 748 -41.42 -60.57 4.35
N LYS A 749 -42.66 -60.23 4.71
CA LYS A 749 -42.91 -58.95 5.43
C LYS A 749 -42.25 -59.00 6.81
N ASN A 750 -42.34 -60.13 7.51
CA ASN A 750 -41.67 -60.26 8.83
C ASN A 750 -40.16 -60.14 8.63
N CYS A 751 -39.64 -60.74 7.56
CA CYS A 751 -38.19 -60.63 7.26
C CYS A 751 -37.86 -59.17 6.95
N GLN A 752 -38.72 -58.47 6.20
CA GLN A 752 -38.48 -57.02 5.91
C GLN A 752 -38.52 -56.23 7.22
N LYS A 753 -39.51 -56.52 8.06
CA LYS A 753 -39.66 -55.76 9.34
C LYS A 753 -38.45 -56.03 10.24
N GLU A 754 -38.02 -57.29 10.33
CA GLU A 754 -36.83 -57.62 11.14
C GLU A 754 -35.56 -57.06 10.48
N LEU A 755 -35.53 -56.94 9.15
CA LEU A 755 -34.37 -56.28 8.49
C LEU A 755 -34.34 -54.79 8.82
N ILE A 756 -35.48 -54.09 8.69
CA ILE A 756 -35.48 -52.63 8.99
C ILE A 756 -35.29 -52.43 10.50
N SER A 757 -35.98 -53.24 11.31
CA SER A 757 -35.81 -53.16 12.79
C SER A 757 -34.44 -53.74 13.16
N THR A 758 -33.81 -53.21 14.20
CA THR A 758 -32.47 -53.70 14.67
C THR A 758 -31.42 -53.19 13.68
N GLN A 759 -31.84 -52.59 12.57
CA GLN A 759 -30.87 -51.96 11.64
C GLN A 759 -30.86 -50.48 11.99
N ILE A 760 -32.03 -49.94 12.37
CA ILE A 760 -32.10 -48.52 12.80
C ILE A 760 -31.26 -48.40 14.09
N LEU A 761 -31.30 -49.40 14.97
CA LEU A 761 -30.47 -49.37 16.20
C LEU A 761 -28.99 -49.38 15.83
N GLN A 762 -28.59 -50.22 14.86
CA GLN A 762 -27.17 -50.23 14.41
C GLN A 762 -26.84 -48.90 13.72
N PHE A 763 -27.78 -48.33 12.98
CA PHE A 763 -27.57 -47.01 12.36
C PHE A 763 -27.36 -45.99 13.49
N GLU A 764 -28.15 -46.09 14.56
CA GLU A 764 -27.97 -45.18 15.72
C GLU A 764 -26.59 -45.40 16.32
N ALA A 765 -26.16 -46.66 16.43
CA ALA A 765 -24.79 -46.96 16.96
C ALA A 765 -23.74 -46.36 16.02
N GLN A 766 -23.96 -46.44 14.70
CA GLN A 766 -23.02 -45.84 13.74
C GLN A 766 -23.01 -44.32 13.94
N ASN A 767 -24.18 -43.72 14.15
CA ASN A 767 -24.26 -42.26 14.43
C ASN A 767 -23.53 -41.96 15.74
N MET A 768 -23.69 -42.83 16.74
CA MET A 768 -23.00 -42.63 18.03
C MET A 768 -21.49 -42.67 17.78
N ASP A 769 -21.02 -43.62 16.97
CA ASP A 769 -19.57 -43.68 16.64
C ASP A 769 -19.15 -42.43 15.87
N VAL A 770 -19.98 -41.98 14.92
CA VAL A 770 -19.62 -40.81 14.09
C VAL A 770 -19.52 -39.59 15.01
N SER A 771 -20.48 -39.42 15.90
CA SER A 771 -20.42 -38.31 16.87
C SER A 771 -19.22 -38.53 17.80
N MET A 772 -18.98 -39.77 18.22
CA MET A 772 -17.90 -40.06 19.20
C MET A 772 -16.54 -39.68 18.63
N ASN A 773 -16.25 -40.03 17.37
CA ASN A 773 -14.90 -39.73 16.86
C ASN A 773 -14.73 -38.21 16.83
N ASP A 774 -15.76 -37.48 16.39
CA ASP A 774 -15.66 -36.01 16.30
C ASP A 774 -15.48 -35.43 17.70
N VAL A 775 -16.30 -35.89 18.65
CA VAL A 775 -16.23 -35.30 20.02
C VAL A 775 -14.92 -35.69 20.70
N ILE A 776 -14.43 -36.92 20.49
CA ILE A 776 -13.13 -37.32 21.09
C ILE A 776 -12.01 -36.50 20.44
N GLY A 777 -12.07 -36.26 19.12
CA GLY A 777 -11.06 -35.40 18.48
C GLY A 777 -11.12 -34.00 19.05
N PHE A 778 -12.34 -33.47 19.24
CA PHE A 778 -12.51 -32.11 19.82
C PHE A 778 -11.97 -32.11 21.26
N PHE A 779 -12.26 -33.16 22.02
CA PHE A 779 -11.75 -33.25 23.41
C PHE A 779 -10.22 -33.36 23.40
N ASN A 780 -9.68 -34.12 22.45
CA ASN A 780 -8.20 -34.26 22.36
C ASN A 780 -7.57 -32.91 22.04
N GLU A 781 -8.13 -32.17 21.08
CA GLU A 781 -7.58 -30.82 20.77
C GLU A 781 -7.79 -29.89 21.96
N ARG A 782 -8.95 -29.98 22.64
CA ARG A 782 -9.23 -29.11 23.80
C ARG A 782 -8.23 -29.42 24.92
N GLU A 783 -7.99 -30.71 25.19
CA GLU A 783 -7.01 -31.11 26.24
C GLU A 783 -5.60 -30.72 25.81
N ALA A 784 -5.28 -30.80 24.51
CA ALA A 784 -3.95 -30.37 24.03
C ALA A 784 -3.81 -28.87 24.28
N ASP A 785 -4.86 -28.09 24.01
CA ASP A 785 -4.83 -26.63 24.29
C ASP A 785 -4.69 -26.40 25.80
N LEU A 786 -5.42 -27.17 26.61
CA LEU A 786 -5.34 -27.02 28.08
C LEU A 786 -3.92 -27.38 28.54
N LYS A 787 -3.34 -28.43 27.98
CA LYS A 787 -1.96 -28.85 28.36
C LYS A 787 -0.97 -27.76 27.94
N SER A 788 -1.16 -27.17 26.75
CA SER A 788 -0.28 -26.08 26.30
C SER A 788 -0.42 -24.90 27.25
N GLN A 789 -1.66 -24.56 27.65
CA GLN A 789 -1.88 -23.45 28.61
C GLN A 789 -1.23 -23.81 29.94
N TYR A 790 -1.34 -25.07 30.38
CA TYR A 790 -0.73 -25.51 31.65
C TYR A 790 0.78 -25.37 31.57
N GLU A 791 1.38 -25.74 30.44
CA GLU A 791 2.84 -25.59 30.26
C GLU A 791 3.19 -24.10 30.28
N ASP A 792 2.39 -23.26 29.64
CA ASP A 792 2.63 -21.80 29.65
C ASP A 792 2.55 -21.28 31.08
N LYS A 793 1.55 -21.75 31.84
CA LYS A 793 1.41 -21.32 33.25
C LYS A 793 2.61 -21.79 34.06
N LYS A 794 3.09 -23.01 33.83
CA LYS A 794 4.29 -23.51 34.53
C LYS A 794 5.49 -22.64 34.17
N LYS A 795 5.61 -22.26 32.90
CA LYS A 795 6.72 -21.38 32.47
C LYS A 795 6.60 -20.04 33.19
N PHE A 796 5.37 -19.51 33.29
CA PHE A 796 5.16 -18.22 33.99
C PHE A 796 5.53 -18.36 35.48
N VAL A 797 5.15 -19.49 36.09
CA VAL A 797 5.48 -19.73 37.52
C VAL A 797 6.99 -19.82 37.68
N LYS A 798 7.67 -20.54 36.77
CA LYS A 798 9.15 -20.68 36.85
C LYS A 798 9.79 -19.30 36.66
N GLU A 799 9.26 -18.49 35.74
CA GLU A 799 9.80 -17.13 35.49
C GLU A 799 9.53 -16.24 36.72
N ALA A 800 8.44 -16.48 37.45
CA ALA A 800 8.11 -15.66 38.62
C ALA A 800 9.23 -15.80 39.66
N ARG A 801 9.77 -17.02 39.83
CA ARG A 801 10.90 -17.23 40.76
C ARG A 801 12.26 -17.13 40.06
N ASP A 802 13.35 -17.04 40.84
CA ASP A 802 14.73 -16.95 40.27
C ASP A 802 14.84 -15.69 39.42
N THR A 803 14.16 -14.62 39.83
CA THR A 803 14.23 -13.34 39.08
C THR A 803 15.48 -12.55 39.47
N PRO A 804 15.94 -11.57 38.66
CA PRO A 804 17.04 -10.70 39.07
C PRO A 804 16.66 -9.98 40.38
N GLU A 805 15.38 -9.67 40.56
CA GLU A 805 14.93 -9.07 41.86
C GLU A 805 15.20 -10.07 42.98
N PHE A 806 14.96 -11.37 42.75
CA PHE A 806 15.27 -12.40 43.78
C PHE A 806 16.79 -12.45 44.00
N GLN A 807 17.58 -12.28 42.94
CA GLN A 807 19.05 -12.22 43.09
C GLN A 807 19.41 -11.01 43.95
N SER A 808 18.70 -9.89 43.77
CA SER A 808 18.90 -8.71 44.64
C SER A 808 18.54 -9.08 46.08
N TRP A 809 17.53 -9.94 46.25
CA TRP A 809 17.14 -10.40 47.61
C TRP A 809 18.21 -11.29 48.22
N MET A 810 18.23 -11.37 49.56
CA MET A 810 19.24 -12.18 50.31
C MET A 810 20.55 -11.38 50.33
N ARG A 811 20.61 -10.25 49.61
CA ARG A 811 21.77 -9.34 49.70
C ARG A 811 21.27 -8.13 50.50
N GLU A 812 20.01 -7.73 50.26
CA GLU A 812 19.40 -6.66 51.08
C GLU A 812 19.28 -7.21 52.51
N ILE A 813 19.01 -8.50 52.66
CA ILE A 813 18.94 -9.12 54.00
C ILE A 813 20.30 -8.97 54.68
N ARG A 814 21.39 -9.22 53.94
CA ARG A 814 22.75 -9.04 54.52
C ARG A 814 22.97 -7.57 54.87
N SER A 815 22.53 -6.66 54.00
CA SER A 815 22.71 -5.21 54.25
C SER A 815 21.96 -4.82 55.53
N TYR A 816 20.73 -5.32 55.71
CA TYR A 816 19.97 -5.05 56.95
C TYR A 816 20.71 -5.65 58.14
N ASP A 817 21.26 -6.86 57.97
CA ASP A 817 21.99 -7.55 59.08
C ASP A 817 23.28 -6.81 59.43
N GLN A 818 23.79 -5.97 58.51
CA GLN A 818 25.02 -5.19 58.79
C GLN A 818 24.76 -4.29 59.99
N ASP A 819 23.59 -3.63 60.03
CA ASP A 819 23.23 -2.84 61.24
C ASP A 819 21.94 -3.47 61.79
N THR A 820 22.04 -4.15 62.93
CA THR A 820 20.85 -4.90 63.39
C THR A 820 19.99 -4.08 64.35
N LYS A 821 18.72 -3.86 63.98
CA LYS A 821 17.74 -3.20 64.89
C LYS A 821 18.24 -1.85 65.40
N GLU A 822 18.12 -1.62 66.72
CA GLU A 822 18.48 -0.31 67.33
C GLU A 822 17.61 0.78 66.69
N LYS A 823 18.23 1.84 66.17
CA LYS A 823 17.46 2.95 65.56
C LYS A 823 16.70 2.41 64.34
N LEU A 824 17.30 1.49 63.59
CA LEU A 824 16.65 0.94 62.37
C LEU A 824 15.35 0.23 62.74
N ASN A 825 15.35 -0.53 63.84
CA ASN A 825 14.09 -1.19 64.28
C ASN A 825 13.03 -0.14 64.60
N LYS A 826 13.41 0.93 65.30
CA LYS A 826 12.41 1.96 65.71
C LYS A 826 11.83 2.63 64.47
N VAL A 827 12.70 3.03 63.53
CA VAL A 827 12.21 3.73 62.31
C VAL A 827 11.38 2.75 61.47
N ALA A 828 11.76 1.46 61.46
CA ALA A 828 10.97 0.43 60.73
C ALA A 828 9.59 0.29 61.37
N GLU A 829 9.52 0.29 62.71
CA GLU A 829 8.21 0.20 63.40
C GLU A 829 7.36 1.43 63.04
N LYS A 830 7.99 2.62 63.04
CA LYS A 830 7.25 3.86 62.70
C LYS A 830 6.76 3.77 61.25
N TYR A 831 7.60 3.27 60.35
CA TYR A 831 7.20 3.13 58.93
C TYR A 831 6.04 2.13 58.80
N GLU A 832 6.10 1.04 59.55
CA GLU A 832 5.01 0.02 59.51
C GLU A 832 3.72 0.68 60.00
N GLU A 833 3.80 1.46 61.08
CA GLU A 833 2.60 2.14 61.64
C GLU A 833 2.04 3.09 60.58
N GLU A 834 2.92 3.85 59.93
CA GLU A 834 2.45 4.79 58.87
C GLU A 834 1.80 4.00 57.74
N GLY A 835 2.40 2.88 57.33
CA GLY A 835 1.86 2.10 56.21
C GLY A 835 0.49 1.53 56.51
N ASN A 836 0.33 0.93 57.70
CA ASN A 836 -0.99 0.35 58.08
C ASN A 836 -2.02 1.47 58.28
N PHE A 837 -1.61 2.63 58.80
CA PHE A 837 -2.54 3.77 58.99
C PHE A 837 -3.01 4.28 57.62
N ASN A 838 -2.08 4.34 56.65
CA ASN A 838 -2.42 4.83 55.28
C ASN A 838 -3.33 3.85 54.54
N LEU A 839 -3.37 2.57 54.98
CA LEU A 839 -4.20 1.53 54.32
C LEU A 839 -3.73 1.34 52.87
N SER A 840 -2.43 1.53 52.62
CA SER A 840 -1.89 1.31 51.26
C SER A 840 -0.46 0.76 51.37
N PHE A 841 -0.02 0.01 50.36
CA PHE A 841 1.38 -0.51 50.37
C PHE A 841 2.14 -0.10 49.11
N VAL A 842 1.43 0.30 48.05
CA VAL A 842 2.14 0.61 46.76
C VAL A 842 1.92 2.08 46.41
N GLN A 843 0.67 2.53 46.34
CA GLN A 843 0.37 3.93 45.97
C GLN A 843 0.95 4.87 47.03
N ASP A 844 0.82 4.51 48.30
CA ASP A 844 1.30 5.38 49.40
C ASP A 844 2.82 5.54 49.30
N VAL A 845 3.52 4.44 49.06
CA VAL A 845 5.01 4.50 49.00
C VAL A 845 5.43 5.37 47.81
N LEU A 846 4.78 5.17 46.66
CA LEU A 846 5.14 5.97 45.45
C LEU A 846 4.84 7.44 45.72
N ASP A 847 3.71 7.74 46.36
CA ASP A 847 3.34 9.15 46.66
C ASP A 847 4.38 9.77 47.59
N LYS A 848 4.78 9.03 48.62
CA LYS A 848 5.80 9.53 49.56
C LYS A 848 7.14 9.73 48.82
N LEU A 849 7.50 8.78 47.94
CA LEU A 849 8.79 8.89 47.20
C LEU A 849 8.74 10.13 46.30
N GLU A 850 7.62 10.33 45.60
CA GLU A 850 7.49 11.50 44.69
C GLU A 850 7.57 12.78 45.52
N SER A 851 6.87 12.81 46.67
CA SER A 851 6.86 14.04 47.51
C SER A 851 8.26 14.34 48.03
N GLU A 852 8.97 13.31 48.50
CA GLU A 852 10.34 13.52 49.06
C GLU A 852 11.31 13.94 47.93
N ILE A 853 11.18 13.35 46.75
CA ILE A 853 12.05 13.78 45.60
C ILE A 853 11.75 15.24 45.26
N ALA A 854 10.47 15.62 45.23
CA ALA A 854 10.09 17.02 44.93
C ALA A 854 10.66 17.94 46.02
N MET A 855 10.59 17.52 47.28
CA MET A 855 11.13 18.35 48.39
C MET A 855 12.65 18.47 48.23
N VAL A 856 13.32 17.36 47.87
CA VAL A 856 14.81 17.37 47.76
C VAL A 856 15.25 18.15 46.50
N ASN A 857 14.34 18.37 45.56
CA ASN A 857 14.71 19.11 44.31
C ASN A 857 15.17 20.51 44.70
N HIS A 858 14.45 21.18 45.61
CA HIS A 858 14.91 22.50 46.12
C HIS A 858 15.73 22.27 47.40
N ASP A 859 17.03 22.06 47.26
CA ASP A 859 17.87 21.75 48.44
C ASP A 859 19.27 22.34 48.23
N GLU A 860 20.06 22.43 49.31
CA GLU A 860 21.45 22.93 49.21
C GLU A 860 21.45 24.35 48.65
N SER A 861 20.66 25.25 49.24
CA SER A 861 20.69 26.68 48.81
C SER A 861 21.67 27.45 49.70
N ALA A 862 22.80 27.89 49.15
CA ALA A 862 23.84 28.64 49.91
C ALA A 862 24.29 27.83 51.12
N VAL A 863 24.45 26.52 50.97
CA VAL A 863 24.83 25.64 52.12
C VAL A 863 26.36 25.48 52.17
N THR A 864 27.08 26.07 51.23
CA THR A 864 28.54 25.87 51.18
C THR A 864 29.16 26.40 52.47
N ILE A 865 28.70 27.57 52.93
CA ILE A 865 29.28 28.19 54.15
C ILE A 865 28.20 28.24 55.23
N LEU A 866 28.44 27.57 56.36
CA LEU A 866 27.46 27.63 57.49
C LEU A 866 28.15 28.11 58.76
N ASP A 867 29.33 27.58 59.05
CA ASP A 867 30.10 27.95 60.27
C ASP A 867 30.76 29.32 60.13
N GLN A 868 31.37 29.63 58.99
CA GLN A 868 32.15 30.90 58.87
C GLN A 868 31.21 32.10 59.04
N VAL A 869 30.03 32.04 58.44
CA VAL A 869 29.06 33.18 58.52
C VAL A 869 28.61 33.35 59.97
N THR A 870 28.32 32.25 60.66
CA THR A 870 27.93 32.36 62.09
C THR A 870 29.11 32.90 62.91
N ALA A 871 30.32 32.42 62.64
CA ALA A 871 31.49 32.86 63.42
C ALA A 871 31.73 34.35 63.19
N GLU A 872 31.68 34.80 61.93
CA GLU A 872 31.89 36.24 61.63
C GLU A 872 30.73 37.07 62.22
N LEU A 873 29.50 36.56 62.18
CA LEU A 873 28.35 37.28 62.78
C LEU A 873 28.59 37.42 64.29
N ARG A 874 29.03 36.33 64.94
CA ARG A 874 29.31 36.38 66.39
C ARG A 874 30.46 37.36 66.66
N GLU A 875 31.50 37.32 65.83
CA GLU A 875 32.67 38.22 66.02
C GLU A 875 32.23 39.68 65.87
N LEU A 876 31.43 39.97 64.83
CA LEU A 876 30.95 41.36 64.61
C LEU A 876 29.99 41.75 65.75
N GLU A 877 29.16 40.83 66.22
CA GLU A 877 28.23 41.12 67.35
C GLU A 877 29.07 41.45 68.59
N HIS A 878 30.16 40.72 68.83
CA HIS A 878 31.06 41.03 69.96
C HIS A 878 31.80 42.36 69.71
N THR A 879 32.14 42.64 68.45
CA THR A 879 32.85 43.90 68.08
C THR A 879 31.92 45.10 68.25
N VAL A 880 30.62 44.94 68.01
CA VAL A 880 29.69 46.11 68.03
C VAL A 880 29.73 46.84 69.38
N PRO A 881 29.64 46.21 70.58
CA PRO A 881 29.65 46.96 71.83
C PRO A 881 30.96 47.74 72.00
N GLN A 882 32.10 47.18 71.58
CA GLN A 882 33.39 47.88 71.78
C GLN A 882 33.38 49.20 70.99
N GLN A 883 32.92 49.19 69.75
CA GLN A 883 32.80 50.45 68.96
C GLN A 883 31.66 51.33 69.53
N SER A 884 30.56 50.72 69.96
CA SER A 884 29.39 51.49 70.49
C SER A 884 29.78 52.21 71.79
N LYS A 885 30.66 51.60 72.59
CA LYS A 885 31.14 52.23 73.86
C LYS A 885 31.85 53.52 73.49
N ASP A 886 32.61 53.51 72.40
CA ASP A 886 33.30 54.73 71.91
C ASP A 886 32.29 55.71 71.29
N LEU A 887 32.75 56.92 70.96
CA LEU A 887 31.91 57.98 70.35
C LEU A 887 31.06 58.61 71.47
N GLU A 888 31.16 58.07 72.68
CA GLU A 888 30.46 58.71 73.83
C GLU A 888 31.50 59.39 74.70
N THR A 889 32.54 58.66 75.12
CA THR A 889 33.64 59.29 75.91
C THR A 889 34.38 60.31 75.04
N ILE A 890 34.64 59.98 73.78
CA ILE A 890 35.40 60.89 72.89
C ILE A 890 34.56 62.15 72.66
N LYS A 891 33.26 61.97 72.41
CA LYS A 891 32.37 63.14 72.22
C LYS A 891 32.25 63.92 73.53
N ALA A 892 32.20 63.23 74.67
CA ALA A 892 32.10 63.91 75.98
C ALA A 892 33.36 64.74 76.20
N LYS A 893 34.53 64.17 75.90
CA LYS A 893 35.81 64.93 76.04
C LYS A 893 35.80 66.12 75.07
N LEU A 894 35.35 65.90 73.83
CA LEU A 894 35.30 67.01 72.84
C LEU A 894 34.32 68.08 73.34
N LYS A 895 33.16 67.66 73.85
CA LYS A 895 32.14 68.63 74.35
C LYS A 895 32.72 69.38 75.56
N GLU A 896 33.42 68.67 76.46
CA GLU A 896 34.02 69.34 77.65
C GLU A 896 35.08 70.34 77.19
N ASP A 897 35.94 69.95 76.24
CA ASP A 897 36.99 70.86 75.73
C ASP A 897 36.33 72.07 75.04
N HIS A 898 35.30 71.81 74.23
CA HIS A 898 34.59 72.90 73.52
C HIS A 898 33.91 73.81 74.57
N ALA A 899 33.28 73.23 75.59
CA ALA A 899 32.60 74.03 76.64
C ALA A 899 33.62 74.85 77.44
N VAL A 900 34.80 74.29 77.72
CA VAL A 900 35.84 75.10 78.42
C VAL A 900 36.38 76.19 77.49
N LEU A 901 36.67 75.87 76.23
CA LEU A 901 37.28 76.85 75.28
C LEU A 901 36.28 77.93 74.83
N GLU A 902 35.01 77.58 74.62
CA GLU A 902 34.04 78.53 73.99
C GLU A 902 33.85 79.85 74.76
N PRO A 903 33.57 79.91 76.07
CA PRO A 903 33.29 81.19 76.73
C PRO A 903 34.50 82.13 76.65
N LYS A 904 35.71 81.59 76.82
CA LYS A 904 36.92 82.47 76.83
C LYS A 904 37.07 83.15 75.46
N LEU A 905 37.00 82.37 74.38
CA LEU A 905 37.09 82.97 73.03
C LEU A 905 35.89 83.89 72.81
N ASP A 906 34.71 83.50 73.29
CA ASP A 906 33.49 84.31 73.06
C ASP A 906 33.65 85.68 73.75
N ASP A 907 34.10 85.68 75.00
CA ASP A 907 34.28 86.96 75.72
C ASP A 907 35.39 87.78 75.02
N ILE A 908 36.46 87.11 74.60
CA ILE A 908 37.59 87.84 73.95
C ILE A 908 37.06 88.46 72.65
N VAL A 909 36.29 87.69 71.87
CA VAL A 909 35.73 88.21 70.58
C VAL A 909 34.75 89.35 70.88
N SER A 910 33.90 89.18 71.90
CA SER A 910 32.94 90.25 72.25
C SER A 910 33.69 91.52 72.66
N LYS A 911 34.74 91.37 73.48
CA LYS A 911 35.51 92.55 73.96
C LYS A 911 36.22 93.23 72.78
N ILE A 912 36.86 92.44 71.91
CA ILE A 912 37.60 93.03 70.76
C ILE A 912 36.59 93.69 69.81
N SER A 913 35.42 93.06 69.61
CA SER A 913 34.37 93.66 68.75
C SER A 913 33.86 94.97 69.38
N ALA A 914 33.66 94.98 70.70
CA ALA A 914 33.21 96.22 71.39
C ALA A 914 34.27 97.32 71.26
N ARG A 915 35.54 96.96 71.45
CA ARG A 915 36.64 97.96 71.29
C ARG A 915 36.66 98.44 69.83
N PHE A 916 36.51 97.52 68.88
CA PHE A 916 36.53 97.89 67.44
C PHE A 916 35.38 98.85 67.15
N ALA A 917 34.17 98.54 67.66
CA ALA A 917 33.00 99.41 67.43
C ALA A 917 33.21 100.77 68.10
N ARG A 918 33.72 100.80 69.34
CA ARG A 918 33.90 102.08 70.06
C ARG A 918 34.98 102.93 69.37
N LEU A 919 36.01 102.29 68.82
CA LEU A 919 37.05 103.03 68.06
C LEU A 919 36.50 103.52 66.72
N PHE A 920 35.64 102.73 66.07
CA PHE A 920 35.09 103.11 64.73
C PHE A 920 33.90 104.06 64.86
N ASN A 921 33.40 104.26 66.08
CA ASN A 921 32.28 105.23 66.29
C ASN A 921 32.76 106.62 65.88
N ASN A 922 34.04 106.92 66.14
CA ASN A 922 34.62 108.21 65.72
C ASN A 922 34.59 108.28 64.19
N VAL A 923 34.88 107.15 63.51
CA VAL A 923 34.85 107.08 62.02
C VAL A 923 33.40 107.16 61.53
N GLY A 924 32.42 107.00 62.42
CA GLY A 924 31.00 106.97 62.00
C GLY A 924 30.69 105.74 61.18
N SER A 925 31.30 104.60 61.53
CA SER A 925 31.02 103.33 60.83
C SER A 925 30.82 102.21 61.86
N ALA A 926 30.07 101.17 61.48
CA ALA A 926 29.85 100.04 62.40
C ALA A 926 30.70 98.85 61.95
N GLY A 927 31.54 98.35 62.85
CA GLY A 927 32.36 97.17 62.52
C GLY A 927 32.56 96.29 63.74
N ALA A 928 32.66 94.97 63.54
CA ALA A 928 32.93 94.06 64.67
C ALA A 928 33.93 92.99 64.21
N VAL A 929 34.83 92.59 65.11
CA VAL A 929 35.76 91.48 64.76
C VAL A 929 35.04 90.19 65.13
N ARG A 930 34.51 89.49 64.13
CA ARG A 930 33.69 88.28 64.41
C ARG A 930 34.52 87.03 64.16
N LEU A 931 34.34 86.02 65.01
CA LEU A 931 35.04 84.74 64.77
C LEU A 931 34.00 83.72 64.28
N GLU A 932 34.04 83.39 62.99
CA GLU A 932 33.10 82.38 62.46
C GLU A 932 33.61 81.01 62.88
N LYS A 933 32.73 80.20 63.48
CA LYS A 933 33.14 78.87 63.96
C LYS A 933 32.34 77.79 63.24
N PRO A 934 32.87 77.18 62.15
CA PRO A 934 32.21 76.03 61.50
C PRO A 934 32.35 74.77 62.36
N LYS A 935 31.77 73.65 61.89
CA LYS A 935 31.82 72.40 62.68
C LYS A 935 33.28 72.00 62.89
N ASP A 936 34.11 72.10 61.85
CA ASP A 936 35.56 71.81 62.02
C ASP A 936 36.22 72.95 62.80
N TYR A 937 36.99 72.61 63.84
CA TYR A 937 37.66 73.64 64.67
C TYR A 937 38.72 74.40 63.86
N ALA A 938 39.44 73.70 62.96
CA ALA A 938 40.51 74.34 62.16
C ALA A 938 39.91 75.33 61.14
N GLU A 939 38.61 75.23 60.86
CA GLU A 939 37.97 76.09 59.82
C GLU A 939 37.52 77.43 60.40
N TRP A 940 37.74 77.67 61.69
CA TRP A 940 37.35 78.96 62.31
C TRP A 940 38.10 80.10 61.64
N LYS A 941 37.42 81.22 61.36
CA LYS A 941 38.07 82.34 60.64
C LYS A 941 37.65 83.69 61.22
N ILE A 942 38.41 84.75 60.91
CA ILE A 942 38.10 86.11 61.46
C ILE A 942 37.48 86.98 60.38
N GLU A 943 36.34 87.61 60.69
CA GLU A 943 35.66 88.50 59.72
C GLU A 943 35.66 89.93 60.27
N ILE A 944 35.96 90.89 59.41
CA ILE A 944 35.95 92.32 59.83
C ILE A 944 34.85 93.04 59.06
N MET A 945 33.96 93.74 59.77
CA MET A 945 32.85 94.47 59.11
C MET A 945 33.31 95.87 58.76
N VAL A 946 33.12 96.28 57.50
CA VAL A 946 33.61 97.61 57.06
C VAL A 946 32.40 98.46 56.65
N LYS A 947 32.27 99.66 57.25
CA LYS A 947 31.16 100.57 56.88
C LYS A 947 31.67 101.99 56.61
N PHE A 948 32.99 102.20 56.58
CA PHE A 948 33.52 103.59 56.41
C PHE A 948 33.08 104.12 55.04
N ARG A 949 33.01 103.24 54.04
CA ARG A 949 32.53 103.66 52.69
C ARG A 949 31.21 102.94 52.38
N ASP A 950 30.18 103.70 52.00
CA ASP A 950 28.86 103.09 51.67
C ASP A 950 28.99 102.18 50.45
N ASN A 951 29.76 102.61 49.44
CA ASN A 951 29.90 101.81 48.19
C ASN A 951 30.54 100.46 48.50
N ALA A 952 31.56 100.45 49.38
CA ALA A 952 32.26 99.18 49.68
C ALA A 952 31.36 98.30 50.55
N PRO A 953 31.06 97.06 50.13
CA PRO A 953 30.26 96.13 50.94
C PRO A 953 31.09 95.54 52.10
N LEU A 954 30.40 94.94 53.06
CA LEU A 954 31.12 94.29 54.19
C LEU A 954 31.96 93.14 53.62
N LYS A 955 33.27 93.17 53.84
CA LYS A 955 34.17 92.11 53.31
C LYS A 955 35.48 92.13 54.09
N LYS A 956 36.32 91.11 53.88
CA LYS A 956 37.63 91.03 54.56
C LYS A 956 38.53 92.19 54.12
N LEU A 957 39.39 92.67 55.02
CA LEU A 957 40.28 93.82 54.69
C LEU A 957 41.21 93.42 53.55
N ASP A 958 41.33 94.29 52.54
CA ASP A 958 42.24 94.03 51.41
C ASP A 958 42.69 95.38 50.84
N SER A 959 43.94 95.46 50.39
CA SER A 959 44.48 96.72 49.82
C SER A 959 43.87 97.07 48.45
N HIS A 960 43.66 96.08 47.58
CA HIS A 960 43.21 96.40 46.19
C HIS A 960 41.84 97.06 46.16
N THR A 961 40.85 96.45 46.81
CA THR A 961 39.44 96.96 46.73
C THR A 961 39.29 98.26 47.52
N GLN A 962 39.90 98.35 48.70
CA GLN A 962 39.66 99.54 49.57
C GLN A 962 40.74 100.61 49.37
N SER A 963 40.42 101.85 49.78
CA SER A 963 41.40 102.96 49.69
C SER A 963 42.50 102.78 50.73
N GLY A 964 43.69 103.35 50.46
CA GLY A 964 44.82 103.23 51.40
C GLY A 964 44.54 103.88 52.74
N GLY A 965 43.99 105.09 52.75
CA GLY A 965 43.77 105.81 54.03
C GLY A 965 42.80 105.08 54.94
N GLU A 966 41.67 104.64 54.38
CA GLU A 966 40.64 103.94 55.21
C GLU A 966 41.22 102.63 55.74
N ARG A 967 41.96 101.89 54.89
CA ARG A 967 42.58 100.61 55.33
C ARG A 967 43.60 100.88 56.43
N ALA A 968 44.41 101.94 56.28
CA ALA A 968 45.44 102.27 57.29
C ALA A 968 44.74 102.62 58.61
N VAL A 969 43.66 103.40 58.55
CA VAL A 969 42.92 103.77 59.79
C VAL A 969 42.35 102.50 60.41
N SER A 970 41.78 101.61 59.60
CA SER A 970 41.15 100.38 60.13
C SER A 970 42.19 99.52 60.84
N THR A 971 43.35 99.31 60.20
CA THR A 971 44.41 98.45 60.80
C THR A 971 44.96 99.13 62.08
N VAL A 972 45.12 100.45 62.05
CA VAL A 972 45.67 101.16 63.24
C VAL A 972 44.69 101.01 64.40
N LEU A 973 43.39 101.17 64.12
CA LEU A 973 42.36 101.00 65.18
C LEU A 973 42.35 99.55 65.67
N TYR A 974 42.53 98.59 64.76
CA TYR A 974 42.59 97.17 65.18
C TYR A 974 43.78 96.94 66.12
N MET A 975 44.95 97.52 65.78
CA MET A 975 46.13 97.39 66.66
C MET A 975 45.88 98.07 68.00
N ILE A 976 45.22 99.25 67.97
CA ILE A 976 44.92 100.00 69.23
C ILE A 976 43.98 99.16 70.10
N ALA A 977 43.03 98.47 69.49
CA ALA A 977 42.06 97.65 70.25
C ALA A 977 42.82 96.55 71.02
N LEU A 978 43.79 95.90 70.40
CA LEU A 978 44.58 94.87 71.13
C LEU A 978 45.77 95.51 71.86
N GLN A 979 45.52 96.51 72.72
CA GLN A 979 46.64 97.13 73.49
C GLN A 979 46.42 96.92 74.99
N GLU A 980 45.22 97.22 75.47
CA GLU A 980 44.94 97.09 76.92
C GLU A 980 45.08 95.62 77.34
N PHE A 981 44.58 94.71 76.51
CA PHE A 981 44.65 93.26 76.84
C PHE A 981 46.10 92.81 76.88
N THR A 982 46.90 93.32 75.94
CA THR A 982 48.35 92.95 75.90
C THR A 982 49.08 93.58 77.09
N SER A 983 50.13 92.91 77.57
CA SER A 983 50.89 93.40 78.76
C SER A 983 52.06 94.30 78.33
N ALA A 984 52.20 94.57 77.02
CA ALA A 984 53.31 95.40 76.54
C ALA A 984 53.19 96.80 77.16
N PRO A 985 54.27 97.38 77.70
CA PRO A 985 54.21 98.69 78.34
C PRO A 985 53.82 99.77 77.33
N PHE A 986 54.31 99.69 76.08
CA PHE A 986 54.01 100.72 75.05
C PHE A 986 53.98 100.12 73.65
N ARG A 987 53.31 100.80 72.72
CA ARG A 987 53.24 100.34 71.31
C ARG A 987 53.87 101.42 70.42
N VAL A 988 54.75 101.02 69.50
CA VAL A 988 55.45 102.00 68.62
C VAL A 988 54.97 101.81 67.18
N VAL A 989 54.56 102.89 66.53
CA VAL A 989 54.09 102.82 65.11
C VAL A 989 54.94 103.76 64.26
N ASP A 990 55.42 103.27 63.11
CA ASP A 990 56.28 104.09 62.23
C ASP A 990 55.57 104.32 60.88
N GLU A 991 55.70 105.53 60.33
CA GLU A 991 55.05 105.88 59.03
C GLU A 991 53.53 105.71 59.15
N ILE A 992 52.97 106.03 60.32
CA ILE A 992 51.49 105.92 60.53
C ILE A 992 50.87 107.33 60.59
N ASN A 993 51.52 108.26 61.29
CA ASN A 993 50.96 109.63 61.46
C ASN A 993 51.05 110.41 60.14
N GLN A 994 51.77 109.88 59.15
CA GLN A 994 51.87 110.57 57.84
C GLN A 994 50.46 110.74 57.27
N GLY A 995 50.22 111.88 56.61
CA GLY A 995 48.86 112.19 56.13
C GLY A 995 48.27 111.15 55.21
N MET A 996 46.97 110.87 55.38
CA MET A 996 46.26 109.92 54.47
C MET A 996 44.99 110.63 54.01
N ASP A 997 45.12 111.52 53.01
CA ASP A 997 43.97 112.25 52.40
C ASP A 997 43.48 113.40 53.28
N SER A 998 44.09 113.59 54.46
CA SER A 998 43.76 114.73 55.36
C SER A 998 42.37 114.55 55.98
N ARG A 999 41.69 113.43 55.69
CA ARG A 999 40.36 113.14 56.27
C ARG A 999 40.46 111.88 57.11
N ASN A 1000 40.95 110.80 56.51
CA ASN A 1000 41.16 109.54 57.28
C ASN A 1000 42.24 109.80 58.34
N GLU A 1001 43.27 110.55 57.97
CA GLU A 1001 44.32 110.89 58.96
C GLU A 1001 43.72 111.74 60.08
N ARG A 1002 42.85 112.69 59.73
CA ARG A 1002 42.26 113.58 60.76
C ARG A 1002 41.40 112.74 61.72
N ILE A 1003 40.58 111.83 61.18
CA ILE A 1003 39.69 111.00 62.06
C ILE A 1003 40.54 110.04 62.91
N VAL A 1004 41.63 109.49 62.35
CA VAL A 1004 42.52 108.61 63.15
C VAL A 1004 43.23 109.44 64.23
N HIS A 1005 43.56 110.69 63.94
CA HIS A 1005 44.15 111.57 64.97
C HIS A 1005 43.12 111.81 66.09
N LYS A 1006 41.86 112.04 65.72
CA LYS A 1006 40.79 112.23 66.74
C LYS A 1006 40.66 110.96 67.57
N ALA A 1007 40.71 109.79 66.92
CA ALA A 1007 40.61 108.51 67.65
C ALA A 1007 41.79 108.34 68.61
N MET A 1008 43.00 108.69 68.16
CA MET A 1008 44.20 108.60 69.04
C MET A 1008 44.06 109.57 70.22
N VAL A 1009 43.51 110.77 69.99
CA VAL A 1009 43.28 111.74 71.09
C VAL A 1009 42.28 111.16 72.09
N GLU A 1010 41.19 110.54 71.59
CA GLU A 1010 40.16 109.94 72.49
C GLU A 1010 40.80 108.81 73.31
N ASN A 1011 41.66 108.00 72.67
CA ASN A 1011 42.38 106.91 73.40
C ASN A 1011 43.30 107.54 74.45
N ALA A 1012 44.00 108.63 74.10
CA ALA A 1012 44.93 109.30 75.05
C ALA A 1012 44.15 109.95 76.20
N CYS A 1013 42.86 110.26 75.99
CA CYS A 1013 42.05 110.87 77.07
C CYS A 1013 41.99 109.92 78.28
N ALA A 1014 41.84 108.61 78.01
CA ALA A 1014 41.86 107.62 79.12
C ALA A 1014 43.24 107.59 79.78
N GLU A 1015 43.28 107.39 81.10
CA GLU A 1015 44.57 107.36 81.84
C GLU A 1015 45.26 105.99 81.73
N ASN A 1016 46.55 105.92 82.09
CA ASN A 1016 47.29 104.63 82.06
C ASN A 1016 47.25 104.02 80.66
N THR A 1017 47.63 104.80 79.65
CA THR A 1017 47.62 104.29 78.25
C THR A 1017 49.03 104.23 77.70
N SER A 1018 49.24 103.40 76.68
CA SER A 1018 50.59 103.22 76.12
C SER A 1018 51.09 104.47 75.39
N GLN A 1019 52.41 104.60 75.26
CA GLN A 1019 53.01 105.77 74.56
C GLN A 1019 53.30 105.39 73.11
N TYR A 1020 52.90 106.24 72.17
CA TYR A 1020 53.13 105.97 70.73
C TYR A 1020 54.11 106.99 70.17
N PHE A 1021 55.11 106.52 69.43
CA PHE A 1021 56.08 107.45 68.78
C PHE A 1021 55.62 107.72 67.35
N LEU A 1022 54.76 108.73 67.18
CA LEU A 1022 54.20 109.04 65.83
C LEU A 1022 55.26 109.66 64.92
N ILE A 1023 55.20 109.35 63.62
CA ILE A 1023 56.14 109.95 62.63
C ILE A 1023 55.33 110.74 61.61
N THR A 1024 55.70 112.00 61.37
CA THR A 1024 54.93 112.88 60.45
C THR A 1024 55.87 113.41 59.36
N PRO A 1025 56.23 112.60 58.33
CA PRO A 1025 57.08 113.07 57.24
C PRO A 1025 56.44 114.26 56.50
N LYS A 1026 55.13 114.26 56.33
CA LYS A 1026 54.43 115.37 55.63
C LYS A 1026 53.59 116.17 56.65
N LEU A 1027 53.80 117.48 56.71
CA LEU A 1027 53.03 118.34 57.66
C LEU A 1027 51.56 118.43 57.20
N LEU A 1028 50.63 118.41 58.16
CA LEU A 1028 49.19 118.51 57.81
C LEU A 1028 48.65 119.82 58.40
N THR A 1029 47.90 120.57 57.60
CA THR A 1029 47.31 121.84 58.07
C THR A 1029 46.20 121.59 59.10
N GLY A 1030 46.11 122.45 60.12
CA GLY A 1030 45.03 122.33 61.14
C GLY A 1030 45.07 121.03 61.93
N LEU A 1031 46.26 120.56 62.31
CA LEU A 1031 46.35 119.34 63.16
C LEU A 1031 45.76 119.63 64.54
N HIS A 1032 45.00 118.68 65.09
CA HIS A 1032 44.42 118.85 66.45
C HIS A 1032 45.44 118.39 67.49
N TYR A 1033 45.76 119.27 68.43
CA TYR A 1033 46.75 118.92 69.48
C TYR A 1033 46.03 118.78 70.83
N HIS A 1034 46.04 117.57 71.39
CA HIS A 1034 45.42 117.36 72.72
C HIS A 1034 46.30 117.93 73.83
N GLU A 1035 45.69 118.32 74.95
CA GLU A 1035 46.47 118.83 76.11
C GLU A 1035 47.35 117.72 76.67
N LYS A 1036 46.86 116.48 76.72
CA LYS A 1036 47.64 115.37 77.35
C LYS A 1036 48.93 115.12 76.57
N MET A 1037 48.86 115.10 75.24
CA MET A 1037 50.07 114.84 74.42
C MET A 1037 50.80 116.14 74.12
N ARG A 1038 52.12 116.06 73.96
CA ARG A 1038 52.93 117.27 73.63
C ARG A 1038 53.64 117.08 72.30
N ILE A 1039 53.62 118.11 71.46
CA ILE A 1039 54.30 118.04 70.14
C ILE A 1039 55.81 118.23 70.32
N HIS A 1040 56.61 117.52 69.52
CA HIS A 1040 58.08 117.69 69.58
C HIS A 1040 58.57 118.09 68.18
N CYS A 1041 59.35 119.16 68.09
CA CYS A 1041 59.90 119.59 66.77
C CYS A 1041 61.43 119.49 66.81
N VAL A 1042 62.02 118.85 65.79
CA VAL A 1042 63.49 118.70 65.72
C VAL A 1042 64.08 119.66 64.67
N MET A 1043 63.23 120.43 63.97
CA MET A 1043 63.75 121.29 62.86
C MET A 1043 64.72 122.35 63.40
N ALA A 1044 65.76 122.66 62.62
CA ALA A 1044 66.76 123.67 63.05
C ALA A 1044 66.67 124.89 62.13
N GLY A 1045 66.80 126.09 62.70
CA GLY A 1045 66.74 127.33 61.91
C GLY A 1045 68.11 127.99 61.79
N SER A 1046 68.35 128.69 60.68
CA SER A 1046 69.66 129.38 60.47
C SER A 1046 69.88 130.44 61.55
N TRP A 1047 68.83 131.20 61.89
CA TRP A 1047 68.93 132.26 62.93
C TRP A 1047 69.17 131.64 64.31
N ILE A 1048 68.60 130.46 64.56
CA ILE A 1048 68.76 129.79 65.89
C ILE A 1048 70.23 129.43 66.11
N PRO A 1049 70.81 129.70 67.30
CA PRO A 1049 72.19 129.34 67.60
C PRO A 1049 72.38 127.81 67.66
N ASN A 1050 73.63 127.36 67.60
CA ASN A 1050 73.93 125.91 67.63
C ASN A 1050 73.42 125.32 68.95
N PRO A 1051 72.78 124.13 68.93
CA PRO A 1051 72.22 123.54 70.15
C PRO A 1051 73.27 123.28 71.24
N SER A 1052 74.48 122.84 70.87
CA SER A 1052 75.53 122.56 71.87
C SER A 1052 75.93 123.85 72.59
N GLU A 1053 76.13 124.95 71.85
CA GLU A 1053 76.56 126.24 72.44
C GLU A 1053 75.43 126.85 73.28
N ASP A 1054 74.19 126.70 72.83
CA ASP A 1054 73.05 127.34 73.56
C ASP A 1054 72.52 126.40 74.63
N PRO A 1055 72.58 126.76 75.93
CA PRO A 1055 72.15 125.87 77.00
C PRO A 1055 70.68 125.46 76.90
N LYS A 1056 69.79 126.37 76.48
CA LYS A 1056 68.33 126.06 76.46
C LYS A 1056 67.91 125.41 75.14
N MET A 1057 68.79 125.32 74.14
CA MET A 1057 68.38 124.78 72.81
C MET A 1057 68.68 123.26 72.74
N ILE A 1058 69.29 122.68 73.77
CA ILE A 1058 69.57 121.22 73.77
C ILE A 1058 68.24 120.44 73.74
N HIS A 1059 67.24 120.93 74.47
CA HIS A 1059 65.90 120.27 74.44
C HIS A 1059 65.15 120.72 73.19
N PHE A 1060 64.56 119.76 72.46
CA PHE A 1060 63.81 120.08 71.22
C PHE A 1060 62.34 119.70 71.40
N GLY A 1061 61.42 120.61 71.07
CA GLY A 1061 59.99 120.34 71.21
C GLY A 1061 59.58 120.06 72.65
N GLU A 1062 60.18 120.76 73.61
CA GLU A 1062 59.78 120.62 75.04
C GLU A 1062 59.48 122.00 75.62
N THR A 1063 58.34 122.15 76.32
CA THR A 1063 57.99 123.44 76.95
C THR A 1063 57.98 123.36 78.47
N SER A 1064 57.75 122.16 79.04
CA SER A 1064 57.70 121.98 80.52
C SER A 1064 59.08 122.20 81.13
N ASN A 1065 60.15 121.92 80.39
CA ASN A 1065 61.53 122.06 80.92
C ASN A 1065 61.82 123.51 81.30
N TYR A 1066 61.38 124.47 80.49
CA TYR A 1066 61.66 125.91 80.75
C TYR A 1066 61.01 126.33 82.07
N SER A 1067 59.76 125.90 82.28
CA SER A 1067 59.06 126.21 83.55
C SER A 1067 59.67 125.43 84.71
N PHE A 1068 59.77 126.04 85.88
CA PHE A 1068 60.30 125.33 87.08
C PHE A 1068 59.36 124.19 87.46
N ASP A 1069 59.92 123.02 87.82
CA ASP A 1069 59.10 121.85 88.25
C ASP A 1069 58.11 121.43 87.16
N ILE B 12 -1.46 65.10 37.37
CA ILE B 12 -2.81 65.65 37.06
C ILE B 12 -3.05 65.60 35.55
N GLU B 13 -3.99 64.76 35.11
CA GLU B 13 -4.30 64.64 33.66
C GLU B 13 -4.92 65.95 33.14
N GLN B 14 -5.59 66.72 33.99
CA GLN B 14 -6.25 67.97 33.55
C GLN B 14 -5.18 68.94 33.02
N VAL B 15 -4.01 68.99 33.67
CA VAL B 15 -2.92 69.86 33.18
C VAL B 15 -2.49 69.41 31.78
N ASP B 16 -2.37 68.09 31.56
CA ASP B 16 -2.00 67.58 30.21
C ASP B 16 -3.10 67.94 29.20
N ASP B 17 -4.36 67.83 29.60
CA ASP B 17 -5.48 68.17 28.70
C ASP B 17 -5.40 69.67 28.34
N GLU B 18 -5.11 70.52 29.32
CA GLU B 18 -4.99 71.97 29.07
C GLU B 18 -3.81 72.22 28.12
N LEU B 19 -2.69 71.52 28.33
CA LEU B 19 -1.50 71.70 27.46
C LEU B 19 -1.86 71.28 26.02
N LEU B 20 -2.56 70.15 25.86
CA LEU B 20 -2.94 69.67 24.51
C LEU B 20 -3.90 70.67 23.87
N SER B 21 -4.85 71.20 24.64
CA SER B 21 -5.83 72.18 24.09
C SER B 21 -5.09 73.44 23.66
N LEU B 22 -4.13 73.90 24.47
CA LEU B 22 -3.36 75.12 24.13
C LEU B 22 -2.54 74.86 22.87
N THR B 23 -1.93 73.67 22.75
CA THR B 23 -1.13 73.33 21.55
C THR B 23 -2.05 73.32 20.32
N ALA B 24 -3.24 72.76 20.46
CA ALA B 24 -4.20 72.73 19.33
C ALA B 24 -4.61 74.15 18.96
N GLN B 25 -4.85 75.01 19.97
CA GLN B 25 -5.24 76.41 19.70
C GLN B 25 -4.09 77.14 18.98
N GLN B 26 -2.85 76.90 19.42
CA GLN B 26 -1.68 77.54 18.76
C GLN B 26 -1.57 77.05 17.31
N GLU B 27 -1.80 75.75 17.08
CA GLU B 27 -1.77 75.20 15.70
C GLU B 27 -2.87 75.85 14.86
N ASN B 28 -4.07 76.01 15.43
CA ASN B 28 -5.18 76.67 14.70
C ASN B 28 -4.79 78.11 14.38
N GLU B 29 -4.20 78.81 15.35
CA GLU B 29 -3.82 80.24 15.15
C GLU B 29 -2.74 80.35 14.07
N GLU B 30 -1.75 79.44 14.08
CA GLU B 30 -0.69 79.47 13.04
C GLU B 30 -1.29 79.14 11.67
N GLN B 31 -2.26 78.22 11.61
CA GLN B 31 -2.94 77.92 10.32
C GLN B 31 -3.70 79.17 9.85
N GLN B 32 -4.36 79.88 10.77
CA GLN B 32 -5.07 81.13 10.40
C GLN B 32 -4.05 82.17 9.91
N GLN B 33 -2.88 82.26 10.57
CA GLN B 33 -1.84 83.22 10.14
C GLN B 33 -1.36 82.86 8.73
N GLN B 34 -1.15 81.56 8.46
CA GLN B 34 -0.68 81.11 7.13
C GLN B 34 -1.75 81.42 6.08
N ARG B 35 -3.04 81.32 6.42
CA ARG B 35 -4.15 81.54 5.46
C ARG B 35 -4.17 83.00 4.97
N LYS B 36 -3.87 83.96 5.85
CA LYS B 36 -3.98 85.39 5.48
C LYS B 36 -3.01 85.77 4.35
N ARG B 37 -3.43 86.69 3.48
CA ARG B 37 -2.58 87.14 2.37
C ARG B 37 -2.52 88.67 2.36
N ARG B 38 -1.55 89.25 1.68
CA ARG B 38 -1.46 90.74 1.55
C ARG B 38 -2.66 91.23 0.73
N ARG B 39 -3.24 92.37 1.11
CA ARG B 39 -4.44 92.89 0.40
C ARG B 39 -4.15 94.21 -0.32
N HIS B 40 -2.90 94.66 -0.34
CA HIS B 40 -2.56 95.97 -0.96
C HIS B 40 -1.75 95.72 -2.23
N GLN B 41 -2.16 96.31 -3.35
CA GLN B 41 -1.48 96.05 -4.65
C GLN B 41 -0.37 97.07 -4.93
N PHE B 42 -0.17 98.05 -4.05
CA PHE B 42 0.85 99.11 -4.25
C PHE B 42 0.67 99.82 -5.60
N ALA B 43 -0.51 100.41 -5.84
CA ALA B 43 -0.64 101.21 -7.07
C ALA B 43 0.30 102.41 -6.93
N PRO B 44 1.22 102.69 -7.88
CA PRO B 44 2.18 103.78 -7.72
C PRO B 44 1.50 105.14 -7.57
N MET B 45 0.54 105.43 -8.45
CA MET B 45 -0.20 106.73 -8.41
C MET B 45 0.83 107.88 -8.40
N THR B 46 0.74 108.79 -7.43
CA THR B 46 1.73 109.89 -7.32
C THR B 46 2.98 109.39 -6.59
N LEU B 74 -0.15 111.25 -0.11
CA LEU B 74 0.59 112.14 0.83
C LEU B 74 -0.39 113.17 1.39
N GLU B 75 -0.48 114.34 0.76
CA GLU B 75 -1.38 115.42 1.23
C GLU B 75 -2.84 114.93 1.20
N GLU B 76 -3.22 114.26 0.12
CA GLU B 76 -4.63 113.80 -0.01
C GLU B 76 -4.92 112.72 1.03
N SER B 77 -6.09 112.79 1.68
CA SER B 77 -6.48 111.78 2.68
C SER B 77 -6.75 110.44 2.00
N PRO B 78 -6.46 109.29 2.65
CA PRO B 78 -6.82 107.99 2.09
C PRO B 78 -8.33 107.75 2.16
N SER B 79 -8.79 106.78 1.38
CA SER B 79 -10.24 106.47 1.34
C SER B 79 -10.69 105.73 2.60
N GLY B 80 -12.01 105.57 2.76
CA GLY B 80 -12.57 104.85 3.92
C GLY B 80 -13.16 105.76 4.97
N TYR B 81 -12.95 107.08 4.86
CA TYR B 81 -13.58 108.02 5.83
C TYR B 81 -15.09 108.11 5.57
N ILE B 82 -15.84 108.48 6.60
CA ILE B 82 -17.31 108.56 6.47
C ILE B 82 -17.67 109.93 5.91
N LYS B 83 -18.15 109.98 4.67
CA LYS B 83 -18.58 111.26 4.06
C LYS B 83 -19.89 111.77 4.70
N LYS B 84 -20.87 110.89 4.94
CA LYS B 84 -22.18 111.36 5.47
C LYS B 84 -22.86 110.26 6.31
N VAL B 85 -23.65 110.67 7.29
CA VAL B 85 -24.43 109.70 8.13
C VAL B 85 -25.88 110.16 8.17
N ILE B 86 -26.82 109.24 7.96
CA ILE B 86 -28.26 109.59 8.10
C ILE B 86 -28.88 108.62 9.10
N LEU B 87 -29.56 109.15 10.13
CA LEU B 87 -30.20 108.28 11.14
C LEU B 87 -31.72 108.50 11.13
N ARG B 88 -32.49 107.51 10.68
CA ARG B 88 -33.96 107.69 10.56
C ARG B 88 -34.65 106.97 11.72
N ASN B 89 -35.49 107.71 12.48
CA ASN B 89 -36.23 107.12 13.64
C ASN B 89 -35.24 106.48 14.61
N PHE B 90 -34.10 107.15 14.83
CA PHE B 90 -33.06 106.57 15.72
C PHE B 90 -33.02 107.37 17.03
N MET B 91 -33.22 106.67 18.15
CA MET B 91 -33.20 107.33 19.48
C MET B 91 -34.22 108.47 19.50
N CYS B 92 -33.83 109.68 19.89
CA CYS B 92 -34.80 110.81 20.00
C CYS B 92 -35.06 111.51 18.67
N HIS B 93 -34.01 111.90 17.95
CA HIS B 93 -34.21 112.75 16.75
C HIS B 93 -34.77 111.95 15.57
N GLU B 94 -35.41 112.65 14.64
CA GLU B 94 -35.97 112.01 13.42
C GLU B 94 -34.84 111.87 12.39
N HIS B 95 -35.20 111.60 11.13
CA HIS B 95 -34.16 111.42 10.09
C HIS B 95 -33.30 112.68 10.02
N PHE B 96 -31.99 112.54 10.21
CA PHE B 96 -31.08 113.71 10.21
C PHE B 96 -29.88 113.40 9.32
N GLU B 97 -29.43 114.38 8.53
CA GLU B 97 -28.28 114.18 7.62
C GLU B 97 -27.08 114.94 8.19
N LEU B 98 -25.95 114.26 8.35
CA LEU B 98 -24.71 114.95 8.82
C LEU B 98 -23.56 114.59 7.88
N GLU B 99 -22.96 115.59 7.23
CA GLU B 99 -21.82 115.33 6.32
C GLU B 99 -20.53 115.55 7.10
N LEU B 100 -19.88 114.46 7.51
CA LEU B 100 -18.64 114.57 8.32
C LEU B 100 -17.45 115.00 7.45
N GLY B 101 -16.47 115.68 8.07
CA GLY B 101 -15.26 116.12 7.35
C GLY B 101 -14.27 115.00 7.09
N SER B 102 -13.31 115.23 6.20
CA SER B 102 -12.29 114.20 5.86
C SER B 102 -11.35 113.92 7.04
N ARG B 103 -10.89 114.96 7.74
CA ARG B 103 -9.84 114.72 8.78
C ARG B 103 -10.35 115.04 10.19
N LEU B 104 -10.88 116.23 10.43
CA LEU B 104 -11.27 116.62 11.81
C LEU B 104 -12.71 117.11 11.83
N ASN B 105 -13.47 116.69 12.86
CA ASN B 105 -14.89 117.10 12.97
C ASN B 105 -15.15 117.66 14.36
N PHE B 106 -16.00 118.68 14.45
CA PHE B 106 -16.41 119.21 15.76
C PHE B 106 -17.93 119.33 15.77
N ILE B 107 -18.62 118.34 16.35
CA ILE B 107 -20.10 118.43 16.45
C ILE B 107 -20.43 119.31 17.64
N VAL B 108 -21.27 120.33 17.44
CA VAL B 108 -21.57 121.30 18.53
C VAL B 108 -22.98 121.02 19.07
N GLY B 109 -23.45 119.78 18.92
CA GLY B 109 -24.77 119.43 19.50
C GLY B 109 -24.77 119.58 21.00
N ASN B 110 -25.79 120.24 21.55
CA ASN B 110 -25.86 120.48 23.01
C ASN B 110 -26.16 119.17 23.75
N ASN B 111 -25.73 119.08 25.01
CA ASN B 111 -26.00 117.88 25.83
C ASN B 111 -27.51 117.77 26.08
N GLY B 112 -28.04 116.54 26.11
CA GLY B 112 -29.48 116.33 26.36
C GLY B 112 -30.32 116.40 25.09
N SER B 113 -29.68 116.58 23.93
CA SER B 113 -30.41 116.64 22.63
C SER B 113 -29.94 115.49 21.75
N GLY B 114 -29.75 114.29 22.33
CA GLY B 114 -29.21 113.14 21.55
C GLY B 114 -27.77 113.42 21.15
N LYS B 115 -26.98 114.01 22.06
CA LYS B 115 -25.57 114.35 21.76
C LYS B 115 -24.77 113.07 21.49
N SER B 116 -25.00 112.01 22.28
CA SER B 116 -24.23 110.74 22.14
C SER B 116 -24.85 109.83 21.07
N ALA B 117 -25.97 110.24 20.47
CA ALA B 117 -26.65 109.37 19.48
C ALA B 117 -25.75 109.13 18.27
N ILE B 118 -25.02 110.14 17.80
CA ILE B 118 -24.19 109.98 16.57
C ILE B 118 -23.11 108.93 16.82
N LEU B 119 -22.41 109.02 17.95
CA LEU B 119 -21.31 108.07 18.24
C LEU B 119 -21.90 106.65 18.36
N THR B 120 -23.04 106.53 19.05
CA THR B 120 -23.66 105.20 19.24
C THR B 120 -24.06 104.63 17.87
N ALA B 121 -24.65 105.46 17.02
CA ALA B 121 -25.09 104.99 15.70
C ALA B 121 -23.88 104.55 14.88
N ILE B 122 -22.80 105.32 14.94
CA ILE B 122 -21.59 104.97 14.14
C ILE B 122 -21.04 103.64 14.65
N THR B 123 -20.99 103.47 15.97
CA THR B 123 -20.43 102.23 16.54
C THR B 123 -21.31 101.04 16.13
N ILE B 124 -22.63 101.22 16.21
CA ILE B 124 -23.55 100.12 15.85
C ILE B 124 -23.41 99.80 14.35
N GLY B 125 -23.36 100.82 13.50
CA GLY B 125 -23.28 100.60 12.04
C GLY B 125 -21.97 99.93 11.64
N LEU B 126 -20.85 100.39 12.21
CA LEU B 126 -19.53 99.80 11.86
C LEU B 126 -19.44 98.38 12.43
N GLY B 127 -20.20 98.08 13.50
CA GLY B 127 -20.21 96.73 14.08
C GLY B 127 -19.43 96.68 15.38
N ALA B 128 -20.14 96.69 16.51
CA ALA B 128 -19.48 96.61 17.84
C ALA B 128 -20.39 95.85 18.81
N LYS B 129 -19.80 95.26 19.86
CA LYS B 129 -20.62 94.55 20.88
C LYS B 129 -21.52 95.56 21.62
N ALA B 130 -22.75 95.15 21.94
CA ALA B 130 -23.69 96.04 22.67
C ALA B 130 -23.13 96.38 24.05
N SER B 131 -22.56 95.39 24.75
CA SER B 131 -21.99 95.63 26.10
C SER B 131 -20.83 96.62 26.01
N GLU B 132 -20.00 96.52 24.95
CA GLU B 132 -18.82 97.41 24.82
C GLU B 132 -19.29 98.86 24.69
N THR B 133 -20.34 99.11 23.90
CA THR B 133 -20.81 100.50 23.66
C THR B 133 -21.30 101.11 24.98
N ASN B 134 -22.03 100.34 25.78
CA ASN B 134 -22.59 100.86 27.06
C ASN B 134 -23.50 102.05 26.78
N ARG B 135 -24.21 102.03 25.64
CA ARG B 135 -25.20 103.11 25.34
C ARG B 135 -26.57 102.45 25.17
N GLY B 136 -27.45 102.62 26.16
CA GLY B 136 -28.79 102.00 26.11
C GLY B 136 -28.81 100.65 26.82
N SER B 137 -29.95 100.29 27.42
CA SER B 137 -30.09 98.97 28.07
C SER B 137 -30.01 97.86 27.01
N SER B 138 -30.66 98.06 25.86
CA SER B 138 -30.69 97.02 24.81
C SER B 138 -30.84 97.68 23.44
N LEU B 139 -30.62 96.90 22.38
CA LEU B 139 -30.75 97.43 20.98
C LEU B 139 -32.20 97.85 20.73
N LYS B 140 -33.16 97.19 21.37
CA LYS B 140 -34.59 97.54 21.21
C LYS B 140 -34.84 98.97 21.71
N ASP B 141 -34.20 99.36 22.82
CA ASP B 141 -34.37 100.73 23.39
C ASP B 141 -33.80 101.79 22.43
N LEU B 142 -32.79 101.45 21.63
CA LEU B 142 -32.18 102.43 20.68
C LEU B 142 -33.23 102.89 19.66
N ILE B 143 -34.15 102.00 19.28
CA ILE B 143 -35.24 102.39 18.34
C ILE B 143 -36.09 103.50 18.97
N ARG B 144 -36.55 104.44 18.14
CA ARG B 144 -37.40 105.56 18.65
C ARG B 144 -38.71 105.01 19.21
N GLU B 145 -39.19 105.59 20.30
CA GLU B 145 -40.44 105.11 20.94
C GLU B 145 -41.62 105.36 19.99
N GLY B 146 -42.53 104.38 19.89
CA GLY B 146 -43.70 104.50 19.00
C GLY B 146 -43.40 104.02 17.59
N CYS B 147 -42.14 103.70 17.28
CA CYS B 147 -41.75 103.17 15.93
C CYS B 147 -41.14 101.77 16.09
N TYR B 148 -41.62 100.80 15.28
CA TYR B 148 -41.09 99.41 15.35
C TYR B 148 -39.67 99.30 14.76
N SER B 149 -39.29 100.13 13.77
CA SER B 149 -37.97 99.95 13.09
C SER B 149 -37.11 101.21 13.08
N ALA B 150 -35.78 101.05 13.15
CA ALA B 150 -34.84 102.19 13.06
C ALA B 150 -33.78 101.87 12.00
N LYS B 151 -33.38 102.87 11.21
CA LYS B 151 -32.39 102.63 10.13
C LYS B 151 -31.14 103.48 10.36
N ILE B 152 -29.96 102.87 10.26
CA ILE B 152 -28.68 103.63 10.38
C ILE B 152 -27.91 103.44 9.08
N ILE B 153 -27.59 104.54 8.37
CA ILE B 153 -26.90 104.42 7.05
C ILE B 153 -25.58 105.20 7.10
N LEU B 154 -24.48 104.57 6.69
CA LEU B 154 -23.14 105.23 6.68
C LEU B 154 -22.60 105.17 5.25
N HIS B 155 -21.94 106.25 4.83
CA HIS B 155 -21.36 106.30 3.46
C HIS B 155 -19.84 106.36 3.57
N LEU B 156 -19.16 105.21 3.49
CA LEU B 156 -17.67 105.21 3.49
C LEU B 156 -17.16 105.61 2.11
N ASP B 157 -16.05 106.33 2.07
CA ASP B 157 -15.54 106.86 0.76
C ASP B 157 -14.58 105.85 0.13
N ASN B 158 -14.75 105.56 -1.15
CA ASN B 158 -13.82 104.65 -1.88
C ASN B 158 -13.19 105.34 -3.11
N SER B 159 -13.52 106.60 -3.38
CA SER B 159 -13.00 107.28 -4.59
C SER B 159 -11.48 107.42 -4.48
N LYS B 160 -10.98 107.72 -3.28
CA LYS B 160 -9.52 107.96 -3.08
C LYS B 160 -8.73 106.64 -3.00
N TYR B 161 -7.41 106.73 -2.88
CA TYR B 161 -6.54 105.53 -2.84
C TYR B 161 -6.79 104.70 -1.59
N GLY B 162 -6.44 103.41 -1.65
CA GLY B 162 -6.64 102.53 -0.49
C GLY B 162 -8.05 101.97 -0.43
N ALA B 163 -8.82 102.08 -1.52
CA ALA B 163 -10.22 101.60 -1.53
C ALA B 163 -10.27 100.07 -1.48
N TYR B 164 -11.37 99.54 -0.94
CA TYR B 164 -11.56 98.07 -0.92
C TYR B 164 -12.47 97.67 -2.08
N GLN B 165 -11.92 97.00 -3.09
CA GLN B 165 -12.70 96.57 -4.29
C GLN B 165 -13.44 97.78 -4.87
N GLN B 166 -12.69 98.82 -5.26
CA GLN B 166 -13.30 100.06 -5.84
C GLN B 166 -14.04 99.72 -7.13
N GLY B 167 -13.54 98.77 -7.93
CA GLY B 167 -14.26 98.37 -9.16
C GLY B 167 -15.66 97.83 -8.89
N ILE B 168 -15.81 96.93 -7.92
CA ILE B 168 -17.14 96.37 -7.56
C ILE B 168 -18.00 97.36 -6.76
N PHE B 169 -17.44 98.00 -5.72
CA PHE B 169 -18.28 98.86 -4.83
C PHE B 169 -18.41 100.29 -5.36
N GLY B 170 -17.60 100.65 -6.37
CA GLY B 170 -17.62 102.03 -6.88
C GLY B 170 -16.88 102.99 -5.99
N ASN B 171 -17.20 104.28 -6.10
CA ASN B 171 -16.52 105.33 -5.29
C ASN B 171 -17.01 105.37 -3.84
N GLU B 172 -18.16 104.77 -3.53
CA GLU B 172 -18.71 104.83 -2.15
C GLU B 172 -19.24 103.47 -1.71
N ILE B 173 -19.18 103.20 -0.41
CA ILE B 173 -19.79 101.95 0.14
C ILE B 173 -20.85 102.37 1.14
N ILE B 174 -22.07 101.86 0.98
CA ILE B 174 -23.17 102.28 1.88
C ILE B 174 -23.46 101.12 2.83
N VAL B 175 -23.37 101.39 4.12
CA VAL B 175 -23.66 100.34 5.14
C VAL B 175 -25.00 100.70 5.78
N GLU B 176 -25.99 99.82 5.67
CA GLU B 176 -27.32 100.09 6.26
C GLU B 176 -27.65 99.05 7.32
N ARG B 177 -28.01 99.49 8.52
CA ARG B 177 -28.39 98.56 9.61
C ARG B 177 -29.85 98.84 9.97
N ILE B 178 -30.66 97.78 10.03
CA ILE B 178 -32.09 97.96 10.39
C ILE B 178 -32.29 97.26 11.73
N ILE B 179 -32.78 97.99 12.72
CA ILE B 179 -33.06 97.38 14.04
C ILE B 179 -34.58 97.38 14.24
N LYS B 180 -35.14 96.19 14.47
CA LYS B 180 -36.62 96.07 14.63
C LYS B 180 -36.92 95.43 15.98
N ARG B 181 -38.02 95.84 16.61
CA ARG B 181 -38.43 95.23 17.90
C ARG B 181 -38.70 93.75 17.65
N ASP B 182 -39.32 93.47 16.51
CA ASP B 182 -39.64 92.06 16.15
C ASP B 182 -38.75 91.63 14.98
N GLY B 183 -38.09 90.49 15.12
CA GLY B 183 -37.21 89.99 14.05
C GLY B 183 -35.77 90.41 14.27
N PRO B 184 -34.78 89.65 13.76
CA PRO B 184 -33.37 89.97 13.95
C PRO B 184 -33.00 91.24 13.18
N ALA B 185 -31.93 91.91 13.63
CA ALA B 185 -31.48 93.14 12.94
C ALA B 185 -30.99 92.76 11.53
N SER B 186 -31.27 93.61 10.55
CA SER B 186 -30.87 93.32 9.15
C SER B 186 -29.72 94.23 8.73
N PHE B 187 -28.90 93.76 7.80
CA PHE B 187 -27.77 94.58 7.30
C PHE B 187 -27.75 94.56 5.78
N SER B 188 -27.40 95.69 5.17
CA SER B 188 -27.23 95.69 3.70
C SER B 188 -25.94 96.44 3.33
N LEU B 189 -25.04 95.78 2.60
CA LEU B 189 -23.81 96.47 2.11
C LEU B 189 -24.10 97.01 0.70
N ARG B 190 -25.10 97.88 0.57
CA ARG B 190 -25.48 98.36 -0.79
C ARG B 190 -24.45 99.35 -1.34
N SER B 191 -24.35 99.42 -2.67
CA SER B 191 -23.45 100.39 -3.33
C SER B 191 -24.21 101.68 -3.66
N GLU B 192 -23.61 102.57 -4.44
CA GLU B 192 -24.24 103.88 -4.77
C GLU B 192 -25.55 103.65 -5.52
N ASN B 193 -25.58 102.69 -6.46
CA ASN B 193 -26.81 102.42 -7.26
C ASN B 193 -27.87 101.75 -6.39
N GLY B 194 -27.50 101.28 -5.20
CA GLY B 194 -28.47 100.59 -4.31
C GLY B 194 -28.45 99.09 -4.47
N LYS B 195 -27.54 98.53 -5.27
CA LYS B 195 -27.43 97.05 -5.37
C LYS B 195 -26.84 96.51 -4.05
N GLU B 196 -27.54 95.60 -3.39
CA GLU B 196 -27.07 95.11 -2.07
C GLU B 196 -25.99 94.05 -2.34
N ILE B 197 -24.73 94.40 -2.11
CA ILE B 197 -23.63 93.45 -2.42
C ILE B 197 -23.75 92.24 -1.50
N SER B 198 -24.01 92.48 -0.20
CA SER B 198 -24.09 91.36 0.77
C SER B 198 -24.98 91.73 1.95
N ASN B 199 -25.50 90.73 2.67
CA ASN B 199 -26.33 90.98 3.88
C ASN B 199 -25.71 90.31 5.11
N LYS B 200 -24.52 89.70 4.96
CA LYS B 200 -23.88 88.96 6.09
C LYS B 200 -23.04 89.90 6.98
N LYS B 201 -22.62 89.40 8.16
CA LYS B 201 -21.77 90.19 9.09
C LYS B 201 -20.27 90.07 8.76
N LYS B 202 -19.83 88.96 8.15
CA LYS B 202 -18.38 88.73 7.90
C LYS B 202 -17.84 89.79 6.93
N ASP B 203 -18.62 90.15 5.91
CA ASP B 203 -18.16 91.14 4.90
C ASP B 203 -17.90 92.49 5.57
N ILE B 204 -18.78 92.89 6.50
CA ILE B 204 -18.60 94.20 7.18
C ILE B 204 -17.29 94.14 7.97
N GLN B 205 -17.04 93.03 8.66
CA GLN B 205 -15.81 92.90 9.47
C GLN B 205 -14.59 92.96 8.53
N THR B 206 -14.67 92.29 7.38
CA THR B 206 -13.53 92.26 6.43
C THR B 206 -13.25 93.68 5.93
N VAL B 207 -14.31 94.42 5.57
CA VAL B 207 -14.14 95.80 5.06
C VAL B 207 -13.54 96.67 6.17
N VAL B 208 -14.04 96.52 7.39
CA VAL B 208 -13.53 97.35 8.52
C VAL B 208 -12.07 97.01 8.76
N ASP B 209 -11.70 95.73 8.71
CA ASP B 209 -10.30 95.32 8.93
C ASP B 209 -9.40 95.89 7.83
N TYR B 210 -9.89 95.87 6.58
CA TYR B 210 -9.10 96.44 5.47
C TYR B 210 -8.93 97.94 5.69
N PHE B 211 -9.99 98.60 6.15
CA PHE B 211 -9.93 100.07 6.41
C PHE B 211 -9.19 100.35 7.72
N SER B 212 -8.86 99.30 8.49
CA SER B 212 -8.13 99.47 9.78
C SER B 212 -8.91 100.36 10.76
N VAL B 213 -10.17 100.00 11.00
CA VAL B 213 -10.97 100.74 12.02
C VAL B 213 -11.10 99.85 13.25
N PRO B 214 -10.41 100.13 14.37
CA PRO B 214 -10.49 99.28 15.55
C PRO B 214 -11.83 99.49 16.29
N VAL B 215 -12.91 98.99 15.70
CA VAL B 215 -14.26 99.07 16.34
C VAL B 215 -14.25 98.22 17.61
N SER B 216 -13.55 97.07 17.58
CA SER B 216 -13.46 96.17 18.77
C SER B 216 -12.78 96.91 19.93
N ASN B 217 -11.82 97.79 19.63
CA ASN B 217 -11.15 98.56 20.70
C ASN B 217 -12.09 99.66 21.18
N PRO B 218 -12.47 99.68 22.48
CA PRO B 218 -13.33 100.73 23.03
C PRO B 218 -12.67 102.11 23.08
N MET B 219 -11.34 102.17 23.16
CA MET B 219 -10.62 103.47 23.28
C MET B 219 -10.74 104.31 21.99
N CYS B 220 -10.77 103.68 20.82
CA CYS B 220 -10.83 104.44 19.55
C CYS B 220 -12.15 105.22 19.52
N PHE B 221 -13.23 104.62 20.00
CA PHE B 221 -14.52 105.37 20.10
C PHE B 221 -14.78 105.61 21.58
N LEU B 222 -14.36 106.77 22.10
CA LEU B 222 -14.47 106.99 23.56
C LEU B 222 -15.84 107.53 23.91
N SER B 223 -16.53 106.87 24.85
CA SER B 223 -17.83 107.39 25.35
C SER B 223 -17.54 108.42 26.44
N GLN B 224 -18.58 109.03 27.01
CA GLN B 224 -18.36 110.02 28.11
C GLN B 224 -17.72 109.34 29.32
N ASP B 225 -18.22 108.17 29.72
CA ASP B 225 -17.68 107.48 30.94
C ASP B 225 -16.22 107.07 30.71
N ALA B 226 -15.90 106.53 29.53
CA ALA B 226 -14.52 106.08 29.24
C ALA B 226 -13.57 107.28 29.23
N ALA B 227 -14.00 108.39 28.62
CA ALA B 227 -13.16 109.60 28.57
C ALA B 227 -12.95 110.12 30.00
N ARG B 228 -14.01 110.14 30.81
CA ARG B 228 -13.88 110.62 32.20
C ARG B 228 -12.90 109.73 32.96
N SER B 229 -13.03 108.41 32.78
CA SER B 229 -12.14 107.47 33.52
C SER B 229 -10.69 107.68 33.10
N PHE B 230 -10.45 107.84 31.79
CA PHE B 230 -9.05 107.98 31.30
C PHE B 230 -8.45 109.33 31.70
N LEU B 231 -9.19 110.42 31.51
CA LEU B 231 -8.64 111.78 31.77
C LEU B 231 -8.42 112.04 33.27
N THR B 232 -9.23 111.42 34.13
CA THR B 232 -9.13 111.72 35.59
C THR B 232 -8.10 110.83 36.28
N ALA B 233 -7.43 109.93 35.55
CA ALA B 233 -6.47 108.99 36.19
C ALA B 233 -5.36 109.79 36.89
N SER B 234 -5.06 109.44 38.14
CA SER B 234 -4.02 110.16 38.91
C SER B 234 -2.84 109.23 39.21
N THR B 235 -3.12 108.01 39.64
CA THR B 235 -2.02 107.07 40.01
C THR B 235 -1.24 106.67 38.76
N SER B 236 0.08 106.52 38.89
CA SER B 236 0.91 106.09 37.75
C SER B 236 0.48 104.69 37.29
N GLN B 237 0.10 103.83 38.24
CA GLN B 237 -0.37 102.47 37.90
C GLN B 237 -1.65 102.58 37.06
N ASP B 238 -2.54 103.51 37.42
CA ASP B 238 -3.79 103.69 36.64
C ASP B 238 -3.45 104.13 35.21
N LYS B 239 -2.51 105.07 35.07
CA LYS B 239 -2.12 105.54 33.72
C LYS B 239 -1.52 104.38 32.93
N TYR B 240 -0.67 103.58 33.57
CA TYR B 240 -0.04 102.43 32.88
C TYR B 240 -1.13 101.44 32.45
N SER B 241 -2.08 101.16 33.34
CA SER B 241 -3.15 100.18 33.02
C SER B 241 -3.98 100.70 31.86
N HIS B 242 -4.33 101.99 31.88
CA HIS B 242 -5.17 102.56 30.80
C HIS B 242 -4.39 102.49 29.49
N PHE B 243 -3.10 102.83 29.53
CA PHE B 243 -2.29 102.82 28.29
C PHE B 243 -2.21 101.40 27.73
N MET B 244 -1.95 100.43 28.62
CA MET B 244 -1.80 99.03 28.16
C MET B 244 -3.14 98.52 27.60
N LYS B 245 -4.25 98.83 28.26
CA LYS B 245 -5.58 98.36 27.81
C LYS B 245 -5.93 99.00 26.46
N GLY B 246 -5.67 100.31 26.34
CA GLY B 246 -6.02 101.03 25.10
C GLY B 246 -5.20 100.54 23.92
N THR B 247 -3.93 100.22 24.14
CA THR B 247 -3.04 99.82 23.02
C THR B 247 -3.20 98.33 22.72
N LEU B 248 -4.11 97.64 23.42
CA LEU B 248 -4.36 96.19 23.21
C LEU B 248 -3.10 95.40 23.56
N LEU B 249 -2.28 95.92 24.48
CA LEU B 249 -1.10 95.16 24.94
C LEU B 249 -1.45 94.37 26.22
N GLN B 250 -2.45 94.82 26.97
CA GLN B 250 -2.82 94.12 28.23
C GLN B 250 -3.31 92.70 27.92
N GLU B 251 -4.13 92.57 26.87
CA GLU B 251 -4.67 91.24 26.50
C GLU B 251 -3.52 90.32 26.08
N ILE B 252 -2.55 90.85 25.33
CA ILE B 252 -1.39 90.02 24.91
C ILE B 252 -0.62 89.58 26.15
N THR B 253 -0.43 90.50 27.11
CA THR B 253 0.30 90.15 28.36
C THR B 253 -0.49 89.08 29.13
N GLU B 254 -1.81 89.23 29.21
CA GLU B 254 -2.63 88.24 29.95
C GLU B 254 -2.54 86.88 29.25
N ASN B 255 -2.61 86.86 27.93
CA ASN B 255 -2.50 85.58 27.17
C ASN B 255 -1.13 84.97 27.40
N LEU B 256 -0.08 85.79 27.35
CA LEU B 256 1.30 85.28 27.57
C LEU B 256 1.44 84.75 29.00
N LEU B 257 0.89 85.46 29.99
CA LEU B 257 0.98 85.02 31.40
C LEU B 257 0.22 83.70 31.57
N TYR B 258 -0.97 83.59 30.96
CA TYR B 258 -1.77 82.34 31.07
C TYR B 258 -1.00 81.19 30.42
N ALA B 259 -0.41 81.45 29.24
CA ALA B 259 0.37 80.40 28.55
C ALA B 259 1.59 80.03 29.38
N SER B 260 2.25 81.01 29.99
CA SER B 260 3.44 80.74 30.84
C SER B 260 3.03 79.90 32.05
N ALA B 261 1.90 80.23 32.68
CA ALA B 261 1.41 79.45 33.84
C ALA B 261 1.09 78.03 33.38
N ILE B 262 0.44 77.89 32.22
CA ILE B 262 0.11 76.54 31.69
C ILE B 262 1.43 75.79 31.41
N HIS B 263 2.42 76.49 30.86
CA HIS B 263 3.72 75.84 30.57
C HIS B 263 4.39 75.37 31.86
N ASP B 264 4.36 76.21 32.90
CA ASP B 264 5.00 75.84 34.19
C ASP B 264 4.27 74.63 34.79
N SER B 265 2.93 74.66 34.77
CA SER B 265 2.14 73.51 35.30
C SER B 265 2.43 72.27 34.46
N ALA B 266 2.50 72.42 33.14
CA ALA B 266 2.78 71.27 32.24
C ALA B 266 4.19 70.74 32.51
N GLN B 267 5.17 71.62 32.75
CA GLN B 267 6.55 71.17 33.08
C GLN B 267 6.56 70.41 34.40
N GLU B 268 5.84 70.92 35.41
CA GLU B 268 5.78 70.20 36.71
C GLU B 268 5.10 68.83 36.51
N ASN B 269 4.00 68.79 35.76
CA ASN B 269 3.30 67.52 35.49
C ASN B 269 4.21 66.61 34.65
N MET B 270 4.98 67.19 33.73
CA MET B 270 5.92 66.40 32.89
C MET B 270 7.00 65.79 33.80
N ALA B 271 7.50 66.56 34.77
CA ALA B 271 8.49 66.00 35.73
C ALA B 271 7.84 64.87 36.53
N LEU B 272 6.59 65.08 37.00
CA LEU B 272 5.89 64.03 37.76
C LEU B 272 5.69 62.81 36.87
N HIS B 273 5.31 63.03 35.61
CA HIS B 273 5.10 61.90 34.65
C HIS B 273 6.43 61.21 34.36
N LEU B 274 7.53 61.96 34.26
CA LEU B 274 8.86 61.32 34.06
C LEU B 274 9.20 60.46 35.27
N GLU B 275 8.95 60.96 36.48
CA GLU B 275 9.19 60.13 37.70
C GLU B 275 8.30 58.90 37.68
N ASN B 276 7.02 59.09 37.32
CA ASN B 276 6.07 57.95 37.26
C ASN B 276 6.51 56.97 36.16
N LEU B 277 6.95 57.49 35.01
CA LEU B 277 7.41 56.61 33.90
C LEU B 277 8.67 55.86 34.34
N LYS B 278 9.58 56.51 35.05
CA LYS B 278 10.77 55.80 35.56
C LYS B 278 10.36 54.73 36.57
N SER B 279 9.41 55.03 37.46
CA SER B 279 8.91 54.01 38.41
C SER B 279 8.24 52.87 37.63
N LEU B 280 7.44 53.20 36.62
CA LEU B 280 6.79 52.16 35.79
C LEU B 280 7.87 51.37 35.05
N LYS B 281 8.91 52.04 34.54
CA LYS B 281 10.02 51.35 33.83
C LYS B 281 10.72 50.41 34.79
N ALA B 282 10.96 50.83 36.04
CA ALA B 282 11.57 49.94 37.05
C ALA B 282 10.63 48.76 37.31
N GLU B 283 9.32 49.01 37.45
CA GLU B 283 8.34 47.91 37.68
C GLU B 283 8.34 46.97 36.47
N TYR B 284 8.39 47.53 35.26
CA TYR B 284 8.41 46.70 34.03
C TYR B 284 9.75 45.97 33.90
N GLU B 285 10.85 46.57 34.36
CA GLU B 285 12.15 45.84 34.39
C GLU B 285 12.02 44.67 35.35
N ASP B 286 11.37 44.88 36.50
CA ASP B 286 11.13 43.76 37.44
C ASP B 286 10.21 42.74 36.74
N ALA B 287 9.20 43.21 36.01
CA ALA B 287 8.30 42.30 35.27
C ALA B 287 9.10 41.55 34.20
N LYS B 288 10.07 42.21 33.54
CA LYS B 288 10.94 41.53 32.54
C LYS B 288 11.83 40.49 33.24
N LYS B 289 12.32 40.79 34.44
CA LYS B 289 13.09 39.76 35.20
C LYS B 289 12.13 38.61 35.52
N LEU B 290 10.90 38.93 35.91
CA LEU B 290 9.89 37.86 36.17
C LEU B 290 9.63 37.12 34.85
N LEU B 291 9.61 37.83 33.73
CA LEU B 291 9.42 37.17 32.41
C LEU B 291 10.62 36.27 32.11
N ARG B 292 11.85 36.69 32.44
CA ARG B 292 13.02 35.81 32.26
C ARG B 292 12.85 34.57 33.16
N GLU B 293 12.36 34.76 34.38
CA GLU B 293 12.07 33.61 35.26
C GLU B 293 10.96 32.78 34.60
N LEU B 294 9.98 33.44 33.98
CA LEU B 294 8.90 32.71 33.26
C LEU B 294 9.53 31.93 32.11
N ASN B 295 10.52 32.51 31.41
CA ASN B 295 11.20 31.77 30.31
C ASN B 295 11.93 30.55 30.88
N GLN B 296 12.60 30.73 32.02
CA GLN B 296 13.32 29.58 32.65
C GLN B 296 12.30 28.51 33.03
N THR B 297 11.17 28.91 33.62
CA THR B 297 10.10 27.94 33.97
C THR B 297 9.48 27.38 32.69
N SER B 298 9.29 28.23 31.67
CA SER B 298 8.63 27.80 30.41
C SER B 298 9.51 26.78 29.68
N ASP B 299 10.82 26.81 29.86
CA ASP B 299 11.65 25.75 29.22
C ASP B 299 11.18 24.40 29.77
N LEU B 300 11.03 24.29 31.08
CA LEU B 300 10.50 23.04 31.69
C LEU B 300 9.03 22.85 31.27
N ASN B 301 8.27 23.95 31.18
CA ASN B 301 6.84 23.84 30.82
C ASN B 301 6.70 23.27 29.41
N GLU B 302 7.50 23.77 28.47
CA GLU B 302 7.47 23.25 27.08
C GLU B 302 8.02 21.82 27.07
N ARG B 303 8.99 21.53 27.94
CA ARG B 303 9.48 20.14 28.04
C ARG B 303 8.32 19.26 28.50
N LYS B 304 7.56 19.72 29.49
CA LYS B 304 6.38 18.95 29.96
C LYS B 304 5.34 18.88 28.84
N MET B 305 5.16 19.97 28.09
CA MET B 305 4.19 19.98 26.96
C MET B 305 4.64 18.93 25.94
N LEU B 306 5.94 18.89 25.64
CA LEU B 306 6.47 17.89 24.68
C LEU B 306 6.27 16.48 25.26
N LEU B 307 6.51 16.30 26.56
CA LEU B 307 6.33 14.95 27.19
C LEU B 307 4.85 14.55 27.10
N GLN B 308 3.93 15.47 27.39
CA GLN B 308 2.47 15.16 27.31
C GLN B 308 2.08 14.90 25.86
N ALA B 309 2.60 15.71 24.92
CA ALA B 309 2.31 15.47 23.49
C ALA B 309 2.89 14.12 23.07
N LYS B 310 4.08 13.76 23.58
CA LYS B 310 4.68 12.44 23.28
C LYS B 310 3.79 11.33 23.86
N SER B 311 3.28 11.54 25.07
CA SER B 311 2.35 10.56 25.68
C SER B 311 1.10 10.42 24.81
N LEU B 312 0.55 11.55 24.36
CA LEU B 312 -0.67 11.50 23.49
C LEU B 312 -0.31 10.81 22.17
N TRP B 313 0.86 11.11 21.60
CA TRP B 313 1.30 10.47 20.32
C TRP B 313 1.47 8.97 20.53
N ILE B 314 2.07 8.56 21.65
CA ILE B 314 2.23 7.11 21.95
C ILE B 314 0.85 6.49 22.16
N ASP B 315 -0.07 7.20 22.81
CA ASP B 315 -1.46 6.68 22.94
C ASP B 315 -2.04 6.50 21.54
N VAL B 316 -1.85 7.49 20.67
CA VAL B 316 -2.35 7.39 19.26
C VAL B 316 -1.66 6.20 18.58
N ALA B 317 -0.36 6.03 18.78
CA ALA B 317 0.38 4.89 18.17
C ALA B 317 -0.17 3.58 18.71
N HIS B 318 -0.46 3.50 20.02
CA HIS B 318 -1.03 2.27 20.61
C HIS B 318 -2.40 2.00 19.97
N ASN B 319 -3.20 3.04 19.83
CA ASN B 319 -4.53 2.88 19.20
C ASN B 319 -4.34 2.41 17.75
N THR B 320 -3.40 3.03 17.03
CA THR B 320 -3.18 2.67 15.60
C THR B 320 -2.67 1.24 15.47
N ASP B 321 -1.72 0.82 16.31
CA ASP B 321 -1.19 -0.57 16.23
C ASP B 321 -2.29 -1.55 16.61
N ALA B 322 -3.10 -1.21 17.62
CA ALA B 322 -4.22 -2.10 17.99
C ALA B 322 -5.22 -2.14 16.84
N CYS B 323 -5.46 -1.00 16.18
CA CYS B 323 -6.36 -0.97 14.99
C CYS B 323 -5.75 -1.85 13.88
N LYS B 324 -4.43 -1.78 13.70
CA LYS B 324 -3.75 -2.64 12.69
C LYS B 324 -3.90 -4.11 13.09
N ASN B 325 -3.76 -4.43 14.38
CA ASN B 325 -3.95 -5.82 14.85
C ASN B 325 -5.39 -6.25 14.61
N LEU B 326 -6.35 -5.37 14.90
CA LEU B 326 -7.78 -5.68 14.63
C LEU B 326 -7.98 -5.87 13.12
N GLU B 327 -7.32 -5.04 12.30
CA GLU B 327 -7.42 -5.19 10.83
C GLU B 327 -6.83 -6.52 10.40
N ASN B 328 -5.70 -6.93 11.00
CA ASN B 328 -5.12 -8.25 10.69
C ASN B 328 -6.09 -9.36 11.12
N GLU B 329 -6.68 -9.22 12.30
CA GLU B 329 -7.63 -10.25 12.80
C GLU B 329 -8.86 -10.31 11.89
N ILE B 330 -9.41 -9.15 11.52
CA ILE B 330 -10.59 -9.12 10.61
C ILE B 330 -10.17 -9.65 9.23
N SER B 331 -8.94 -9.37 8.78
CA SER B 331 -8.44 -9.91 7.50
C SER B 331 -8.37 -11.44 7.59
N GLY B 332 -7.88 -11.97 8.71
CA GLY B 332 -7.84 -13.43 8.89
C GLY B 332 -9.24 -14.00 8.93
N ILE B 333 -10.16 -13.32 9.64
CA ILE B 333 -11.57 -13.78 9.71
C ILE B 333 -12.19 -13.70 8.31
N GLN B 334 -11.89 -12.63 7.55
CA GLN B 334 -12.40 -12.47 6.17
C GLN B 334 -11.81 -13.57 5.29
N GLN B 335 -10.54 -13.92 5.48
CA GLN B 335 -9.93 -15.03 4.70
C GLN B 335 -10.65 -16.33 5.06
N LYS B 336 -10.96 -16.55 6.34
CA LYS B 336 -11.72 -17.76 6.74
C LYS B 336 -13.11 -17.70 6.11
N VAL B 337 -13.73 -16.51 6.08
CA VAL B 337 -15.07 -16.35 5.46
C VAL B 337 -14.96 -16.65 3.96
N ASP B 338 -13.88 -16.19 3.32
CA ASP B 338 -13.67 -16.49 1.88
C ASP B 338 -13.48 -18.00 1.69
N GLU B 339 -12.76 -18.65 2.60
CA GLU B 339 -12.59 -20.13 2.52
C GLU B 339 -13.97 -20.79 2.67
N VAL B 340 -14.78 -20.32 3.61
CA VAL B 340 -16.15 -20.87 3.77
C VAL B 340 -16.96 -20.58 2.50
N THR B 341 -16.81 -19.37 1.96
CA THR B 341 -17.58 -18.98 0.74
C THR B 341 -17.18 -19.85 -0.44
N GLU B 342 -15.88 -20.08 -0.63
CA GLU B 342 -15.42 -20.96 -1.75
C GLU B 342 -15.88 -22.39 -1.48
N LYS B 343 -15.88 -22.83 -0.22
CA LYS B 343 -16.38 -24.18 0.11
C LYS B 343 -17.87 -24.25 -0.25
N ILE B 344 -18.63 -23.21 0.11
CA ILE B 344 -20.07 -23.19 -0.28
C ILE B 344 -20.17 -23.16 -1.80
N ARG B 345 -19.31 -22.38 -2.47
CA ARG B 345 -19.40 -22.24 -3.94
C ARG B 345 -19.16 -23.60 -4.62
N ASN B 346 -18.09 -24.30 -4.20
CA ASN B 346 -17.83 -25.63 -4.81
C ASN B 346 -18.95 -26.60 -4.41
N ARG B 347 -19.43 -26.51 -3.17
CA ARG B 347 -20.48 -27.45 -2.71
C ARG B 347 -21.74 -27.22 -3.54
N GLN B 348 -22.13 -25.95 -3.76
CA GLN B 348 -23.34 -25.64 -4.57
C GLN B 348 -23.11 -26.02 -6.03
N GLU B 349 -21.89 -25.83 -6.55
CA GLU B 349 -21.60 -26.25 -7.94
C GLU B 349 -21.74 -27.77 -8.02
N LYS B 350 -21.22 -28.48 -7.02
CA LYS B 350 -21.37 -29.96 -6.98
C LYS B 350 -22.84 -30.31 -6.87
N ILE B 351 -23.60 -29.57 -6.05
CA ILE B 351 -25.05 -29.83 -5.88
C ILE B 351 -25.76 -29.62 -7.22
N GLU B 352 -25.45 -28.54 -7.93
CA GLU B 352 -26.09 -28.27 -9.25
C GLU B 352 -25.71 -29.39 -10.23
N ARG B 353 -24.44 -29.78 -10.24
CA ARG B 353 -24.00 -30.84 -11.16
C ARG B 353 -24.72 -32.14 -10.78
N TYR B 354 -24.83 -32.38 -9.48
CA TYR B 354 -25.52 -33.61 -9.02
C TYR B 354 -27.01 -33.55 -9.39
N THR B 355 -27.63 -32.37 -9.27
CA THR B 355 -29.06 -32.23 -9.64
C THR B 355 -29.25 -32.47 -11.14
N SER B 356 -28.36 -31.91 -11.97
CA SER B 356 -28.45 -32.11 -13.43
C SER B 356 -28.27 -33.60 -13.73
N ASP B 357 -27.30 -34.23 -13.07
CA ASP B 357 -27.06 -35.68 -13.27
C ASP B 357 -28.29 -36.45 -12.80
N GLY B 358 -28.92 -36.03 -11.70
CA GLY B 358 -30.11 -36.71 -11.18
C GLY B 358 -31.28 -36.62 -12.16
N THR B 359 -31.47 -35.45 -12.77
CA THR B 359 -32.56 -35.29 -13.77
C THR B 359 -32.27 -36.19 -14.97
N THR B 360 -31.03 -36.18 -15.46
CA THR B 360 -30.66 -37.03 -16.62
C THR B 360 -30.80 -38.50 -16.24
N ILE B 361 -30.37 -38.84 -15.03
CA ILE B 361 -30.44 -40.26 -14.56
C ILE B 361 -31.91 -40.69 -14.42
N GLU B 362 -32.78 -39.77 -14.00
CA GLU B 362 -34.22 -40.11 -13.87
C GLU B 362 -34.78 -40.41 -15.26
N ALA B 363 -34.42 -39.58 -16.25
CA ALA B 363 -34.88 -39.83 -17.62
C ALA B 363 -34.32 -41.16 -18.12
N GLN B 364 -33.02 -41.41 -17.86
CA GLN B 364 -32.36 -42.65 -18.34
C GLN B 364 -32.93 -43.87 -17.59
N ILE B 365 -33.26 -43.72 -16.30
CA ILE B 365 -33.83 -44.86 -15.52
C ILE B 365 -35.24 -45.15 -16.00
N ASP B 366 -36.01 -44.11 -16.38
CA ASP B 366 -37.34 -44.39 -16.98
C ASP B 366 -37.12 -45.14 -18.27
N ALA B 367 -36.12 -44.73 -19.05
CA ALA B 367 -35.78 -45.44 -20.32
C ALA B 367 -35.36 -46.86 -19.98
N LYS B 368 -34.57 -47.05 -18.92
CA LYS B 368 -34.13 -48.40 -18.50
C LYS B 368 -35.32 -49.22 -18.02
N VAL B 369 -36.28 -48.60 -17.33
CA VAL B 369 -37.49 -49.33 -16.88
C VAL B 369 -38.24 -49.82 -18.12
N ILE B 370 -38.38 -48.96 -19.14
CA ILE B 370 -39.03 -49.40 -20.40
C ILE B 370 -38.17 -50.50 -21.02
N TYR B 371 -36.85 -50.35 -20.99
CA TYR B 371 -35.94 -51.36 -21.60
C TYR B 371 -36.10 -52.70 -20.90
N VAL B 372 -36.12 -52.69 -19.56
CA VAL B 372 -36.25 -53.97 -18.81
C VAL B 372 -37.65 -54.54 -19.02
N ASN B 373 -38.67 -53.68 -19.11
CA ASN B 373 -40.04 -54.19 -19.38
C ASN B 373 -40.10 -54.87 -20.74
N GLU B 374 -39.52 -54.24 -21.77
CA GLU B 374 -39.51 -54.87 -23.12
C GLU B 374 -38.63 -56.13 -23.10
N LYS B 375 -37.52 -56.10 -22.35
CA LYS B 375 -36.66 -57.31 -22.24
C LYS B 375 -37.44 -58.41 -21.53
N ASP B 376 -38.21 -58.06 -20.49
CA ASP B 376 -39.03 -59.05 -19.77
C ASP B 376 -40.08 -59.62 -20.74
N SER B 377 -40.69 -58.76 -21.54
CA SER B 377 -41.70 -59.22 -22.54
C SER B 377 -41.02 -60.17 -23.54
N GLU B 378 -39.82 -59.81 -24.00
CA GLU B 378 -39.07 -60.68 -24.94
C GLU B 378 -38.72 -61.99 -24.23
N HIS B 379 -38.34 -61.92 -22.95
CA HIS B 379 -38.02 -63.14 -22.17
C HIS B 379 -39.26 -64.02 -22.05
N GLN B 380 -40.42 -63.41 -21.80
CA GLN B 380 -41.68 -64.19 -21.73
C GLN B 380 -41.96 -64.82 -23.09
N ASN B 381 -41.76 -64.06 -24.17
CA ASN B 381 -41.99 -64.62 -25.53
C ASN B 381 -41.01 -65.77 -25.79
N ALA B 382 -39.73 -65.59 -25.43
CA ALA B 382 -38.73 -66.65 -25.64
C ALA B 382 -39.09 -67.87 -24.79
N ARG B 383 -39.49 -67.64 -23.55
CA ARG B 383 -39.80 -68.77 -22.64
C ARG B 383 -41.04 -69.51 -23.15
N GLU B 384 -42.06 -68.78 -23.63
CA GLU B 384 -43.27 -69.44 -24.18
C GLU B 384 -42.91 -70.20 -25.48
N LEU B 385 -42.06 -69.62 -26.32
CA LEU B 385 -41.62 -70.33 -27.54
C LEU B 385 -40.85 -71.59 -27.14
N LEU B 386 -39.94 -71.47 -26.16
CA LEU B 386 -39.21 -72.65 -25.68
C LEU B 386 -40.20 -73.65 -25.09
N ARG B 387 -41.17 -73.14 -24.33
CA ARG B 387 -42.12 -74.06 -23.67
C ARG B 387 -42.90 -74.83 -24.74
N ASP B 388 -43.40 -74.13 -25.75
CA ASP B 388 -44.23 -74.82 -26.78
C ASP B 388 -43.33 -75.79 -27.56
N VAL B 389 -42.12 -75.38 -27.93
CA VAL B 389 -41.27 -76.27 -28.76
C VAL B 389 -40.86 -77.49 -27.91
N LYS B 390 -40.56 -77.27 -26.62
CA LYS B 390 -40.20 -78.39 -25.72
C LYS B 390 -41.41 -79.29 -25.50
N SER B 391 -42.60 -78.70 -25.35
CA SER B 391 -43.83 -79.52 -25.21
C SER B 391 -44.04 -80.32 -26.49
N ARG B 392 -43.84 -79.70 -27.64
CA ARG B 392 -43.99 -80.41 -28.94
C ARG B 392 -42.96 -81.53 -29.00
N PHE B 393 -41.71 -81.25 -28.62
CA PHE B 393 -40.64 -82.28 -28.64
C PHE B 393 -41.01 -83.41 -27.68
N GLU B 394 -41.49 -83.06 -26.48
CA GLU B 394 -41.86 -84.08 -25.47
C GLU B 394 -43.09 -84.87 -25.95
N LYS B 395 -44.06 -84.19 -26.57
CA LYS B 395 -45.22 -84.92 -27.14
C LYS B 395 -44.76 -85.84 -28.26
N GLU B 396 -43.84 -85.36 -29.12
CA GLU B 396 -43.30 -86.22 -30.19
C GLU B 396 -42.52 -87.39 -29.58
N LYS B 397 -41.74 -87.13 -28.53
CA LYS B 397 -40.98 -88.22 -27.84
C LYS B 397 -41.96 -89.19 -27.18
N SER B 398 -43.03 -88.67 -26.56
CA SER B 398 -44.06 -89.54 -25.96
C SER B 398 -44.73 -90.36 -27.06
N ASN B 399 -45.01 -89.73 -28.21
CA ASN B 399 -45.59 -90.48 -29.36
C ASN B 399 -44.60 -91.53 -29.85
N GLN B 400 -43.30 -91.18 -29.90
CA GLN B 400 -42.27 -92.17 -30.30
C GLN B 400 -42.27 -93.33 -29.29
N ALA B 401 -42.27 -93.03 -27.99
CA ALA B 401 -42.28 -94.09 -26.95
C ALA B 401 -43.57 -94.90 -27.06
N GLU B 402 -44.70 -94.23 -27.28
CA GLU B 402 -46.00 -94.94 -27.43
C GLU B 402 -45.94 -95.81 -28.70
N ALA B 403 -45.36 -95.30 -29.79
CA ALA B 403 -45.22 -96.10 -31.03
C ALA B 403 -44.33 -97.29 -30.76
N GLN B 404 -43.22 -97.11 -30.03
CA GLN B 404 -42.35 -98.26 -29.67
C GLN B 404 -43.11 -99.26 -28.82
N SER B 405 -43.86 -98.78 -27.81
CA SER B 405 -44.65 -99.69 -26.93
C SER B 405 -45.71 -100.40 -27.75
N ASN B 406 -46.37 -99.67 -28.66
CA ASN B 406 -47.42 -100.27 -29.52
C ASN B 406 -46.78 -101.31 -30.43
N ILE B 407 -45.59 -101.01 -30.97
CA ILE B 407 -44.88 -101.99 -31.85
C ILE B 407 -44.54 -103.22 -31.01
N ASP B 408 -44.06 -103.03 -29.78
CA ASP B 408 -43.70 -104.17 -28.91
C ASP B 408 -44.96 -104.99 -28.58
N GLN B 409 -46.07 -104.32 -28.25
CA GLN B 409 -47.32 -105.05 -27.93
C GLN B 409 -47.82 -105.78 -29.17
N GLY B 410 -47.81 -105.11 -30.33
CA GLY B 410 -48.28 -105.75 -31.57
C GLY B 410 -47.40 -106.91 -31.95
N ARG B 411 -46.09 -106.74 -31.83
CA ARG B 411 -45.14 -107.83 -32.19
C ARG B 411 -45.28 -108.99 -31.19
N LYS B 412 -45.46 -108.72 -29.89
CA LYS B 412 -45.65 -109.84 -28.94
C LYS B 412 -46.97 -110.56 -29.25
N LYS B 413 -48.04 -109.82 -29.55
CA LYS B 413 -49.34 -110.44 -29.88
C LYS B 413 -49.22 -111.25 -31.17
N VAL B 414 -48.54 -110.68 -32.18
CA VAL B 414 -48.37 -111.40 -33.48
C VAL B 414 -47.46 -112.61 -33.25
N ASP B 415 -46.45 -112.49 -32.39
CA ASP B 415 -45.58 -113.66 -32.08
C ASP B 415 -46.40 -114.74 -31.36
N ALA B 416 -47.27 -114.37 -30.43
CA ALA B 416 -48.14 -115.37 -29.77
C ALA B 416 -49.05 -116.04 -30.80
N LEU B 417 -49.65 -115.24 -31.68
CA LEU B 417 -50.53 -115.80 -32.75
C LEU B 417 -49.70 -116.65 -33.72
N ASN B 418 -48.48 -116.22 -34.03
CA ASN B 418 -47.58 -117.00 -34.91
C ASN B 418 -47.23 -118.32 -34.20
N LYS B 419 -46.97 -118.27 -32.89
CA LYS B 419 -46.67 -119.52 -32.15
C LYS B 419 -47.89 -120.45 -32.18
N THR B 420 -49.09 -119.91 -31.96
CA THR B 420 -50.32 -120.76 -31.98
C THR B 420 -50.52 -121.36 -33.37
N ILE B 421 -50.39 -120.53 -34.41
CA ILE B 421 -50.54 -121.03 -35.80
C ILE B 421 -49.41 -122.01 -36.13
N ALA B 422 -48.19 -121.76 -35.63
CA ALA B 422 -47.07 -122.71 -35.85
C ALA B 422 -47.35 -124.02 -35.13
N HIS B 423 -47.92 -123.99 -33.92
CA HIS B 423 -48.26 -125.25 -33.22
C HIS B 423 -49.41 -125.98 -33.94
N LEU B 424 -50.41 -125.25 -34.44
CA LEU B 424 -51.60 -125.88 -35.09
C LEU B 424 -51.35 -126.29 -36.57
N GLU B 425 -50.55 -125.54 -37.33
CA GLU B 425 -50.34 -125.84 -38.78
C GLU B 425 -49.62 -127.17 -38.93
N GLU B 426 -48.64 -127.44 -38.07
CA GLU B 426 -47.82 -128.67 -38.17
C GLU B 426 -48.38 -129.76 -37.24
N GLU B 427 -49.58 -129.57 -36.68
CA GLU B 427 -50.15 -130.59 -35.77
C GLU B 427 -50.39 -131.89 -36.55
N LEU B 428 -50.99 -131.79 -37.73
CA LEU B 428 -51.27 -133.00 -38.55
C LEU B 428 -50.76 -132.83 -39.98
N THR B 429 -50.48 -131.61 -40.45
CA THR B 429 -50.11 -131.38 -41.89
C THR B 429 -48.73 -131.99 -42.22
N LYS B 430 -47.79 -132.04 -41.25
CA LYS B 430 -46.43 -132.53 -41.58
C LYS B 430 -46.49 -133.97 -42.05
N GLU B 431 -47.25 -134.82 -41.34
CA GLU B 431 -47.32 -136.25 -41.69
C GLU B 431 -47.88 -136.35 -43.12
N MET B 432 -48.94 -135.60 -43.42
CA MET B 432 -49.58 -135.69 -44.76
C MET B 432 -48.59 -135.24 -45.84
N GLY B 433 -47.89 -134.12 -45.64
CA GLY B 433 -46.93 -133.61 -46.65
C GLY B 433 -45.77 -134.57 -46.87
N GLY B 434 -45.17 -135.07 -45.78
CA GLY B 434 -44.05 -136.02 -45.90
C GLY B 434 -44.50 -137.31 -46.57
N ASP B 435 -45.67 -137.80 -46.17
CA ASP B 435 -46.21 -139.04 -46.75
C ASP B 435 -46.45 -138.80 -48.24
N LYS B 436 -47.00 -137.64 -48.61
CA LYS B 436 -47.33 -137.40 -50.03
C LYS B 436 -46.04 -137.45 -50.85
N ASP B 437 -45.00 -136.76 -50.38
CA ASP B 437 -43.74 -136.69 -51.17
C ASP B 437 -43.12 -138.09 -51.27
N GLN B 438 -43.02 -138.79 -50.14
CA GLN B 438 -42.37 -140.13 -50.15
C GLN B 438 -43.21 -141.09 -51.01
N MET B 439 -44.53 -140.99 -50.92
CA MET B 439 -45.41 -141.90 -51.69
C MET B 439 -45.25 -141.61 -53.18
N ARG B 440 -45.14 -140.33 -53.57
CA ARG B 440 -45.01 -140.00 -55.01
C ARG B 440 -43.71 -140.60 -55.54
N GLN B 441 -42.60 -140.41 -54.82
CA GLN B 441 -41.29 -140.94 -55.26
C GLN B 441 -41.33 -142.48 -55.28
N GLU B 442 -41.93 -143.07 -54.25
CA GLU B 442 -42.03 -144.55 -54.16
C GLU B 442 -42.90 -145.08 -55.29
N LEU B 443 -43.99 -144.37 -55.63
CA LEU B 443 -44.87 -144.83 -56.73
C LEU B 443 -44.15 -144.75 -58.07
N GLU B 444 -43.34 -143.71 -58.29
CA GLU B 444 -42.57 -143.67 -59.57
C GLU B 444 -41.65 -144.89 -59.64
N GLN B 445 -40.87 -145.13 -58.59
CA GLN B 445 -39.93 -146.29 -58.59
C GLN B 445 -40.73 -147.60 -58.65
N LEU B 446 -41.90 -147.64 -58.01
CA LEU B 446 -42.75 -148.86 -58.00
C LEU B 446 -43.35 -149.12 -59.38
N GLU B 447 -43.74 -148.07 -60.11
CA GLU B 447 -44.23 -148.29 -61.50
C GLU B 447 -43.10 -148.88 -62.34
N LYS B 448 -41.88 -148.35 -62.17
CA LYS B 448 -40.71 -148.92 -62.91
C LYS B 448 -40.52 -150.38 -62.50
N ALA B 449 -40.56 -150.66 -61.19
CA ALA B 449 -40.38 -152.05 -60.69
C ALA B 449 -41.51 -152.94 -61.19
N ASN B 450 -42.73 -152.42 -61.23
CA ASN B 450 -43.90 -153.22 -61.70
C ASN B 450 -43.75 -153.57 -63.18
N GLU B 451 -43.29 -152.62 -63.99
CA GLU B 451 -43.05 -152.95 -65.43
C GLU B 451 -41.97 -154.04 -65.51
N LYS B 452 -40.91 -153.90 -64.73
CA LYS B 452 -39.82 -154.92 -64.73
C LYS B 452 -40.37 -156.26 -64.27
N LEU B 453 -41.21 -156.25 -63.23
CA LEU B 453 -41.78 -157.52 -62.68
C LEU B 453 -42.70 -158.14 -63.74
N ARG B 454 -43.47 -157.32 -64.45
CA ARG B 454 -44.35 -157.88 -65.52
C ARG B 454 -43.49 -158.56 -66.58
N GLU B 455 -42.39 -157.91 -66.98
CA GLU B 455 -41.51 -158.49 -68.03
C GLU B 455 -40.91 -159.81 -67.52
N VAL B 456 -40.42 -159.82 -66.29
CA VAL B 456 -39.76 -161.06 -65.75
C VAL B 456 -40.82 -162.15 -65.55
N ASN B 457 -42.04 -161.78 -65.15
CA ASN B 457 -43.13 -162.79 -64.99
C ASN B 457 -43.48 -163.38 -66.35
N ASN B 458 -43.53 -162.53 -67.38
CA ASN B 458 -43.80 -163.05 -68.74
C ASN B 458 -42.67 -164.01 -69.14
N SER B 459 -41.42 -163.65 -68.85
CA SER B 459 -40.28 -164.53 -69.20
C SER B 459 -40.39 -165.85 -68.42
N LEU B 460 -40.76 -165.78 -67.14
CA LEU B 460 -40.92 -167.01 -66.32
C LEU B 460 -42.08 -167.85 -66.85
N VAL B 461 -43.17 -167.23 -67.29
CA VAL B 461 -44.32 -167.98 -67.88
C VAL B 461 -43.87 -168.68 -69.17
N VAL B 462 -43.15 -168.01 -70.07
CA VAL B 462 -42.71 -168.76 -71.29
C VAL B 462 -42.08 -170.08 -70.82
N SER B 463 -41.05 -169.98 -69.97
CA SER B 463 -40.36 -171.19 -69.47
C SER B 463 -41.36 -172.17 -68.87
N ALA B 464 -42.25 -171.70 -67.99
CA ALA B 464 -43.20 -172.62 -67.30
C ALA B 464 -44.01 -173.41 -68.33
N GLN B 465 -44.65 -172.73 -69.27
CA GLN B 465 -45.53 -173.45 -70.23
C GLN B 465 -44.67 -174.41 -71.06
N ASP B 466 -43.50 -173.97 -71.49
CA ASP B 466 -42.64 -174.84 -72.34
C ASP B 466 -42.31 -176.11 -71.55
N VAL B 467 -41.90 -175.95 -70.28
CA VAL B 467 -41.51 -177.12 -69.45
C VAL B 467 -42.71 -178.06 -69.32
N LYS B 468 -43.89 -177.52 -69.02
CA LYS B 468 -45.08 -178.40 -68.80
C LYS B 468 -45.33 -179.20 -70.10
N ASN B 469 -45.25 -178.54 -71.26
CA ASN B 469 -45.51 -179.23 -72.54
C ASN B 469 -44.48 -180.36 -72.72
N GLU B 470 -43.19 -180.04 -72.55
CA GLU B 470 -42.13 -181.05 -72.72
C GLU B 470 -42.44 -182.23 -71.80
N GLU B 471 -42.79 -181.95 -70.54
CA GLU B 471 -43.08 -183.01 -69.54
C GLU B 471 -44.17 -183.92 -70.10
N ARG B 472 -45.34 -183.37 -70.42
CA ARG B 472 -46.45 -184.26 -70.85
C ARG B 472 -45.99 -185.07 -72.08
N ASP B 473 -45.31 -184.45 -73.04
CA ASP B 473 -44.92 -185.17 -74.28
C ASP B 473 -44.03 -186.37 -73.90
N ILE B 474 -42.97 -186.11 -73.12
CA ILE B 474 -42.03 -187.19 -72.73
C ILE B 474 -42.84 -188.30 -72.05
N GLN B 475 -43.69 -187.92 -71.09
CA GLN B 475 -44.51 -188.92 -70.36
C GLN B 475 -45.24 -189.81 -71.38
N HIS B 476 -46.09 -189.21 -72.22
CA HIS B 476 -46.91 -190.05 -73.14
C HIS B 476 -45.99 -190.97 -73.97
N GLU B 477 -44.93 -190.41 -74.58
CA GLU B 477 -44.08 -191.24 -75.47
C GLU B 477 -43.52 -192.44 -74.69
N ARG B 478 -42.86 -192.18 -73.56
CA ARG B 478 -42.20 -193.27 -72.80
C ARG B 478 -43.27 -194.32 -72.43
N GLU B 479 -44.43 -193.86 -71.95
CA GLU B 479 -45.50 -194.80 -71.52
C GLU B 479 -45.82 -195.72 -72.69
N SER B 480 -46.20 -195.14 -73.84
CA SER B 480 -46.61 -195.99 -74.98
C SER B 480 -45.50 -196.98 -75.32
N GLU B 481 -44.26 -196.50 -75.45
CA GLU B 481 -43.14 -197.37 -75.87
C GLU B 481 -42.97 -198.57 -74.92
N LEU B 482 -42.95 -198.31 -73.60
CA LEU B 482 -42.67 -199.43 -72.66
C LEU B 482 -43.88 -200.36 -72.57
N ARG B 483 -45.07 -199.81 -72.75
CA ARG B 483 -46.27 -200.69 -72.80
C ARG B 483 -46.02 -201.66 -73.94
N THR B 484 -45.70 -201.12 -75.12
CA THR B 484 -45.47 -202.00 -76.30
C THR B 484 -44.42 -203.05 -75.90
N ILE B 485 -43.34 -202.63 -75.25
CA ILE B 485 -42.25 -203.60 -74.92
C ILE B 485 -42.81 -204.75 -74.08
N SER B 486 -43.40 -204.47 -72.91
CA SER B 486 -43.83 -205.59 -72.03
C SER B 486 -44.84 -206.45 -72.79
N ARG B 487 -45.72 -205.81 -73.56
CA ARG B 487 -46.79 -206.57 -74.26
C ARG B 487 -46.17 -207.53 -75.27
N SER B 488 -45.19 -207.05 -76.04
CA SER B 488 -44.55 -207.89 -77.07
C SER B 488 -43.85 -209.05 -76.36
N ILE B 489 -43.21 -208.75 -75.23
CA ILE B 489 -42.55 -209.85 -74.46
C ILE B 489 -43.61 -210.91 -74.14
N GLN B 490 -44.74 -210.51 -73.59
CA GLN B 490 -45.76 -211.53 -73.18
C GLN B 490 -46.31 -212.28 -74.40
N ASN B 491 -46.52 -211.59 -75.54
CA ASN B 491 -47.11 -212.27 -76.73
C ASN B 491 -46.07 -213.29 -77.23
N LYS B 492 -44.77 -212.96 -77.17
CA LYS B 492 -43.70 -213.91 -77.57
C LYS B 492 -43.72 -215.12 -76.63
N LYS B 493 -43.94 -214.86 -75.35
CA LYS B 493 -44.03 -215.97 -74.38
C LYS B 493 -45.14 -216.91 -74.83
N VAL B 494 -46.33 -216.37 -75.14
CA VAL B 494 -47.47 -217.27 -75.46
C VAL B 494 -47.28 -217.87 -76.87
N GLU B 495 -46.45 -217.24 -77.71
CA GLU B 495 -46.15 -217.78 -79.06
C GLU B 495 -45.28 -219.03 -78.92
N LEU B 496 -44.33 -219.01 -78.00
CA LEU B 496 -43.51 -220.25 -77.93
C LEU B 496 -44.42 -221.38 -77.42
N GLN B 497 -45.48 -221.06 -76.67
CA GLN B 497 -46.46 -222.10 -76.29
C GLN B 497 -47.07 -222.65 -77.57
N ASN B 498 -47.29 -221.77 -78.56
CA ASN B 498 -47.91 -222.17 -79.86
C ASN B 498 -46.89 -222.87 -80.76
N ILE B 499 -45.62 -223.01 -80.34
CA ILE B 499 -44.66 -223.79 -81.19
C ILE B 499 -45.38 -225.08 -81.54
N ALA B 500 -46.05 -225.69 -80.55
CA ALA B 500 -46.90 -226.87 -80.85
C ALA B 500 -48.23 -226.37 -81.39
N LYS B 501 -49.04 -225.71 -80.55
CA LYS B 501 -50.36 -225.12 -80.97
C LYS B 501 -50.89 -224.23 -79.84
N GLY B 502 -51.91 -223.40 -80.11
CA GLY B 502 -52.51 -222.59 -79.04
C GLY B 502 -53.30 -221.38 -79.53
N ASN B 503 -53.51 -220.40 -78.65
CA ASN B 503 -54.30 -219.20 -79.01
C ASN B 503 -53.43 -218.27 -79.86
N ASP B 504 -52.72 -217.35 -79.20
CA ASP B 504 -51.78 -216.47 -79.96
C ASP B 504 -50.91 -217.41 -80.81
N THR B 505 -50.99 -217.32 -82.16
CA THR B 505 -50.29 -218.28 -83.07
C THR B 505 -48.78 -217.99 -83.21
N PHE B 506 -47.94 -219.03 -83.15
CA PHE B 506 -46.46 -218.88 -83.14
C PHE B 506 -45.95 -218.35 -84.48
N LEU B 507 -46.53 -218.83 -85.59
CA LEU B 507 -46.07 -218.40 -86.93
C LEU B 507 -46.24 -216.89 -87.04
N MET B 508 -46.95 -216.27 -86.07
CA MET B 508 -47.18 -214.80 -86.07
C MET B 508 -45.84 -214.07 -86.21
N ASN B 509 -44.70 -214.74 -86.00
CA ASN B 509 -43.44 -213.96 -86.12
C ASN B 509 -43.24 -213.53 -87.58
N PHE B 510 -43.71 -214.30 -88.55
CA PHE B 510 -43.65 -213.93 -89.99
C PHE B 510 -44.83 -213.02 -90.40
N ASP B 511 -46.07 -213.45 -90.13
CA ASP B 511 -47.30 -212.63 -90.41
C ASP B 511 -48.45 -213.17 -89.55
N ARG B 512 -49.44 -212.33 -89.19
CA ARG B 512 -50.61 -212.76 -88.38
C ARG B 512 -51.42 -213.83 -89.12
N ASN B 513 -51.44 -213.78 -90.46
CA ASN B 513 -52.27 -214.69 -91.26
C ASN B 513 -51.42 -215.84 -91.83
N MET B 514 -50.21 -216.08 -91.31
CA MET B 514 -49.29 -217.12 -91.86
C MET B 514 -49.90 -218.52 -91.76
N ASP B 515 -50.56 -218.84 -90.64
CA ASP B 515 -51.24 -220.15 -90.48
C ASP B 515 -52.29 -220.35 -91.57
N ARG B 516 -53.06 -219.30 -91.88
CA ARG B 516 -54.08 -219.36 -92.96
C ARG B 516 -53.41 -219.58 -94.31
N LEU B 517 -52.30 -218.88 -94.57
CA LEU B 517 -51.58 -219.02 -95.87
C LEU B 517 -51.11 -220.46 -96.06
N LEU B 518 -50.49 -221.06 -95.03
CA LEU B 518 -49.95 -222.45 -95.15
C LEU B 518 -51.09 -223.45 -95.37
N ARG B 519 -52.21 -223.28 -94.66
CA ARG B 519 -53.38 -224.18 -94.86
C ARG B 519 -53.90 -224.07 -96.28
N THR B 520 -53.98 -222.85 -96.83
CA THR B 520 -54.48 -222.64 -98.22
C THR B 520 -53.50 -223.25 -99.24
N ILE B 521 -52.19 -223.19 -98.99
CA ILE B 521 -51.20 -223.83 -99.90
C ILE B 521 -51.43 -225.35 -99.89
N GLU B 522 -51.61 -225.95 -98.70
CA GLU B 522 -51.82 -227.42 -98.60
C GLU B 522 -53.14 -227.80 -99.27
N GLN B 523 -54.19 -227.00 -99.08
CA GLN B 523 -55.53 -227.29 -99.69
C GLN B 523 -55.44 -227.21 -101.22
N ARG B 524 -54.61 -226.32 -101.77
CA ARG B 524 -54.51 -226.13 -103.24
C ARG B 524 -53.22 -226.75 -103.80
N LYS B 525 -52.60 -227.70 -103.10
CA LYS B 525 -51.28 -228.27 -103.53
C LYS B 525 -51.39 -228.91 -104.93
N ASN B 526 -52.54 -229.46 -105.29
CA ASN B 526 -52.74 -230.14 -106.61
C ASN B 526 -52.66 -229.14 -107.77
N GLU B 527 -52.92 -227.84 -107.53
CA GLU B 527 -52.82 -226.78 -108.57
C GLU B 527 -51.36 -226.39 -108.86
N PHE B 528 -50.46 -226.60 -107.89
CA PHE B 528 -49.02 -226.29 -108.08
C PHE B 528 -48.28 -227.44 -108.77
N GLU B 529 -47.31 -227.12 -109.64
CA GLU B 529 -46.42 -228.20 -110.17
C GLU B 529 -45.54 -228.62 -108.98
N THR B 530 -45.05 -227.64 -108.21
CA THR B 530 -44.31 -227.95 -106.96
C THR B 530 -44.84 -226.99 -105.88
N PRO B 531 -45.40 -227.48 -104.75
CA PRO B 531 -45.97 -226.59 -103.73
C PRO B 531 -44.97 -225.58 -103.18
N ALA B 532 -45.43 -224.36 -102.91
CA ALA B 532 -44.53 -223.29 -102.39
C ALA B 532 -43.97 -223.69 -101.02
N ILE B 533 -42.65 -223.54 -100.84
CA ILE B 533 -42.01 -223.98 -99.57
C ILE B 533 -41.59 -222.77 -98.75
N GLY B 534 -42.13 -222.65 -97.54
CA GLY B 534 -41.78 -221.52 -96.65
C GLY B 534 -42.71 -221.43 -95.46
N PRO B 535 -42.59 -220.41 -94.58
CA PRO B 535 -41.48 -219.46 -94.63
C PRO B 535 -40.18 -220.20 -94.27
N LEU B 536 -39.07 -219.86 -94.94
CA LEU B 536 -37.81 -220.65 -94.78
C LEU B 536 -37.33 -220.72 -93.32
N GLY B 537 -37.55 -219.67 -92.51
CA GLY B 537 -37.15 -219.68 -91.09
C GLY B 537 -37.81 -220.78 -90.29
N SER B 538 -39.00 -221.26 -90.70
CA SER B 538 -39.69 -222.39 -90.02
C SER B 538 -39.00 -223.73 -90.31
N LEU B 539 -38.15 -223.82 -91.34
CA LEU B 539 -37.46 -225.07 -91.73
C LEU B 539 -36.02 -225.08 -91.21
N VAL B 540 -35.65 -224.06 -90.42
CA VAL B 540 -34.25 -223.94 -89.92
C VAL B 540 -34.27 -223.87 -88.39
N THR B 541 -33.41 -224.67 -87.75
CA THR B 541 -33.32 -224.70 -86.26
C THR B 541 -31.90 -224.39 -85.82
N ILE B 542 -31.74 -223.63 -84.73
CA ILE B 542 -30.39 -223.38 -84.16
C ILE B 542 -29.90 -224.67 -83.49
N ARG B 543 -28.68 -225.11 -83.82
CA ARG B 543 -28.08 -226.32 -83.23
C ARG B 543 -27.72 -226.06 -81.75
N LYS B 544 -27.77 -227.10 -80.91
CA LYS B 544 -27.44 -226.94 -79.47
C LYS B 544 -26.01 -226.42 -79.32
N GLY B 545 -25.79 -225.46 -78.42
CA GLY B 545 -24.46 -224.87 -78.23
C GLY B 545 -24.28 -223.54 -78.96
N PHE B 546 -25.19 -223.21 -79.89
CA PHE B 546 -25.10 -221.94 -80.67
C PHE B 546 -26.23 -220.98 -80.29
N GLU B 547 -26.92 -221.20 -79.16
CA GLU B 547 -28.10 -220.38 -78.76
C GLU B 547 -27.72 -218.90 -78.61
N LYS B 548 -26.50 -218.63 -78.12
CA LYS B 548 -26.04 -217.22 -77.92
C LYS B 548 -25.97 -216.48 -79.26
N TRP B 549 -25.79 -217.21 -80.38
CA TRP B 549 -25.65 -216.59 -81.72
C TRP B 549 -27.01 -216.39 -82.42
N THR B 550 -28.13 -216.84 -81.84
CA THR B 550 -29.45 -216.83 -82.53
C THR B 550 -29.82 -215.48 -83.15
N ARG B 551 -29.76 -214.40 -82.37
CA ARG B 551 -30.15 -213.06 -82.89
C ARG B 551 -29.14 -212.56 -83.93
N SER B 552 -27.84 -212.81 -83.72
CA SER B 552 -26.79 -212.36 -84.68
C SER B 552 -26.95 -213.10 -86.02
N ILE B 553 -27.15 -214.43 -85.95
CA ILE B 553 -27.37 -215.24 -87.19
C ILE B 553 -28.66 -214.75 -87.86
N GLN B 554 -29.74 -214.58 -87.09
CA GLN B 554 -31.04 -214.16 -87.68
C GLN B 554 -30.88 -212.81 -88.38
N ARG B 555 -30.13 -211.88 -87.78
CA ARG B 555 -29.92 -210.54 -88.41
C ARG B 555 -29.19 -210.72 -89.74
N ALA B 556 -28.17 -211.58 -89.79
CA ALA B 556 -27.37 -211.83 -91.02
C ALA B 556 -28.23 -212.43 -92.14
N ILE B 557 -29.15 -213.36 -91.82
CA ILE B 557 -29.96 -214.07 -92.87
C ILE B 557 -31.43 -213.60 -92.83
N SER B 558 -31.71 -212.41 -92.30
CA SER B 558 -33.11 -211.92 -92.10
C SER B 558 -33.91 -211.85 -93.40
N SER B 559 -33.28 -211.50 -94.52
CA SER B 559 -33.97 -211.45 -95.84
C SER B 559 -34.45 -212.86 -96.24
N SER B 560 -33.63 -213.88 -96.01
CA SER B 560 -33.96 -215.28 -96.40
C SER B 560 -35.02 -215.93 -95.49
N LEU B 561 -35.01 -215.62 -94.19
CA LEU B 561 -35.92 -216.31 -93.23
C LEU B 561 -37.40 -216.09 -93.59
N ASN B 562 -37.75 -214.89 -94.05
CA ASN B 562 -39.17 -214.57 -94.37
C ASN B 562 -39.55 -215.07 -95.77
N ALA B 563 -38.60 -215.61 -96.53
CA ALA B 563 -38.87 -215.96 -97.95
C ALA B 563 -39.65 -217.26 -98.18
N PHE B 564 -40.29 -217.34 -99.35
CA PHE B 564 -40.95 -218.59 -99.78
C PHE B 564 -40.31 -219.00 -101.11
N VAL B 565 -40.16 -220.30 -101.33
CA VAL B 565 -39.52 -220.81 -102.57
C VAL B 565 -40.59 -221.39 -103.50
N VAL B 566 -40.54 -221.02 -104.79
CA VAL B 566 -41.45 -221.60 -105.82
C VAL B 566 -40.56 -222.12 -106.95
N SER B 567 -40.90 -223.28 -107.52
CA SER B 567 -40.06 -223.91 -108.58
C SER B 567 -40.10 -223.15 -109.90
N ASN B 568 -41.24 -222.53 -110.26
CA ASN B 568 -41.37 -221.93 -111.61
C ASN B 568 -42.17 -220.61 -111.56
N PRO B 569 -42.18 -219.79 -112.63
CA PRO B 569 -42.98 -218.55 -112.67
C PRO B 569 -44.50 -218.74 -112.55
N LYS B 570 -45.04 -219.87 -113.03
CA LYS B 570 -46.50 -220.16 -112.95
C LYS B 570 -46.90 -220.35 -111.48
N ASP B 571 -46.15 -221.14 -110.72
CA ASP B 571 -46.40 -221.36 -109.26
C ASP B 571 -46.22 -220.02 -108.53
N ASN B 572 -45.30 -219.17 -108.99
CA ASN B 572 -45.09 -217.82 -108.39
C ASN B 572 -46.37 -216.99 -108.54
N ARG B 573 -47.01 -216.99 -109.72
CA ARG B 573 -48.28 -216.24 -109.92
C ARG B 573 -49.38 -216.82 -109.02
N LEU B 574 -49.53 -218.14 -108.98
CA LEU B 574 -50.57 -218.80 -108.15
C LEU B 574 -50.33 -218.45 -106.68
N PHE B 575 -49.08 -218.49 -106.23
CA PHE B 575 -48.72 -218.17 -104.83
C PHE B 575 -49.06 -216.70 -104.50
N ARG B 576 -48.77 -215.77 -105.41
CA ARG B 576 -49.10 -214.32 -105.18
C ARG B 576 -50.62 -214.12 -105.08
N ASP B 577 -51.40 -214.86 -105.88
CA ASP B 577 -52.89 -214.77 -105.79
C ASP B 577 -53.37 -215.32 -104.45
N ILE B 578 -52.79 -216.43 -103.97
CA ILE B 578 -53.14 -217.00 -102.64
C ILE B 578 -52.74 -215.99 -101.54
N MET B 579 -51.57 -215.35 -101.66
CA MET B 579 -51.12 -214.36 -100.65
C MET B 579 -52.14 -213.20 -100.60
N ARG B 580 -52.61 -212.75 -101.75
CA ARG B 580 -53.63 -211.66 -101.79
C ARG B 580 -54.95 -212.12 -101.16
N SER B 581 -55.41 -213.35 -101.44
CA SER B 581 -56.70 -213.86 -100.91
C SER B 581 -56.61 -214.04 -99.38
N CYS B 582 -55.43 -214.39 -98.86
CA CYS B 582 -55.23 -214.64 -97.40
C CYS B 582 -55.04 -213.33 -96.63
N GLY B 583 -54.88 -212.18 -97.32
CA GLY B 583 -54.71 -210.87 -96.64
C GLY B 583 -53.38 -210.71 -95.93
N ILE B 584 -52.29 -211.24 -96.52
CA ILE B 584 -50.92 -211.07 -95.95
C ILE B 584 -50.52 -209.60 -96.04
N ARG B 585 -49.98 -209.03 -94.95
CA ARG B 585 -49.58 -207.60 -94.94
C ARG B 585 -48.05 -207.49 -94.88
N SER B 586 -47.38 -208.55 -94.41
CA SER B 586 -45.91 -208.56 -94.31
C SER B 586 -45.30 -208.62 -95.71
N ASN B 587 -44.14 -207.97 -95.87
CA ASN B 587 -43.43 -208.07 -97.15
C ASN B 587 -42.76 -209.45 -97.19
N ILE B 588 -43.25 -210.35 -98.04
CA ILE B 588 -42.70 -211.73 -98.10
C ILE B 588 -41.89 -211.86 -99.38
N PRO B 589 -40.56 -212.07 -99.32
CA PRO B 589 -39.77 -212.32 -100.54
C PRO B 589 -40.17 -213.66 -101.18
N ILE B 590 -40.28 -213.67 -102.51
CA ILE B 590 -40.57 -214.95 -103.21
C ILE B 590 -39.34 -215.29 -104.06
N VAL B 591 -38.74 -216.45 -103.80
CA VAL B 591 -37.52 -216.86 -104.54
C VAL B 591 -37.95 -217.92 -105.55
N THR B 592 -37.72 -217.67 -106.84
CA THR B 592 -38.02 -218.72 -107.84
C THR B 592 -36.75 -219.55 -107.98
N TYR B 593 -36.75 -220.76 -107.40
CA TYR B 593 -35.51 -221.58 -107.38
C TYR B 593 -35.88 -223.06 -107.49
N CYS B 594 -35.10 -223.81 -108.27
CA CYS B 594 -35.33 -225.27 -108.34
C CYS B 594 -34.47 -225.91 -107.26
N LEU B 595 -35.10 -226.53 -106.25
CA LEU B 595 -34.31 -227.07 -105.11
C LEU B 595 -33.43 -228.22 -105.59
N SER B 596 -32.13 -228.10 -105.36
CA SER B 596 -31.18 -229.18 -105.76
C SER B 596 -30.11 -229.36 -104.69
N GLN B 597 -29.62 -230.58 -104.52
CA GLN B 597 -28.47 -230.78 -103.59
C GLN B 597 -27.20 -230.61 -104.42
N PHE B 598 -26.23 -229.84 -103.91
CA PHE B 598 -24.93 -229.66 -104.62
C PHE B 598 -23.80 -229.66 -103.60
N ASP B 599 -22.59 -229.97 -104.07
CA ASP B 599 -21.44 -230.02 -103.13
C ASP B 599 -20.88 -228.61 -102.97
N TYR B 600 -20.92 -228.08 -101.75
CA TYR B 600 -20.37 -226.72 -101.48
C TYR B 600 -19.12 -226.83 -100.58
N SER B 601 -18.54 -228.02 -100.42
CA SER B 601 -17.36 -228.24 -99.53
C SER B 601 -16.21 -227.31 -99.90
N LYS B 602 -15.97 -227.10 -101.21
CA LYS B 602 -14.87 -226.20 -101.69
C LYS B 602 -15.10 -224.76 -101.21
N GLY B 603 -16.37 -224.34 -101.05
CA GLY B 603 -16.71 -222.96 -100.63
C GLY B 603 -16.66 -222.70 -99.13
N ARG B 604 -16.50 -223.73 -98.28
CA ARG B 604 -16.56 -223.53 -96.80
C ARG B 604 -15.39 -222.68 -96.30
N ALA B 605 -15.64 -221.85 -95.29
CA ALA B 605 -14.60 -221.02 -94.68
C ALA B 605 -13.53 -221.92 -94.09
N HIS B 606 -12.26 -221.56 -94.31
CA HIS B 606 -11.16 -222.34 -93.71
C HIS B 606 -10.70 -221.60 -92.45
N GLY B 607 -10.86 -222.22 -91.29
CA GLY B 607 -10.40 -221.60 -90.04
C GLY B 607 -10.82 -222.36 -88.80
N ASN B 608 -10.43 -221.88 -87.62
CA ASN B 608 -10.76 -222.55 -86.33
C ASN B 608 -12.12 -222.06 -85.82
N TYR B 609 -12.82 -221.21 -86.59
CA TYR B 609 -14.10 -220.63 -86.11
C TYR B 609 -15.28 -221.28 -86.81
N PRO B 610 -16.37 -221.59 -86.08
CA PRO B 610 -17.56 -222.19 -86.67
C PRO B 610 -18.29 -221.22 -87.61
N THR B 611 -18.90 -221.76 -88.66
CA THR B 611 -19.68 -220.93 -89.61
C THR B 611 -21.17 -220.96 -89.26
N ILE B 612 -21.97 -220.16 -89.97
CA ILE B 612 -23.45 -220.20 -89.78
C ILE B 612 -23.96 -221.61 -90.16
N VAL B 613 -23.35 -222.27 -91.14
CA VAL B 613 -23.74 -223.67 -91.52
C VAL B 613 -23.60 -224.59 -90.31
N ASP B 614 -22.48 -224.50 -89.57
CA ASP B 614 -22.23 -225.36 -88.38
C ASP B 614 -23.24 -225.05 -87.26
N ALA B 615 -23.70 -223.80 -87.17
CA ALA B 615 -24.65 -223.37 -86.12
C ALA B 615 -26.12 -223.72 -86.44
N LEU B 616 -26.41 -224.19 -87.66
CA LEU B 616 -27.83 -224.40 -88.04
C LEU B 616 -28.15 -225.87 -88.35
N GLU B 617 -29.42 -226.24 -88.17
CA GLU B 617 -29.92 -227.61 -88.51
C GLU B 617 -31.07 -227.39 -89.50
N PHE B 618 -31.02 -228.04 -90.67
CA PHE B 618 -32.03 -227.79 -91.74
C PHE B 618 -32.97 -228.99 -91.85
N SER B 619 -34.26 -228.73 -92.09
CA SER B 619 -35.27 -229.82 -92.20
C SER B 619 -34.94 -230.73 -93.40
N LYS B 620 -34.39 -230.18 -94.47
CA LYS B 620 -34.00 -230.99 -95.67
C LYS B 620 -32.66 -230.50 -96.22
N PRO B 621 -31.83 -231.36 -96.84
CA PRO B 621 -30.52 -230.96 -97.41
C PRO B 621 -30.63 -229.89 -98.52
N GLU B 622 -31.73 -229.90 -99.29
CA GLU B 622 -31.93 -228.89 -100.37
C GLU B 622 -32.09 -227.49 -99.76
N ILE B 623 -32.72 -227.37 -98.59
CA ILE B 623 -32.89 -226.06 -97.89
C ILE B 623 -31.51 -225.54 -97.44
N GLU B 624 -30.63 -226.43 -96.98
CA GLU B 624 -29.25 -226.04 -96.58
C GLU B 624 -28.53 -225.47 -97.81
N CYS B 625 -28.62 -226.16 -98.96
CA CYS B 625 -27.97 -225.69 -100.21
C CYS B 625 -28.57 -224.35 -100.65
N LEU B 626 -29.87 -224.15 -100.45
CA LEU B 626 -30.54 -222.87 -100.79
C LEU B 626 -30.00 -221.72 -99.94
N PHE B 627 -29.79 -221.92 -98.63
CA PHE B 627 -29.22 -220.86 -97.76
C PHE B 627 -27.75 -220.56 -98.16
N VAL B 628 -27.03 -221.58 -98.62
CA VAL B 628 -25.64 -221.36 -99.14
C VAL B 628 -25.70 -220.44 -100.35
N ASP B 629 -26.60 -220.69 -101.31
CA ASP B 629 -26.74 -219.81 -102.50
C ASP B 629 -27.26 -218.42 -102.15
N LEU B 630 -28.33 -218.32 -101.34
CA LEU B 630 -28.96 -217.01 -101.04
C LEU B 630 -28.14 -216.15 -100.07
N SER B 631 -27.51 -216.75 -99.06
CA SER B 631 -26.84 -215.93 -98.00
C SER B 631 -25.37 -216.27 -97.78
N ARG B 632 -24.82 -217.24 -98.51
CA ARG B 632 -23.37 -217.62 -98.39
C ARG B 632 -23.07 -217.93 -96.92
N ILE B 633 -23.94 -218.70 -96.27
CA ILE B 633 -23.81 -219.02 -94.82
C ILE B 633 -22.51 -219.80 -94.52
N GLU B 634 -21.98 -220.54 -95.51
CA GLU B 634 -20.71 -221.31 -95.38
C GLU B 634 -19.51 -220.37 -95.31
N ARG B 635 -19.68 -219.10 -95.69
CA ARG B 635 -18.57 -218.09 -95.68
C ARG B 635 -18.75 -217.07 -94.56
N ILE B 636 -19.69 -217.30 -93.64
CA ILE B 636 -19.88 -216.36 -92.49
C ILE B 636 -19.42 -217.04 -91.21
N VAL B 637 -18.39 -216.49 -90.56
CA VAL B 637 -17.80 -217.11 -89.34
C VAL B 637 -18.32 -216.43 -88.07
N LEU B 638 -18.36 -217.18 -86.97
CA LEU B 638 -18.84 -216.65 -85.67
C LEU B 638 -17.62 -216.45 -84.74
N ILE B 639 -17.30 -215.20 -84.40
CA ILE B 639 -16.12 -214.89 -83.54
C ILE B 639 -16.61 -213.98 -82.40
N GLU B 640 -16.49 -214.43 -81.14
CA GLU B 640 -17.07 -213.66 -80.00
C GLU B 640 -16.45 -212.26 -79.86
N ASP B 641 -15.11 -212.17 -79.91
CA ASP B 641 -14.45 -210.86 -79.69
C ASP B 641 -14.38 -210.05 -80.99
N LYS B 642 -14.75 -208.77 -80.92
CA LYS B 642 -14.76 -207.88 -82.09
C LYS B 642 -13.35 -207.66 -82.67
N ASN B 643 -12.34 -207.47 -81.80
CA ASN B 643 -10.95 -207.22 -82.27
C ASN B 643 -10.38 -208.48 -82.92
N GLU B 644 -10.64 -209.65 -82.32
CA GLU B 644 -10.18 -210.94 -82.89
C GLU B 644 -10.82 -211.13 -84.27
N ALA B 645 -12.12 -210.84 -84.38
CA ALA B 645 -12.83 -210.97 -85.68
C ALA B 645 -12.22 -210.02 -86.72
N ARG B 646 -11.92 -208.78 -86.32
CA ARG B 646 -11.31 -207.78 -87.24
C ARG B 646 -9.92 -208.27 -87.67
N ASN B 647 -9.13 -208.74 -86.71
CA ASN B 647 -7.76 -209.22 -86.99
C ASN B 647 -7.80 -210.44 -87.92
N PHE B 648 -8.75 -211.35 -87.70
CA PHE B 648 -8.90 -212.55 -88.56
C PHE B 648 -9.24 -212.14 -90.00
N LEU B 649 -10.19 -211.21 -90.19
CA LEU B 649 -10.64 -210.79 -91.54
C LEU B 649 -9.52 -210.01 -92.24
N GLN B 650 -8.73 -209.23 -91.47
CA GLN B 650 -7.62 -208.43 -92.06
C GLN B 650 -6.56 -209.35 -92.72
N ARG B 651 -6.49 -210.62 -92.28
CA ARG B 651 -5.52 -211.59 -92.86
C ARG B 651 -6.09 -212.21 -94.15
N ASN B 652 -7.27 -211.76 -94.62
CA ASN B 652 -7.93 -212.27 -95.86
C ASN B 652 -8.07 -213.81 -95.82
N PRO B 653 -8.78 -214.39 -94.83
CA PRO B 653 -8.90 -215.85 -94.69
C PRO B 653 -9.67 -216.45 -95.88
N VAL B 654 -9.26 -217.63 -96.32
CA VAL B 654 -9.87 -218.24 -97.54
C VAL B 654 -11.36 -218.53 -97.35
N ASN B 655 -12.19 -218.10 -98.31
CA ASN B 655 -13.66 -218.36 -98.30
C ASN B 655 -14.38 -217.69 -97.11
N VAL B 656 -13.90 -216.55 -96.62
CA VAL B 656 -14.66 -215.85 -95.54
C VAL B 656 -15.11 -214.50 -96.08
N ASN B 657 -16.42 -214.25 -96.08
CA ASN B 657 -16.96 -212.95 -96.55
C ASN B 657 -17.26 -212.04 -95.37
N MET B 658 -17.65 -212.62 -94.24
CA MET B 658 -18.10 -211.79 -93.08
C MET B 658 -17.86 -212.50 -91.75
N ALA B 659 -17.62 -211.73 -90.68
CA ALA B 659 -17.53 -212.32 -89.32
C ALA B 659 -18.62 -211.69 -88.46
N LEU B 660 -19.32 -212.50 -87.66
CA LEU B 660 -20.33 -211.97 -86.70
C LEU B 660 -19.68 -211.93 -85.31
N SER B 661 -19.79 -210.79 -84.60
CA SER B 661 -19.25 -210.68 -83.23
C SER B 661 -20.33 -210.21 -82.25
N LEU B 662 -20.19 -210.62 -80.99
CA LEU B 662 -21.21 -210.26 -79.98
C LEU B 662 -20.87 -208.91 -79.32
N ARG B 663 -21.90 -208.11 -79.01
CA ARG B 663 -21.68 -206.85 -78.28
C ARG B 663 -22.55 -206.88 -77.02
N ASP B 664 -23.87 -207.04 -77.20
CA ASP B 664 -24.83 -207.08 -76.07
C ASP B 664 -26.06 -207.89 -76.51
N ARG B 665 -27.10 -207.94 -75.67
CA ARG B 665 -28.31 -208.74 -76.00
C ARG B 665 -29.18 -208.05 -77.08
N ARG B 666 -29.06 -206.73 -77.27
CA ARG B 666 -29.87 -205.98 -78.26
C ARG B 666 -29.12 -205.70 -79.57
N SER B 667 -27.80 -205.90 -79.59
CA SER B 667 -27.00 -205.52 -80.79
C SER B 667 -25.74 -206.38 -80.96
N GLY B 668 -25.19 -206.39 -82.17
CA GLY B 668 -23.98 -207.17 -82.47
C GLY B 668 -23.15 -206.48 -83.54
N PHE B 669 -22.01 -207.06 -83.89
CA PHE B 669 -21.14 -206.47 -84.95
C PHE B 669 -21.10 -207.37 -86.19
N GLN B 670 -21.23 -206.75 -87.36
CA GLN B 670 -21.06 -207.49 -88.65
C GLN B 670 -19.80 -206.91 -89.29
N LEU B 671 -18.80 -207.75 -89.53
CA LEU B 671 -17.51 -207.24 -90.07
C LEU B 671 -17.28 -207.85 -91.45
N SER B 672 -17.00 -207.00 -92.44
CA SER B 672 -16.69 -207.48 -93.80
C SER B 672 -15.34 -206.92 -94.26
N GLY B 673 -14.44 -207.77 -94.75
CA GLY B 673 -13.17 -207.28 -95.33
C GLY B 673 -12.18 -206.76 -94.29
N GLY B 674 -12.50 -206.82 -92.99
CA GLY B 674 -11.59 -206.40 -91.91
C GLY B 674 -11.54 -204.89 -91.70
N TYR B 675 -12.19 -204.10 -92.58
CA TYR B 675 -12.20 -202.61 -92.44
C TYR B 675 -13.63 -202.11 -92.16
N ARG B 676 -14.63 -202.84 -92.65
CA ARG B 676 -16.04 -202.40 -92.49
C ARG B 676 -16.59 -203.03 -91.20
N LEU B 677 -16.96 -202.19 -90.24
CA LEU B 677 -17.59 -202.70 -89.00
C LEU B 677 -18.97 -202.06 -88.87
N ASP B 678 -20.01 -202.88 -88.92
CA ASP B 678 -21.38 -202.35 -88.79
C ASP B 678 -21.97 -202.78 -87.45
N THR B 679 -22.46 -201.81 -86.67
CA THR B 679 -23.17 -202.16 -85.42
C THR B 679 -24.62 -202.43 -85.80
N VAL B 680 -25.11 -203.64 -85.54
CA VAL B 680 -26.49 -203.99 -86.01
C VAL B 680 -27.41 -204.22 -84.81
N THR B 681 -28.56 -203.54 -84.82
CA THR B 681 -29.57 -203.82 -83.76
C THR B 681 -30.30 -205.11 -84.16
N TYR B 682 -30.51 -205.98 -83.18
CA TYR B 682 -31.25 -207.24 -83.45
C TYR B 682 -32.74 -206.96 -83.60
N GLN B 683 -33.44 -207.72 -84.44
CA GLN B 683 -34.92 -207.60 -84.55
C GLN B 683 -35.53 -208.21 -83.29
N ASP B 684 -36.62 -207.63 -82.77
CA ASP B 684 -37.26 -208.14 -81.54
C ASP B 684 -37.81 -209.56 -81.78
N LYS B 685 -38.52 -209.79 -82.90
CA LYS B 685 -39.19 -211.10 -83.17
C LYS B 685 -38.22 -212.15 -83.69
N ILE B 686 -38.25 -213.36 -83.11
CA ILE B 686 -37.33 -214.46 -83.55
C ILE B 686 -38.01 -215.30 -84.66
N ARG B 687 -37.32 -215.49 -85.79
CA ARG B 687 -37.89 -216.24 -86.94
C ARG B 687 -37.09 -217.54 -87.20
N LEU B 688 -36.30 -217.99 -86.21
CA LEU B 688 -35.56 -219.27 -86.33
C LEU B 688 -36.04 -220.18 -85.20
N LYS B 689 -36.17 -221.49 -85.45
CA LYS B 689 -36.50 -222.41 -84.35
C LYS B 689 -35.26 -222.56 -83.45
N VAL B 690 -35.48 -222.67 -82.14
CA VAL B 690 -34.34 -222.90 -81.20
C VAL B 690 -34.61 -224.24 -80.51
N ASN B 691 -33.63 -225.15 -80.47
CA ASN B 691 -33.83 -226.52 -79.93
C ASN B 691 -34.10 -226.47 -78.41
N SER B 692 -33.98 -225.29 -77.78
CA SER B 692 -34.35 -225.10 -76.35
C SER B 692 -35.85 -225.09 -76.19
N SER B 693 -36.34 -225.73 -75.13
CA SER B 693 -37.79 -225.78 -74.85
C SER B 693 -38.35 -224.36 -74.77
N SER B 694 -39.59 -224.15 -75.22
CA SER B 694 -40.20 -222.79 -75.25
C SER B 694 -40.16 -222.18 -73.86
N ASP B 695 -40.41 -223.03 -72.85
CA ASP B 695 -40.39 -222.58 -71.44
C ASP B 695 -39.00 -222.04 -71.13
N ASN B 696 -37.91 -222.65 -71.62
CA ASN B 696 -36.59 -222.04 -71.31
C ASN B 696 -36.67 -220.54 -71.59
N GLY B 697 -36.79 -220.19 -72.86
CA GLY B 697 -36.83 -218.76 -73.25
C GLY B 697 -38.01 -218.01 -72.65
N THR B 698 -39.22 -218.55 -72.75
CA THR B 698 -40.39 -217.75 -72.27
C THR B 698 -40.24 -217.51 -70.76
N GLN B 699 -40.01 -218.56 -69.97
CA GLN B 699 -39.96 -218.43 -68.47
C GLN B 699 -38.66 -217.78 -68.02
N TYR B 700 -37.57 -217.99 -68.78
CA TYR B 700 -36.36 -217.23 -68.44
C TYR B 700 -36.73 -215.80 -68.78
N LEU B 701 -37.56 -215.65 -69.82
CA LEU B 701 -38.07 -214.30 -70.11
C LEU B 701 -39.26 -214.00 -69.18
N LYS B 702 -39.69 -214.92 -68.31
CA LYS B 702 -40.75 -214.53 -67.33
C LYS B 702 -40.00 -213.78 -66.25
N ASP B 703 -38.84 -214.30 -65.89
CA ASP B 703 -37.98 -213.52 -64.94
C ASP B 703 -37.47 -212.34 -65.78
N LEU B 704 -37.49 -212.45 -67.10
CA LEU B 704 -36.92 -211.31 -67.86
C LEU B 704 -38.03 -210.27 -68.04
N ILE B 705 -39.30 -210.64 -67.81
CA ILE B 705 -40.40 -209.62 -67.81
C ILE B 705 -40.33 -209.04 -66.41
N GLU B 706 -39.80 -209.82 -65.47
CA GLU B 706 -39.57 -209.17 -64.17
C GLU B 706 -38.54 -208.08 -64.49
N GLN B 707 -37.51 -208.43 -65.28
CA GLN B 707 -36.44 -207.45 -65.58
C GLN B 707 -36.95 -206.38 -66.54
N GLU B 708 -38.05 -206.63 -67.25
CA GLU B 708 -38.56 -205.67 -68.27
C GLU B 708 -39.50 -204.71 -67.56
N THR B 709 -40.11 -205.17 -66.46
CA THR B 709 -40.88 -204.23 -65.63
C THR B 709 -39.78 -203.38 -65.01
N LYS B 710 -38.63 -204.00 -64.71
CA LYS B 710 -37.49 -203.17 -64.24
C LYS B 710 -37.25 -202.12 -65.33
N GLU B 711 -37.14 -202.54 -66.59
CA GLU B 711 -36.83 -201.59 -67.69
C GLU B 711 -37.87 -200.46 -67.69
N LEU B 712 -39.17 -200.82 -67.71
CA LEU B 712 -40.23 -199.79 -67.78
C LEU B 712 -40.01 -198.81 -66.64
N GLN B 713 -40.02 -199.31 -65.40
CA GLN B 713 -39.91 -198.40 -64.24
C GLN B 713 -38.68 -197.52 -64.43
N ASN B 714 -37.51 -198.11 -64.66
CA ASN B 714 -36.26 -197.33 -64.79
C ASN B 714 -36.48 -196.18 -65.80
N ILE B 715 -36.77 -196.51 -67.06
CA ILE B 715 -36.89 -195.45 -68.11
C ILE B 715 -37.93 -194.42 -67.67
N ARG B 716 -39.12 -194.89 -67.29
CA ARG B 716 -40.23 -193.95 -66.95
C ARG B 716 -39.81 -193.00 -65.82
N ASP B 717 -39.20 -193.50 -64.74
CA ASP B 717 -38.89 -192.64 -63.56
C ASP B 717 -37.61 -191.84 -63.79
N ARG B 718 -36.73 -192.27 -64.69
CA ARG B 718 -35.55 -191.43 -65.01
C ARG B 718 -36.10 -190.22 -65.78
N TYR B 719 -37.10 -190.47 -66.62
CA TYR B 719 -37.74 -189.36 -67.35
C TYR B 719 -38.57 -188.56 -66.34
N GLU B 720 -39.09 -189.23 -65.32
CA GLU B 720 -39.95 -188.58 -64.30
C GLU B 720 -39.03 -187.88 -63.31
N GLU B 721 -37.84 -188.44 -63.09
CA GLU B 721 -36.90 -187.68 -62.25
C GLU B 721 -36.50 -186.47 -63.06
N LYS B 722 -36.36 -186.63 -64.37
CA LYS B 722 -36.10 -185.43 -65.21
C LYS B 722 -37.31 -184.52 -65.03
N LEU B 723 -38.51 -185.10 -65.07
CA LEU B 723 -39.75 -184.30 -64.95
C LEU B 723 -39.75 -183.63 -63.58
N SER B 724 -39.32 -184.35 -62.54
CA SER B 724 -39.31 -183.81 -61.16
C SER B 724 -38.36 -182.62 -61.09
N GLU B 725 -37.17 -182.75 -61.65
CA GLU B 725 -36.19 -181.63 -61.64
C GLU B 725 -36.83 -180.43 -62.35
N VAL B 726 -37.42 -180.65 -63.52
CA VAL B 726 -37.93 -179.48 -64.27
C VAL B 726 -39.15 -178.88 -63.56
N ARG B 727 -39.95 -179.69 -62.85
CA ARG B 727 -41.18 -179.16 -62.19
C ARG B 727 -40.77 -178.51 -60.87
N SER B 728 -39.62 -178.90 -60.33
CA SER B 728 -39.10 -178.22 -59.12
C SER B 728 -38.60 -176.86 -59.60
N ARG B 729 -38.02 -176.82 -60.81
CA ARG B 729 -37.65 -175.51 -61.39
C ARG B 729 -38.94 -174.71 -61.51
N LEU B 730 -40.02 -175.37 -61.94
CA LEU B 730 -41.32 -174.68 -62.13
C LEU B 730 -41.79 -174.12 -60.80
N LYS B 731 -41.70 -174.91 -59.72
CA LYS B 731 -42.19 -174.47 -58.38
C LYS B 731 -41.31 -173.33 -57.87
N GLU B 732 -40.00 -173.38 -58.17
CA GLU B 732 -39.10 -172.28 -57.77
C GLU B 732 -39.58 -171.01 -58.47
N ILE B 733 -39.84 -171.08 -59.77
CA ILE B 733 -40.23 -169.83 -60.48
C ILE B 733 -41.63 -169.42 -60.01
N ASP B 734 -42.46 -170.37 -59.56
CA ASP B 734 -43.83 -170.06 -59.06
C ASP B 734 -43.71 -169.31 -57.73
N GLY B 735 -42.77 -169.73 -56.87
CA GLY B 735 -42.52 -168.98 -55.61
C GLY B 735 -41.96 -167.62 -55.95
N ARG B 736 -41.14 -167.55 -57.00
CA ARG B 736 -40.66 -166.21 -57.46
C ARG B 736 -41.87 -165.47 -58.00
N LEU B 737 -42.76 -166.15 -58.73
CA LEU B 737 -44.00 -165.50 -59.21
C LEU B 737 -44.85 -165.08 -58.00
N LYS B 738 -44.93 -165.93 -56.98
CA LYS B 738 -45.71 -165.59 -55.77
C LYS B 738 -45.07 -164.39 -55.08
N SER B 739 -43.74 -164.35 -55.02
CA SER B 739 -43.04 -163.20 -54.41
C SER B 739 -43.33 -161.93 -55.22
N THR B 740 -43.34 -162.04 -56.55
CA THR B 740 -43.68 -160.87 -57.41
C THR B 740 -45.14 -160.46 -57.16
N LYS B 741 -46.04 -161.45 -57.02
CA LYS B 741 -47.47 -161.14 -56.74
C LYS B 741 -47.57 -160.42 -55.39
N ASN B 742 -46.81 -160.87 -54.38
CA ASN B 742 -46.81 -160.19 -53.06
C ASN B 742 -46.27 -158.77 -53.22
N GLU B 743 -45.22 -158.59 -54.00
CA GLU B 743 -44.67 -157.23 -54.24
C GLU B 743 -45.73 -156.38 -54.93
N MET B 744 -46.40 -156.94 -55.94
CA MET B 744 -47.43 -156.19 -56.69
C MET B 744 -48.62 -155.85 -55.78
N ARG B 745 -49.04 -156.78 -54.93
CA ARG B 745 -50.17 -156.49 -53.99
C ARG B 745 -49.73 -155.40 -53.01
N LYS B 746 -48.47 -155.43 -52.57
CA LYS B 746 -47.95 -154.35 -51.67
C LYS B 746 -47.95 -153.02 -52.43
N THR B 747 -47.56 -153.03 -53.70
CA THR B 747 -47.60 -151.77 -54.51
C THR B 747 -49.05 -151.33 -54.67
N ASN B 748 -49.98 -152.27 -54.86
CA ASN B 748 -51.41 -151.92 -54.96
C ASN B 748 -51.87 -151.32 -53.64
N PHE B 749 -51.45 -151.90 -52.52
CA PHE B 749 -51.82 -151.32 -51.20
C PHE B 749 -51.24 -149.91 -51.09
N ARG B 750 -49.99 -149.72 -51.52
CA ARG B 750 -49.34 -148.39 -51.41
C ARG B 750 -50.04 -147.38 -52.32
N MET B 751 -50.42 -147.76 -53.54
CA MET B 751 -51.18 -146.83 -54.42
C MET B 751 -52.56 -146.58 -53.83
N THR B 752 -53.16 -147.59 -53.19
CA THR B 752 -54.46 -147.38 -52.50
C THR B 752 -54.23 -146.39 -51.36
N GLU B 753 -53.12 -146.53 -50.63
CA GLU B 753 -52.81 -145.53 -49.58
C GLU B 753 -52.63 -144.17 -50.24
N LEU B 754 -51.98 -144.09 -51.40
CA LEU B 754 -51.75 -142.77 -52.03
C LEU B 754 -53.10 -142.12 -52.34
N LYS B 755 -54.01 -142.88 -52.96
CA LYS B 755 -55.32 -142.30 -53.35
C LYS B 755 -56.12 -142.01 -52.08
N MET B 756 -55.91 -142.79 -51.02
CA MET B 756 -56.57 -142.49 -49.72
C MET B 756 -56.04 -141.13 -49.25
N ASN B 757 -54.73 -140.91 -49.35
CA ASN B 757 -54.11 -139.63 -48.89
C ASN B 757 -54.63 -138.46 -49.72
N VAL B 758 -54.80 -138.66 -51.04
CA VAL B 758 -55.25 -137.55 -51.93
C VAL B 758 -56.61 -137.08 -51.42
N GLY B 759 -57.48 -138.04 -51.18
CA GLY B 759 -58.83 -137.68 -50.73
C GLY B 759 -58.96 -137.61 -49.23
N LYS B 760 -58.31 -136.63 -48.65
CA LYS B 760 -58.39 -136.49 -47.19
C LYS B 760 -58.87 -135.09 -46.88
N VAL B 761 -59.55 -134.95 -45.74
CA VAL B 761 -60.09 -133.63 -45.34
C VAL B 761 -58.93 -132.66 -45.17
N VAL B 762 -59.14 -131.42 -45.55
CA VAL B 762 -58.05 -130.41 -45.46
C VAL B 762 -58.38 -129.47 -44.31
N ASP B 763 -57.43 -129.30 -43.38
CA ASP B 763 -57.71 -128.49 -42.18
C ASP B 763 -56.94 -127.17 -42.28
N THR B 764 -56.74 -126.65 -43.49
CA THR B 764 -55.93 -125.42 -43.67
C THR B 764 -56.80 -124.15 -43.65
N GLY B 765 -58.13 -124.26 -43.57
CA GLY B 765 -58.98 -123.05 -43.62
C GLY B 765 -58.72 -122.12 -42.42
N ILE B 766 -58.66 -122.67 -41.21
CA ILE B 766 -58.36 -121.86 -40.01
C ILE B 766 -56.92 -121.33 -40.14
N LEU B 767 -56.02 -122.14 -40.69
CA LEU B 767 -54.60 -121.71 -40.85
C LEU B 767 -54.56 -120.52 -41.79
N ASN B 768 -55.31 -120.56 -42.91
CA ASN B 768 -55.35 -119.43 -43.86
C ASN B 768 -55.94 -118.19 -43.18
N SER B 769 -57.02 -118.37 -42.41
CA SER B 769 -57.67 -117.21 -41.74
C SER B 769 -56.69 -116.57 -40.76
N LYS B 770 -55.98 -117.39 -39.98
CA LYS B 770 -54.98 -116.85 -39.02
C LYS B 770 -53.78 -116.25 -39.77
N ILE B 771 -53.39 -116.84 -40.90
CA ILE B 771 -52.27 -116.29 -41.71
C ILE B 771 -52.69 -114.91 -42.20
N ASN B 772 -53.94 -114.76 -42.66
CA ASN B 772 -54.44 -113.43 -43.13
C ASN B 772 -54.44 -112.45 -41.96
N GLU B 773 -54.90 -112.88 -40.77
CA GLU B 773 -54.90 -111.99 -39.59
C GLU B 773 -53.46 -111.58 -39.26
N ARG B 774 -52.54 -112.56 -39.27
CA ARG B 774 -51.13 -112.25 -38.97
C ARG B 774 -50.58 -111.31 -40.06
N LYS B 775 -50.95 -111.53 -41.32
CA LYS B 775 -50.41 -110.69 -42.43
C LYS B 775 -50.86 -109.24 -42.25
N ASN B 776 -52.15 -109.01 -41.96
CA ASN B 776 -52.63 -107.61 -41.76
C ASN B 776 -51.99 -107.03 -40.49
N GLN B 777 -51.84 -107.83 -39.44
CA GLN B 777 -51.17 -107.34 -38.21
C GLN B 777 -49.71 -106.98 -38.52
N GLU B 778 -49.02 -107.83 -39.29
CA GLU B 778 -47.61 -107.58 -39.67
C GLU B 778 -47.55 -106.31 -40.53
N GLN B 779 -48.51 -106.13 -41.44
CA GLN B 779 -48.54 -104.92 -42.29
C GLN B 779 -48.70 -103.69 -41.38
N ALA B 780 -49.59 -103.77 -40.40
CA ALA B 780 -49.77 -102.64 -39.44
C ALA B 780 -48.47 -102.42 -38.68
N ILE B 781 -47.81 -103.49 -38.25
CA ILE B 781 -46.53 -103.38 -37.50
C ILE B 781 -45.46 -102.75 -38.40
N ALA B 782 -45.41 -103.15 -39.67
CA ALA B 782 -44.43 -102.57 -40.61
C ALA B 782 -44.72 -101.08 -40.81
N SER B 783 -46.01 -100.72 -40.94
CA SER B 783 -46.38 -99.30 -41.08
C SER B 783 -45.95 -98.54 -39.82
N TYR B 784 -46.17 -99.15 -38.65
CA TYR B 784 -45.79 -98.51 -37.37
C TYR B 784 -44.26 -98.36 -37.32
N GLU B 785 -43.53 -99.38 -37.77
CA GLU B 785 -42.03 -99.31 -37.78
C GLU B 785 -41.56 -98.21 -38.73
N ALA B 786 -42.16 -98.12 -39.92
CA ALA B 786 -41.79 -97.06 -40.88
C ALA B 786 -42.09 -95.69 -40.26
N ALA B 787 -43.26 -95.58 -39.61
CA ALA B 787 -43.63 -94.31 -38.94
C ALA B 787 -42.62 -94.03 -37.84
N LYS B 788 -42.21 -95.06 -37.11
CA LYS B 788 -41.23 -94.87 -36.02
C LYS B 788 -39.92 -94.33 -36.61
N GLU B 789 -39.43 -94.90 -37.71
CA GLU B 789 -38.12 -94.46 -38.24
C GLU B 789 -38.21 -93.02 -38.70
N GLU B 790 -39.27 -92.70 -39.45
CA GLU B 790 -39.44 -91.32 -39.99
C GLU B 790 -39.65 -90.34 -38.83
N LEU B 791 -40.44 -90.73 -37.83
CA LEU B 791 -40.72 -89.84 -36.67
C LEU B 791 -39.43 -89.66 -35.87
N GLY B 792 -38.60 -90.69 -35.77
CA GLY B 792 -37.30 -90.54 -35.07
C GLY B 792 -36.43 -89.52 -35.78
N LEU B 793 -36.37 -89.58 -37.11
CA LEU B 793 -35.61 -88.56 -37.85
C LEU B 793 -36.24 -87.18 -37.61
N LYS B 794 -37.57 -87.12 -37.62
CA LYS B 794 -38.28 -85.83 -37.44
C LYS B 794 -37.99 -85.26 -36.05
N ILE B 795 -38.04 -86.10 -35.02
CA ILE B 795 -37.79 -85.59 -33.65
C ILE B 795 -36.31 -85.17 -33.56
N GLU B 796 -35.41 -85.90 -34.23
CA GLU B 796 -33.98 -85.54 -34.15
C GLU B 796 -33.79 -84.15 -34.75
N GLN B 797 -34.37 -83.90 -35.93
CA GLN B 797 -34.22 -82.58 -36.58
C GLN B 797 -34.93 -81.53 -35.73
N ILE B 798 -36.08 -81.87 -35.14
CA ILE B 798 -36.84 -80.88 -34.32
C ILE B 798 -35.99 -80.48 -33.12
N ALA B 799 -35.34 -81.46 -32.47
CA ALA B 799 -34.46 -81.16 -31.31
C ALA B 799 -33.28 -80.30 -31.76
N GLN B 800 -32.72 -80.64 -32.93
CA GLN B 800 -31.55 -79.88 -33.45
C GLN B 800 -31.96 -78.43 -33.69
N GLU B 801 -33.15 -78.19 -34.26
CA GLU B 801 -33.65 -76.81 -34.46
C GLU B 801 -34.02 -76.16 -33.12
N ALA B 802 -34.56 -76.94 -32.18
CA ALA B 802 -35.02 -76.39 -30.87
C ALA B 802 -33.84 -75.93 -29.99
N GLN B 803 -32.70 -76.62 -30.05
CA GLN B 803 -31.57 -76.30 -29.14
C GLN B 803 -31.14 -74.83 -29.27
N PRO B 804 -30.99 -74.22 -30.48
CA PRO B 804 -30.69 -72.79 -30.59
C PRO B 804 -31.75 -71.92 -29.90
N ILE B 805 -33.03 -72.31 -29.97
CA ILE B 805 -34.09 -71.54 -29.27
C ILE B 805 -33.83 -71.57 -27.77
N LYS B 806 -33.45 -72.72 -27.21
CA LYS B 806 -33.12 -72.80 -25.76
C LYS B 806 -31.91 -71.91 -25.46
N GLU B 807 -30.91 -71.93 -26.33
CA GLU B 807 -29.69 -71.11 -26.12
C GLU B 807 -30.09 -69.62 -26.13
N GLN B 808 -30.94 -69.23 -27.09
CA GLN B 808 -31.38 -67.82 -27.17
C GLN B 808 -32.18 -67.47 -25.92
N TYR B 809 -33.02 -68.40 -25.43
CA TYR B 809 -33.82 -68.13 -24.21
C TYR B 809 -32.87 -67.91 -23.03
N ASP B 810 -31.84 -68.76 -22.91
CA ASP B 810 -30.88 -68.64 -21.80
C ASP B 810 -30.15 -67.30 -21.89
N SER B 811 -29.72 -66.93 -23.10
CA SER B 811 -29.01 -65.65 -23.29
C SER B 811 -29.94 -64.48 -22.95
N THR B 812 -31.21 -64.56 -23.38
CA THR B 812 -32.19 -63.49 -23.08
C THR B 812 -32.41 -63.40 -21.56
N LYS B 813 -32.53 -64.55 -20.90
CA LYS B 813 -32.74 -64.56 -19.43
C LYS B 813 -31.52 -63.92 -18.75
N LEU B 814 -30.32 -64.29 -19.19
CA LEU B 814 -29.09 -63.73 -18.56
C LEU B 814 -29.05 -62.22 -18.79
N ALA B 815 -29.36 -61.77 -20.00
CA ALA B 815 -29.35 -60.32 -20.29
C ALA B 815 -30.41 -59.64 -19.42
N LEU B 816 -31.60 -60.24 -19.31
CA LEU B 816 -32.70 -59.61 -18.54
C LEU B 816 -32.30 -59.52 -17.07
N VAL B 817 -31.75 -60.60 -16.51
CA VAL B 817 -31.42 -60.58 -15.05
C VAL B 817 -30.29 -59.58 -14.82
N GLU B 818 -29.31 -59.52 -15.72
CA GLU B 818 -28.19 -58.54 -15.59
C GLU B 818 -28.76 -57.13 -15.67
N ALA B 819 -29.66 -56.88 -16.62
CA ALA B 819 -30.28 -55.54 -16.78
C ALA B 819 -31.10 -55.21 -15.53
N GLN B 820 -31.86 -56.18 -15.01
CA GLN B 820 -32.69 -55.94 -13.80
C GLN B 820 -31.77 -55.61 -12.63
N ASP B 821 -30.68 -56.36 -12.47
CA ASP B 821 -29.75 -56.10 -11.34
C ASP B 821 -29.14 -54.72 -11.51
N GLU B 822 -28.73 -54.38 -12.74
CA GLU B 822 -28.10 -53.07 -12.98
C GLU B 822 -29.12 -51.97 -12.70
N LEU B 823 -30.36 -52.18 -13.13
CA LEU B 823 -31.41 -51.15 -12.90
C LEU B 823 -31.63 -50.99 -11.40
N GLN B 824 -31.72 -52.11 -10.68
CA GLN B 824 -32.03 -52.01 -9.22
C GLN B 824 -30.87 -51.30 -8.52
N GLN B 825 -29.63 -51.68 -8.85
CA GLN B 825 -28.46 -51.07 -8.17
C GLN B 825 -28.39 -49.59 -8.55
N LEU B 826 -28.66 -49.27 -9.82
CA LEU B 826 -28.62 -47.85 -10.26
C LEU B 826 -29.72 -47.08 -9.53
N LYS B 827 -30.91 -47.67 -9.41
CA LYS B 827 -32.05 -46.96 -8.75
C LYS B 827 -31.69 -46.71 -7.29
N GLU B 828 -31.13 -47.71 -6.61
CA GLU B 828 -30.72 -47.53 -5.20
C GLU B 828 -29.63 -46.45 -5.13
N ASP B 829 -28.65 -46.52 -6.04
CA ASP B 829 -27.53 -45.56 -6.01
C ASP B 829 -28.06 -44.13 -6.24
N ILE B 830 -28.96 -43.98 -7.21
CA ILE B 830 -29.48 -42.61 -7.53
C ILE B 830 -30.38 -42.13 -6.39
N ASN B 831 -31.14 -43.01 -5.74
CA ASN B 831 -31.95 -42.58 -4.58
C ASN B 831 -31.00 -42.11 -3.48
N SER B 832 -29.93 -42.87 -3.25
CA SER B 832 -28.94 -42.47 -2.22
C SER B 832 -28.30 -41.15 -2.65
N ARG B 833 -28.02 -41.00 -3.94
CA ARG B 833 -27.38 -39.77 -4.45
C ARG B 833 -28.32 -38.57 -4.27
N GLN B 834 -29.62 -38.76 -4.53
CA GLN B 834 -30.61 -37.66 -4.36
C GLN B 834 -30.68 -37.29 -2.88
N SER B 835 -30.67 -38.30 -2.01
CA SER B 835 -30.67 -38.04 -0.56
C SER B 835 -29.35 -37.34 -0.21
N LYS B 836 -28.25 -37.74 -0.87
CA LYS B 836 -26.94 -37.07 -0.66
C LYS B 836 -27.07 -35.61 -1.12
N ILE B 837 -27.76 -35.37 -2.23
CA ILE B 837 -27.96 -33.97 -2.70
C ILE B 837 -28.74 -33.18 -1.65
N GLN B 838 -29.81 -33.77 -1.10
CA GLN B 838 -30.66 -33.03 -0.14
C GLN B 838 -29.85 -32.76 1.14
N LYS B 839 -29.05 -33.75 1.60
CA LYS B 839 -28.22 -33.53 2.81
C LYS B 839 -27.13 -32.51 2.50
N TYR B 840 -26.58 -32.52 1.29
CA TYR B 840 -25.57 -31.50 0.90
C TYR B 840 -26.25 -30.13 0.91
N LYS B 841 -27.50 -30.04 0.45
CA LYS B 841 -28.23 -28.76 0.49
C LYS B 841 -28.42 -28.34 1.95
N ASP B 842 -28.74 -29.28 2.83
CA ASP B 842 -28.87 -28.95 4.28
C ASP B 842 -27.52 -28.48 4.82
N ASP B 843 -26.43 -29.16 4.43
CA ASP B 843 -25.08 -28.77 4.90
C ASP B 843 -24.73 -27.38 4.37
N THR B 844 -25.07 -27.09 3.11
CA THR B 844 -24.82 -25.75 2.54
C THR B 844 -25.67 -24.70 3.27
N ILE B 845 -26.90 -25.05 3.64
CA ILE B 845 -27.75 -24.11 4.44
C ILE B 845 -27.07 -23.85 5.78
N TYR B 846 -26.54 -24.91 6.42
CA TYR B 846 -25.84 -24.74 7.71
C TYR B 846 -24.59 -23.88 7.49
N TYR B 847 -23.86 -24.12 6.40
CA TYR B 847 -22.64 -23.32 6.09
C TYR B 847 -23.04 -21.86 5.85
N GLU B 848 -24.16 -21.64 5.14
CA GLU B 848 -24.64 -20.26 4.90
C GLU B 848 -25.01 -19.61 6.24
N ASP B 849 -25.64 -20.36 7.14
CA ASP B 849 -25.96 -19.81 8.48
C ASP B 849 -24.67 -19.46 9.22
N LYS B 850 -23.67 -20.34 9.14
CA LYS B 850 -22.36 -20.06 9.79
C LYS B 850 -21.75 -18.82 9.14
N LYS B 851 -21.85 -18.71 7.81
CA LYS B 851 -21.29 -17.54 7.08
C LYS B 851 -22.04 -16.27 7.52
N LYS B 852 -23.36 -16.36 7.70
CA LYS B 852 -24.15 -15.19 8.17
C LYS B 852 -23.70 -14.81 9.58
N VAL B 853 -23.46 -15.81 10.44
CA VAL B 853 -22.96 -15.52 11.82
C VAL B 853 -21.58 -14.85 11.69
N TYR B 854 -20.73 -15.36 10.80
CA TYR B 854 -19.39 -14.77 10.60
C TYR B 854 -19.54 -13.35 10.06
N LEU B 855 -20.48 -13.10 9.15
CA LEU B 855 -20.71 -11.74 8.62
C LEU B 855 -21.21 -10.83 9.74
N GLU B 856 -22.07 -11.33 10.62
CA GLU B 856 -22.53 -10.53 11.79
C GLU B 856 -21.32 -10.19 12.66
N ASN B 857 -20.44 -11.17 12.88
CA ASN B 857 -19.21 -10.92 13.67
C ASN B 857 -18.36 -9.87 12.94
N ILE B 858 -18.25 -10.00 11.61
CA ILE B 858 -17.43 -9.04 10.82
C ILE B 858 -18.05 -7.64 10.94
N LYS B 859 -19.37 -7.53 10.88
CA LYS B 859 -20.05 -6.22 11.02
C LYS B 859 -19.80 -5.65 12.41
N LYS B 860 -19.86 -6.48 13.44
CA LYS B 860 -19.57 -6.01 14.82
C LYS B 860 -18.11 -5.55 14.91
N ILE B 861 -17.20 -6.33 14.31
CA ILE B 861 -15.76 -5.91 14.30
C ILE B 861 -15.63 -4.59 13.54
N GLU B 862 -16.35 -4.46 12.42
CA GLU B 862 -16.25 -3.22 11.59
C GLU B 862 -16.79 -2.02 12.38
N VAL B 863 -17.91 -2.18 13.10
CA VAL B 863 -18.45 -1.06 13.92
C VAL B 863 -17.47 -0.74 15.04
N ASN B 864 -16.85 -1.76 15.65
CA ASN B 864 -15.84 -1.51 16.71
C ASN B 864 -14.65 -0.78 16.09
N VAL B 865 -14.22 -1.18 14.89
CA VAL B 865 -13.09 -0.51 14.20
C VAL B 865 -13.49 0.93 13.87
N ALA B 866 -14.74 1.15 13.45
CA ALA B 866 -15.22 2.52 13.15
C ALA B 866 -15.20 3.36 14.42
N ALA B 867 -15.64 2.80 15.55
CA ALA B 867 -15.60 3.54 16.84
C ALA B 867 -14.15 3.83 17.21
N LEU B 868 -13.26 2.84 17.04
CA LEU B 868 -11.82 3.05 17.36
C LEU B 868 -11.26 4.12 16.43
N LYS B 869 -11.64 4.09 15.14
CA LYS B 869 -11.16 5.11 14.17
C LYS B 869 -11.67 6.50 14.56
N GLU B 870 -12.93 6.59 15.02
CA GLU B 870 -13.46 7.90 15.49
C GLU B 870 -12.64 8.35 16.70
N GLY B 871 -12.34 7.44 17.62
CA GLY B 871 -11.50 7.79 18.78
C GLY B 871 -10.12 8.24 18.33
N ILE B 872 -9.54 7.54 17.35
CA ILE B 872 -8.20 7.91 16.81
C ILE B 872 -8.30 9.30 16.17
N GLN B 873 -9.40 9.58 15.46
CA GLN B 873 -9.59 10.92 14.84
C GLN B 873 -9.66 11.98 15.92
N ARG B 874 -10.38 11.72 17.02
CA ARG B 874 -10.44 12.69 18.12
C ARG B 874 -9.03 12.89 18.71
N GLN B 875 -8.31 11.78 18.91
CA GLN B 875 -6.96 11.87 19.53
C GLN B 875 -6.02 12.66 18.62
N ILE B 876 -6.05 12.38 17.31
CA ILE B 876 -5.15 13.11 16.36
C ILE B 876 -5.56 14.58 16.27
N GLN B 877 -6.87 14.89 16.35
CA GLN B 877 -7.31 16.31 16.35
C GLN B 877 -6.79 17.00 17.60
N ASN B 878 -6.83 16.30 18.74
CA ASN B 878 -6.28 16.87 20.00
C ASN B 878 -4.76 17.06 19.83
N ALA B 879 -4.07 16.08 19.23
CA ALA B 879 -2.60 16.16 19.02
C ALA B 879 -2.28 17.33 18.10
N CYS B 880 -3.07 17.54 17.05
CA CYS B 880 -2.87 18.72 16.16
C CYS B 880 -3.14 20.00 16.96
N ALA B 881 -4.17 20.01 17.82
CA ALA B 881 -4.47 21.19 18.68
C ALA B 881 -3.29 21.41 19.62
N PHE B 882 -2.73 20.33 20.19
CA PHE B 882 -1.64 20.45 21.18
C PHE B 882 -0.29 20.25 20.46
N CYS B 883 0.38 21.35 20.09
CA CYS B 883 1.62 21.25 19.28
C CYS B 883 1.25 20.54 17.97
N SER B 884 2.00 19.50 17.59
CA SER B 884 1.64 18.72 16.36
C SER B 884 2.02 17.25 16.55
N LYS B 885 1.17 16.34 16.05
CA LYS B 885 1.50 14.89 16.11
C LYS B 885 2.74 14.57 15.27
N GLU B 886 2.83 15.16 14.07
CA GLU B 886 3.97 14.89 13.14
C GLU B 886 5.27 15.50 13.70
N ARG B 887 5.17 16.53 14.55
CA ARG B 887 6.38 17.22 15.08
C ARG B 887 6.87 16.53 16.37
N ILE B 888 6.18 15.49 16.84
CA ILE B 888 6.56 14.79 18.10
C ILE B 888 7.36 13.52 17.81
N GLU B 889 7.10 12.87 16.67
CA GLU B 889 7.73 11.55 16.38
C GLU B 889 9.26 11.68 16.30
N ASN B 890 9.77 12.84 15.88
CA ASN B 890 11.24 13.05 15.76
C ASN B 890 11.88 12.94 17.14
N VAL B 891 11.21 13.43 18.19
CA VAL B 891 11.80 13.40 19.57
C VAL B 891 11.92 11.96 20.05
N ASP B 892 12.90 11.70 20.92
CA ASP B 892 13.13 10.32 21.42
C ASP B 892 12.65 10.21 22.86
N LEU B 893 11.79 9.22 23.15
CA LEU B 893 11.31 8.98 24.53
C LEU B 893 11.02 7.48 24.67
N PRO B 894 11.19 6.85 25.86
CA PRO B 894 10.82 5.44 26.03
C PRO B 894 9.33 5.19 25.72
N ASP B 895 9.04 4.08 25.04
CA ASP B 895 7.65 3.74 24.63
C ASP B 895 6.78 3.39 25.84
N THR B 896 7.36 2.84 26.91
CA THR B 896 6.54 2.37 28.05
C THR B 896 5.69 3.51 28.63
N GLN B 897 4.40 3.25 28.84
CA GLN B 897 3.47 4.28 29.38
C GLN B 897 3.79 4.60 30.84
N GLU B 898 4.17 3.60 31.63
CA GLU B 898 4.41 3.83 33.08
C GLU B 898 5.58 4.80 33.26
N GLU B 899 6.64 4.64 32.47
CA GLU B 899 7.81 5.55 32.56
C GLU B 899 7.36 6.97 32.19
N ILE B 900 6.55 7.10 31.13
CA ILE B 900 6.07 8.44 30.69
C ILE B 900 5.19 9.05 31.79
N LYS B 901 4.33 8.24 32.41
CA LYS B 901 3.45 8.75 33.50
C LYS B 901 4.33 9.22 34.66
N ARG B 902 5.37 8.46 35.00
CA ARG B 902 6.29 8.86 36.09
C ARG B 902 6.99 10.17 35.72
N GLU B 903 7.43 10.29 34.46
CA GLU B 903 8.10 11.53 34.00
C GLU B 903 7.11 12.70 34.06
N LEU B 904 5.86 12.47 33.67
CA LEU B 904 4.84 13.55 33.72
C LEU B 904 4.62 13.97 35.16
N ASP B 905 4.55 13.00 36.09
CA ASP B 905 4.39 13.35 37.52
C ASP B 905 5.61 14.14 37.99
N LYS B 906 6.81 13.71 37.59
CA LYS B 906 8.05 14.38 38.03
C LYS B 906 8.07 15.82 37.52
N VAL B 907 7.77 16.02 36.24
CA VAL B 907 7.79 17.38 35.64
C VAL B 907 6.66 18.22 36.26
N SER B 908 5.51 17.61 36.54
CA SER B 908 4.39 18.34 37.20
C SER B 908 4.85 18.83 38.58
N ARG B 909 5.53 17.96 39.33
CA ARG B 909 6.04 18.36 40.66
C ARG B 909 7.07 19.46 40.51
N MET B 910 7.92 19.36 39.49
CA MET B 910 8.96 20.39 39.25
C MET B 910 8.27 21.72 38.90
N ILE B 911 7.22 21.66 38.09
CA ILE B 911 6.45 22.89 37.72
C ILE B 911 5.77 23.45 38.98
N GLN B 912 5.23 22.57 39.82
CA GLN B 912 4.58 23.03 41.08
C GLN B 912 5.63 23.72 41.98
N LYS B 913 6.84 23.16 42.06
CA LYS B 913 7.91 23.79 42.87
C LYS B 913 8.26 25.16 42.27
N ALA B 914 8.37 25.24 40.95
CA ALA B 914 8.67 26.54 40.30
C ALA B 914 7.51 27.51 40.57
N GLU B 915 6.28 27.04 40.50
CA GLU B 915 5.10 27.92 40.71
C GLU B 915 5.11 28.44 42.15
N LYS B 916 5.36 27.56 43.12
CA LYS B 916 5.35 27.97 44.55
C LYS B 916 6.51 28.95 44.81
N SER B 917 7.65 28.74 44.15
CA SER B 917 8.78 29.70 44.30
C SER B 917 8.39 31.06 43.69
N LEU B 918 7.77 31.05 42.51
CA LEU B 918 7.30 32.32 41.86
C LEU B 918 6.09 32.87 42.62
N GLY B 919 5.23 32.00 43.16
CA GLY B 919 4.02 32.41 43.89
C GLY B 919 2.82 32.63 42.96
N LEU B 920 2.92 33.58 42.03
CA LEU B 920 1.80 33.84 41.08
C LEU B 920 1.82 32.83 39.92
N SER B 921 0.62 32.49 39.40
CA SER B 921 0.51 31.55 38.26
C SER B 921 1.22 32.11 37.03
N GLN B 922 1.91 31.26 36.26
CA GLN B 922 2.70 31.74 35.10
C GLN B 922 1.80 32.45 34.08
N GLU B 923 0.58 31.95 33.88
CA GLU B 923 -0.36 32.60 32.92
C GLU B 923 -0.66 34.01 33.42
N GLU B 924 -0.91 34.15 34.72
CA GLU B 924 -1.18 35.50 35.28
C GLU B 924 0.04 36.39 35.08
N VAL B 925 1.25 35.87 35.34
CA VAL B 925 2.48 36.69 35.24
C VAL B 925 2.69 37.11 33.77
N ILE B 926 2.49 36.18 32.82
CA ILE B 926 2.71 36.53 31.39
C ILE B 926 1.64 37.54 30.94
N ALA B 927 0.40 37.39 31.42
CA ALA B 927 -0.64 38.38 31.09
C ALA B 927 -0.27 39.73 31.71
N LEU B 928 0.26 39.71 32.93
CA LEU B 928 0.69 40.97 33.60
C LEU B 928 1.83 41.58 32.79
N PHE B 929 2.76 40.76 32.29
CA PHE B 929 3.86 41.31 31.46
C PHE B 929 3.28 41.92 30.18
N GLU B 930 2.32 41.24 29.56
CA GLU B 930 1.75 41.76 28.29
C GLU B 930 1.06 43.10 28.56
N LYS B 931 0.23 43.18 29.61
CA LYS B 931 -0.48 44.44 29.94
C LYS B 931 0.56 45.50 30.34
N CYS B 932 1.61 45.12 31.06
CA CYS B 932 2.67 46.08 31.45
C CYS B 932 3.37 46.61 30.20
N ARG B 933 3.63 45.75 29.20
CA ARG B 933 4.26 46.18 27.93
C ARG B 933 3.32 47.16 27.22
N ASN B 934 2.02 46.86 27.19
CA ASN B 934 1.03 47.77 26.55
C ASN B 934 1.02 49.10 27.30
N LYS B 935 1.03 49.06 28.63
CA LYS B 935 1.06 50.30 29.43
C LYS B 935 2.37 51.06 29.17
N TYR B 936 3.49 50.34 29.06
CA TYR B 936 4.80 50.99 28.80
C TYR B 936 4.74 51.68 27.45
N LYS B 937 4.20 51.01 26.43
CA LYS B 937 4.14 51.60 25.07
C LYS B 937 3.24 52.83 25.08
N GLU B 938 2.07 52.73 25.71
CA GLU B 938 1.13 53.89 25.73
C GLU B 938 1.75 55.02 26.56
N GLY B 939 2.43 54.68 27.66
CA GLY B 939 3.09 55.70 28.50
C GLY B 939 4.21 56.37 27.73
N GLN B 940 4.97 55.60 26.96
CA GLN B 940 6.06 56.18 26.13
C GLN B 940 5.45 57.12 25.07
N LYS B 941 4.36 56.70 24.44
CA LYS B 941 3.69 57.56 23.44
C LYS B 941 3.17 58.83 24.12
N LYS B 942 2.56 58.69 25.29
CA LYS B 942 2.03 59.87 26.04
C LYS B 942 3.20 60.78 26.41
N TYR B 943 4.31 60.20 26.88
CA TYR B 943 5.49 61.00 27.29
C TYR B 943 6.04 61.74 26.07
N MET B 944 6.13 61.05 24.93
CA MET B 944 6.65 61.71 23.69
C MET B 944 5.71 62.83 23.28
N GLU B 945 4.39 62.60 23.34
CA GLU B 945 3.41 63.64 22.96
C GLU B 945 3.54 64.83 23.91
N ILE B 946 3.65 64.57 25.22
CA ILE B 946 3.76 65.66 26.22
C ILE B 946 5.07 66.41 25.98
N ASP B 947 6.16 65.69 25.71
CA ASP B 947 7.47 66.36 25.48
C ASP B 947 7.39 67.24 24.24
N GLU B 948 6.80 66.70 23.16
CA GLU B 948 6.68 67.48 21.90
C GLU B 948 5.81 68.72 22.15
N ALA B 949 4.70 68.54 22.87
CA ALA B 949 3.79 69.68 23.15
C ALA B 949 4.53 70.71 24.02
N LEU B 950 5.27 70.25 25.02
CA LEU B 950 6.01 71.17 25.92
C LEU B 950 7.07 71.94 25.12
N ASN B 951 7.79 71.23 24.25
CA ASN B 951 8.84 71.89 23.42
C ASN B 951 8.18 72.92 22.50
N ARG B 952 7.08 72.54 21.86
CA ARG B 952 6.38 73.49 20.94
C ARG B 952 5.88 74.68 21.75
N LEU B 953 5.33 74.43 22.94
CA LEU B 953 4.83 75.54 23.79
C LEU B 953 6.00 76.44 24.21
N HIS B 954 7.14 75.84 24.56
CA HIS B 954 8.32 76.64 24.97
C HIS B 954 8.79 77.51 23.80
N ASN B 955 8.88 76.93 22.61
CA ASN B 955 9.31 77.71 21.42
C ASN B 955 8.27 78.80 21.12
N SER B 956 6.99 78.46 21.20
CA SER B 956 5.92 79.45 20.94
C SER B 956 5.99 80.56 21.99
N LEU B 957 6.24 80.20 23.25
CA LEU B 957 6.33 81.21 24.32
C LEU B 957 7.52 82.14 24.06
N LYS B 958 8.66 81.57 23.65
CA LYS B 958 9.85 82.41 23.36
C LYS B 958 9.52 83.35 22.19
N ALA B 959 8.90 82.82 21.13
CA ALA B 959 8.57 83.66 19.96
C ALA B 959 7.58 84.74 20.41
N ARG B 960 6.56 84.35 21.17
CA ARG B 960 5.53 85.33 21.61
C ARG B 960 6.19 86.39 22.50
N ASP B 961 7.10 85.97 23.37
CA ASP B 961 7.77 86.93 24.29
C ASP B 961 8.57 87.93 23.44
N GLN B 962 9.32 87.43 22.46
CA GLN B 962 10.13 88.33 21.61
C GLN B 962 9.19 89.26 20.84
N ASN B 963 8.12 88.72 20.27
CA ASN B 963 7.18 89.54 19.47
C ASN B 963 6.54 90.59 20.38
N TYR B 964 6.11 90.17 21.57
CA TYR B 964 5.43 91.10 22.50
C TYR B 964 6.41 92.20 22.91
N LYS B 965 7.66 91.82 23.20
CA LYS B 965 8.66 92.83 23.61
C LYS B 965 8.89 93.82 22.48
N ASN B 966 9.00 93.32 21.24
CA ASN B 966 9.22 94.23 20.09
C ASN B 966 8.01 95.15 19.92
N ALA B 967 6.80 94.59 20.00
CA ALA B 967 5.57 95.40 19.82
C ALA B 967 5.47 96.44 20.95
N GLU B 968 5.76 96.01 22.18
CA GLU B 968 5.65 96.94 23.33
C GLU B 968 6.68 98.05 23.17
N LYS B 969 7.90 97.69 22.77
CA LYS B 969 8.96 98.72 22.61
C LYS B 969 8.52 99.70 21.53
N GLY B 970 8.00 99.19 20.41
CA GLY B 970 7.55 100.07 19.31
C GLY B 970 6.43 100.96 19.74
N THR B 971 5.44 100.41 20.44
CA THR B 971 4.28 101.21 20.89
C THR B 971 4.75 102.27 21.88
N CYS B 972 5.61 101.88 22.82
CA CYS B 972 6.09 102.83 23.85
C CYS B 972 6.91 103.93 23.17
N PHE B 973 7.73 103.56 22.18
CA PHE B 973 8.57 104.55 21.47
C PHE B 973 7.66 105.53 20.72
N ASP B 974 6.62 105.01 20.07
CA ASP B 974 5.68 105.89 19.33
C ASP B 974 4.96 106.82 20.31
N ALA B 975 4.51 106.25 21.43
CA ALA B 975 3.79 107.07 22.42
C ALA B 975 4.73 108.14 22.98
N ASP B 976 5.98 107.75 23.27
CA ASP B 976 6.95 108.72 23.85
C ASP B 976 7.20 109.84 22.85
N MET B 977 7.40 109.48 21.58
CA MET B 977 7.69 110.50 20.55
C MET B 977 6.49 111.43 20.38
N ASP B 978 5.28 110.86 20.35
CA ASP B 978 4.06 111.68 20.19
C ASP B 978 3.92 112.60 21.40
N PHE B 979 4.18 112.08 22.61
CA PHE B 979 4.05 112.90 23.84
C PHE B 979 5.07 114.04 23.81
N ARG B 980 6.31 113.75 23.40
CA ARG B 980 7.36 114.80 23.33
C ARG B 980 6.94 115.86 22.30
N ALA B 981 6.40 115.43 21.17
CA ALA B 981 5.94 116.38 20.13
C ALA B 981 4.77 117.22 20.67
N SER B 982 3.85 116.58 21.39
CA SER B 982 2.67 117.30 21.94
C SER B 982 3.12 118.35 22.96
N LEU B 983 4.10 118.02 23.80
CA LEU B 983 4.52 118.95 24.90
C LEU B 983 5.26 120.17 24.35
N LYS B 984 5.73 120.10 23.10
CA LYS B 984 6.44 121.25 22.48
C LYS B 984 5.50 122.45 22.30
N VAL B 985 4.19 122.21 22.22
CA VAL B 985 3.20 123.30 22.01
C VAL B 985 3.26 124.28 23.19
N ARG B 986 3.39 123.75 24.42
CA ARG B 986 3.37 124.60 25.63
C ARG B 986 4.80 124.98 26.02
N LYS B 987 5.77 124.80 25.11
CA LYS B 987 7.20 125.14 25.38
C LYS B 987 7.70 124.29 26.56
N PHE B 988 7.28 123.03 26.62
CA PHE B 988 7.73 122.14 27.71
C PHE B 988 8.55 120.99 27.12
N SER B 989 9.42 120.41 27.94
CA SER B 989 10.18 119.22 27.48
C SER B 989 9.78 118.03 28.36
N GLY B 990 9.18 117.00 27.78
CA GLY B 990 8.66 115.89 28.60
C GLY B 990 9.03 114.54 28.07
N ASN B 991 8.90 113.50 28.91
CA ASN B 991 9.19 112.12 28.46
C ASN B 991 8.37 111.13 29.29
N LEU B 992 8.19 109.93 28.77
CA LEU B 992 7.43 108.87 29.48
C LEU B 992 8.38 107.74 29.85
N SER B 993 8.21 107.18 31.05
CA SER B 993 9.02 106.00 31.45
C SER B 993 8.08 104.87 31.88
N PHE B 994 8.24 103.70 31.28
CA PHE B 994 7.40 102.54 31.67
C PHE B 994 8.24 101.61 32.53
N ILE B 995 7.77 101.32 33.75
CA ILE B 995 8.58 100.48 34.68
C ILE B 995 7.82 99.19 34.93
N LYS B 996 8.40 98.05 34.58
CA LYS B 996 7.77 96.73 34.84
C LYS B 996 7.86 96.41 36.34
N ASP B 997 8.94 96.83 37.01
CA ASP B 997 9.12 96.50 38.44
C ASP B 997 7.97 97.12 39.23
N THR B 998 7.64 98.38 38.95
CA THR B 998 6.49 99.04 39.63
C THR B 998 5.23 98.91 38.77
N LYS B 999 5.34 98.38 37.55
CA LYS B 999 4.18 98.25 36.62
C LYS B 999 3.51 99.63 36.50
N SER B 1000 4.30 100.69 36.34
CA SER B 1000 3.72 102.05 36.33
C SER B 1000 4.29 102.91 35.19
N LEU B 1001 3.52 103.91 34.77
CA LEU B 1001 4.01 104.86 33.74
C LEU B 1001 4.29 106.19 34.44
N GLU B 1002 5.52 106.67 34.34
CA GLU B 1002 5.90 107.94 35.01
C GLU B 1002 6.13 109.00 33.94
N ILE B 1003 5.53 110.17 34.14
CA ILE B 1003 5.69 111.28 33.16
C ILE B 1003 6.61 112.32 33.79
N TYR B 1004 7.69 112.65 33.09
CA TYR B 1004 8.62 113.69 33.60
C TYR B 1004 8.51 114.90 32.68
N ILE B 1005 8.17 116.06 33.25
CA ILE B 1005 7.98 117.29 32.43
C ILE B 1005 8.88 118.40 32.96
N LEU B 1006 9.60 119.08 32.07
CA LEU B 1006 10.42 120.25 32.49
C LEU B 1006 9.80 121.49 31.85
N THR B 1007 9.45 122.47 32.67
CA THR B 1007 8.85 123.73 32.16
C THR B 1007 9.95 124.78 31.97
N THR B 1008 9.55 126.00 31.58
CA THR B 1008 10.54 127.09 31.38
C THR B 1008 11.19 127.52 32.70
N ASN B 1009 10.46 127.52 33.81
CA ASN B 1009 11.01 128.01 35.11
C ASN B 1009 12.03 127.06 35.71
N ASP B 1010 11.68 125.77 35.85
CA ASP B 1010 12.58 124.83 36.57
C ASP B 1010 13.69 124.34 35.65
N GLU B 1011 14.86 124.03 36.22
CA GLU B 1011 15.98 123.50 35.42
C GLU B 1011 16.05 121.97 35.53
N LYS B 1012 15.16 121.35 36.33
CA LYS B 1012 15.19 119.88 36.54
C LYS B 1012 13.82 119.29 36.20
N ALA B 1013 13.81 118.13 35.56
CA ALA B 1013 12.52 117.56 35.12
C ALA B 1013 11.83 116.98 36.33
N ARG B 1014 10.80 117.67 36.81
CA ARG B 1014 10.07 117.20 38.01
C ARG B 1014 9.02 116.15 37.64
N ASN B 1015 8.51 115.44 38.65
CA ASN B 1015 7.43 114.46 38.40
C ASN B 1015 6.17 115.20 37.95
N VAL B 1016 5.37 114.56 37.09
CA VAL B 1016 4.12 115.20 36.57
C VAL B 1016 3.17 115.49 37.73
N ASP B 1017 3.19 114.66 38.78
CA ASP B 1017 2.31 114.89 39.96
C ASP B 1017 2.70 116.21 40.64
N THR B 1018 3.97 116.60 40.58
CA THR B 1018 4.42 117.87 41.18
C THR B 1018 4.20 119.04 40.21
N LEU B 1019 2.96 119.21 39.73
CA LEU B 1019 2.63 120.30 38.77
C LEU B 1019 1.25 120.87 39.10
N SER B 1020 0.86 121.93 38.38
CA SER B 1020 -0.48 122.54 38.60
C SER B 1020 -1.57 121.70 37.91
N GLY B 1021 -2.84 121.99 38.21
CA GLY B 1021 -3.96 121.26 37.61
C GLY B 1021 -4.02 121.41 36.09
N GLY B 1022 -3.80 122.62 35.59
CA GLY B 1022 -3.80 122.86 34.12
C GLY B 1022 -2.70 122.08 33.43
N GLU B 1023 -1.50 122.08 34.00
CA GLU B 1023 -0.37 121.32 33.41
C GLU B 1023 -0.69 119.82 33.42
N LYS B 1024 -1.25 119.33 34.52
CA LYS B 1024 -1.62 117.89 34.62
C LYS B 1024 -2.70 117.56 33.59
N SER B 1025 -3.68 118.42 33.42
CA SER B 1025 -4.76 118.17 32.43
C SER B 1025 -4.16 118.16 31.02
N PHE B 1026 -3.24 119.09 30.74
CA PHE B 1026 -2.58 119.12 29.40
C PHE B 1026 -1.78 117.84 29.21
N SER B 1027 -1.08 117.40 30.26
CA SER B 1027 -0.28 116.16 30.17
C SER B 1027 -1.21 114.97 29.91
N GLN B 1028 -2.37 114.94 30.57
CA GLN B 1028 -3.34 113.84 30.36
C GLN B 1028 -3.85 113.87 28.91
N MET B 1029 -4.14 115.07 28.39
CA MET B 1029 -4.63 115.18 26.99
C MET B 1029 -3.52 114.71 26.04
N ALA B 1030 -2.28 115.10 26.31
CA ALA B 1030 -1.14 114.69 25.45
C ALA B 1030 -0.97 113.18 25.53
N LEU B 1031 -1.14 112.60 26.72
CA LEU B 1031 -1.04 111.13 26.88
C LEU B 1031 -2.16 110.46 26.06
N LEU B 1032 -3.37 111.04 26.07
CA LEU B 1032 -4.49 110.44 25.30
C LEU B 1032 -4.15 110.46 23.82
N LEU B 1033 -3.63 111.59 23.32
CA LEU B 1033 -3.24 111.67 21.90
C LEU B 1033 -2.09 110.68 21.62
N ALA B 1034 -1.12 110.61 22.53
CA ALA B 1034 0.05 109.72 22.34
C ALA B 1034 -0.37 108.25 22.41
N THR B 1035 -1.44 107.93 23.15
CA THR B 1035 -1.98 106.54 23.16
C THR B 1035 -2.79 106.26 21.89
N TRP B 1036 -3.50 107.27 21.36
CA TRP B 1036 -4.25 107.09 20.09
C TRP B 1036 -3.26 106.90 18.93
N LYS B 1037 -2.11 107.57 18.97
CA LYS B 1037 -1.17 107.55 17.82
C LYS B 1037 -0.65 106.16 17.47
N PRO B 1038 -0.14 105.32 18.40
CA PRO B 1038 0.48 104.05 18.02
C PRO B 1038 -0.47 103.12 17.27
N MET B 1039 -1.73 103.07 17.70
CA MET B 1039 -2.73 102.23 16.97
C MET B 1039 -3.26 103.04 15.79
N ARG B 1040 -2.91 102.63 14.58
CA ARG B 1040 -3.34 103.45 13.42
C ARG B 1040 -4.84 103.20 13.22
N SER B 1041 -5.65 104.22 13.49
CA SER B 1041 -7.12 104.06 13.39
C SER B 1041 -7.65 104.98 12.29
N ARG B 1042 -8.41 104.43 11.36
CA ARG B 1042 -9.01 105.27 10.28
C ARG B 1042 -9.99 106.25 10.91
N ILE B 1043 -10.81 105.79 11.85
CA ILE B 1043 -11.84 106.67 12.46
C ILE B 1043 -11.67 106.69 13.98
N ILE B 1044 -11.58 107.89 14.58
CA ILE B 1044 -11.52 108.00 16.06
C ILE B 1044 -12.64 108.96 16.49
N ALA B 1045 -13.46 108.55 17.46
CA ALA B 1045 -14.56 109.42 17.94
C ALA B 1045 -14.38 109.71 19.43
N LEU B 1046 -14.57 110.97 19.81
CA LEU B 1046 -14.45 111.35 21.25
C LEU B 1046 -15.64 112.21 21.66
N ASP B 1047 -16.11 112.03 22.90
CA ASP B 1047 -17.23 112.84 23.44
C ASP B 1047 -16.70 114.12 24.09
N GLU B 1048 -17.56 114.84 24.81
CA GLU B 1048 -17.15 116.15 25.40
C GLU B 1048 -16.04 115.99 26.44
N PHE B 1049 -15.14 116.97 26.50
CA PHE B 1049 -14.07 116.97 27.54
C PHE B 1049 -14.04 118.32 28.27
N ASP B 1050 -15.07 119.16 28.08
CA ASP B 1050 -15.05 120.53 28.67
C ASP B 1050 -15.13 120.49 30.20
N VAL B 1051 -15.75 119.47 30.78
CA VAL B 1051 -15.91 119.37 32.27
C VAL B 1051 -14.56 119.07 32.95
N PHE B 1052 -13.62 118.42 32.27
CA PHE B 1052 -12.32 118.02 32.88
C PHE B 1052 -11.29 119.17 32.89
N MET B 1053 -11.51 120.22 32.09
CA MET B 1053 -10.56 121.37 32.06
C MET B 1053 -11.33 122.68 32.25
N ASP B 1054 -10.76 123.62 33.00
CA ASP B 1054 -11.51 124.86 33.32
C ASP B 1054 -10.87 126.09 32.69
N GLN B 1055 -11.66 126.85 31.94
CA GLN B 1055 -11.17 128.16 31.42
C GLN B 1055 -9.95 128.01 30.50
N VAL B 1056 -8.83 128.65 30.83
CA VAL B 1056 -7.66 128.70 29.91
C VAL B 1056 -7.16 127.30 29.53
N ASN B 1057 -7.04 126.40 30.50
CA ASN B 1057 -6.49 125.05 30.20
C ASN B 1057 -7.42 124.32 29.21
N ARG B 1058 -8.74 124.54 29.31
CA ARG B 1058 -9.67 123.93 28.32
C ARG B 1058 -9.37 124.45 26.91
N LYS B 1059 -9.16 125.76 26.77
CA LYS B 1059 -8.84 126.34 25.44
C LYS B 1059 -7.50 125.77 24.95
N ILE B 1060 -6.52 125.65 25.84
CA ILE B 1060 -5.18 125.13 25.46
C ILE B 1060 -5.33 123.67 25.01
N GLY B 1061 -6.12 122.87 25.73
CA GLY B 1061 -6.36 121.47 25.34
C GLY B 1061 -7.04 121.38 23.99
N THR B 1062 -8.05 122.22 23.76
CA THR B 1062 -8.76 122.23 22.45
C THR B 1062 -7.78 122.60 21.34
N THR B 1063 -6.93 123.61 21.59
CA THR B 1063 -5.93 124.03 20.58
C THR B 1063 -4.97 122.87 20.30
N LEU B 1064 -4.53 122.17 21.35
CA LEU B 1064 -3.60 121.03 21.16
C LEU B 1064 -4.30 119.96 20.32
N ILE B 1065 -5.56 119.69 20.62
CA ILE B 1065 -6.29 118.62 19.87
C ILE B 1065 -6.36 119.03 18.41
N VAL B 1066 -6.73 120.29 18.15
CA VAL B 1066 -6.89 120.73 16.75
C VAL B 1066 -5.54 120.64 16.04
N LYS B 1067 -4.48 121.13 16.67
CA LYS B 1067 -3.16 121.16 16.01
C LYS B 1067 -2.67 119.74 15.74
N LYS B 1068 -2.84 118.85 16.72
CA LYS B 1068 -2.31 117.47 16.58
C LYS B 1068 -3.17 116.61 15.63
N LEU B 1069 -4.46 116.92 15.48
CA LEU B 1069 -5.33 116.02 14.67
C LEU B 1069 -5.66 116.58 13.27
N LYS B 1070 -5.57 117.90 13.05
CA LYS B 1070 -5.84 118.47 11.70
C LYS B 1070 -4.75 118.07 10.71
N ASP B 1071 -3.50 117.94 11.15
CA ASP B 1071 -2.37 117.64 10.23
C ASP B 1071 -2.49 116.23 9.65
N ILE B 1072 -2.85 115.25 10.49
CA ILE B 1072 -2.85 113.84 10.01
C ILE B 1072 -4.07 113.61 9.09
N ALA B 1073 -3.83 113.02 7.91
CA ALA B 1073 -4.93 112.73 6.97
C ALA B 1073 -5.35 111.25 7.08
N ARG B 1074 -4.49 110.40 7.64
CA ARG B 1074 -4.78 108.95 7.76
C ARG B 1074 -5.93 108.71 8.75
N THR B 1075 -6.11 109.63 9.70
CA THR B 1075 -7.14 109.42 10.75
C THR B 1075 -8.25 110.46 10.64
N GLN B 1076 -9.51 110.03 10.65
CA GLN B 1076 -10.65 110.97 10.65
C GLN B 1076 -11.16 111.05 12.09
N THR B 1077 -11.21 112.25 12.65
CA THR B 1077 -11.58 112.39 14.07
C THR B 1077 -12.95 113.08 14.20
N ILE B 1078 -13.84 112.48 14.99
CA ILE B 1078 -15.16 113.12 15.25
C ILE B 1078 -15.18 113.53 16.73
N ILE B 1079 -15.17 114.83 16.98
CA ILE B 1079 -15.18 115.33 18.38
C ILE B 1079 -16.56 115.91 18.64
N ILE B 1080 -17.22 115.44 19.69
CA ILE B 1080 -18.57 115.96 20.02
C ILE B 1080 -18.47 116.76 21.32
N THR B 1081 -18.56 118.09 21.22
CA THR B 1081 -18.46 118.96 22.42
C THR B 1081 -19.59 119.98 22.41
N PRO B 1082 -20.20 120.31 23.57
CA PRO B 1082 -21.26 121.32 23.64
C PRO B 1082 -20.72 122.75 23.47
N GLN B 1083 -19.49 123.02 23.92
CA GLN B 1083 -18.94 124.40 23.86
C GLN B 1083 -18.82 124.84 22.40
N ASP B 1084 -19.16 126.11 22.12
CA ASP B 1084 -19.14 126.59 20.72
C ASP B 1084 -17.69 126.76 20.29
N ILE B 1085 -17.26 125.97 19.30
CA ILE B 1085 -15.86 126.06 18.78
C ILE B 1085 -15.68 127.41 18.07
N GLY B 1086 -16.75 127.94 17.47
CA GLY B 1086 -16.68 129.21 16.73
C GLY B 1086 -16.18 130.35 17.62
N LYS B 1087 -16.50 130.30 18.91
CA LYS B 1087 -15.99 131.33 19.85
C LYS B 1087 -14.46 131.30 19.88
N ILE B 1088 -13.87 130.10 19.81
CA ILE B 1088 -12.38 129.97 19.85
C ILE B 1088 -11.77 130.64 18.61
N ALA B 1089 -10.71 131.41 18.81
CA ALA B 1089 -10.02 132.11 17.69
C ALA B 1089 -9.40 131.10 16.73
N ASP B 1090 -9.02 129.92 17.22
CA ASP B 1090 -8.32 128.92 16.38
C ASP B 1090 -9.36 128.14 15.57
N ILE B 1091 -10.04 128.80 14.64
CA ILE B 1091 -11.01 128.10 13.74
C ILE B 1091 -10.60 128.41 12.31
N ASP B 1092 -9.68 129.38 12.13
CA ASP B 1092 -9.23 129.78 10.77
C ASP B 1092 -8.45 128.64 10.10
N SER B 1093 -7.84 127.75 10.89
CA SER B 1093 -7.01 126.66 10.32
C SER B 1093 -7.84 125.73 9.42
N SER B 1094 -7.27 125.34 8.28
CA SER B 1094 -7.98 124.46 7.32
C SER B 1094 -8.02 123.02 7.83
N GLY B 1095 -8.93 122.21 7.29
CA GLY B 1095 -9.00 120.78 7.68
C GLY B 1095 -9.85 120.56 8.92
N VAL B 1096 -10.42 121.61 9.49
CA VAL B 1096 -11.32 121.44 10.66
C VAL B 1096 -12.76 121.72 10.22
N SER B 1097 -13.65 120.77 10.46
CA SER B 1097 -15.07 120.94 10.06
C SER B 1097 -15.93 121.07 11.31
N ILE B 1098 -16.73 122.14 11.37
CA ILE B 1098 -17.60 122.36 12.56
C ILE B 1098 -19.04 122.13 12.12
N HIS B 1099 -19.72 121.19 12.77
CA HIS B 1099 -21.13 120.90 12.43
C HIS B 1099 -22.00 121.29 13.61
N ARG B 1100 -22.58 122.49 13.57
CA ARG B 1100 -23.37 122.98 14.73
C ARG B 1100 -24.84 122.67 14.45
N MET B 1101 -25.49 122.03 15.42
CA MET B 1101 -26.92 121.67 15.23
C MET B 1101 -27.77 122.92 15.44
N ARG B 1102 -28.57 123.27 14.43
CA ARG B 1102 -29.42 124.51 14.52
C ARG B 1102 -30.43 124.35 15.65
N ASP B 1103 -31.02 123.17 15.77
CA ASP B 1103 -32.07 122.94 16.80
C ASP B 1103 -31.37 122.59 18.12
N PRO B 1104 -31.56 123.39 19.21
CA PRO B 1104 -31.00 123.04 20.51
C PRO B 1104 -31.78 121.89 21.17
N ASN C 4 -24.36 -40.53 32.76
CA ASN C 4 -24.26 -41.16 34.10
C ASN C 4 -23.40 -42.42 34.02
N ASP C 5 -22.52 -42.63 35.00
CA ASP C 5 -21.69 -43.87 35.05
C ASP C 5 -20.90 -44.00 33.75
N ASN C 6 -21.11 -45.09 33.01
CA ASN C 6 -20.45 -45.27 31.70
C ASN C 6 -20.93 -44.16 30.76
N PRO C 7 -20.03 -43.39 30.11
CA PRO C 7 -20.48 -42.27 29.28
C PRO C 7 -21.07 -42.74 27.95
N ILE C 8 -22.26 -43.34 28.01
CA ILE C 8 -22.97 -43.73 26.75
C ILE C 8 -24.28 -42.93 26.73
N PRO C 9 -24.38 -41.84 25.95
CA PRO C 9 -25.62 -41.08 25.84
C PRO C 9 -26.71 -41.92 25.18
N LYS C 10 -27.96 -41.69 25.59
CA LYS C 10 -29.09 -42.44 24.99
C LYS C 10 -29.16 -42.12 23.49
N SER C 11 -29.03 -40.85 23.12
CA SER C 11 -29.16 -40.45 21.69
C SER C 11 -28.26 -39.25 21.38
N VAL C 12 -27.91 -39.07 20.11
CA VAL C 12 -27.02 -37.95 19.70
C VAL C 12 -27.64 -37.26 18.48
N PRO C 13 -27.36 -35.97 18.23
CA PRO C 13 -27.85 -35.29 17.03
C PRO C 13 -27.25 -35.90 15.76
N LEU C 14 -28.03 -35.87 14.66
CA LEU C 14 -27.57 -36.49 13.39
C LEU C 14 -26.35 -35.75 12.83
N HIS C 15 -25.42 -36.50 12.24
CA HIS C 15 -24.19 -35.92 11.63
C HIS C 15 -24.27 -36.12 10.11
N PRO C 16 -23.54 -35.35 9.27
CA PRO C 16 -23.55 -35.57 7.83
C PRO C 16 -23.08 -36.99 7.47
N LYS C 17 -22.04 -37.50 8.15
CA LYS C 17 -21.60 -38.90 7.89
C LYS C 17 -22.75 -39.83 8.29
N SER C 18 -23.40 -39.55 9.43
CA SER C 18 -24.59 -40.34 9.84
C SER C 18 -25.72 -40.11 8.84
N GLY C 19 -25.81 -38.90 8.28
CA GLY C 19 -26.85 -38.57 7.29
C GLY C 19 -26.70 -39.42 6.04
N LYS C 20 -25.46 -39.71 5.63
CA LYS C 20 -25.27 -40.61 4.47
C LYS C 20 -25.91 -41.97 4.74
N TYR C 21 -25.65 -42.56 5.91
CA TYR C 21 -26.26 -43.87 6.27
C TYR C 21 -27.77 -43.75 6.42
N PHE C 22 -28.26 -42.63 6.95
CA PHE C 22 -29.72 -42.42 7.11
C PHE C 22 -30.37 -42.42 5.74
N HIS C 23 -29.74 -41.74 4.78
CA HIS C 23 -30.26 -41.69 3.39
C HIS C 23 -30.15 -43.07 2.75
N ASN C 24 -29.06 -43.79 3.03
CA ASN C 24 -28.87 -45.14 2.46
C ASN C 24 -29.94 -46.10 2.99
N LEU C 25 -30.31 -45.95 4.27
CA LEU C 25 -31.29 -46.88 4.89
C LEU C 25 -32.64 -46.72 4.19
N HIS C 26 -33.28 -47.83 3.87
CA HIS C 26 -34.62 -47.77 3.23
C HIS C 26 -35.36 -49.07 3.55
N ALA C 27 -36.68 -49.06 3.42
CA ALA C 27 -37.44 -50.32 3.60
C ALA C 27 -37.16 -51.22 2.40
N ARG C 28 -37.02 -52.53 2.61
CA ARG C 28 -36.86 -53.42 1.44
C ARG C 28 -38.12 -53.28 0.59
N ASP C 29 -37.98 -53.13 -0.73
CA ASP C 29 -39.18 -52.89 -1.56
C ASP C 29 -39.72 -54.23 -2.02
N LEU C 30 -41.01 -54.46 -1.79
CA LEU C 30 -41.62 -55.74 -2.21
C LEU C 30 -42.62 -55.50 -3.33
N SER C 31 -42.64 -54.30 -3.93
CA SER C 31 -43.67 -54.01 -4.96
C SER C 31 -43.51 -54.98 -6.14
N ASN C 32 -42.27 -55.21 -6.58
CA ASN C 32 -42.02 -56.17 -7.68
C ASN C 32 -42.46 -57.58 -7.24
N ILE C 33 -42.13 -57.96 -6.01
CA ILE C 33 -42.50 -59.32 -5.52
C ILE C 33 -44.03 -59.43 -5.47
N TYR C 34 -44.70 -58.39 -4.98
CA TYR C 34 -46.18 -58.42 -4.89
C TYR C 34 -46.77 -58.51 -6.29
N GLN C 35 -46.22 -57.74 -7.24
CA GLN C 35 -46.73 -57.78 -8.63
C GLN C 35 -46.51 -59.18 -9.22
N GLN C 36 -45.35 -59.77 -8.98
CA GLN C 36 -45.07 -61.15 -9.50
C GLN C 36 -46.03 -62.15 -8.85
N CYS C 37 -46.24 -62.02 -7.54
CA CYS C 37 -47.17 -62.94 -6.82
C CYS C 37 -48.60 -62.77 -7.35
N TYR C 38 -49.02 -61.52 -7.57
CA TYR C 38 -50.37 -61.25 -8.10
C TYR C 38 -50.49 -61.85 -9.51
N LYS C 39 -49.46 -61.66 -10.34
CA LYS C 39 -49.49 -62.21 -11.72
C LYS C 39 -49.56 -63.73 -11.63
N GLN C 40 -48.77 -64.32 -10.75
CA GLN C 40 -48.74 -65.79 -10.64
C GLN C 40 -50.12 -66.32 -10.22
N ILE C 41 -50.71 -65.69 -9.20
CA ILE C 41 -52.02 -66.19 -8.70
C ILE C 41 -53.08 -65.98 -9.79
N ASP C 42 -53.02 -64.84 -10.50
CA ASP C 42 -54.03 -64.54 -11.55
C ASP C 42 -53.90 -65.58 -12.65
N GLU C 43 -52.68 -65.86 -13.10
CA GLU C 43 -52.48 -66.84 -14.19
C GLU C 43 -52.88 -68.23 -13.68
N THR C 44 -52.62 -68.54 -12.41
CA THR C 44 -53.03 -69.84 -11.84
C THR C 44 -54.56 -69.96 -11.87
N ILE C 45 -55.26 -68.88 -11.53
CA ILE C 45 -56.75 -68.88 -11.59
C ILE C 45 -57.18 -69.09 -13.05
N ASN C 46 -56.54 -68.38 -13.98
CA ASN C 46 -56.90 -68.50 -15.41
C ASN C 46 -56.67 -69.94 -15.89
N GLN C 47 -55.54 -70.53 -15.48
CA GLN C 47 -55.23 -71.94 -15.86
C GLN C 47 -56.28 -72.85 -15.22
N LEU C 48 -56.64 -72.61 -13.96
CA LEU C 48 -57.61 -73.48 -13.24
C LEU C 48 -58.98 -73.40 -13.94
N VAL C 49 -59.29 -72.26 -14.56
CA VAL C 49 -60.64 -72.09 -15.16
C VAL C 49 -60.90 -73.21 -16.18
N ASP C 50 -59.92 -73.49 -17.03
CA ASP C 50 -60.09 -74.56 -18.06
C ASP C 50 -59.30 -75.83 -17.72
N SER C 51 -58.55 -75.85 -16.62
CA SER C 51 -57.78 -77.06 -16.23
C SER C 51 -58.72 -78.21 -15.85
N THR C 52 -59.75 -77.91 -15.05
CA THR C 52 -60.64 -78.98 -14.54
C THR C 52 -61.43 -79.61 -15.70
N SER C 53 -61.60 -80.93 -15.64
CA SER C 53 -62.43 -81.61 -16.67
C SER C 53 -63.86 -81.08 -16.57
N PRO C 54 -64.54 -80.83 -17.71
CA PRO C 54 -65.93 -80.34 -17.68
C PRO C 54 -66.86 -81.33 -16.97
N SER C 55 -66.62 -82.65 -17.13
CA SER C 55 -67.42 -83.67 -16.41
C SER C 55 -67.20 -83.55 -14.90
N THR C 56 -65.96 -83.27 -14.48
CA THR C 56 -65.65 -83.21 -13.03
C THR C 56 -66.38 -82.01 -12.39
N ILE C 57 -67.05 -82.25 -11.26
CA ILE C 57 -67.77 -81.17 -10.53
C ILE C 57 -67.27 -81.17 -9.09
N GLY C 58 -67.40 -80.06 -8.36
CA GLY C 58 -66.85 -80.01 -7.00
C GLY C 58 -65.65 -79.09 -6.87
N ILE C 59 -65.56 -78.06 -7.73
CA ILE C 59 -64.41 -77.10 -7.69
C ILE C 59 -64.66 -76.00 -6.66
N GLU C 60 -65.79 -76.03 -5.95
CA GLU C 60 -66.13 -74.92 -5.01
C GLU C 60 -65.08 -74.78 -3.91
N GLU C 61 -64.59 -75.89 -3.35
CA GLU C 61 -63.60 -75.83 -2.25
C GLU C 61 -62.30 -75.22 -2.76
N GLN C 62 -61.87 -75.60 -3.97
CA GLN C 62 -60.62 -75.03 -4.54
C GLN C 62 -60.81 -73.53 -4.76
N VAL C 63 -61.98 -73.13 -5.27
CA VAL C 63 -62.25 -71.69 -5.52
C VAL C 63 -62.22 -70.94 -4.19
N ALA C 64 -62.83 -71.52 -3.15
CA ALA C 64 -62.86 -70.87 -1.83
C ALA C 64 -61.44 -70.74 -1.29
N ASP C 65 -60.62 -71.78 -1.47
CA ASP C 65 -59.23 -71.76 -0.95
C ASP C 65 -58.45 -70.66 -1.66
N ILE C 66 -58.60 -70.59 -2.98
CA ILE C 66 -57.87 -69.56 -3.77
C ILE C 66 -58.38 -68.17 -3.39
N THR C 67 -59.69 -68.02 -3.16
CA THR C 67 -60.25 -66.72 -2.74
C THR C 67 -59.65 -66.32 -1.39
N SER C 68 -59.56 -67.27 -0.45
CA SER C 68 -58.97 -66.99 0.86
C SER C 68 -57.50 -66.57 0.69
N THR C 69 -56.77 -67.28 -0.17
CA THR C 69 -55.34 -66.95 -0.42
C THR C 69 -55.24 -65.54 -1.00
N TYR C 70 -56.10 -65.21 -1.95
CA TYR C 70 -56.07 -63.87 -2.59
C TYR C 70 -56.38 -62.79 -1.55
N LYS C 71 -57.37 -63.04 -0.69
CA LYS C 71 -57.75 -62.06 0.36
C LYS C 71 -56.57 -61.87 1.30
N LEU C 72 -55.90 -62.97 1.67
CA LEU C 72 -54.73 -62.88 2.57
C LEU C 72 -53.62 -62.08 1.87
N LEU C 73 -53.39 -62.34 0.58
CA LEU C 73 -52.35 -61.61 -0.17
C LEU C 73 -52.70 -60.12 -0.22
N SER C 74 -53.98 -59.80 -0.44
CA SER C 74 -54.40 -58.38 -0.49
C SER C 74 -54.18 -57.72 0.88
N THR C 75 -54.49 -58.44 1.95
CA THR C 75 -54.28 -57.90 3.32
C THR C 75 -52.78 -57.67 3.52
N TYR C 76 -51.96 -58.60 3.07
CA TYR C 76 -50.50 -58.47 3.22
C TYR C 76 -50.00 -57.26 2.41
N GLU C 77 -50.53 -57.07 1.20
CA GLU C 77 -50.13 -55.93 0.36
C GLU C 77 -50.54 -54.61 1.04
N SER C 78 -51.75 -54.57 1.61
CA SER C 78 -52.20 -53.34 2.30
C SER C 78 -51.29 -53.08 3.49
N GLU C 79 -50.93 -54.13 4.23
CA GLU C 79 -50.04 -53.97 5.40
C GLU C 79 -48.66 -53.50 4.94
N SER C 80 -48.16 -54.02 3.81
CA SER C 80 -46.85 -53.57 3.28
C SER C 80 -46.91 -52.10 2.87
N ASN C 81 -48.02 -51.68 2.26
CA ASN C 81 -48.18 -50.25 1.89
C ASN C 81 -48.16 -49.42 3.16
N SER C 82 -48.88 -49.88 4.19
CA SER C 82 -48.89 -49.15 5.49
C SER C 82 -47.46 -49.12 6.04
N PHE C 83 -46.74 -50.23 5.93
CA PHE C 83 -45.36 -50.29 6.48
C PHE C 83 -44.49 -49.25 5.77
N ASP C 84 -44.53 -49.21 4.43
CA ASP C 84 -43.61 -48.29 3.71
C ASP C 84 -43.97 -46.83 4.02
N GLU C 85 -45.27 -46.53 4.05
CA GLU C 85 -45.69 -45.11 4.30
C GLU C 85 -45.30 -44.75 5.74
N HIS C 86 -45.47 -45.69 6.68
CA HIS C 86 -45.07 -45.43 8.08
C HIS C 86 -43.58 -45.20 8.15
N ILE C 87 -42.80 -45.99 7.39
CA ILE C 87 -41.32 -45.84 7.41
C ILE C 87 -40.96 -44.46 6.87
N LYS C 88 -41.60 -44.04 5.78
CA LYS C 88 -41.29 -42.71 5.19
C LYS C 88 -41.64 -41.62 6.20
N ASP C 89 -42.80 -41.74 6.85
CA ASP C 89 -43.24 -40.70 7.82
C ASP C 89 -42.27 -40.68 9.01
N LEU C 90 -41.86 -41.85 9.48
CA LEU C 90 -40.93 -41.94 10.63
C LEU C 90 -39.59 -41.30 10.26
N LYS C 91 -39.10 -41.58 9.05
CA LYS C 91 -37.81 -41.00 8.61
C LYS C 91 -37.96 -39.49 8.53
N LYS C 92 -39.07 -39.01 7.98
CA LYS C 92 -39.27 -37.54 7.85
C LYS C 92 -39.32 -36.92 9.25
N ASN C 93 -40.05 -37.54 10.16
CA ASN C 93 -40.16 -36.99 11.54
C ASN C 93 -38.78 -37.01 12.20
N PHE C 94 -38.04 -38.10 12.03
CA PHE C 94 -36.72 -38.22 12.68
C PHE C 94 -35.77 -37.15 12.14
N LYS C 95 -35.76 -36.97 10.82
CA LYS C 95 -34.83 -35.98 10.21
C LYS C 95 -35.23 -34.57 10.68
N GLN C 96 -36.53 -34.29 10.75
CA GLN C 96 -36.98 -32.95 11.20
C GLN C 96 -36.56 -32.74 12.66
N SER C 97 -36.76 -33.77 13.49
CA SER C 97 -36.40 -33.66 14.93
C SER C 97 -34.89 -33.48 15.07
N SER C 98 -34.11 -34.23 14.29
CA SER C 98 -32.62 -34.12 14.35
C SER C 98 -32.18 -32.71 13.92
N ASP C 99 -32.82 -32.17 12.87
CA ASP C 99 -32.48 -30.80 12.40
C ASP C 99 -32.84 -29.78 13.50
N ALA C 100 -33.99 -29.98 14.16
CA ALA C 100 -34.43 -29.05 15.21
C ALA C 100 -33.43 -29.07 16.38
N CYS C 101 -32.94 -30.26 16.75
CA CYS C 101 -32.03 -30.38 17.92
C CYS C 101 -30.68 -29.73 17.62
N PRO C 102 -30.02 -29.12 18.63
CA PRO C 102 -28.70 -28.50 18.46
C PRO C 102 -27.57 -29.53 18.28
N GLN C 103 -26.36 -29.04 17.98
CA GLN C 103 -25.20 -29.94 17.76
C GLN C 103 -24.28 -29.93 18.99
N ILE C 104 -23.78 -31.11 19.38
CA ILE C 104 -22.86 -31.22 20.55
C ILE C 104 -21.45 -30.81 20.10
N ASP C 105 -20.82 -29.89 20.83
CA ASP C 105 -19.45 -29.47 20.47
C ASP C 105 -18.48 -29.71 21.64
N LEU C 106 -18.71 -29.04 22.77
CA LEU C 106 -17.77 -29.16 23.92
C LEU C 106 -18.45 -29.80 25.12
N SER C 107 -19.56 -29.22 25.59
CA SER C 107 -20.21 -29.74 26.83
C SER C 107 -21.63 -30.26 26.57
N THR C 108 -22.18 -30.01 25.38
CA THR C 108 -23.57 -30.45 25.08
C THR C 108 -23.61 -31.98 25.12
N TRP C 109 -22.53 -32.62 24.66
CA TRP C 109 -22.45 -34.10 24.71
C TRP C 109 -22.50 -34.56 26.17
N ASP C 110 -21.80 -33.87 27.06
CA ASP C 110 -21.82 -34.21 28.50
C ASP C 110 -23.25 -34.07 29.04
N LYS C 111 -23.96 -33.01 28.64
CA LYS C 111 -25.35 -32.80 29.10
C LYS C 111 -26.24 -33.94 28.59
N TYR C 112 -26.05 -34.35 27.33
CA TYR C 112 -26.83 -35.49 26.79
C TYR C 112 -26.49 -36.78 27.56
N ARG C 113 -25.21 -36.98 27.88
CA ARG C 113 -24.77 -38.19 28.62
C ARG C 113 -25.41 -38.21 30.02
N THR C 114 -25.48 -37.05 30.67
CA THR C 114 -26.08 -36.96 32.03
C THR C 114 -27.59 -37.23 31.97
N GLY C 115 -28.20 -37.10 30.78
CA GLY C 115 -29.64 -37.39 30.61
C GLY C 115 -30.52 -36.16 30.79
N GLU C 116 -29.92 -35.01 31.13
CA GLU C 116 -30.72 -33.76 31.22
C GLU C 116 -31.18 -33.32 29.82
N LEU C 117 -30.43 -33.71 28.78
CA LEU C 117 -30.80 -33.35 27.38
C LEU C 117 -31.18 -34.62 26.61
N THR C 118 -32.26 -34.54 25.82
CA THR C 118 -32.74 -35.74 25.09
C THR C 118 -32.73 -35.48 23.59
N ALA C 119 -32.42 -36.50 22.80
CA ALA C 119 -32.43 -36.37 21.33
C ALA C 119 -33.31 -37.48 20.76
N PRO C 120 -33.92 -37.30 19.57
CA PRO C 120 -34.76 -38.34 18.99
C PRO C 120 -33.98 -39.62 18.72
N LYS C 121 -34.59 -40.78 18.97
CA LYS C 121 -33.94 -42.08 18.67
C LYS C 121 -34.86 -42.88 17.74
N LEU C 122 -34.32 -43.43 16.66
CA LEU C 122 -35.17 -44.16 15.67
C LEU C 122 -35.81 -45.39 16.32
N SER C 123 -35.08 -46.07 17.21
CA SER C 123 -35.62 -47.33 17.80
C SER C 123 -36.87 -47.02 18.63
N GLU C 124 -36.82 -45.98 19.46
CA GLU C 124 -37.99 -45.62 20.32
C GLU C 124 -39.14 -45.16 19.44
N LEU C 125 -38.84 -44.35 18.42
CA LEU C 125 -39.91 -43.84 17.52
C LEU C 125 -40.55 -45.02 16.78
N TYR C 126 -39.73 -45.98 16.33
CA TYR C 126 -40.26 -47.17 15.61
C TYR C 126 -41.13 -48.01 16.56
N LEU C 127 -40.70 -48.17 17.81
CA LEU C 127 -41.50 -48.93 18.81
C LEU C 127 -42.81 -48.18 19.06
N ASN C 128 -42.74 -46.86 19.15
CA ASN C 128 -43.96 -46.03 19.42
C ASN C 128 -44.80 -45.88 18.14
N MET C 129 -44.26 -46.25 16.97
CA MET C 129 -45.00 -46.05 15.71
C MET C 129 -46.30 -46.85 15.76
N PRO C 130 -47.46 -46.28 15.40
CA PRO C 130 -48.74 -46.97 15.46
C PRO C 130 -48.73 -48.22 14.57
N THR C 131 -49.41 -49.28 15.04
CA THR C 131 -49.49 -50.54 14.26
C THR C 131 -50.20 -50.26 12.93
N PRO C 132 -49.79 -50.89 11.81
CA PRO C 132 -50.47 -50.69 10.54
C PRO C 132 -51.95 -51.10 10.60
N GLU C 133 -52.81 -50.33 9.94
CA GLU C 133 -54.27 -50.63 9.95
C GLU C 133 -54.70 -50.86 8.49
N PRO C 134 -55.44 -51.95 8.18
CA PRO C 134 -55.95 -52.16 6.83
C PRO C 134 -57.18 -51.26 6.63
N ALA C 135 -56.97 -49.94 6.62
CA ALA C 135 -58.10 -48.99 6.50
C ALA C 135 -58.06 -48.33 5.11
N THR C 136 -59.23 -47.93 4.60
CA THR C 136 -59.33 -47.29 3.25
C THR C 136 -58.79 -48.24 2.19
N MET C 137 -58.89 -49.56 2.43
CA MET C 137 -58.46 -50.55 1.42
C MET C 137 -59.65 -51.47 1.12
N VAL C 138 -60.03 -51.55 -0.16
CA VAL C 138 -61.15 -52.43 -0.55
C VAL C 138 -60.55 -53.63 -1.28
N ASN C 139 -60.80 -54.83 -0.78
CA ASN C 139 -60.25 -56.06 -1.42
C ASN C 139 -61.23 -56.45 -2.53
N ASN C 140 -61.34 -55.60 -3.56
CA ASN C 140 -62.22 -55.94 -4.70
C ASN C 140 -61.40 -55.75 -5.98
N THR C 141 -61.22 -56.83 -6.74
CA THR C 141 -60.47 -56.74 -8.01
C THR C 141 -61.24 -57.51 -9.08
N ASP C 142 -60.92 -57.27 -10.35
CA ASP C 142 -61.58 -58.02 -11.44
C ASP C 142 -61.29 -59.51 -11.28
N THR C 143 -60.06 -59.85 -10.91
CA THR C 143 -59.68 -61.27 -10.72
C THR C 143 -60.49 -61.88 -9.57
N LEU C 144 -60.67 -61.15 -8.48
CA LEU C 144 -61.49 -61.67 -7.35
C LEU C 144 -62.93 -61.87 -7.84
N LYS C 145 -63.46 -60.90 -8.60
CA LYS C 145 -64.87 -61.00 -9.05
C LYS C 145 -65.03 -62.22 -9.95
N ILE C 146 -64.11 -62.41 -10.89
CA ILE C 146 -64.23 -63.56 -11.84
C ILE C 146 -64.04 -64.87 -11.06
N LEU C 147 -63.15 -64.88 -10.08
CA LEU C 147 -62.93 -66.11 -9.27
C LEU C 147 -64.22 -66.44 -8.50
N LYS C 148 -64.86 -65.42 -7.91
CA LYS C 148 -66.11 -65.65 -7.14
C LYS C 148 -67.23 -66.10 -8.08
N VAL C 149 -67.30 -65.54 -9.29
CA VAL C 149 -68.45 -65.84 -10.20
C VAL C 149 -68.20 -67.09 -11.06
N LEU C 150 -66.96 -67.59 -11.11
CA LEU C 150 -66.69 -68.74 -12.03
C LEU C 150 -67.45 -70.01 -11.62
N PRO C 151 -67.68 -70.35 -10.32
CA PRO C 151 -68.46 -71.55 -9.99
C PRO C 151 -69.88 -71.49 -10.57
N TYR C 152 -70.54 -70.34 -10.48
CA TYR C 152 -71.90 -70.18 -11.06
C TYR C 152 -71.84 -70.36 -12.58
N ILE C 153 -70.82 -69.77 -13.23
CA ILE C 153 -70.67 -69.91 -14.70
C ILE C 153 -70.46 -71.39 -15.04
N TRP C 154 -69.67 -72.09 -14.21
CA TRP C 154 -69.43 -73.54 -14.43
C TRP C 154 -70.75 -74.29 -14.30
N ASN C 155 -71.57 -73.94 -13.31
CA ASN C 155 -72.88 -74.62 -13.13
C ASN C 155 -73.78 -74.35 -14.33
N ASP C 156 -73.82 -73.09 -14.80
CA ASP C 156 -74.65 -72.72 -15.97
C ASP C 156 -74.07 -71.47 -16.61
N PRO C 157 -74.11 -71.31 -17.96
CA PRO C 157 -73.49 -70.16 -18.61
C PRO C 157 -74.17 -68.85 -18.19
N THR C 158 -75.49 -68.85 -17.98
CA THR C 158 -76.20 -67.59 -17.65
C THR C 158 -76.52 -67.53 -16.15
N CYS C 159 -76.04 -66.49 -15.48
CA CYS C 159 -76.29 -66.31 -14.02
C CYS C 159 -76.35 -64.81 -13.72
N VAL C 160 -76.99 -64.40 -12.63
CA VAL C 160 -76.94 -62.96 -12.25
C VAL C 160 -76.40 -62.88 -10.81
N ILE C 161 -75.08 -62.99 -10.68
CA ILE C 161 -74.43 -62.93 -9.33
C ILE C 161 -74.49 -61.53 -8.70
N PRO C 162 -74.21 -60.38 -9.38
CA PRO C 162 -74.14 -59.07 -8.70
C PRO C 162 -75.45 -58.74 -7.98
N ASP C 163 -75.32 -58.24 -6.75
CA ASP C 163 -76.52 -57.88 -5.94
C ASP C 163 -76.42 -56.41 -5.51
N LEU C 164 -75.80 -55.56 -6.34
CA LEU C 164 -75.61 -54.15 -5.93
C LEU C 164 -76.97 -53.47 -5.77
N GLN C 165 -77.91 -53.71 -6.69
CA GLN C 165 -79.24 -53.05 -6.64
C GLN C 165 -79.99 -53.49 -5.38
N ASN C 166 -79.99 -54.79 -5.09
CA ASN C 166 -80.65 -55.31 -3.85
C ASN C 166 -79.81 -56.47 -3.32
N PRO C 167 -79.56 -56.60 -2.00
CA PRO C 167 -78.73 -57.68 -1.50
C PRO C 167 -79.31 -59.07 -1.80
N ALA C 168 -80.63 -59.24 -1.69
CA ALA C 168 -81.24 -60.57 -1.91
C ALA C 168 -81.07 -61.02 -3.36
N ASP C 169 -81.38 -60.16 -4.33
CA ASP C 169 -81.35 -60.55 -5.77
C ASP C 169 -81.37 -59.27 -6.63
N GLU C 170 -81.46 -59.41 -7.96
CA GLU C 170 -81.54 -58.22 -8.84
C GLU C 170 -82.79 -57.40 -8.47
N ASP C 171 -83.93 -58.06 -8.28
CA ASP C 171 -85.15 -57.33 -7.81
C ASP C 171 -85.88 -58.21 -6.79
N ASP C 172 -85.85 -57.84 -5.51
CA ASP C 172 -86.58 -58.60 -4.45
C ASP C 172 -86.13 -60.07 -4.50
N LEU C 173 -87.07 -61.00 -4.72
CA LEU C 173 -86.73 -62.45 -4.81
C LEU C 173 -86.69 -62.94 -6.27
N GLN C 174 -87.21 -62.17 -7.22
CA GLN C 174 -87.28 -62.66 -8.63
C GLN C 174 -86.29 -61.87 -9.48
N ILE C 175 -85.33 -62.57 -10.08
CA ILE C 175 -84.30 -61.87 -10.90
C ILE C 175 -84.96 -61.27 -12.15
N GLU C 176 -85.78 -62.05 -12.86
CA GLU C 176 -86.41 -61.58 -14.12
C GLU C 176 -85.32 -61.08 -15.08
N GLY C 177 -84.16 -61.74 -15.10
CA GLY C 177 -83.04 -61.27 -15.93
C GLY C 177 -82.91 -61.98 -17.26
N GLY C 178 -83.73 -63.01 -17.51
CA GLY C 178 -83.63 -63.81 -18.75
C GLY C 178 -82.31 -64.54 -18.85
N LYS C 179 -81.70 -64.54 -20.05
CA LYS C 179 -80.42 -65.26 -20.26
C LYS C 179 -79.48 -64.39 -21.09
N ILE C 180 -78.17 -64.59 -20.90
CA ILE C 180 -77.18 -63.82 -21.70
C ILE C 180 -76.68 -64.74 -22.81
N GLU C 181 -76.85 -64.32 -24.06
CA GLU C 181 -76.50 -65.22 -25.18
C GLU C 181 -75.09 -64.91 -25.68
N LEU C 182 -74.27 -65.95 -25.84
CA LEU C 182 -72.89 -65.75 -26.39
C LEU C 182 -73.03 -65.21 -27.81
N THR C 183 -73.98 -65.75 -28.58
CA THR C 183 -74.15 -65.33 -29.99
C THR C 183 -74.94 -64.03 -30.03
N CYS C 184 -74.32 -62.96 -30.54
CA CYS C 184 -75.02 -61.66 -30.64
C CYS C 184 -76.10 -61.74 -31.73
N PRO C 185 -77.30 -61.17 -31.52
CA PRO C 185 -78.31 -61.13 -32.59
C PRO C 185 -77.77 -60.35 -33.81
N ILE C 186 -77.05 -59.24 -33.56
CA ILE C 186 -76.46 -58.43 -34.67
C ILE C 186 -75.42 -59.24 -35.43
N THR C 187 -74.50 -59.91 -34.70
CA THR C 187 -73.45 -60.72 -35.37
C THR C 187 -73.54 -62.16 -34.86
N CYS C 188 -73.86 -63.09 -35.75
CA CYS C 188 -74.07 -64.49 -35.31
C CYS C 188 -72.70 -65.17 -35.19
N LYS C 189 -71.93 -64.77 -34.18
CA LYS C 189 -70.59 -65.38 -33.94
C LYS C 189 -70.24 -65.19 -32.46
N PRO C 190 -69.38 -66.03 -31.86
CA PRO C 190 -68.94 -65.84 -30.48
C PRO C 190 -68.14 -64.54 -30.34
N TYR C 191 -68.15 -63.95 -29.15
CA TYR C 191 -67.47 -62.65 -28.98
C TYR C 191 -65.97 -62.88 -28.95
N GLU C 192 -65.29 -62.61 -30.06
CA GLU C 192 -63.81 -62.75 -30.12
C GLU C 192 -63.17 -61.63 -29.30
N ALA C 193 -63.80 -60.44 -29.27
CA ALA C 193 -63.24 -59.30 -28.52
C ALA C 193 -64.33 -58.75 -27.59
N PRO C 194 -64.58 -59.40 -26.43
CA PRO C 194 -65.63 -58.93 -25.53
C PRO C 194 -65.19 -57.64 -24.84
N LEU C 195 -65.90 -56.55 -25.12
CA LEU C 195 -65.55 -55.24 -24.52
C LEU C 195 -66.78 -54.69 -23.81
N ILE C 196 -66.57 -54.15 -22.60
CA ILE C 196 -67.71 -53.62 -21.79
C ILE C 196 -67.39 -52.18 -21.40
N SER C 197 -68.42 -51.32 -21.35
CA SER C 197 -68.22 -49.92 -20.90
C SER C 197 -68.43 -49.80 -19.40
N ARG C 198 -67.67 -48.92 -18.75
CA ARG C 198 -67.85 -48.71 -17.29
C ARG C 198 -69.23 -48.14 -17.00
N LYS C 199 -69.74 -47.24 -17.85
CA LYS C 199 -71.10 -46.67 -17.68
C LYS C 199 -72.20 -47.63 -18.16
N CYS C 200 -72.05 -48.19 -19.37
CA CYS C 200 -73.11 -49.07 -19.94
C CYS C 200 -73.18 -50.39 -19.17
N ASN C 201 -72.03 -50.93 -18.77
CA ASN C 201 -71.97 -52.23 -18.04
C ASN C 201 -72.53 -53.35 -18.94
N HIS C 202 -72.37 -53.21 -20.27
CA HIS C 202 -72.88 -54.24 -21.22
C HIS C 202 -71.74 -54.71 -22.14
N VAL C 203 -71.69 -56.02 -22.44
CA VAL C 203 -70.57 -56.58 -23.27
C VAL C 203 -70.96 -56.56 -24.74
N PHE C 204 -70.05 -56.06 -25.59
CA PHE C 204 -70.34 -55.99 -27.04
C PHE C 204 -69.18 -56.62 -27.83
N ASP C 205 -69.48 -57.21 -28.98
CA ASP C 205 -68.44 -57.84 -29.84
C ASP C 205 -67.49 -56.78 -30.42
N ARG C 206 -67.98 -55.57 -30.69
CA ARG C 206 -67.17 -54.43 -31.21
C ARG C 206 -66.91 -54.59 -32.71
N ASP C 207 -67.32 -55.70 -33.32
CA ASP C 207 -67.16 -55.81 -34.79
C ASP C 207 -68.12 -54.83 -35.48
N GLY C 208 -69.37 -54.78 -35.02
CA GLY C 208 -70.37 -53.87 -35.63
C GLY C 208 -70.51 -52.61 -34.82
N ILE C 209 -70.04 -52.64 -33.57
CA ILE C 209 -70.09 -51.44 -32.69
C ILE C 209 -69.15 -50.37 -33.25
N GLN C 210 -67.97 -50.76 -33.75
CA GLN C 210 -67.01 -49.80 -34.34
C GLN C 210 -67.66 -49.12 -35.55
N ASN C 211 -68.35 -49.91 -36.38
CA ASN C 211 -69.03 -49.35 -37.59
C ASN C 211 -70.13 -48.37 -37.16
N TYR C 212 -70.91 -48.74 -36.13
CA TYR C 212 -71.99 -47.84 -35.64
C TYR C 212 -71.37 -46.55 -35.09
N LEU C 213 -70.27 -46.67 -34.35
CA LEU C 213 -69.61 -45.49 -33.75
C LEU C 213 -68.90 -44.69 -34.84
N GLN C 214 -68.68 -45.27 -36.01
CA GLN C 214 -67.92 -44.53 -37.06
C GLN C 214 -68.82 -43.41 -37.59
N GLY C 215 -68.32 -42.18 -37.60
CA GLY C 215 -69.10 -41.05 -38.14
C GLY C 215 -69.93 -40.34 -37.08
N TYR C 216 -70.09 -40.94 -35.89
CA TYR C 216 -70.81 -40.28 -34.78
C TYR C 216 -69.89 -40.23 -33.56
N THR C 217 -69.74 -39.05 -32.95
CA THR C 217 -68.80 -38.92 -31.81
C THR C 217 -69.31 -39.80 -30.67
N THR C 218 -70.62 -39.74 -30.41
CA THR C 218 -71.22 -40.55 -29.32
C THR C 218 -72.51 -41.18 -29.85
N ARG C 219 -72.77 -42.44 -29.46
CA ARG C 219 -73.99 -43.15 -29.91
C ARG C 219 -74.67 -43.76 -28.69
N ASP C 220 -76.01 -43.79 -28.69
CA ASP C 220 -76.78 -44.39 -27.57
C ASP C 220 -76.51 -45.90 -27.52
N CYS C 221 -76.49 -46.46 -26.32
CA CYS C 221 -76.26 -47.91 -26.17
C CYS C 221 -77.43 -48.66 -26.81
N PRO C 222 -77.17 -49.61 -27.73
CA PRO C 222 -78.23 -50.37 -28.39
C PRO C 222 -79.07 -51.16 -27.37
N GLN C 223 -78.43 -51.69 -26.33
CA GLN C 223 -79.15 -52.53 -25.33
C GLN C 223 -80.10 -51.68 -24.47
N ALA C 224 -81.17 -52.30 -23.96
CA ALA C 224 -82.18 -51.58 -23.15
C ALA C 224 -81.75 -51.47 -21.69
N ALA C 225 -82.59 -50.86 -20.84
CA ALA C 225 -82.34 -50.75 -19.37
C ALA C 225 -81.25 -49.71 -19.08
N CYS C 226 -80.83 -48.98 -20.11
CA CYS C 226 -79.84 -47.89 -19.88
C CYS C 226 -80.04 -46.79 -20.94
N SER C 227 -79.73 -45.54 -20.59
CA SER C 227 -79.79 -44.43 -21.58
C SER C 227 -78.53 -43.58 -21.44
N GLN C 228 -77.50 -43.89 -22.22
CA GLN C 228 -76.24 -43.10 -22.15
C GLN C 228 -75.49 -43.22 -23.48
N VAL C 229 -74.58 -42.29 -23.73
CA VAL C 229 -73.78 -42.31 -24.99
C VAL C 229 -72.31 -42.51 -24.61
N VAL C 230 -71.65 -43.45 -25.26
CA VAL C 230 -70.22 -43.75 -24.91
C VAL C 230 -69.37 -43.75 -26.18
N SER C 231 -68.07 -43.49 -26.02
CA SER C 231 -67.13 -43.50 -27.17
C SER C 231 -66.42 -44.86 -27.28
N MET C 232 -65.53 -45.00 -28.28
CA MET C 232 -64.75 -46.26 -28.45
C MET C 232 -63.78 -46.47 -27.29
N ARG C 233 -63.17 -45.40 -26.77
CA ARG C 233 -62.14 -45.52 -25.69
C ARG C 233 -62.74 -46.01 -24.37
N ASP C 234 -64.05 -45.81 -24.16
CA ASP C 234 -64.69 -46.21 -22.87
C ASP C 234 -64.68 -47.73 -22.68
N PHE C 235 -64.73 -48.50 -23.76
CA PHE C 235 -64.81 -49.98 -23.65
C PHE C 235 -63.50 -50.58 -23.14
N VAL C 236 -63.61 -51.59 -22.25
CA VAL C 236 -62.40 -52.30 -21.72
C VAL C 236 -62.66 -53.80 -21.83
N ARG C 237 -61.58 -54.60 -21.83
CA ARG C 237 -61.73 -56.06 -22.00
C ARG C 237 -62.54 -56.67 -20.85
N ASP C 238 -63.47 -57.56 -21.18
CA ASP C 238 -64.25 -58.27 -20.13
C ASP C 238 -63.90 -59.76 -20.16
N PRO C 239 -63.13 -60.28 -19.19
CA PRO C 239 -62.82 -61.71 -19.13
C PRO C 239 -64.06 -62.59 -18.87
N ILE C 240 -65.09 -62.04 -18.21
CA ILE C 240 -66.26 -62.88 -17.85
C ILE C 240 -66.90 -63.44 -19.12
N MET C 241 -67.07 -62.61 -20.14
CA MET C 241 -67.77 -63.08 -21.37
C MET C 241 -66.95 -64.20 -22.04
N GLU C 242 -65.63 -64.01 -22.14
CA GLU C 242 -64.78 -65.04 -22.81
C GLU C 242 -64.77 -66.33 -21.98
N LEU C 243 -64.76 -66.23 -20.64
CA LEU C 243 -64.80 -67.43 -19.78
C LEU C 243 -66.12 -68.16 -20.01
N ARG C 244 -67.23 -67.43 -20.09
CA ARG C 244 -68.55 -68.05 -20.32
C ARG C 244 -68.55 -68.75 -21.69
N CYS C 245 -68.00 -68.10 -22.70
CA CYS C 245 -67.97 -68.70 -24.06
C CYS C 245 -67.11 -69.97 -24.04
N LYS C 246 -65.95 -69.91 -23.37
CA LYS C 246 -65.03 -71.08 -23.34
C LYS C 246 -65.70 -72.25 -22.61
N ILE C 247 -66.33 -71.99 -21.47
CA ILE C 247 -66.96 -73.08 -20.69
C ILE C 247 -68.13 -73.66 -21.50
N ALA C 248 -68.89 -72.82 -22.20
CA ALA C 248 -70.02 -73.31 -23.02
C ALA C 248 -69.49 -74.22 -24.13
N LYS C 249 -68.38 -73.81 -24.78
CA LYS C 249 -67.79 -74.63 -25.85
C LYS C 249 -67.30 -75.97 -25.27
N MET C 250 -66.65 -75.92 -24.11
CA MET C 250 -66.11 -77.16 -23.52
C MET C 250 -67.27 -78.10 -23.16
N LYS C 251 -68.34 -77.55 -22.59
CA LYS C 251 -69.49 -78.40 -22.17
C LYS C 251 -70.16 -79.03 -23.40
N GLU C 252 -70.35 -78.24 -24.46
CA GLU C 252 -71.04 -78.78 -25.67
C GLU C 252 -70.14 -79.86 -26.30
N SER C 253 -68.83 -79.62 -26.34
CA SER C 253 -67.92 -80.61 -26.95
C SER C 253 -67.94 -81.90 -26.13
N GLN C 254 -67.87 -81.77 -24.79
CA GLN C 254 -67.81 -82.99 -23.93
C GLN C 254 -69.13 -83.76 -24.06
N GLU C 255 -70.27 -83.06 -24.09
CA GLU C 255 -71.57 -83.76 -24.14
C GLU C 255 -71.68 -84.48 -25.49
N GLN C 256 -71.23 -83.84 -26.57
CA GLN C 256 -71.29 -84.48 -27.91
C GLN C 256 -70.40 -85.73 -27.90
N ASP C 257 -69.21 -85.60 -27.33
CA ASP C 257 -68.27 -86.76 -27.31
C ASP C 257 -68.90 -87.89 -26.49
N LYS C 258 -69.46 -87.55 -25.33
CA LYS C 258 -70.02 -88.60 -24.44
C LYS C 258 -71.20 -89.27 -25.14
N ARG C 259 -72.09 -88.49 -25.75
CA ARG C 259 -73.31 -89.08 -26.36
C ARG C 259 -72.89 -90.00 -27.53
N SER C 260 -71.92 -89.57 -28.34
CA SER C 260 -71.45 -90.39 -29.48
C SER C 260 -70.83 -91.68 -28.95
N SER C 261 -70.00 -91.56 -27.92
CA SER C 261 -69.32 -92.75 -27.34
C SER C 261 -70.36 -93.71 -26.77
N GLN C 262 -71.34 -93.18 -26.04
CA GLN C 262 -72.37 -94.05 -25.42
C GLN C 262 -73.18 -94.74 -26.52
N ALA C 263 -73.54 -94.00 -27.57
CA ALA C 263 -74.37 -94.58 -28.65
C ALA C 263 -73.59 -95.70 -29.33
N ILE C 264 -72.30 -95.49 -29.58
CA ILE C 264 -71.47 -96.54 -30.24
C ILE C 264 -71.31 -97.74 -29.30
N ASP C 265 -71.14 -97.49 -28.01
CA ASP C 265 -70.99 -98.58 -27.01
C ASP C 265 -72.28 -99.41 -26.97
N VAL C 266 -73.44 -98.76 -27.13
CA VAL C 266 -74.75 -99.49 -27.12
C VAL C 266 -74.75 -100.48 -28.29
N LEU C 267 -74.30 -100.05 -29.46
CA LEU C 267 -74.30 -100.93 -30.66
C LEU C 267 -73.22 -102.02 -30.52
N PRO D 1 14.66 -10.00 61.73
CA PRO D 1 13.98 -10.49 62.95
C PRO D 1 12.45 -10.37 62.82
N ILE D 2 11.80 -9.70 63.77
CA ILE D 2 10.33 -9.51 63.73
C ILE D 2 9.98 -8.65 62.50
N LEU D 3 10.80 -7.65 62.19
CA LEU D 3 10.49 -6.76 61.06
C LEU D 3 10.48 -7.58 59.76
N LYS D 4 11.48 -8.44 59.57
CA LYS D 4 11.58 -9.22 58.31
C LYS D 4 10.37 -10.14 58.18
N ARG D 5 9.98 -10.83 59.26
CA ARG D 5 8.85 -11.79 59.19
C ARG D 5 7.53 -11.04 58.96
N THR D 6 7.36 -9.87 59.60
CA THR D 6 6.13 -9.07 59.40
C THR D 6 6.07 -8.54 57.96
N ILE D 7 7.21 -8.05 57.43
CA ILE D 7 7.25 -7.51 56.05
C ILE D 7 7.01 -8.66 55.05
N ILE D 8 7.65 -9.80 55.28
CA ILE D 8 7.50 -10.95 54.34
C ILE D 8 6.07 -11.49 54.44
N SER D 9 5.57 -12.04 53.34
CA SER D 9 4.20 -12.61 53.35
C SER D 9 4.29 -14.12 53.33
N LYS D 10 3.64 -14.79 54.29
CA LYS D 10 3.63 -16.27 54.31
C LYS D 10 2.87 -16.76 53.07
N ARG D 11 3.40 -17.77 52.40
CA ARG D 11 2.69 -18.34 51.22
C ARG D 11 1.41 -19.01 51.71
N LYS D 12 1.39 -19.48 52.97
CA LYS D 12 0.22 -20.17 53.55
C LYS D 12 -0.83 -19.16 54.07
N ALA D 13 -0.43 -17.92 54.35
CA ALA D 13 -1.39 -16.94 54.93
C ALA D 13 -2.65 -16.88 54.06
N PRO D 14 -2.58 -16.66 52.72
CA PRO D 14 -3.77 -16.73 51.86
C PRO D 14 -3.91 -18.12 51.23
N SER D 15 -5.02 -18.38 50.53
CA SER D 15 -5.19 -19.67 49.81
C SER D 15 -4.49 -19.57 48.45
N ASN D 16 -3.23 -19.12 48.43
CA ASN D 16 -2.50 -18.89 47.15
C ASN D 16 -3.35 -17.94 46.28
N ASN D 17 -3.99 -16.94 46.91
CA ASN D 17 -4.86 -15.97 46.17
C ASN D 17 -5.71 -16.73 45.13
N GLU D 18 -6.46 -17.76 45.56
CA GLU D 18 -7.25 -18.59 44.60
C GLU D 18 -8.27 -17.71 43.86
N ASP D 19 -8.50 -18.00 42.58
CA ASP D 19 -9.44 -17.20 41.76
C ASP D 19 -10.89 -17.65 42.00
N GLU D 20 -11.85 -16.89 41.47
CA GLU D 20 -13.29 -17.27 41.58
C GLU D 20 -13.61 -18.27 40.46
N GLU D 21 -14.44 -19.29 40.74
CA GLU D 21 -14.84 -20.32 39.74
C GLU D 21 -13.73 -21.37 39.57
N ILE D 22 -14.10 -22.65 39.44
CA ILE D 22 -13.10 -23.74 39.29
C ILE D 22 -12.31 -23.52 38.00
N VAL D 23 -13.00 -23.22 36.89
CA VAL D 23 -12.31 -22.95 35.60
C VAL D 23 -12.45 -21.46 35.27
N LYS D 24 -11.76 -20.99 34.23
CA LYS D 24 -11.86 -19.56 33.82
C LYS D 24 -13.28 -19.30 33.28
N THR D 25 -13.81 -18.10 33.57
CA THR D 25 -15.19 -17.74 33.11
C THR D 25 -15.22 -17.61 31.58
N PRO D 26 -16.29 -18.08 30.90
CA PRO D 26 -16.38 -18.00 29.43
C PRO D 26 -16.53 -16.56 28.90
N ARG D 27 -16.18 -16.34 27.63
CA ARG D 27 -16.24 -14.98 27.03
C ARG D 27 -16.92 -15.04 25.65
N LYS D 28 -17.30 -13.88 25.10
CA LYS D 28 -17.93 -13.85 23.75
C LYS D 28 -16.88 -14.21 22.68
N LEU D 29 -17.33 -14.71 21.53
CA LEU D 29 -16.38 -15.17 20.47
C LEU D 29 -15.56 -13.99 19.91
N VAL D 30 -16.13 -12.79 19.80
CA VAL D 30 -15.31 -11.62 19.35
C VAL D 30 -14.99 -10.76 20.58
N ASN D 31 -16.00 -10.07 21.13
CA ASN D 31 -15.82 -9.29 22.38
C ASN D 31 -14.57 -8.39 22.30
N TYR D 32 -14.39 -7.65 21.20
CA TYR D 32 -13.14 -6.85 21.09
C TYR D 32 -13.15 -5.68 22.08
N VAL D 33 -14.17 -4.82 22.03
CA VAL D 33 -14.29 -3.64 22.95
C VAL D 33 -12.93 -2.92 23.04
N PRO D 34 -12.41 -2.28 21.97
CA PRO D 34 -11.08 -1.67 22.01
C PRO D 34 -10.91 -0.60 23.11
N LEU D 35 -11.81 0.38 23.18
CA LEU D 35 -11.74 1.44 24.23
C LEU D 35 -10.33 2.05 24.25
N LYS D 36 -9.63 1.95 25.39
CA LYS D 36 -8.21 2.42 25.51
C LYS D 36 -8.03 3.85 24.98
N ILE D 37 -9.01 4.72 25.25
CA ILE D 37 -8.91 6.13 24.80
C ILE D 37 -7.70 6.75 25.51
N PHE D 38 -7.54 6.48 26.81
CA PHE D 38 -6.39 7.03 27.57
C PHE D 38 -5.53 5.88 28.08
N ASN D 39 -4.22 5.97 27.87
CA ASN D 39 -3.31 4.96 28.46
C ASN D 39 -2.42 5.68 29.47
N LEU D 40 -2.74 5.57 30.76
CA LEU D 40 -1.98 6.26 31.84
C LEU D 40 -1.99 7.78 31.55
N GLY D 41 -0.87 8.48 31.79
CA GLY D 41 -0.82 9.92 31.46
C GLY D 41 -1.90 10.71 32.19
N ASP D 42 -2.78 11.39 31.45
CA ASP D 42 -3.91 12.16 32.06
C ASP D 42 -3.34 13.21 33.01
N SER D 43 -3.80 13.25 34.27
CA SER D 43 -3.27 14.20 35.27
C SER D 43 -3.45 15.63 34.76
N PHE D 44 -2.35 16.35 34.56
CA PHE D 44 -2.41 17.77 34.12
C PHE D 44 -3.07 17.85 32.74
N ASP D 45 -3.99 18.82 32.55
CA ASP D 45 -4.72 18.93 31.26
C ASP D 45 -3.79 19.41 30.15
N ASP D 46 -4.00 18.91 28.93
CA ASP D 46 -3.17 19.32 27.76
C ASP D 46 -3.60 20.68 27.19
N THR D 47 -4.89 21.03 27.21
CA THR D 47 -5.34 22.30 26.57
C THR D 47 -4.69 23.51 27.24
N ILE D 48 -4.68 23.52 28.57
CA ILE D 48 -4.13 24.69 29.32
C ILE D 48 -2.65 24.84 29.01
N THR D 49 -1.90 23.74 29.05
CA THR D 49 -0.44 23.82 28.80
C THR D 49 -0.18 24.17 27.33
N THR D 50 -1.05 23.72 26.42
CA THR D 50 -0.88 24.06 24.98
C THR D 50 -1.08 25.56 24.81
N THR D 51 -2.07 26.12 25.49
CA THR D 51 -2.26 27.59 25.44
C THR D 51 -1.03 28.27 26.07
N VAL D 52 -0.50 27.68 27.14
CA VAL D 52 0.71 28.23 27.81
C VAL D 52 1.90 28.17 26.83
N ALA D 53 2.04 27.08 26.06
CA ALA D 53 3.12 26.97 25.06
C ALA D 53 2.94 28.03 23.97
N LYS D 54 1.69 28.27 23.55
CA LYS D 54 1.43 29.32 22.54
C LYS D 54 1.85 30.68 23.11
N LEU D 55 1.46 30.95 24.35
CA LEU D 55 1.87 32.22 25.00
C LEU D 55 3.39 32.25 25.13
N GLN D 56 4.01 31.09 25.40
CA GLN D 56 5.48 31.03 25.59
C GLN D 56 6.19 31.44 24.29
N ASP D 57 5.74 30.91 23.16
CA ASP D 57 6.40 31.27 21.87
C ASP D 57 6.13 32.75 21.56
N LEU D 58 4.93 33.23 21.86
CA LEU D 58 4.61 34.67 21.65
C LEU D 58 5.52 35.51 22.55
N LYS D 59 5.71 35.08 23.79
CA LYS D 59 6.60 35.81 24.74
C LYS D 59 8.03 35.79 24.20
N LYS D 60 8.46 34.67 23.61
CA LYS D 60 9.85 34.57 23.08
C LYS D 60 10.03 35.63 22.00
N GLU D 61 9.05 35.80 21.10
CA GLU D 61 9.12 36.86 20.08
C GLU D 61 9.02 38.23 20.76
N ILE D 62 8.21 38.31 21.83
CA ILE D 62 8.06 39.59 22.60
C ILE D 62 9.40 39.93 23.27
N LEU D 63 10.12 38.92 23.79
CA LEU D 63 11.45 39.16 24.42
C LEU D 63 12.39 39.71 23.35
N ASP D 64 12.27 39.25 22.11
CA ASP D 64 13.09 39.79 21.00
C ASP D 64 12.83 41.29 20.88
N SER D 65 11.58 41.73 21.08
CA SER D 65 11.25 43.19 21.06
C SER D 65 11.82 43.88 22.30
N PRO D 66 12.39 45.11 22.19
CA PRO D 66 13.01 45.78 23.33
C PRO D 66 12.00 46.02 24.45
N ARG D 67 12.40 45.74 25.69
CA ARG D 67 11.46 45.88 26.84
C ARG D 67 12.08 46.76 27.93
N SER D 68 11.31 47.70 28.48
CA SER D 68 11.80 48.53 29.61
C SER D 68 13.15 49.15 29.28
N ILE D 74 14.23 61.89 26.41
CA ILE D 74 13.82 63.09 25.64
C ILE D 74 14.52 63.08 24.28
N THR D 75 15.86 63.23 24.28
CA THR D 75 16.66 63.21 23.02
C THR D 75 16.12 64.26 22.03
N SER D 76 15.75 65.43 22.54
CA SER D 76 15.21 66.50 21.66
C SER D 76 16.30 66.97 20.68
N ASN D 77 17.52 67.16 21.18
CA ASN D 77 18.64 67.65 20.32
C ASN D 77 19.89 66.81 20.57
N THR D 78 19.75 65.58 21.07
CA THR D 78 20.96 64.79 21.42
C THR D 78 21.83 64.56 20.17
N VAL D 79 21.21 64.20 19.05
CA VAL D 79 22.01 63.88 17.82
C VAL D 79 22.75 65.14 17.36
N ALA D 80 22.06 66.29 17.29
CA ALA D 80 22.69 67.53 16.78
C ALA D 80 23.83 67.95 17.72
N LYS D 81 23.57 67.90 19.02
CA LYS D 81 24.60 68.31 20.02
C LYS D 81 25.78 67.36 19.93
N SER D 82 25.51 66.05 19.80
CA SER D 82 26.60 65.06 19.72
C SER D 82 27.45 65.32 18.48
N GLU D 83 26.81 65.57 17.33
CA GLU D 83 27.56 65.80 16.06
C GLU D 83 28.37 67.08 16.16
N LEU D 84 27.81 68.12 16.79
CA LEU D 84 28.57 69.37 17.00
C LEU D 84 29.78 69.08 17.90
N GLN D 85 29.58 68.28 18.94
CA GLN D 85 30.69 67.96 19.88
C GLN D 85 31.78 67.19 19.14
N LYS D 86 31.42 66.23 18.29
CA LYS D 86 32.45 65.39 17.62
C LYS D 86 33.30 66.26 16.69
N SER D 87 32.67 67.11 15.88
CA SER D 87 33.43 68.04 15.00
C SER D 87 33.58 69.39 15.71
N ILE D 88 34.52 69.49 16.65
CA ILE D 88 34.62 70.77 17.44
C ILE D 88 35.95 71.48 17.16
N LYS D 89 36.99 70.76 16.71
CA LYS D 89 38.30 71.39 16.35
C LYS D 89 38.85 72.22 17.52
N PHE D 90 38.52 71.84 18.76
CA PHE D 90 38.95 72.66 19.92
C PHE D 90 39.53 71.75 21.00
N SER D 91 40.72 72.08 21.51
CA SER D 91 41.28 71.31 22.64
C SER D 91 41.02 72.10 23.93
N GLY D 92 39.94 71.77 24.65
CA GLY D 92 39.57 72.55 25.83
C GLY D 92 38.45 71.88 26.61
N SER D 93 37.77 72.63 27.48
CA SER D 93 36.63 72.07 28.26
C SER D 93 35.39 71.84 27.39
N ILE D 94 35.02 72.80 26.53
CA ILE D 94 33.76 72.71 25.72
C ILE D 94 32.57 72.33 26.63
N PRO D 95 32.13 73.23 27.54
CA PRO D 95 31.05 72.89 28.48
C PRO D 95 29.76 72.55 27.74
N GLU D 96 28.97 71.64 28.32
CA GLU D 96 27.72 71.18 27.66
C GLU D 96 26.72 72.34 27.52
N ILE D 97 26.80 73.32 28.42
CA ILE D 97 25.85 74.47 28.37
C ILE D 97 26.03 75.21 27.04
N TYR D 98 27.27 75.36 26.57
CA TYR D 98 27.52 76.02 25.26
C TYR D 98 26.85 75.22 24.14
N LEU D 99 27.03 73.90 24.16
CA LEU D 99 26.41 73.05 23.11
C LEU D 99 24.89 73.18 23.19
N ASP D 100 24.35 73.18 24.41
CA ASP D 100 22.88 73.25 24.58
C ASP D 100 22.35 74.57 24.03
N VAL D 101 23.00 75.68 24.37
CA VAL D 101 22.51 77.02 23.92
C VAL D 101 22.67 77.13 22.40
N VAL D 102 23.74 76.58 21.83
CA VAL D 102 23.98 76.65 20.37
C VAL D 102 22.97 75.79 19.62
N THR D 103 22.66 74.60 20.12
CA THR D 103 21.79 73.66 19.35
C THR D 103 20.30 73.87 19.63
N LYS D 104 19.94 74.82 20.50
CA LYS D 104 18.52 75.00 20.85
C LYS D 104 18.02 76.43 20.53
N GLU D 105 18.56 77.08 19.50
CA GLU D 105 18.10 78.45 19.13
C GLU D 105 16.66 78.43 18.60
N THR D 106 16.37 77.68 17.53
CA THR D 106 14.98 77.46 16.99
C THR D 106 14.33 78.77 16.51
N ILE D 107 15.04 79.91 16.55
CA ILE D 107 14.40 81.20 16.18
C ILE D 107 15.33 81.95 15.22
N SER D 108 16.61 82.03 15.58
CA SER D 108 17.55 82.84 14.77
C SER D 108 18.72 82.00 14.28
N ASP D 109 19.43 82.48 13.26
CA ASP D 109 20.56 81.72 12.66
C ASP D 109 21.86 82.34 13.18
N LYS D 110 21.88 82.79 14.43
CA LYS D 110 23.07 83.47 14.97
C LYS D 110 24.28 82.53 14.91
N TYR D 111 24.09 81.26 15.25
CA TYR D 111 25.25 80.33 15.32
C TYR D 111 25.55 79.69 13.95
N LYS D 112 24.69 79.91 12.96
CA LYS D 112 24.95 79.37 11.59
C LYS D 112 25.39 80.53 10.69
N ASP D 113 26.63 80.46 10.20
CA ASP D 113 27.17 81.55 9.35
C ASP D 113 28.28 81.04 8.45
N TRP D 114 28.62 81.81 7.42
CA TRP D 114 29.73 81.43 6.51
C TRP D 114 31.06 81.48 7.26
N HIS D 115 31.84 80.40 7.15
CA HIS D 115 33.18 80.36 7.78
C HIS D 115 34.22 80.05 6.69
N PHE D 116 35.00 81.05 6.30
CA PHE D 116 36.08 80.83 5.30
C PHE D 116 37.17 79.94 5.92
N ILE D 117 37.48 80.16 7.21
CA ILE D 117 38.55 79.38 7.89
C ILE D 117 37.89 78.22 8.64
N SER D 118 38.26 76.99 8.28
CA SER D 118 37.62 75.80 8.92
C SER D 118 38.65 74.96 9.68
N LYS D 119 39.91 75.40 9.75
CA LYS D 119 40.96 74.57 10.42
C LYS D 119 41.83 75.45 11.29
N ASN D 120 42.48 74.85 12.29
CA ASN D 120 43.38 75.62 13.19
C ASN D 120 44.54 76.21 12.39
N CYS D 121 44.87 77.48 12.66
CA CYS D 121 45.97 78.16 11.94
C CYS D 121 47.32 77.59 12.38
N HIS D 122 48.32 77.66 11.49
CA HIS D 122 49.67 77.17 11.84
C HIS D 122 50.32 78.25 12.69
N TYR D 123 50.21 78.12 14.00
CA TYR D 123 50.67 79.20 14.91
C TYR D 123 52.17 79.48 14.78
N GLU D 124 52.99 78.43 14.73
CA GLU D 124 54.47 78.64 14.73
C GLU D 124 54.91 79.38 13.45
N GLN D 125 54.42 78.95 12.30
CA GLN D 125 54.84 79.57 11.02
C GLN D 125 54.37 81.02 10.98
N LEU D 126 53.13 81.27 11.42
CA LEU D 126 52.59 82.66 11.42
C LEU D 126 53.39 83.53 12.39
N MET D 127 53.77 82.98 13.54
CA MET D 127 54.60 83.75 14.51
C MET D 127 55.96 84.06 13.87
N ASP D 128 56.54 83.09 13.14
CA ASP D 128 57.84 83.31 12.46
C ASP D 128 57.69 84.43 11.42
N LEU D 129 56.60 84.40 10.66
CA LEU D 129 56.36 85.44 9.63
C LEU D 129 56.22 86.80 10.32
N GLU D 130 55.51 86.83 11.45
CA GLU D 130 55.32 88.10 12.18
C GLU D 130 56.68 88.61 12.69
N MET D 131 57.51 87.71 13.20
CA MET D 131 58.85 88.12 13.71
C MET D 131 59.67 88.71 12.55
N LYS D 132 59.62 88.05 11.39
CA LYS D 132 60.38 88.55 10.22
C LYS D 132 59.81 89.89 9.76
N ASP D 133 58.47 90.02 9.77
CA ASP D 133 57.83 91.28 9.30
C ASP D 133 58.13 92.42 10.27
N THR D 134 58.15 92.15 11.57
CA THR D 134 58.32 93.27 12.54
C THR D 134 59.68 93.94 12.34
N ALA D 135 60.75 93.14 12.20
CA ALA D 135 62.11 93.71 12.05
C ALA D 135 62.72 93.25 10.73
N TYR D 136 63.11 94.20 9.89
CA TYR D 136 63.76 93.89 8.58
C TYR D 136 64.63 95.07 8.20
N SER D 137 65.41 94.95 7.12
CA SER D 137 66.38 96.02 6.78
C SER D 137 65.70 97.37 6.52
N PHE D 138 64.64 97.39 5.70
CA PHE D 138 64.01 98.69 5.35
C PHE D 138 63.31 99.29 6.56
N LEU D 139 62.53 98.48 7.29
CA LEU D 139 61.77 98.94 8.48
C LEU D 139 60.86 100.12 8.07
N PHE D 140 60.33 100.11 6.85
CA PHE D 140 59.53 101.26 6.36
C PHE D 140 58.18 100.76 5.82
N GLY D 141 57.20 101.65 5.69
CA GLY D 141 55.86 101.26 5.19
C GLY D 141 55.98 100.51 3.88
N SER D 142 55.32 99.36 3.76
CA SER D 142 55.51 98.52 2.56
C SER D 142 54.88 99.16 1.32
N SER D 143 55.67 99.36 0.27
CA SER D 143 55.15 99.94 -0.99
C SER D 143 54.50 98.84 -1.83
N ARG D 144 53.65 99.23 -2.80
CA ARG D 144 52.95 98.26 -3.69
C ARG D 144 53.96 97.59 -4.63
N SER D 145 55.16 98.17 -4.77
CA SER D 145 56.19 97.62 -5.71
C SER D 145 57.41 97.07 -4.94
N GLN D 146 58.47 96.69 -5.68
CA GLN D 146 59.73 96.16 -5.06
C GLN D 146 59.53 94.76 -4.51
N GLY D 147 58.44 94.08 -4.92
CA GLY D 147 58.25 92.68 -4.53
C GLY D 147 57.62 92.47 -3.15
N LYS D 148 57.30 93.56 -2.44
CA LYS D 148 56.69 93.45 -1.08
C LYS D 148 57.61 92.62 -0.18
N VAL D 149 58.87 93.03 -0.04
CA VAL D 149 59.87 92.32 0.83
C VAL D 149 59.79 90.80 0.60
N PRO D 150 59.97 90.32 -0.65
CA PRO D 150 59.78 88.89 -0.95
C PRO D 150 60.93 88.00 -0.45
N GLU D 151 62.05 88.59 -0.03
CA GLU D 151 63.26 87.78 0.32
C GLU D 151 62.95 86.71 1.37
N PHE D 152 62.10 87.01 2.36
CA PHE D 152 61.73 85.98 3.36
C PHE D 152 60.34 85.38 3.09
N VAL D 153 59.39 86.18 2.61
CA VAL D 153 58.00 85.67 2.44
C VAL D 153 57.97 84.58 1.35
N HIS D 154 58.77 84.75 0.30
CA HIS D 154 58.84 83.70 -0.76
C HIS D 154 59.48 82.43 -0.17
N LEU D 155 60.49 82.57 0.68
CA LEU D 155 61.08 81.37 1.32
C LEU D 155 60.06 80.68 2.23
N LYS D 156 59.31 81.46 3.03
CA LYS D 156 58.32 80.86 3.95
C LYS D 156 57.07 80.35 3.22
N CYS D 157 56.38 81.24 2.49
CA CYS D 157 55.16 80.83 1.75
C CYS D 157 55.29 81.36 0.32
N PRO D 158 55.73 80.52 -0.65
CA PRO D 158 55.95 80.98 -2.02
C PRO D 158 54.65 81.50 -2.66
N SER D 159 53.52 80.88 -2.33
CA SER D 159 52.24 81.25 -2.98
C SER D 159 51.21 81.73 -1.97
N ILE D 160 50.22 82.47 -2.45
CA ILE D 160 49.11 82.98 -1.57
C ILE D 160 48.34 81.78 -1.01
N THR D 161 48.22 80.70 -1.80
CA THR D 161 47.47 79.51 -1.34
C THR D 161 48.15 78.95 -0.08
N ASN D 162 49.48 78.93 -0.06
CA ASN D 162 50.22 78.44 1.14
C ASN D 162 49.88 79.35 2.33
N LEU D 163 49.84 80.67 2.10
CA LEU D 163 49.50 81.61 3.18
C LEU D 163 48.07 81.35 3.68
N LEU D 164 47.13 81.10 2.76
CA LEU D 164 45.72 80.82 3.16
C LEU D 164 45.67 79.53 3.97
N VAL D 165 46.46 78.53 3.58
CA VAL D 165 46.51 77.25 4.34
C VAL D 165 47.07 77.54 5.74
N LEU D 166 48.08 78.41 5.84
CA LEU D 166 48.64 78.79 7.16
C LEU D 166 47.55 79.47 7.98
N PHE D 167 46.69 80.28 7.34
CA PHE D 167 45.59 80.98 8.04
C PHE D 167 44.58 79.96 8.59
N GLY D 168 44.51 78.76 7.99
CA GLY D 168 43.54 77.73 8.42
C GLY D 168 42.51 77.40 7.36
N VAL D 169 42.62 78.00 6.17
CA VAL D 169 41.69 77.61 5.07
C VAL D 169 42.17 76.29 4.45
N ASN D 170 41.25 75.35 4.25
CA ASN D 170 41.60 74.04 3.66
C ASN D 170 41.97 74.22 2.19
N GLN D 171 42.75 73.28 1.65
CA GLN D 171 43.22 73.38 0.25
C GLN D 171 42.01 73.38 -0.71
N GLU D 172 40.99 72.57 -0.40
CA GLU D 172 39.82 72.46 -1.32
C GLU D 172 39.13 73.83 -1.43
N LYS D 173 38.95 74.52 -0.30
CA LYS D 173 38.33 75.87 -0.34
C LYS D 173 39.26 76.84 -1.10
N CYS D 174 40.57 76.72 -0.90
CA CYS D 174 41.52 77.63 -1.60
C CYS D 174 41.42 77.42 -3.11
N ASN D 175 41.25 76.18 -3.55
CA ASN D 175 41.14 75.88 -5.01
C ASN D 175 39.92 76.57 -5.61
N SER D 176 38.77 76.49 -4.92
CA SER D 176 37.55 77.19 -5.41
C SER D 176 37.07 78.20 -4.38
N LEU D 177 37.32 79.49 -4.62
CA LEU D 177 36.93 80.55 -3.65
C LEU D 177 35.48 80.96 -3.91
N LYS D 178 34.53 80.05 -3.62
CA LYS D 178 33.10 80.36 -3.81
C LYS D 178 32.30 79.79 -2.64
N ILE D 179 31.14 80.39 -2.36
CA ILE D 179 30.27 79.89 -1.26
C ILE D 179 29.29 78.88 -1.86
N ASN D 180 29.34 77.64 -1.39
CA ASN D 180 28.47 76.60 -1.96
C ASN D 180 27.16 76.59 -1.18
N TYR D 181 26.10 77.16 -1.78
CA TYR D 181 24.77 77.20 -1.12
C TYR D 181 24.14 75.79 -1.08
N GLU D 182 24.45 74.95 -2.07
CA GLU D 182 23.89 73.58 -2.12
C GLU D 182 24.41 72.78 -0.92
N LYS D 183 25.68 73.01 -0.53
CA LYS D 183 26.28 72.27 0.61
C LYS D 183 25.99 73.00 1.92
N LYS D 184 25.23 74.11 1.88
CA LYS D 184 24.89 74.90 3.09
C LYS D 184 26.18 75.40 3.76
N GLU D 185 27.18 75.81 2.97
CA GLU D 185 28.43 76.38 3.52
C GLU D 185 28.15 77.75 4.14
N ASN D 186 27.14 78.47 3.63
CA ASN D 186 26.77 79.80 4.17
C ASN D 186 26.12 79.68 5.57
N SER D 187 25.48 78.55 5.88
CA SER D 187 24.92 78.35 7.24
C SER D 187 25.59 77.14 7.91
N ARG D 188 26.64 77.41 8.70
CA ARG D 188 27.36 76.30 9.38
C ARG D 188 27.61 76.69 10.84
N TYR D 189 27.63 75.70 11.73
CA TYR D 189 27.95 75.99 13.14
C TYR D 189 29.41 76.41 13.26
N ASP D 190 29.72 77.24 14.26
CA ASP D 190 31.10 77.71 14.45
C ASP D 190 32.02 76.51 14.69
N ASN D 191 33.17 76.50 14.02
CA ASN D 191 34.13 75.36 14.16
C ASN D 191 35.03 75.57 15.37
N LEU D 192 34.96 76.72 16.04
CA LEU D 192 35.78 77.00 17.25
C LEU D 192 37.26 76.75 16.93
N CYS D 193 37.71 77.19 15.75
CA CYS D 193 39.13 77.01 15.36
C CYS D 193 39.91 78.29 15.64
N THR D 194 41.06 78.15 16.31
CA THR D 194 41.87 79.34 16.67
C THR D 194 42.38 80.03 15.39
N ILE D 195 42.34 81.36 15.38
CA ILE D 195 42.77 82.13 14.18
C ILE D 195 43.81 83.18 14.58
N PHE D 196 44.66 83.58 13.64
CA PHE D 196 45.66 84.65 13.92
C PHE D 196 44.94 85.99 13.99
N PRO D 197 45.52 87.04 14.64
CA PRO D 197 44.91 88.37 14.64
C PRO D 197 44.64 88.86 13.23
N VAL D 198 43.50 89.54 13.02
CA VAL D 198 43.07 89.95 11.66
C VAL D 198 44.10 90.89 11.03
N ASN D 199 44.68 91.80 11.81
CA ASN D 199 45.60 92.80 11.22
C ASN D 199 46.82 92.09 10.62
N LYS D 200 47.38 91.12 11.33
CA LYS D 200 48.58 90.40 10.82
C LYS D 200 48.21 89.64 9.55
N MET D 201 47.04 89.00 9.55
CA MET D 201 46.60 88.22 8.36
C MET D 201 46.43 89.19 7.18
N LEU D 202 45.84 90.36 7.42
CA LEU D 202 45.63 91.34 6.33
C LEU D 202 46.99 91.84 5.81
N LYS D 203 47.94 92.07 6.71
CA LYS D 203 49.29 92.51 6.28
C LYS D 203 49.96 91.40 5.43
N PHE D 204 49.84 90.15 5.87
CA PHE D 204 50.44 89.03 5.11
C PHE D 204 49.79 88.94 3.73
N LEU D 205 48.47 89.09 3.67
CA LEU D 205 47.75 89.05 2.38
C LEU D 205 48.21 90.22 1.51
N MET D 206 48.38 91.39 2.11
CA MET D 206 48.81 92.60 1.36
C MET D 206 50.21 92.36 0.79
N TYR D 207 51.02 91.54 1.46
CA TYR D 207 52.38 91.22 0.97
C TYR D 207 52.31 90.43 -0.34
N PHE D 208 51.13 89.85 -0.63
CA PHE D 208 50.96 89.09 -1.90
C PHE D 208 50.12 89.88 -2.92
N TYR D 209 50.08 91.21 -2.81
CA TYR D 209 49.24 92.01 -3.73
C TYR D 209 49.75 91.88 -5.17
N SER D 210 51.05 92.14 -5.41
CA SER D 210 51.65 91.98 -6.76
C SER D 210 50.85 92.74 -7.83
N ASP D 211 50.79 94.07 -7.72
CA ASP D 211 50.00 94.89 -8.70
C ASP D 211 50.54 94.66 -10.11
N ASP D 212 51.87 94.62 -10.25
CA ASP D 212 52.51 94.40 -11.58
C ASP D 212 52.44 92.91 -11.91
N ASP D 213 51.25 92.41 -12.21
CA ASP D 213 51.07 90.96 -12.49
C ASP D 213 49.85 90.77 -13.39
N ASN D 214 49.62 89.52 -13.82
CA ASN D 214 48.47 89.21 -14.70
C ASN D 214 47.15 89.38 -13.93
N ASP D 215 46.07 89.52 -14.68
CA ASP D 215 44.72 89.74 -14.08
C ASP D 215 44.31 88.56 -13.20
N ASP D 216 44.68 87.33 -13.56
CA ASP D 216 44.20 86.15 -12.80
C ASP D 216 44.68 86.23 -11.36
N VAL D 217 45.94 86.58 -11.14
CA VAL D 217 46.49 86.63 -9.76
C VAL D 217 45.74 87.71 -8.97
N ARG D 218 45.52 88.87 -9.58
CA ARG D 218 44.82 89.97 -8.89
C ARG D 218 43.38 89.56 -8.56
N GLU D 219 42.71 88.89 -9.52
CA GLU D 219 41.31 88.44 -9.29
C GLU D 219 41.30 87.44 -8.14
N PHE D 220 42.26 86.52 -8.12
CA PHE D 220 42.31 85.48 -7.06
C PHE D 220 42.51 86.18 -5.71
N PHE D 221 43.42 87.16 -5.67
CA PHE D 221 43.70 87.89 -4.41
C PHE D 221 42.42 88.60 -3.94
N LEU D 222 41.72 89.24 -4.88
CA LEU D 222 40.49 89.99 -4.51
C LEU D 222 39.44 89.02 -3.97
N LYS D 223 39.26 87.88 -4.64
CA LYS D 223 38.24 86.91 -4.20
C LYS D 223 38.62 86.37 -2.82
N ALA D 224 39.91 86.12 -2.59
CA ALA D 224 40.37 85.61 -1.28
C ALA D 224 40.08 86.67 -0.21
N PHE D 225 40.35 87.94 -0.52
CA PHE D 225 40.10 89.02 0.47
C PHE D 225 38.60 89.10 0.76
N ILE D 226 37.77 89.00 -0.28
CA ILE D 226 36.30 89.12 -0.08
C ILE D 226 35.81 87.95 0.78
N CYS D 227 36.32 86.75 0.50
CA CYS D 227 35.90 85.56 1.30
C CYS D 227 36.37 85.75 2.74
N LEU D 228 37.60 86.26 2.94
CA LEU D 228 38.16 86.40 4.30
C LEU D 228 37.34 87.41 5.09
N ILE D 229 37.01 88.55 4.49
CA ILE D 229 36.29 89.63 5.25
C ILE D 229 34.88 89.15 5.60
N LEU D 230 34.26 88.34 4.73
CA LEU D 230 32.87 87.89 4.98
C LEU D 230 32.82 86.79 6.05
N ASP D 231 33.98 86.26 6.45
CA ASP D 231 34.01 85.16 7.45
C ASP D 231 33.41 85.68 8.76
N ARG D 232 32.60 84.85 9.42
CA ARG D 232 31.96 85.25 10.69
C ARG D 232 33.06 85.52 11.74
N LYS D 233 34.03 84.63 11.86
CA LYS D 233 35.07 84.81 12.90
C LYS D 233 35.88 86.09 12.61
N VAL D 234 36.24 86.30 11.34
CA VAL D 234 37.05 87.49 10.98
C VAL D 234 36.20 88.74 11.24
N PHE D 235 34.92 88.69 10.88
CA PHE D 235 34.04 89.87 11.06
C PHE D 235 33.90 90.18 12.56
N ASN D 236 33.73 89.14 13.37
CA ASN D 236 33.63 89.34 14.84
C ASN D 236 34.95 89.87 15.39
N ALA D 237 36.09 89.36 14.90
CA ALA D 237 37.41 89.75 15.46
C ALA D 237 38.00 90.96 14.73
N MET D 238 37.32 91.48 13.71
CA MET D 238 37.88 92.61 12.93
C MET D 238 37.95 93.86 13.81
N GLU D 239 38.98 94.67 13.63
CA GLU D 239 39.13 95.92 14.42
C GLU D 239 38.06 96.93 14.01
N SER D 240 37.78 97.87 14.91
CA SER D 240 36.73 98.88 14.62
C SER D 240 37.12 99.74 13.41
N ASP D 241 38.40 100.08 13.29
CA ASP D 241 38.87 100.86 12.13
C ASP D 241 39.38 99.90 11.07
N HIS D 242 38.76 99.90 9.89
CA HIS D 242 39.16 98.96 8.81
C HIS D 242 40.23 99.63 7.95
N ARG D 243 41.35 100.03 8.54
CA ARG D 243 42.38 100.76 7.77
C ARG D 243 42.93 99.86 6.66
N LEU D 244 43.31 98.63 7.02
CA LEU D 244 43.85 97.69 6.02
C LEU D 244 42.75 97.31 5.02
N CYS D 245 41.53 97.10 5.51
CA CYS D 245 40.40 96.73 4.61
C CYS D 245 40.13 97.88 3.64
N PHE D 246 40.16 99.11 4.14
CA PHE D 246 39.91 100.29 3.27
C PHE D 246 41.03 100.37 2.23
N LYS D 247 42.27 100.11 2.65
CA LYS D 247 43.42 100.19 1.71
C LYS D 247 43.22 99.14 0.61
N VAL D 248 42.85 97.93 1.00
CA VAL D 248 42.65 96.84 0.00
C VAL D 248 41.51 97.23 -0.94
N LEU D 249 40.43 97.79 -0.39
CA LEU D 249 39.28 98.18 -1.23
C LEU D 249 39.72 99.27 -2.20
N GLU D 250 40.53 100.22 -1.72
CA GLU D 250 41.00 101.34 -2.58
C GLU D 250 41.93 100.79 -3.69
N LEU D 251 42.64 99.68 -3.42
CA LEU D 251 43.57 99.12 -4.42
C LEU D 251 42.79 98.73 -5.68
N PHE D 252 41.61 98.12 -5.50
CA PHE D 252 40.82 97.66 -6.66
C PHE D 252 39.71 98.64 -7.02
N ASN D 253 39.23 98.56 -8.27
CA ASN D 253 38.11 99.42 -8.70
C ASN D 253 36.86 99.03 -7.90
N GLU D 254 36.04 100.01 -7.54
CA GLU D 254 34.81 99.74 -6.76
C GLU D 254 33.87 98.84 -7.57
N ALA D 255 33.67 99.14 -8.86
CA ALA D 255 32.78 98.32 -9.71
C ALA D 255 33.33 96.90 -9.80
N HIS D 256 34.64 96.77 -10.01
CA HIS D 256 35.27 95.43 -10.11
C HIS D 256 35.08 94.68 -8.79
N PHE D 257 35.24 95.39 -7.67
CA PHE D 257 35.09 94.75 -6.34
C PHE D 257 33.65 94.24 -6.20
N ILE D 258 32.69 95.07 -6.60
CA ILE D 258 31.26 94.67 -6.46
C ILE D 258 30.97 93.48 -7.38
N ASN D 259 31.51 93.50 -8.59
CA ASN D 259 31.29 92.39 -9.53
C ASN D 259 31.87 91.10 -8.96
N SER D 260 33.09 91.17 -8.40
CA SER D 260 33.72 89.97 -7.80
C SER D 260 32.90 89.48 -6.60
N TYR D 261 32.41 90.41 -5.78
CA TYR D 261 31.62 90.03 -4.58
C TYR D 261 30.33 89.32 -5.03
N PHE D 262 29.67 89.87 -6.04
CA PHE D 262 28.41 89.26 -6.55
C PHE D 262 28.72 87.92 -7.22
N GLU D 263 29.91 87.76 -7.79
CA GLU D 263 30.28 86.44 -8.35
C GLU D 263 30.44 85.44 -7.19
N ILE D 264 31.07 85.86 -6.10
CA ILE D 264 31.32 84.94 -4.95
C ILE D 264 30.01 84.57 -4.26
N VAL D 265 29.11 85.53 -4.03
CA VAL D 265 27.89 85.25 -3.22
C VAL D 265 26.62 85.32 -4.06
N ASP D 266 25.53 84.77 -3.55
CA ASP D 266 24.23 84.82 -4.25
C ASP D 266 23.67 86.25 -4.26
N LYS D 267 22.93 86.60 -5.31
CA LYS D 267 22.31 87.95 -5.41
C LYS D 267 21.22 88.12 -4.34
N ASN D 268 20.52 87.04 -3.98
CA ASN D 268 19.39 87.15 -3.00
C ASN D 268 19.87 86.95 -1.55
N ASP D 269 21.17 86.73 -1.35
CA ASP D 269 21.70 86.50 0.02
C ASP D 269 21.93 87.86 0.68
N PHE D 270 20.84 88.55 1.04
CA PHE D 270 20.94 89.92 1.59
C PHE D 270 21.62 89.95 2.97
N PHE D 271 21.71 88.82 3.66
CA PHE D 271 22.43 88.81 4.96
C PHE D 271 23.90 89.18 4.73
N LEU D 272 24.54 88.57 3.72
CA LEU D 272 25.95 88.92 3.41
C LEU D 272 26.01 90.35 2.86
N HIS D 273 24.97 90.78 2.13
CA HIS D 273 24.93 92.18 1.62
C HIS D 273 24.95 93.13 2.80
N TYR D 274 24.13 92.85 3.83
CA TYR D 274 24.07 93.72 5.02
C TYR D 274 25.43 93.70 5.74
N ARG D 275 26.06 92.53 5.82
CA ARG D 275 27.38 92.43 6.49
C ARG D 275 28.41 93.27 5.72
N LEU D 276 28.38 93.17 4.39
CA LEU D 276 29.35 93.94 3.57
C LEU D 276 29.10 95.44 3.77
N LEU D 277 27.82 95.83 3.81
CA LEU D 277 27.50 97.26 4.01
C LEU D 277 27.97 97.69 5.41
N GLN D 278 27.87 96.80 6.39
CA GLN D 278 28.42 97.15 7.73
C GLN D 278 29.93 97.37 7.60
N ILE D 279 30.62 96.49 6.86
CA ILE D 279 32.08 96.68 6.64
C ILE D 279 32.31 97.92 5.77
N PHE D 280 31.58 98.05 4.67
CA PHE D 280 31.82 99.16 3.71
C PHE D 280 30.49 99.83 3.36
N PRO D 281 30.02 100.80 4.16
CA PRO D 281 28.74 101.45 3.91
C PRO D 281 28.73 102.24 2.59
N HIS D 282 29.86 102.86 2.23
CA HIS D 282 29.91 103.74 1.03
C HIS D 282 29.63 102.96 -0.26
N LEU D 283 29.78 101.64 -0.26
CA LEU D 283 29.49 100.82 -1.47
C LEU D 283 27.99 100.56 -1.62
N GLN D 284 27.17 100.93 -0.64
CA GLN D 284 25.72 100.54 -0.68
C GLN D 284 25.05 100.88 -2.01
N SER D 285 25.13 102.14 -2.45
CA SER D 285 24.42 102.52 -3.70
C SER D 285 24.98 101.68 -4.85
N ALA D 286 26.30 101.53 -4.88
CA ALA D 286 26.94 100.77 -5.98
C ALA D 286 26.40 99.35 -5.94
N LEU D 287 26.28 98.77 -4.75
CA LEU D 287 25.79 97.38 -4.63
C LEU D 287 24.37 97.33 -5.21
N LEU D 288 23.55 98.34 -4.92
CA LEU D 288 22.17 98.37 -5.44
C LEU D 288 22.22 98.46 -6.96
N ARG D 289 23.16 99.25 -7.50
CA ARG D 289 23.27 99.39 -8.97
C ARG D 289 23.63 98.04 -9.58
N ARG D 290 24.33 97.17 -8.85
CA ARG D 290 24.57 95.79 -9.35
C ARG D 290 23.33 94.90 -9.16
N ARG D 291 22.60 95.04 -8.04
CA ARG D 291 21.39 94.20 -7.75
C ARG D 291 20.15 94.64 -8.55
N PHE D 292 19.91 95.94 -8.68
CA PHE D 292 18.67 96.44 -9.34
C PHE D 292 19.05 97.34 -10.51
N SER D 293 20.01 96.90 -11.32
CA SER D 293 20.51 97.75 -12.43
C SER D 293 19.37 98.16 -13.35
N GLU D 294 19.35 99.43 -13.76
CA GLU D 294 18.27 99.94 -14.65
C GLU D 294 18.31 99.21 -16.00
N LYS D 295 19.51 99.02 -16.55
CA LYS D 295 19.64 98.33 -17.87
C LYS D 295 19.15 96.89 -17.76
N GLN D 296 19.50 96.19 -16.66
CA GLN D 296 19.11 94.77 -16.48
C GLN D 296 17.66 94.68 -15.98
N GLY D 297 17.08 95.82 -15.56
CA GLY D 297 15.69 95.83 -15.05
C GLY D 297 14.70 96.17 -16.15
N ARG D 298 15.16 96.16 -17.42
CA ARG D 298 14.29 96.53 -18.57
C ARG D 298 13.84 97.99 -18.40
N THR D 299 12.59 98.29 -18.76
CA THR D 299 12.05 99.68 -18.63
C THR D 299 11.73 100.01 -17.17
N GLU D 300 11.57 99.00 -16.31
CA GLU D 300 11.18 99.25 -14.90
C GLU D 300 12.28 100.01 -14.16
N THR D 301 11.86 100.94 -13.29
CA THR D 301 12.84 101.73 -12.51
C THR D 301 13.43 100.89 -11.36
N ILE D 302 14.49 101.38 -10.74
CA ILE D 302 15.14 100.65 -9.62
C ILE D 302 14.13 100.52 -8.48
N GLN D 303 13.36 101.57 -8.21
CA GLN D 303 12.36 101.53 -7.11
C GLN D 303 11.33 100.43 -7.40
N GLN D 304 10.90 100.31 -8.64
CA GLN D 304 9.92 99.26 -9.02
C GLN D 304 10.54 97.88 -8.78
N ASN D 305 11.82 97.72 -9.11
CA ASN D 305 12.51 96.43 -8.87
C ASN D 305 12.55 96.15 -7.36
N ILE D 306 12.81 97.18 -6.56
CA ILE D 306 12.85 97.00 -5.08
C ILE D 306 11.46 96.57 -4.60
N ILE D 307 10.43 97.21 -5.13
CA ILE D 307 9.03 96.85 -4.71
C ILE D 307 8.75 95.41 -5.12
N LYS D 308 9.15 95.01 -6.32
CA LYS D 308 8.89 93.64 -6.81
C LYS D 308 9.62 92.62 -5.92
N GLU D 309 10.87 92.92 -5.55
CA GLU D 309 11.64 92.01 -4.66
C GLU D 309 10.96 91.92 -3.31
N PHE D 310 10.48 93.06 -2.79
CA PHE D 310 9.79 93.05 -1.49
C PHE D 310 8.54 92.20 -1.60
N ASN D 311 7.79 92.35 -2.70
CA ASN D 311 6.53 91.59 -2.87
C ASN D 311 6.84 90.09 -2.95
N GLU D 312 7.87 89.73 -3.70
CA GLU D 312 8.19 88.28 -3.88
C GLU D 312 8.65 87.69 -2.53
N PHE D 313 9.43 88.44 -1.76
CA PHE D 313 9.87 87.95 -0.43
C PHE D 313 8.65 87.85 0.49
N PHE D 314 7.73 88.81 0.38
CA PHE D 314 6.51 88.80 1.21
C PHE D 314 5.66 87.57 0.87
N ASP D 315 5.52 87.27 -0.42
CA ASP D 315 4.72 86.09 -0.85
C ASP D 315 5.43 84.79 -0.44
N CYS D 316 6.76 84.75 -0.55
CA CYS D 316 7.54 83.52 -0.21
C CYS D 316 7.62 83.34 1.31
N LYS D 317 7.25 84.37 2.09
CA LYS D 317 7.33 84.31 3.57
C LYS D 317 8.78 84.06 4.01
N ASN D 318 9.74 84.61 3.27
CA ASN D 318 11.17 84.51 3.68
C ASN D 318 11.41 85.72 4.59
N TYR D 319 10.89 85.66 5.82
CA TYR D 319 10.93 86.84 6.72
C TYR D 319 12.36 87.25 7.10
N LYS D 320 13.25 86.29 7.34
CA LYS D 320 14.66 86.64 7.68
C LYS D 320 15.31 87.36 6.51
N ASN D 321 15.19 86.81 5.29
CA ASN D 321 15.79 87.45 4.10
C ASN D 321 15.13 88.80 3.86
N LEU D 322 13.81 88.87 4.08
CA LEU D 322 13.08 90.15 3.89
C LEU D 322 13.62 91.19 4.88
N LEU D 323 13.85 90.79 6.13
CA LEU D 323 14.35 91.74 7.14
C LEU D 323 15.74 92.24 6.73
N TYR D 324 16.61 91.33 6.29
CA TYR D 324 17.99 91.73 5.88
C TYR D 324 17.91 92.60 4.62
N PHE D 325 16.98 92.28 3.72
CA PHE D 325 16.81 93.10 2.50
C PHE D 325 16.38 94.52 2.90
N ILE D 326 15.45 94.62 3.85
CA ILE D 326 14.97 95.96 4.29
C ILE D 326 16.14 96.72 4.93
N LEU D 327 16.94 96.03 5.74
CA LEU D 327 18.08 96.69 6.40
C LEU D 327 19.07 97.17 5.33
N THR D 328 19.30 96.35 4.31
CA THR D 328 20.27 96.72 3.25
C THR D 328 19.74 97.91 2.43
N MET D 329 18.47 97.89 2.05
CA MET D 329 17.94 98.94 1.12
C MET D 329 17.90 100.32 1.78
N TYR D 330 17.47 100.41 3.03
CA TYR D 330 17.28 101.74 3.66
C TYR D 330 18.59 102.50 3.81
N GLY D 331 18.53 103.83 3.69
CA GLY D 331 19.75 104.66 3.78
C GLY D 331 20.30 105.07 2.43
N SER D 332 19.78 104.49 1.35
CA SER D 332 20.22 104.87 -0.02
C SER D 332 19.31 105.96 -0.61
N LYS D 333 19.69 106.48 -1.78
CA LYS D 333 18.86 107.52 -2.44
C LYS D 333 17.51 106.92 -2.82
N PHE D 334 17.49 105.67 -3.29
CA PHE D 334 16.22 105.05 -3.76
C PHE D 334 15.23 104.91 -2.59
N ILE D 335 15.72 104.48 -1.43
CA ILE D 335 14.81 104.28 -0.25
C ILE D 335 15.40 105.09 0.91
N PRO D 336 15.16 106.41 0.96
CA PRO D 336 15.71 107.25 2.01
C PRO D 336 14.79 107.30 3.23
N PHE D 337 15.37 107.70 4.36
CA PHE D 337 14.57 107.84 5.60
C PHE D 337 13.60 109.01 5.45
N GLY D 338 12.45 108.93 6.10
CA GLY D 338 11.48 110.04 6.06
C GLY D 338 10.05 109.58 6.22
N PRO D 339 9.21 110.35 6.93
CA PRO D 339 7.81 109.99 7.17
C PRO D 339 6.94 110.12 5.90
N LYS D 340 7.29 111.03 4.99
CA LYS D 340 6.44 111.30 3.79
C LYS D 340 6.64 110.26 2.69
N CYS D 341 7.67 109.43 2.75
CA CYS D 341 7.94 108.47 1.64
C CYS D 341 6.78 107.46 1.52
N GLN D 342 6.32 107.21 0.30
CA GLN D 342 5.21 106.23 0.06
C GLN D 342 5.70 104.79 0.27
N VAL D 343 6.95 104.50 -0.10
CA VAL D 343 7.46 103.09 -0.03
C VAL D 343 7.43 102.59 1.41
N THR D 344 7.91 103.40 2.35
CA THR D 344 7.93 102.98 3.77
C THR D 344 6.49 102.79 4.26
N GLU D 345 5.58 103.67 3.82
CA GLU D 345 4.17 103.56 4.25
C GLU D 345 3.60 102.24 3.74
N TYR D 346 3.90 101.90 2.48
CA TYR D 346 3.40 100.63 1.91
C TYR D 346 3.98 99.44 2.68
N PHE D 347 5.27 99.53 3.00
CA PHE D 347 5.93 98.41 3.73
C PHE D 347 5.27 98.25 5.10
N LYS D 348 5.02 99.37 5.78
CA LYS D 348 4.40 99.32 7.13
C LYS D 348 3.00 98.75 7.01
N ASP D 349 2.27 99.14 5.96
CA ASP D 349 0.89 98.65 5.78
C ASP D 349 0.92 97.13 5.63
N CYS D 350 1.86 96.63 4.81
CA CYS D 350 1.96 95.17 4.58
C CYS D 350 2.33 94.47 5.89
N ILE D 351 3.28 95.04 6.63
CA ILE D 351 3.73 94.39 7.90
C ILE D 351 2.56 94.35 8.89
N LEU D 352 1.80 95.44 8.96
CA LEU D 352 0.62 95.48 9.88
C LEU D 352 -0.40 94.45 9.41
N ASP D 353 -0.54 94.26 8.09
CA ASP D 353 -1.50 93.26 7.57
C ASP D 353 -1.10 91.85 8.03
N ILE D 354 0.16 91.47 7.83
CA ILE D 354 0.58 90.10 8.22
C ILE D 354 0.64 89.95 9.74
N SER D 355 1.07 90.99 10.46
CA SER D 355 1.27 90.85 11.92
C SER D 355 -0.05 90.53 12.63
N ASN D 356 -0.04 89.53 13.51
CA ASN D 356 -1.25 89.17 14.30
C ASN D 356 -0.93 89.34 15.79
N GLU D 357 0.35 89.24 16.18
CA GLU D 357 0.80 89.45 17.59
C GLU D 357 0.33 88.30 18.50
N THR D 358 -0.14 87.19 17.92
CA THR D 358 -0.54 86.03 18.76
C THR D 358 0.38 84.85 18.44
N THR D 359 0.46 84.46 17.18
CA THR D 359 1.37 83.36 16.75
C THR D 359 2.12 83.85 15.53
N ASN D 360 3.16 84.66 15.73
CA ASN D 360 3.86 85.25 14.57
C ASN D 360 5.37 85.09 14.70
N ASP D 361 6.06 85.09 13.57
CA ASP D 361 7.54 85.01 13.59
C ASP D 361 8.11 86.30 14.18
N VAL D 362 9.23 86.20 14.88
CA VAL D 362 9.86 87.38 15.52
C VAL D 362 10.27 88.37 14.43
N GLU D 363 10.62 87.86 13.24
CA GLU D 363 11.10 88.74 12.15
C GLU D 363 10.04 89.79 11.82
N ILE D 364 8.75 89.41 11.86
CA ILE D 364 7.68 90.39 11.50
C ILE D 364 7.71 91.56 12.50
N SER D 365 7.79 91.25 13.80
CA SER D 365 7.81 92.31 14.83
C SER D 365 9.07 93.16 14.68
N ILE D 366 10.20 92.51 14.42
CA ILE D 366 11.49 93.24 14.27
C ILE D 366 11.38 94.17 13.05
N LEU D 367 10.78 93.67 11.96
CA LEU D 367 10.61 94.49 10.74
C LEU D 367 9.71 95.68 11.06
N LYS D 368 8.65 95.45 11.82
CA LYS D 368 7.70 96.55 12.14
C LYS D 368 8.44 97.64 12.92
N GLY D 369 9.22 97.22 13.93
CA GLY D 369 9.96 98.21 14.74
C GLY D 369 10.99 98.94 13.90
N ILE D 370 11.71 98.22 13.05
CA ILE D 370 12.78 98.85 12.24
C ILE D 370 12.15 99.83 11.25
N LEU D 371 11.02 99.44 10.63
CA LEU D 371 10.36 100.33 9.65
C LEU D 371 9.85 101.58 10.36
N ASN D 372 9.30 101.41 11.55
CA ASN D 372 8.81 102.59 12.32
C ASN D 372 9.99 103.51 12.64
N LEU D 373 11.12 102.93 13.06
CA LEU D 373 12.30 103.75 13.44
C LEU D 373 12.78 104.50 12.20
N PHE D 374 12.87 103.82 11.06
CA PHE D 374 13.38 104.46 9.83
C PHE D 374 12.42 105.57 9.37
N SER D 375 11.12 105.32 9.54
CA SER D 375 10.10 106.35 9.16
C SER D 375 10.28 107.59 10.03
N LYS D 376 10.55 107.39 11.32
CA LYS D 376 10.71 108.53 12.24
C LYS D 376 11.97 109.33 11.90
N ILE D 377 13.00 108.66 11.35
CA ILE D 377 14.27 109.38 11.01
C ILE D 377 13.99 110.41 9.92
N ARG D 378 14.51 111.62 10.09
CA ARG D 378 14.34 112.67 9.04
C ARG D 378 15.54 112.66 8.11
N ASP E 2 46.41 124.86 14.26
CA ASP E 2 46.87 123.72 13.42
C ASP E 2 45.78 123.35 12.43
N GLY E 3 45.08 122.22 12.69
CA GLY E 3 44.01 121.75 11.77
C GLY E 3 42.69 122.46 11.99
N ALA E 4 41.70 122.15 11.15
CA ALA E 4 40.36 122.76 11.28
C ALA E 4 39.66 122.25 12.56
N LEU E 5 40.10 121.10 13.10
CA LEU E 5 39.44 120.54 14.31
C LEU E 5 39.60 121.51 15.48
N ILE E 6 40.77 122.14 15.63
CA ILE E 6 41.01 123.03 16.80
C ILE E 6 40.67 124.49 16.47
N ASN E 7 40.50 124.82 15.19
CA ASN E 7 40.31 126.26 14.82
C ASN E 7 38.97 126.48 14.11
N SER E 8 37.92 125.73 14.50
CA SER E 8 36.58 125.98 13.92
C SER E 8 35.63 126.44 15.02
N VAL E 9 35.38 127.75 15.11
CA VAL E 9 34.49 128.29 16.18
C VAL E 9 33.35 129.11 15.54
N LEU E 10 33.04 128.84 14.28
CA LEU E 10 32.01 129.65 13.56
C LEU E 10 30.62 129.43 14.16
N TYR E 11 30.25 128.18 14.44
CA TYR E 11 28.85 127.89 14.89
C TYR E 11 28.78 127.70 16.40
N VAL E 12 29.89 127.91 17.11
CA VAL E 12 29.91 127.65 18.58
C VAL E 12 29.17 128.77 19.33
N SER E 13 28.54 128.41 20.45
CA SER E 13 27.89 129.41 21.33
C SER E 13 28.55 129.25 22.71
N PRO E 14 29.64 129.98 23.02
CA PRO E 14 30.35 129.79 24.28
C PRO E 14 29.46 130.03 25.51
N ARG E 15 29.63 129.18 26.53
CA ARG E 15 28.82 129.30 27.77
C ARG E 15 29.77 129.21 28.97
N ASN E 16 29.25 129.46 30.16
CA ASN E 16 30.09 129.40 31.39
C ASN E 16 30.63 127.98 31.56
N GLY E 17 29.77 126.97 31.39
CA GLY E 17 30.20 125.56 31.52
C GLY E 17 31.18 125.16 30.44
N ALA E 18 30.91 125.53 29.19
CA ALA E 18 31.79 125.10 28.07
C ALA E 18 31.94 126.21 27.03
N HIS E 19 33.14 126.38 26.48
CA HIS E 19 33.36 127.39 25.40
C HIS E 19 33.04 126.78 24.03
N TYR E 20 32.89 125.45 23.95
CA TYR E 20 32.68 124.78 22.64
C TYR E 20 31.20 124.46 22.42
N PHE E 21 30.31 124.98 23.28
CA PHE E 21 28.88 124.60 23.18
C PHE E 21 28.30 124.99 21.83
N VAL E 22 27.53 124.08 21.22
CA VAL E 22 26.88 124.37 19.92
C VAL E 22 25.37 124.16 20.07
N GLU E 23 24.57 125.12 19.61
CA GLU E 23 23.08 125.00 19.71
C GLU E 23 22.58 123.90 18.78
N LEU E 24 21.46 123.28 19.12
CA LEU E 24 20.90 122.17 18.31
C LEU E 24 19.88 122.70 17.29
N THR E 25 19.89 122.17 16.07
CA THR E 25 18.85 122.51 15.08
C THR E 25 17.64 121.58 15.28
N GLU E 26 16.55 121.82 14.54
CA GLU E 26 15.33 121.00 14.72
C GLU E 26 15.60 119.53 14.38
N LYS E 27 16.29 119.26 13.27
CA LYS E 27 16.56 117.86 12.86
C LYS E 27 17.45 117.18 13.90
N HIS E 28 18.49 117.87 14.36
CA HIS E 28 19.41 117.30 15.38
C HIS E 28 18.64 117.10 16.69
N LEU E 29 17.77 118.04 17.05
CA LEU E 29 16.98 117.89 18.29
C LEU E 29 16.09 116.64 18.17
N LEU E 30 15.46 116.46 17.02
CA LEU E 30 14.57 115.28 16.83
C LEU E 30 15.41 114.01 16.94
N ALA E 31 16.60 114.00 16.33
CA ALA E 31 17.47 112.80 16.39
C ALA E 31 17.87 112.53 17.84
N PHE E 32 18.20 113.59 18.58
CA PHE E 32 18.63 113.42 19.99
C PHE E 32 17.46 112.84 20.79
N GLU E 33 16.26 113.38 20.56
CA GLU E 33 15.08 112.89 21.32
C GLU E 33 14.82 111.42 20.96
N MET E 34 14.94 111.06 19.69
CA MET E 34 14.67 109.66 19.26
C MET E 34 15.68 108.73 19.91
N LEU E 35 16.96 109.12 19.93
CA LEU E 35 18.01 108.26 20.52
C LEU E 35 17.77 108.10 22.02
N ASN E 36 17.42 109.21 22.69
CA ASN E 36 17.18 109.16 24.16
C ASN E 36 15.97 108.27 24.43
N SER E 37 14.92 108.40 23.62
CA SER E 37 13.68 107.60 23.82
C SER E 37 14.00 106.11 23.64
N MET E 38 14.77 105.78 22.60
CA MET E 38 15.13 104.36 22.35
C MET E 38 16.01 103.85 23.50
N CYS E 39 16.94 104.68 24.00
CA CYS E 39 17.83 104.27 25.11
C CYS E 39 17.00 104.05 26.39
N LEU E 40 15.94 104.83 26.58
CA LEU E 40 15.09 104.69 27.79
C LEU E 40 14.45 103.29 27.80
N LEU E 41 14.03 102.79 26.63
CA LEU E 41 13.33 101.48 26.57
C LEU E 41 14.36 100.35 26.58
N GLU E 42 15.65 100.66 26.73
CA GLU E 42 16.73 99.64 26.78
C GLU E 42 16.84 98.97 25.40
N ASN E 43 16.37 99.66 24.37
CA ASN E 43 16.46 99.14 22.98
C ASN E 43 17.78 99.62 22.38
N TYR E 44 18.91 99.15 22.92
CA TYR E 44 20.25 99.57 22.44
C TYR E 44 20.46 99.10 21.00
N ASP E 45 19.89 97.95 20.64
CA ASP E 45 20.09 97.40 19.28
C ASP E 45 19.55 98.40 18.27
N HIS E 46 18.37 98.95 18.54
CA HIS E 46 17.80 99.98 17.62
C HIS E 46 18.67 101.25 17.63
N VAL E 47 19.24 101.60 18.78
CA VAL E 47 20.14 102.79 18.83
C VAL E 47 21.33 102.54 17.91
N LEU E 48 21.94 101.35 18.00
CA LEU E 48 23.12 101.04 17.15
C LEU E 48 22.67 101.01 15.68
N LEU E 49 21.50 100.45 15.41
CA LEU E 49 21.00 100.41 14.01
C LEU E 49 20.79 101.83 13.51
N PHE E 50 20.25 102.71 14.36
CA PHE E 50 20.00 104.12 13.95
C PHE E 50 21.32 104.78 13.59
N LEU E 51 22.33 104.55 14.43
CA LEU E 51 23.66 105.17 14.18
C LEU E 51 24.32 104.58 12.94
N GLU E 52 24.21 103.25 12.74
CA GLU E 52 24.89 102.58 11.61
C GLU E 52 24.17 102.75 10.26
N CYS E 53 22.85 102.83 10.27
CA CYS E 53 22.10 102.84 8.97
C CYS E 53 22.45 104.07 8.14
N GLN E 54 22.68 105.22 8.78
CA GLN E 54 22.93 106.47 8.03
C GLN E 54 24.43 106.85 8.11
N PHE E 55 25.29 105.89 8.46
CA PHE E 55 26.73 106.20 8.61
C PHE E 55 27.44 106.06 7.26
N GLY E 56 27.94 107.15 6.70
CA GLY E 56 28.74 107.07 5.45
C GLY E 56 27.90 106.92 4.19
N LYS E 57 26.57 106.92 4.32
CA LYS E 57 25.70 106.72 3.14
C LYS E 57 25.11 108.07 2.68
N SER E 58 25.41 109.16 3.39
CA SER E 58 24.83 110.48 3.05
C SER E 58 25.83 111.61 3.32
N HIS E 59 25.64 112.74 2.67
CA HIS E 59 26.53 113.92 2.88
C HIS E 59 26.42 114.39 4.33
N ASN E 60 25.19 114.47 4.86
CA ASN E 60 24.98 114.98 6.23
C ASN E 60 25.47 113.94 7.26
N LEU E 61 25.84 114.41 8.46
CA LEU E 61 26.37 113.50 9.50
C LEU E 61 25.37 113.45 10.67
N ALA E 62 25.10 112.24 11.17
CA ALA E 62 24.23 112.11 12.35
C ALA E 62 25.10 112.28 13.60
N VAL E 63 24.79 113.29 14.41
CA VAL E 63 25.66 113.57 15.59
C VAL E 63 25.19 112.72 16.77
N ILE E 64 26.11 112.00 17.38
CA ILE E 64 25.77 111.20 18.59
C ILE E 64 25.76 112.14 19.79
N PRO E 65 24.67 112.17 20.59
CA PRO E 65 24.64 112.99 21.80
C PRO E 65 25.65 112.50 22.85
N PHE E 66 26.08 113.40 23.73
CA PHE E 66 27.12 113.07 24.74
C PHE E 66 26.62 111.95 25.66
N ASP E 67 25.36 112.01 26.06
CA ASP E 67 24.78 110.95 26.94
C ASP E 67 24.82 109.62 26.19
N ILE E 68 24.49 109.65 24.89
CA ILE E 68 24.53 108.41 24.07
C ILE E 68 25.99 107.96 23.97
N ILE E 69 26.92 108.92 23.88
CA ILE E 69 28.37 108.55 23.84
C ILE E 69 28.74 107.83 25.14
N LEU E 70 28.27 108.33 26.27
CA LEU E 70 28.55 107.65 27.57
C LEU E 70 27.90 106.28 27.58
N VAL E 71 26.68 106.16 27.03
CA VAL E 71 25.98 104.85 26.98
C VAL E 71 26.82 103.88 26.13
N LEU E 72 27.34 104.35 25.00
CA LEU E 72 28.19 103.48 24.14
C LEU E 72 29.46 103.10 24.90
N PHE E 73 30.04 104.03 25.66
CA PHE E 73 31.27 103.73 26.44
C PHE E 73 30.96 102.63 27.46
N THR E 74 29.81 102.75 28.13
CA THR E 74 29.39 101.70 29.11
C THR E 74 29.13 100.38 28.38
N LEU E 75 28.51 100.44 27.20
CA LEU E 75 28.21 99.19 26.45
C LEU E 75 29.52 98.52 26.06
N SER E 76 30.56 99.31 25.75
CA SER E 76 31.87 98.74 25.33
C SER E 76 32.45 97.88 26.44
N THR E 77 32.13 98.22 27.70
CA THR E 77 32.62 97.40 28.85
C THR E 77 31.87 96.06 28.95
N LEU E 78 30.69 95.93 28.35
CA LEU E 78 29.91 94.67 28.47
C LEU E 78 30.39 93.67 27.42
N SER E 79 31.60 93.12 27.61
CA SER E 79 32.15 92.14 26.65
C SER E 79 31.39 90.82 26.70
N GLU E 80 31.37 90.08 25.59
CA GLU E 80 30.62 88.80 25.51
C GLU E 80 31.24 87.73 26.42
N TYR E 81 32.56 87.70 26.54
CA TYR E 81 33.23 86.58 27.28
C TYR E 81 32.73 86.45 28.72
N TYR E 82 32.39 87.56 29.39
CA TYR E 82 31.86 87.45 30.77
C TYR E 82 30.41 87.94 30.90
N LYS E 83 29.79 88.43 29.82
CA LYS E 83 28.39 88.92 29.90
C LYS E 83 27.53 88.30 28.80
N GLU E 84 27.89 87.11 28.31
CA GLU E 84 27.14 86.50 27.18
C GLU E 84 25.66 86.25 27.56
N PRO E 85 25.29 85.68 28.73
CA PRO E 85 23.86 85.47 29.02
C PRO E 85 23.09 86.80 29.04
N ILE E 86 23.66 87.84 29.64
CA ILE E 86 22.93 89.14 29.75
C ILE E 86 22.70 89.70 28.35
N LEU E 87 23.72 89.67 27.51
CA LEU E 87 23.58 90.22 26.13
C LEU E 87 22.57 89.39 25.34
N ARG E 88 22.62 88.06 25.51
CA ARG E 88 21.67 87.18 24.78
C ARG E 88 20.25 87.47 25.26
N ALA E 89 20.06 87.67 26.57
CA ALA E 89 18.72 88.00 27.11
C ALA E 89 18.24 89.33 26.54
N ASN E 90 19.12 90.33 26.49
CA ASN E 90 18.73 91.67 25.99
C ASN E 90 18.33 91.59 24.52
N ASP E 91 19.11 90.85 23.72
CA ASP E 91 18.84 90.76 22.26
C ASP E 91 18.81 89.29 21.86
N PRO E 92 17.68 88.59 22.08
CA PRO E 92 17.59 87.17 21.75
C PRO E 92 17.80 86.96 20.25
N TYR E 93 17.26 87.84 19.42
CA TYR E 93 17.49 87.74 17.95
C TYR E 93 18.63 88.67 17.56
N ASN E 94 19.85 88.14 17.45
CA ASN E 94 21.01 89.00 17.13
C ASN E 94 21.00 89.22 15.62
N THR E 95 20.21 90.18 15.18
CA THR E 95 20.06 90.44 13.72
C THR E 95 21.40 90.91 13.14
N SER E 96 22.15 91.73 13.90
CA SER E 96 23.46 92.23 13.42
C SER E 96 24.53 91.14 13.43
N ARG E 97 24.34 90.06 14.21
CA ARG E 97 25.35 88.97 14.34
C ARG E 97 26.65 89.54 14.92
N GLU E 98 26.53 90.59 15.72
CA GLU E 98 27.73 91.17 16.38
C GLU E 98 27.36 91.52 17.81
N THR E 99 28.34 91.46 18.71
CA THR E 99 28.10 91.82 20.12
C THR E 99 27.76 93.31 20.21
N LEU E 100 26.87 93.67 21.14
CA LEU E 100 26.50 95.09 21.34
C LEU E 100 27.77 95.87 21.72
N SER E 101 28.62 95.28 22.55
CA SER E 101 29.88 95.95 22.96
C SER E 101 30.73 96.21 21.72
N ARG E 102 30.85 95.22 20.85
CA ARG E 102 31.70 95.37 19.65
C ARG E 102 31.12 96.47 18.76
N ARG E 103 29.80 96.48 18.57
CA ARG E 103 29.17 97.49 17.68
C ARG E 103 29.38 98.88 18.27
N ALA E 104 29.21 99.02 19.58
CA ALA E 104 29.38 100.33 20.23
C ALA E 104 30.84 100.78 20.08
N LEU E 105 31.80 99.87 20.29
CA LEU E 105 33.23 100.23 20.17
C LEU E 105 33.53 100.64 18.73
N LYS E 106 32.98 99.92 17.76
CA LYS E 106 33.24 100.23 16.33
C LYS E 106 32.68 101.61 16.02
N LEU E 107 31.47 101.91 16.50
CA LEU E 107 30.86 103.23 16.25
C LEU E 107 31.72 104.31 16.90
N LEU E 108 32.18 104.07 18.13
CA LEU E 108 32.97 105.11 18.84
C LEU E 108 34.27 105.37 18.06
N GLN E 109 34.92 104.30 17.61
CA GLN E 109 36.22 104.46 16.91
C GLN E 109 35.99 105.19 15.58
N LYS E 110 34.91 104.83 14.86
CA LYS E 110 34.64 105.47 13.54
C LYS E 110 34.34 106.95 13.75
N TYR E 111 33.55 107.28 14.78
CA TYR E 111 33.22 108.71 15.05
C TYR E 111 34.48 109.46 15.49
N LEU E 112 35.35 108.79 16.26
CA LEU E 112 36.63 109.43 16.66
C LEU E 112 37.46 109.71 15.40
N ALA E 113 37.50 108.76 14.47
CA ALA E 113 38.27 108.95 13.22
C ALA E 113 37.67 110.13 12.44
N ILE E 114 36.34 110.21 12.39
CA ILE E 114 35.67 111.34 11.69
C ILE E 114 36.06 112.65 12.38
N LEU E 115 36.06 112.65 13.72
CA LEU E 115 36.37 113.88 14.48
C LEU E 115 37.83 114.29 14.27
N LYS E 116 38.74 113.33 14.15
CA LYS E 116 40.19 113.67 14.07
C LYS E 116 40.47 114.54 12.85
N GLU E 117 39.88 114.21 11.70
CA GLU E 117 40.09 115.06 10.50
C GLU E 117 38.77 115.70 10.09
N PHE E 118 38.75 117.03 10.01
CA PHE E 118 37.50 117.73 9.64
C PHE E 118 37.43 117.83 8.13
N ASP E 119 36.55 117.04 7.52
CA ASP E 119 36.39 117.13 6.05
C ASP E 119 35.20 118.03 5.80
N SER E 120 35.47 119.30 5.50
CA SER E 120 34.37 120.26 5.23
C SER E 120 33.61 119.85 3.98
N GLU E 121 34.32 119.30 2.99
CA GLU E 121 33.65 118.83 1.74
C GLU E 121 32.79 117.60 2.03
N GLN E 122 33.30 116.63 2.79
CA GLN E 122 32.55 115.38 3.06
C GLN E 122 31.37 115.67 4.00
N TYR E 123 31.60 116.48 5.03
CA TYR E 123 30.53 116.77 6.02
C TYR E 123 30.42 118.26 6.26
N ASN E 124 29.21 118.75 6.52
CA ASN E 124 29.01 120.18 6.82
C ASN E 124 29.74 120.55 8.11
N LEU E 125 30.23 121.77 8.18
CA LEU E 125 31.02 122.21 9.38
C LEU E 125 30.14 122.18 10.63
N TYR E 126 28.86 122.54 10.52
CA TYR E 126 28.00 122.61 11.72
C TYR E 126 27.92 121.24 12.40
N ASP E 127 27.74 120.19 11.61
CA ASP E 127 27.64 118.83 12.19
C ASP E 127 28.96 118.45 12.86
N LEU E 128 30.09 118.78 12.22
CA LEU E 128 31.41 118.42 12.78
C LEU E 128 31.62 119.16 14.10
N GLU E 129 31.25 120.45 14.15
CA GLU E 129 31.40 121.23 15.39
C GLU E 129 30.49 120.66 16.48
N LEU E 130 29.27 120.26 16.10
CA LEU E 130 28.33 119.69 17.10
C LEU E 130 28.90 118.38 17.63
N LEU E 131 29.47 117.55 16.76
CA LEU E 131 30.07 116.27 17.20
C LEU E 131 31.25 116.55 18.13
N ARG E 132 32.06 117.56 17.79
CA ARG E 132 33.22 117.92 18.65
C ARG E 132 32.70 118.37 20.02
N CYS E 133 31.63 119.15 20.02
CA CYS E 133 31.04 119.63 21.29
C CYS E 133 30.55 118.43 22.11
N GLN E 134 29.90 117.47 21.46
CA GLN E 134 29.37 116.30 22.20
C GLN E 134 30.54 115.51 22.80
N PHE E 135 31.60 115.30 22.01
CA PHE E 135 32.76 114.52 22.51
C PHE E 135 33.43 115.26 23.66
N PHE E 136 33.56 116.58 23.54
CA PHE E 136 34.23 117.38 24.60
C PHE E 136 33.37 117.34 25.87
N LEU E 137 32.04 117.41 25.71
CA LEU E 137 31.15 117.32 26.89
C LEU E 137 31.31 115.94 27.54
N ALA E 138 31.41 114.89 26.73
CA ALA E 138 31.62 113.54 27.29
C ALA E 138 32.95 113.48 28.04
N ILE E 139 33.99 114.10 27.48
CA ILE E 139 35.32 114.08 28.15
C ILE E 139 35.23 114.86 29.46
N ASP E 140 34.52 115.99 29.45
CA ASP E 140 34.38 116.80 30.68
C ASP E 140 33.61 116.00 31.73
N THR E 141 32.62 115.21 31.30
CA THR E 141 31.90 114.32 32.26
C THR E 141 32.83 113.18 32.70
N LEU E 142 33.89 112.90 31.93
CA LEU E 142 34.80 111.77 32.25
C LEU E 142 36.02 112.27 33.02
N THR E 143 35.90 113.42 33.69
CA THR E 143 37.04 113.98 34.45
C THR E 143 37.41 113.02 35.59
N PRO E 144 38.68 112.61 35.71
CA PRO E 144 39.11 111.72 36.79
C PRO E 144 39.04 112.37 38.18
N LYS E 145 38.75 111.56 39.20
CA LYS E 145 38.71 112.07 40.59
C LYS E 145 40.13 112.15 41.16
N LYS E 146 40.26 112.74 42.35
CA LYS E 146 41.59 112.85 43.01
C LYS E 146 42.18 111.45 43.19
N GLN E 147 43.48 111.30 42.92
CA GLN E 147 44.13 109.98 42.99
C GLN E 147 44.06 109.39 44.40
N LYS E 148 43.74 108.10 44.50
CA LYS E 148 43.77 107.41 45.81
C LYS E 148 44.75 106.24 45.65
N TRP E 149 45.74 106.12 46.53
CA TRP E 149 46.77 105.05 46.37
C TRP E 149 46.09 103.68 46.37
N GLY E 150 45.09 103.48 47.24
CA GLY E 150 44.35 102.20 47.27
C GLY E 150 44.97 101.19 48.23
N LYS E 179 25.69 116.93 41.22
CA LYS E 179 26.98 116.41 40.69
C LYS E 179 26.74 115.09 39.95
N THR E 180 25.56 114.49 40.11
CA THR E 180 25.24 113.19 39.47
C THR E 180 25.21 113.30 37.94
N PHE E 181 24.44 114.25 37.41
CA PHE E 181 24.39 114.43 35.93
C PHE E 181 23.94 115.85 35.60
N LYS E 182 24.65 116.51 34.66
CA LYS E 182 24.24 117.87 34.22
C LYS E 182 23.99 117.82 32.71
N ASN E 183 22.82 118.30 32.28
CA ASN E 183 22.53 118.34 30.83
C ASN E 183 22.60 119.79 30.36
N PRO E 184 23.59 120.17 29.51
CA PRO E 184 23.66 121.54 28.99
C PRO E 184 22.45 121.88 28.12
N TYR E 185 21.94 120.91 27.36
CA TYR E 185 20.80 121.17 26.45
C TYR E 185 19.50 121.09 27.25
N ARG E 186 18.72 122.17 27.24
CA ARG E 186 17.42 122.18 27.96
C ARG E 186 16.29 121.76 27.02
N SER E 187 16.58 121.57 25.73
CA SER E 187 15.53 121.24 24.73
C SER E 187 14.95 119.83 24.97
N TYR E 188 15.79 118.88 25.41
CA TYR E 188 15.31 117.48 25.58
C TYR E 188 15.73 116.95 26.95
N ILE E 189 15.01 115.92 27.42
CA ILE E 189 15.36 115.29 28.72
C ILE E 189 16.30 114.13 28.43
N SER E 190 17.47 114.13 29.07
CA SER E 190 18.46 113.04 28.83
C SER E 190 18.00 111.73 29.48
N CYS E 191 18.37 110.61 28.86
CA CYS E 191 18.03 109.27 29.42
C CYS E 191 18.84 109.00 30.69
N LEU E 192 20.08 109.51 30.78
CA LEU E 192 20.98 109.21 31.93
C LEU E 192 20.48 109.87 33.23
N GLU E 193 19.55 110.82 33.16
CA GLU E 193 19.11 111.52 34.39
C GLU E 193 18.43 110.52 35.35
N GLN E 194 17.61 109.60 34.83
CA GLN E 194 16.84 108.69 35.72
C GLN E 194 17.57 107.36 35.94
N ARG E 195 18.64 107.06 35.20
CA ARG E 195 19.30 105.73 35.33
C ARG E 195 20.81 105.88 35.53
N ASN E 196 21.42 104.99 36.30
CA ASN E 196 22.90 105.02 36.51
C ASN E 196 23.54 103.76 35.96
N THR E 197 22.75 102.79 35.50
CA THR E 197 23.31 101.50 34.99
C THR E 197 22.65 101.16 33.64
N ILE E 198 23.39 100.47 32.78
CA ILE E 198 22.85 100.14 31.43
C ILE E 198 22.31 98.71 31.44
N LEU E 199 23.18 97.74 31.70
CA LEU E 199 22.75 96.31 31.76
C LEU E 199 23.39 95.67 33.00
N GLY E 200 23.20 96.29 34.16
CA GLY E 200 23.81 95.77 35.41
C GLY E 200 25.21 96.32 35.63
N ASN E 201 25.72 97.13 34.69
CA ASN E 201 27.06 97.75 34.85
C ASN E 201 26.89 99.25 35.02
N ARG E 202 27.57 99.82 36.01
CA ARG E 202 27.45 101.28 36.29
C ARG E 202 28.03 102.07 35.11
N LEU E 203 27.56 103.30 34.93
CA LEU E 203 28.02 104.13 33.80
C LEU E 203 29.54 104.36 33.90
N LEU E 204 30.21 104.40 32.76
CA LEU E 204 31.69 104.52 32.78
C LEU E 204 32.12 105.82 33.45
N ASN E 205 31.43 106.91 33.16
CA ASN E 205 31.77 108.21 33.78
C ASN E 205 31.63 108.12 35.30
N LEU E 206 30.53 107.52 35.78
CA LEU E 206 30.35 107.37 37.25
C LEU E 206 31.43 106.47 37.83
N LYS E 207 31.75 105.37 37.15
CA LYS E 207 32.76 104.42 37.67
C LYS E 207 34.14 105.09 37.71
N LEU E 208 34.51 105.82 36.64
CA LEU E 208 35.83 106.49 36.58
C LEU E 208 35.90 107.71 37.50
N ASN E 209 34.75 108.32 37.81
CA ASN E 209 34.75 109.48 38.75
C ASN E 209 34.80 108.94 40.18
N GLU E 210 35.81 108.13 40.47
CA GLU E 210 35.99 107.57 41.84
C GLU E 210 37.45 107.77 42.19
N PRO E 211 37.81 107.91 43.48
CA PRO E 211 39.20 108.22 43.84
C PRO E 211 40.23 107.19 43.35
N GLY E 212 39.89 105.90 43.39
CA GLY E 212 40.89 104.86 43.02
C GLY E 212 40.54 104.02 41.81
N GLU E 213 39.79 104.57 40.84
CA GLU E 213 39.36 103.70 39.70
C GLU E 213 40.13 104.01 38.40
N PHE E 214 40.33 105.29 38.06
CA PHE E 214 40.96 105.61 36.75
C PHE E 214 42.40 105.08 36.68
N ILE E 215 43.18 105.36 37.72
CA ILE E 215 44.59 104.85 37.76
C ILE E 215 44.51 103.32 37.82
N ASN E 216 43.55 102.80 38.58
CA ASN E 216 43.40 101.34 38.71
C ASN E 216 43.11 100.76 37.33
N MET E 217 42.24 101.42 36.57
CA MET E 217 41.89 100.92 35.22
C MET E 217 43.13 100.93 34.35
N ILE E 218 43.92 102.01 34.41
CA ILE E 218 45.13 102.11 33.54
C ILE E 218 46.11 101.00 33.93
N LEU E 219 46.30 100.79 35.23
CA LEU E 219 47.25 99.74 35.68
C LEU E 219 46.72 98.38 35.26
N TRP E 220 45.40 98.18 35.38
CA TRP E 220 44.81 96.86 35.04
C TRP E 220 45.04 96.57 33.57
N THR E 221 44.77 97.54 32.70
CA THR E 221 44.90 97.31 31.25
C THR E 221 46.38 97.09 30.90
N LEU E 222 47.27 97.88 31.50
CA LEU E 222 48.72 97.77 31.16
C LEU E 222 49.26 96.43 31.66
N SER E 223 48.79 95.97 32.83
CA SER E 223 49.21 94.64 33.35
C SER E 223 48.64 93.52 32.48
N ASN E 224 47.37 93.63 32.09
CA ASN E 224 46.71 92.52 31.35
C ASN E 224 47.07 92.55 29.87
N SER E 225 47.72 93.61 29.40
CA SER E 225 48.13 93.70 27.98
C SER E 225 49.10 92.56 27.66
N LEU E 226 50.04 92.27 28.57
CA LEU E 226 51.05 91.22 28.31
C LEU E 226 50.69 89.93 29.06
N GLN E 227 49.53 89.88 29.72
CA GLN E 227 49.21 88.67 30.52
C GLN E 227 48.92 87.47 29.61
N GLU E 228 49.43 86.29 29.95
CA GLU E 228 49.15 85.07 29.15
C GLU E 228 47.75 84.55 29.50
N SER E 229 47.26 84.84 30.72
CA SER E 229 45.96 84.30 31.16
C SER E 229 44.86 84.71 30.18
N THR E 230 44.04 83.76 29.74
CA THR E 230 42.99 84.05 28.73
C THR E 230 41.99 85.09 29.24
N PRO E 231 41.40 85.01 30.46
CA PRO E 231 40.43 86.03 30.88
C PRO E 231 41.03 87.44 30.98
N LEU E 232 42.22 87.55 31.57
CA LEU E 232 42.88 88.88 31.72
C LEU E 232 43.21 89.44 30.33
N PHE E 233 43.73 88.59 29.45
CA PHE E 233 44.11 89.06 28.09
C PHE E 233 42.84 89.51 27.36
N LEU E 234 41.75 88.75 27.48
CA LEU E 234 40.48 89.13 26.82
C LEU E 234 39.97 90.45 27.41
N SER E 235 40.10 90.63 28.73
CA SER E 235 39.56 91.85 29.41
C SER E 235 40.17 93.12 28.82
N SER E 236 41.48 93.12 28.54
CA SER E 236 42.13 94.37 28.07
C SER E 236 42.07 94.44 26.54
N HIS E 237 42.61 93.42 25.86
CA HIS E 237 42.69 93.44 24.39
C HIS E 237 41.34 93.83 23.79
N GLU E 238 40.26 93.23 24.28
CA GLU E 238 38.93 93.47 23.65
C GLU E 238 38.27 94.73 24.22
N ILE E 239 38.51 95.08 25.49
CA ILE E 239 37.74 96.21 26.08
C ILE E 239 38.62 97.42 26.41
N TRP E 240 39.44 97.28 27.45
CA TRP E 240 40.21 98.43 27.98
C TRP E 240 41.21 99.04 26.98
N MET E 241 41.89 98.22 26.18
CA MET E 241 42.96 98.78 25.29
C MET E 241 42.34 99.79 24.30
N PRO E 242 41.28 99.45 23.52
CA PRO E 242 40.65 100.41 22.61
C PRO E 242 40.05 101.62 23.32
N LEU E 243 39.37 101.39 24.46
CA LEU E 243 38.70 102.50 25.19
C LEU E 243 39.78 103.47 25.67
N LEU E 244 40.90 102.95 26.18
CA LEU E 244 42.00 103.82 26.65
C LEU E 244 42.56 104.62 25.49
N GLU E 245 42.72 103.98 24.32
CA GLU E 245 43.24 104.70 23.13
C GLU E 245 42.28 105.82 22.76
N ILE E 246 40.99 105.53 22.77
CA ILE E 246 39.97 106.57 22.41
C ILE E 246 40.06 107.71 23.42
N LEU E 247 40.17 107.37 24.70
CA LEU E 247 40.20 108.41 25.75
C LEU E 247 41.46 109.26 25.57
N ILE E 248 42.59 108.63 25.26
CA ILE E 248 43.88 109.39 25.10
C ILE E 248 43.72 110.35 23.92
N ASP E 249 43.16 109.87 22.81
CA ASP E 249 43.01 110.72 21.61
C ASP E 249 42.07 111.89 21.92
N LEU E 250 40.96 111.60 22.60
CA LEU E 250 39.97 112.66 22.93
C LEU E 250 40.60 113.67 23.89
N PHE E 251 41.37 113.20 24.86
CA PHE E 251 42.03 114.12 25.82
C PHE E 251 43.06 114.98 25.08
N SER E 252 43.77 114.39 24.12
CA SER E 252 44.75 115.18 23.32
C SER E 252 44.02 116.28 22.54
N CYS E 253 42.90 115.93 21.92
CA CYS E 253 42.11 116.94 21.16
C CYS E 253 41.58 118.01 22.11
N ARG E 254 41.10 117.60 23.29
CA ARG E 254 40.57 118.58 24.30
C ARG E 254 41.72 119.48 24.76
N GLN E 255 42.92 118.91 24.95
CA GLN E 255 44.09 119.72 25.38
C GLN E 255 44.41 120.73 24.29
N ASP E 256 44.37 120.31 23.03
CA ASP E 256 44.66 121.24 21.90
C ASP E 256 43.63 122.37 21.90
N TYR E 257 42.35 122.02 22.09
CA TYR E 257 41.28 123.06 22.09
C TYR E 257 41.49 124.00 23.29
N PHE E 258 41.87 123.44 24.44
CA PHE E 258 42.08 124.28 25.65
C PHE E 258 43.24 125.25 25.42
N ILE E 259 44.33 124.75 24.84
CA ILE E 259 45.51 125.62 24.57
C ILE E 259 45.12 126.67 23.53
N GLN E 260 44.34 126.29 22.51
CA GLN E 260 44.02 127.24 21.42
C GLN E 260 43.07 128.35 21.89
N HIS E 261 42.03 128.02 22.67
CA HIS E 261 41.00 129.05 22.98
C HIS E 261 40.92 129.42 24.46
N GLU E 262 40.98 128.45 25.37
CA GLU E 262 40.77 128.74 26.81
C GLU E 262 41.85 129.68 27.35
N VAL E 263 43.05 129.66 26.76
CA VAL E 263 44.16 130.53 27.23
C VAL E 263 43.91 131.99 26.84
N ALA E 264 44.67 132.92 27.43
CA ALA E 264 44.49 134.37 27.17
C ALA E 264 45.51 134.88 26.15
N GLN E 265 46.05 133.99 25.30
CA GLN E 265 47.03 134.39 24.26
C GLN E 265 48.25 135.03 24.95
N ASN E 266 48.46 136.32 24.74
CA ASN E 266 49.60 137.02 25.38
C ASN E 266 49.48 136.85 26.90
N VAL E 267 50.59 136.50 27.55
CA VAL E 267 50.53 136.23 29.02
C VAL E 267 51.85 136.64 29.67
N SER E 268 51.87 136.75 30.99
CA SER E 268 53.10 137.12 31.73
C SER E 268 53.91 135.85 32.06
N LYS E 269 53.54 134.71 31.48
CA LYS E 269 54.29 133.42 31.63
C LYS E 269 54.02 132.81 33.02
N SER E 270 53.24 133.51 33.85
CA SER E 270 52.89 132.99 35.19
C SER E 270 51.45 132.48 35.18
N LEU E 271 50.53 133.26 34.60
CA LEU E 271 49.11 132.82 34.49
C LEU E 271 49.01 131.62 33.54
N PHE E 272 49.87 131.57 32.53
CA PHE E 272 49.84 130.44 31.56
C PHE E 272 50.12 129.13 32.29
N VAL E 273 51.08 129.13 33.21
CA VAL E 273 51.38 127.91 34.01
C VAL E 273 50.14 127.51 34.81
N GLN E 274 49.46 128.49 35.41
CA GLN E 274 48.24 128.20 36.20
C GLN E 274 47.15 127.61 35.29
N ARG E 275 46.99 128.18 34.08
CA ARG E 275 45.98 127.65 33.12
C ARG E 275 46.38 126.24 32.69
N LEU E 276 47.67 125.99 32.45
CA LEU E 276 48.15 124.65 32.06
C LEU E 276 47.90 123.66 33.20
N SER E 277 48.01 124.11 34.44
CA SER E 277 47.71 123.24 35.61
C SER E 277 46.23 122.86 35.59
N GLU E 278 45.37 123.71 35.01
CA GLU E 278 43.91 123.41 34.90
C GLU E 278 43.60 122.70 33.58
N SER E 279 44.60 122.42 32.74
CA SER E 279 44.37 121.79 31.41
C SER E 279 43.85 120.35 31.58
N PRO E 280 43.08 119.81 30.61
CA PRO E 280 42.55 118.46 30.74
C PRO E 280 43.64 117.40 30.93
N LEU E 281 44.77 117.53 30.22
CA LEU E 281 45.89 116.58 30.43
C LEU E 281 46.45 116.71 31.87
N ALA E 282 46.48 117.93 32.42
CA ALA E 282 46.98 118.12 33.80
C ALA E 282 46.09 117.35 34.77
N VAL E 283 44.77 117.43 34.60
CA VAL E 283 43.84 116.64 35.46
C VAL E 283 44.03 115.15 35.16
N PHE E 284 44.25 114.80 33.89
CA PHE E 284 44.41 113.38 33.50
C PHE E 284 45.61 112.77 34.21
N PHE E 285 46.73 113.50 34.26
CA PHE E 285 47.97 112.97 34.89
C PHE E 285 48.01 113.31 36.39
N GLU E 286 47.07 114.13 36.88
CA GLU E 286 47.00 114.44 38.33
C GLU E 286 46.56 113.16 39.08
N SER E 287 45.75 112.33 38.43
CA SER E 287 45.29 111.06 39.05
C SER E 287 46.43 110.02 39.07
N LEU E 288 47.56 110.31 38.43
CA LEU E 288 48.74 109.38 38.46
C LEU E 288 49.95 110.05 39.13
N ASN E 289 49.73 111.11 39.91
CA ASN E 289 50.86 111.87 40.52
C ASN E 289 51.64 111.02 41.53
N THR E 290 50.95 110.19 42.33
CA THR E 290 51.60 109.32 43.37
C THR E 290 52.41 110.17 44.35
N ARG E 291 53.53 109.63 44.83
CA ARG E 291 54.43 110.42 45.71
C ARG E 291 55.53 111.05 44.85
N ASN E 292 56.25 110.21 44.10
CA ASN E 292 57.28 110.73 43.17
C ASN E 292 56.79 110.43 41.76
N PHE E 293 56.51 111.47 40.98
CA PHE E 293 55.92 111.20 39.64
C PHE E 293 56.87 110.42 38.75
N ALA E 294 58.17 110.75 38.74
CA ALA E 294 59.07 110.11 37.76
C ALA E 294 59.16 108.59 37.93
N ASN E 295 59.55 108.12 39.11
CA ASN E 295 59.80 106.66 39.28
C ASN E 295 58.47 105.89 39.18
N ARG E 296 57.44 106.40 39.86
CA ARG E 296 56.15 105.67 39.89
C ARG E 296 55.56 105.65 38.48
N PHE E 297 55.66 106.77 37.76
CA PHE E 297 55.11 106.84 36.37
C PHE E 297 55.88 105.86 35.48
N SER E 298 57.21 105.80 35.63
CA SER E 298 58.03 104.88 34.81
C SER E 298 57.63 103.44 35.10
N GLU E 299 57.42 103.11 36.38
CA GLU E 299 56.97 101.74 36.74
C GLU E 299 55.57 101.50 36.17
N TYR E 300 54.69 102.49 36.25
CA TYR E 300 53.28 102.30 35.80
C TYR E 300 53.21 102.06 34.30
N VAL E 301 53.93 102.87 33.51
CA VAL E 301 53.82 102.75 32.02
C VAL E 301 54.36 101.41 31.59
N PHE E 302 55.46 100.96 32.19
CA PHE E 302 56.10 99.69 31.76
C PHE E 302 55.75 98.57 32.74
N LEU E 303 54.56 98.63 33.34
CA LEU E 303 54.17 97.60 34.35
C LEU E 303 54.12 96.21 33.70
N ASN E 304 54.63 95.19 34.41
CA ASN E 304 54.62 93.80 33.90
C ASN E 304 55.40 93.70 32.58
N CYS E 305 56.50 94.44 32.46
CA CYS E 305 57.36 94.33 31.25
C CYS E 305 58.57 93.43 31.54
N ASP E 306 59.45 93.26 30.55
CA ASP E 306 60.65 92.38 30.69
C ASP E 306 61.70 92.95 31.66
N TYR E 307 61.71 94.27 31.88
CA TYR E 307 62.77 94.88 32.73
C TYR E 307 62.74 94.34 34.16
N LYS E 308 63.91 94.14 34.76
CA LYS E 308 63.96 93.70 36.18
C LYS E 308 63.50 94.87 37.06
N LEU E 309 62.71 94.58 38.09
CA LEU E 309 62.18 95.68 38.94
C LEU E 309 63.35 96.20 39.81
N PRO E 310 63.70 97.49 39.73
CA PRO E 310 64.78 98.04 40.54
C PRO E 310 64.35 98.47 41.94
N SER E 311 65.24 98.33 42.92
CA SER E 311 64.98 98.79 44.31
C SER E 311 63.72 98.12 44.90
N ASP E 312 63.39 96.91 44.47
CA ASP E 312 62.26 96.13 45.06
C ASP E 312 61.02 97.04 45.24
N ASN E 313 60.58 97.70 44.17
CA ASN E 313 59.43 98.63 44.27
C ASN E 313 58.19 97.87 44.73
N TYR E 314 57.35 98.52 45.55
CA TYR E 314 56.14 97.83 46.09
C TYR E 314 55.21 97.45 44.95
N ALA E 315 54.59 96.28 45.07
CA ALA E 315 53.66 95.79 44.02
C ALA E 315 52.43 96.70 43.95
N THR E 316 51.90 96.89 42.74
CA THR E 316 50.74 97.79 42.57
C THR E 316 49.47 96.95 42.53
N PRO E 317 48.54 97.15 43.49
CA PRO E 317 47.28 96.44 43.50
C PRO E 317 46.47 96.61 42.21
N VAL E 318 45.94 95.53 41.66
CA VAL E 318 45.05 95.67 40.47
C VAL E 318 43.80 94.80 40.69
N HIS E 319 42.61 95.34 40.40
CA HIS E 319 41.35 94.57 40.56
C HIS E 319 40.49 94.79 39.32
N PRO E 320 39.62 93.84 38.94
CA PRO E 320 38.71 94.05 37.82
C PRO E 320 37.78 95.24 38.07
N VAL E 321 37.57 96.07 37.05
CA VAL E 321 36.70 97.27 37.18
C VAL E 321 35.21 96.88 37.24
N TYR E 322 34.76 95.98 36.38
CA TYR E 322 33.31 95.67 36.35
C TYR E 322 33.05 94.23 36.77
N ASN E 323 32.84 94.03 38.07
CA ASN E 323 32.49 92.67 38.57
C ASN E 323 33.53 91.64 38.12
N GLY E 324 33.09 90.53 37.51
CA GLY E 324 34.03 89.46 37.13
C GLY E 324 34.64 89.64 35.75
N GLU E 325 35.50 90.66 35.58
CA GLU E 325 36.24 90.81 34.29
C GLU E 325 37.27 89.68 34.17
N ASN E 326 37.69 89.10 35.29
CA ASN E 326 38.75 88.04 35.28
C ASN E 326 38.13 86.65 35.11
N THR E 327 36.81 86.58 34.91
CA THR E 327 36.13 85.27 34.76
C THR E 327 35.54 85.15 33.36
N ILE E 328 35.53 83.93 32.83
CA ILE E 328 34.92 83.70 31.48
C ILE E 328 33.68 82.85 31.69
N VAL E 329 32.55 83.30 31.12
CA VAL E 329 31.27 82.53 31.25
C VAL E 329 31.41 81.21 30.50
N ASP E 330 30.70 80.18 30.96
CA ASP E 330 30.80 78.84 30.33
C ASP E 330 30.30 78.91 28.89
N THR E 331 29.26 79.70 28.61
CA THR E 331 28.68 79.75 27.25
C THR E 331 29.74 80.24 26.25
N TYR E 332 30.50 81.27 26.60
CA TYR E 332 31.49 81.82 25.64
C TYR E 332 32.65 80.83 25.50
N ILE E 333 33.11 80.62 24.27
CA ILE E 333 34.30 79.75 24.07
C ILE E 333 35.40 80.60 23.41
N PRO E 334 36.57 80.80 24.04
CA PRO E 334 37.61 81.62 23.44
C PRO E 334 38.25 80.85 22.28
N THR E 335 38.04 81.34 21.05
CA THR E 335 38.57 80.64 19.86
C THR E 335 39.64 81.52 19.18
N ILE E 336 40.18 82.51 19.90
CA ILE E 336 41.15 83.45 19.25
C ILE E 336 42.49 83.34 19.96
N LYS E 337 43.56 83.17 19.18
CA LYS E 337 44.92 83.13 19.77
C LYS E 337 45.75 84.27 19.18
N CYS E 338 46.42 85.04 20.03
CA CYS E 338 47.26 86.15 19.55
C CYS E 338 48.72 85.86 19.90
N SER E 339 49.61 86.04 18.93
CA SER E 339 51.06 85.78 19.15
C SER E 339 51.62 86.77 20.17
N PRO E 340 52.67 86.40 20.93
CA PRO E 340 53.25 87.29 21.93
C PRO E 340 53.73 88.60 21.28
N LEU E 341 54.26 88.52 20.06
CA LEU E 341 54.75 89.74 19.36
C LEU E 341 53.59 90.71 19.14
N TYR E 342 52.42 90.21 18.74
CA TYR E 342 51.26 91.09 18.49
C TYR E 342 50.86 91.78 19.79
N LYS E 343 50.80 91.01 20.88
CA LYS E 343 50.41 91.58 22.19
C LYS E 343 51.45 92.61 22.62
N SER E 344 52.73 92.29 22.45
CA SER E 344 53.82 93.22 22.84
C SER E 344 53.72 94.49 22.00
N GLN E 345 53.45 94.35 20.71
CA GLN E 345 53.40 95.53 19.82
C GLN E 345 52.26 96.44 20.28
N LYS E 346 51.09 95.85 20.55
CA LYS E 346 49.94 96.68 20.98
C LYS E 346 50.26 97.34 22.32
N SER E 347 50.83 96.57 23.25
CA SER E 347 51.10 97.12 24.61
C SER E 347 52.10 98.26 24.52
N LEU E 348 53.16 98.08 23.73
CA LEU E 348 54.20 99.13 23.59
C LEU E 348 53.63 100.34 22.87
N ALA E 349 52.74 100.12 21.91
CA ALA E 349 52.08 101.27 21.22
C ALA E 349 51.26 102.06 22.22
N LEU E 350 50.51 101.36 23.09
CA LEU E 350 49.70 102.06 24.12
C LEU E 350 50.63 102.82 25.06
N ARG E 351 51.74 102.20 25.44
CA ARG E 351 52.71 102.86 26.34
C ARG E 351 53.28 104.10 25.65
N ARG E 352 53.59 103.99 24.35
CA ARG E 352 54.13 105.14 23.60
C ARG E 352 53.08 106.25 23.57
N LYS E 353 51.81 105.89 23.40
CA LYS E 353 50.74 106.91 23.36
C LYS E 353 50.66 107.62 24.72
N LEU E 354 50.74 106.86 25.82
CA LEU E 354 50.70 107.47 27.16
C LEU E 354 51.91 108.40 27.35
N ILE E 355 53.10 107.94 26.95
CA ILE E 355 54.33 108.76 27.14
C ILE E 355 54.23 110.01 26.25
N GLY E 356 53.70 109.84 25.04
CA GLY E 356 53.54 110.99 24.14
C GLY E 356 52.58 112.02 24.71
N SER E 357 51.48 111.55 25.30
CA SER E 357 50.53 112.50 25.94
C SER E 357 51.22 113.22 27.10
N CYS E 358 52.02 112.49 27.89
CA CYS E 358 52.71 113.11 29.05
C CYS E 358 53.70 114.17 28.53
N PHE E 359 54.47 113.83 27.49
CA PHE E 359 55.45 114.79 26.93
C PHE E 359 54.74 115.98 26.28
N LYS E 360 53.60 115.74 25.64
CA LYS E 360 52.83 116.84 25.02
C LYS E 360 52.38 117.81 26.11
N LEU E 361 51.93 117.28 27.25
CA LEU E 361 51.58 118.16 28.39
C LEU E 361 52.84 118.88 28.89
N LEU E 362 53.96 118.16 29.00
CA LEU E 362 55.22 118.75 29.56
C LEU E 362 55.79 119.85 28.65
N LEU E 363 55.75 119.68 27.33
CA LEU E 363 56.42 120.64 26.40
C LEU E 363 55.81 122.04 26.49
N ARG E 364 54.51 122.13 26.80
CA ARG E 364 53.83 123.45 26.89
C ARG E 364 54.34 124.26 28.09
N VAL E 365 54.94 123.60 29.11
CA VAL E 365 55.40 124.34 30.33
C VAL E 365 56.49 125.32 29.93
N PRO E 366 56.42 126.60 30.35
CA PRO E 366 57.48 127.57 30.06
C PRO E 366 58.80 127.19 30.75
N ASP E 367 59.92 127.54 30.12
CA ASP E 367 61.25 127.18 30.68
C ASP E 367 61.43 127.86 32.04
N GLY E 368 62.08 127.16 32.99
CA GLY E 368 62.28 127.71 34.35
C GLY E 368 61.08 127.46 35.25
N HIS E 369 59.89 127.87 34.81
CA HIS E 369 58.66 127.64 35.62
C HIS E 369 58.27 126.17 35.59
N ARG E 370 57.57 125.70 36.63
CA ARG E 370 57.07 124.31 36.65
C ARG E 370 55.60 124.31 37.07
N LEU E 371 54.84 123.29 36.68
CA LEU E 371 53.40 123.22 37.00
C LEU E 371 53.20 123.09 38.50
N ILE E 372 52.11 123.68 39.01
CA ILE E 372 51.87 123.67 40.48
C ILE E 372 51.12 122.40 40.86
N THR E 373 49.94 122.18 40.27
CA THR E 373 49.10 121.02 40.68
C THR E 373 49.82 119.69 40.36
N PRO E 374 50.36 119.45 39.14
CA PRO E 374 51.11 118.22 38.87
C PRO E 374 52.61 118.43 39.10
N ARG E 375 53.20 117.59 39.95
CA ARG E 375 54.66 117.68 40.22
C ARG E 375 55.39 116.90 39.12
N ILE E 376 55.39 117.45 37.91
CA ILE E 376 55.98 116.71 36.74
C ILE E 376 57.15 117.51 36.20
N VAL E 377 58.29 116.84 35.98
CA VAL E 377 59.47 117.51 35.39
C VAL E 377 59.88 116.71 34.14
N ALA E 378 60.11 117.38 33.02
CA ALA E 378 60.45 116.69 31.76
C ALA E 378 61.75 115.88 31.94
N ASP E 379 62.76 116.47 32.58
CA ASP E 379 64.07 115.79 32.75
C ASP E 379 63.88 114.53 33.59
N ASP E 380 63.09 114.62 34.65
CA ASP E 380 62.87 113.45 35.55
C ASP E 380 62.19 112.33 34.78
N VAL E 381 61.18 112.68 33.97
CA VAL E 381 60.45 111.66 33.17
C VAL E 381 61.41 111.03 32.16
N ILE E 382 62.24 111.86 31.52
CA ILE E 382 63.20 111.33 30.49
C ILE E 382 64.15 110.36 31.20
N GLN E 383 64.66 110.75 32.37
CA GLN E 383 65.62 109.88 33.09
C GLN E 383 64.94 108.58 33.51
N GLY E 384 63.71 108.65 34.02
CA GLY E 384 63.00 107.44 34.45
C GLY E 384 62.74 106.50 33.29
N ILE E 385 62.29 107.05 32.16
CA ILE E 385 62.01 106.21 30.96
C ILE E 385 63.34 105.60 30.46
N SER E 386 64.41 106.39 30.47
CA SER E 386 65.73 105.88 30.02
C SER E 386 66.18 104.74 30.94
N ARG E 387 66.00 104.90 32.25
CA ARG E 387 66.40 103.84 33.21
C ARG E 387 65.59 102.58 32.95
N THR E 388 64.28 102.74 32.74
CA THR E 388 63.41 101.56 32.48
C THR E 388 63.81 100.88 31.15
N LEU E 389 64.07 101.66 30.11
CA LEU E 389 64.42 101.07 28.79
C LEU E 389 65.78 100.38 28.86
N ALA E 390 66.76 100.98 29.54
CA ALA E 390 68.11 100.39 29.66
C ALA E 390 68.04 99.09 30.48
N SER E 391 67.05 98.96 31.36
CA SER E 391 66.91 97.74 32.20
C SER E 391 66.26 96.59 31.43
N PHE E 392 65.79 96.83 30.20
CA PHE E 392 65.12 95.75 29.43
C PHE E 392 66.10 94.60 29.17
N ASN E 393 65.65 93.36 29.39
CA ASN E 393 66.50 92.18 29.11
C ASN E 393 66.06 91.51 27.80
N ASP E 394 64.97 92.01 27.21
CA ASP E 394 64.47 91.44 25.93
C ASP E 394 64.56 92.54 24.85
N ILE E 395 65.29 92.26 23.78
CA ILE E 395 65.47 93.25 22.68
C ILE E 395 64.14 93.46 21.93
N LEU E 396 63.28 92.44 21.86
CA LEU E 396 62.05 92.58 21.04
C LEU E 396 61.17 93.72 21.57
N GLN E 397 60.95 93.79 22.88
CA GLN E 397 60.11 94.87 23.46
C GLN E 397 60.78 96.23 23.23
N PHE E 398 62.12 96.28 23.36
CA PHE E 398 62.86 97.54 23.15
C PHE E 398 62.66 98.01 21.71
N LYS E 399 62.77 97.09 20.75
CA LYS E 399 62.57 97.45 19.33
C LYS E 399 61.12 97.89 19.11
N LYS E 400 60.16 97.19 19.72
CA LYS E 400 58.73 97.54 19.52
C LYS E 400 58.51 98.96 20.03
N PHE E 401 59.10 99.30 21.18
CA PHE E 401 58.96 100.66 21.73
C PHE E 401 59.65 101.68 20.80
N PHE E 402 60.80 101.31 20.24
CA PHE E 402 61.57 102.32 19.45
C PHE E 402 61.30 102.23 17.95
N MET E 403 60.36 101.39 17.53
CA MET E 403 60.01 101.37 16.08
C MET E 403 58.59 101.92 15.93
N THR E 404 58.44 102.99 15.15
CA THR E 404 57.11 103.62 14.96
C THR E 404 56.79 103.73 13.46
N GLU E 405 55.53 103.51 13.09
CA GLU E 405 55.10 103.59 11.67
C GLU E 405 55.28 105.04 11.16
N ASN E 406 54.98 106.02 12.01
CA ASN E 406 55.07 107.44 11.59
C ASN E 406 56.07 108.17 12.47
N LEU E 407 57.17 108.65 11.89
CA LEU E 407 58.19 109.41 12.68
C LEU E 407 57.66 110.79 13.06
N SER E 408 56.93 111.47 12.17
CA SER E 408 56.47 112.87 12.43
C SER E 408 55.52 112.91 13.63
N GLN E 409 54.65 111.91 13.78
CA GLN E 409 53.66 111.90 14.89
C GLN E 409 54.39 111.87 16.23
N GLU E 410 55.45 111.06 16.36
CA GLU E 410 56.14 110.89 17.67
C GLU E 410 57.53 111.55 17.65
N SER E 411 57.68 112.62 16.86
CA SER E 411 59.00 113.31 16.74
C SER E 411 59.37 114.13 17.98
N TYR E 412 58.40 114.54 18.79
CA TYR E 412 58.68 115.46 19.94
C TYR E 412 59.30 114.74 21.16
N PHE E 413 59.06 113.46 21.40
CA PHE E 413 59.59 112.83 22.64
C PHE E 413 60.49 111.62 22.37
N ILE E 414 60.27 110.93 21.25
CA ILE E 414 61.04 109.68 20.97
C ILE E 414 62.54 109.96 20.86
N PRO E 415 63.02 111.00 20.13
CA PRO E 415 64.47 111.27 20.09
C PRO E 415 65.05 111.54 21.49
N LEU E 416 64.32 112.27 22.33
CA LEU E 416 64.81 112.57 23.70
C LEU E 416 64.97 111.25 24.49
N LEU E 417 63.98 110.36 24.40
CA LEU E 417 64.06 109.07 25.12
C LEU E 417 65.24 108.26 24.57
N ALA E 418 65.42 108.25 23.24
CA ALA E 418 66.52 107.49 22.62
C ALA E 418 67.86 108.03 23.11
N GLU E 419 68.00 109.36 23.12
CA GLU E 419 69.28 109.97 23.55
C GLU E 419 69.55 109.63 25.03
N GLY E 420 68.51 109.72 25.87
CA GLY E 420 68.68 109.41 27.30
C GLY E 420 69.07 107.97 27.51
N THR E 421 68.41 107.05 26.79
CA THR E 421 68.72 105.61 26.91
C THR E 421 70.17 105.36 26.46
N LEU E 422 70.56 105.98 25.35
CA LEU E 422 71.95 105.80 24.84
C LEU E 422 72.93 106.34 25.88
N SER E 423 72.63 107.50 26.46
CA SER E 423 73.55 108.11 27.46
C SER E 423 73.69 107.17 28.66
N GLU E 424 72.59 106.62 29.14
CA GLU E 424 72.63 105.72 30.32
C GLU E 424 73.39 104.43 29.97
N ILE E 425 73.18 103.90 28.77
CA ILE E 425 73.87 102.65 28.35
C ILE E 425 75.37 102.93 28.30
N LEU E 426 75.77 104.07 27.73
CA LEU E 426 77.21 104.43 27.68
C LEU E 426 77.74 104.61 29.11
N LYS E 427 76.92 105.19 30.00
CA LYS E 427 77.37 105.44 31.39
C LYS E 427 77.62 104.11 32.11
N ASP E 428 76.71 103.15 31.99
CA ASP E 428 76.90 101.85 32.67
C ASP E 428 78.03 101.05 32.02
N THR E 429 78.08 101.01 30.67
CA THR E 429 79.10 100.21 29.95
C THR E 429 80.49 100.84 30.09
N GLN E 430 80.57 102.16 29.97
CA GLN E 430 81.90 102.82 29.98
C GLN E 430 82.03 103.73 31.20
N GLU E 431 83.19 103.70 31.86
CA GLU E 431 83.43 104.55 33.05
C GLU E 431 83.36 106.03 32.67
N CYS E 432 83.74 106.37 31.43
CA CYS E 432 83.70 107.78 30.95
C CYS E 432 82.34 108.05 30.30
N VAL E 433 81.62 109.07 30.79
CA VAL E 433 80.29 109.41 30.23
C VAL E 433 80.47 110.58 29.27
N VAL E 434 80.26 110.33 27.98
CA VAL E 434 80.44 111.41 26.96
C VAL E 434 79.10 112.13 26.83
N ILE E 435 79.11 113.45 26.99
CA ILE E 435 77.84 114.22 26.91
C ILE E 435 77.31 114.13 25.48
N LEU E 436 76.02 113.84 25.33
CA LEU E 436 75.44 113.68 23.98
C LEU E 436 74.59 114.91 23.64
N THR E 437 74.87 115.54 22.51
CA THR E 437 74.10 116.72 22.05
C THR E 437 73.45 116.38 20.71
N LEU E 438 73.18 115.09 20.48
CA LEU E 438 72.65 114.65 19.15
C LEU E 438 71.28 115.29 18.87
N VAL E 439 70.44 115.49 19.88
CA VAL E 439 69.07 116.02 19.63
C VAL E 439 69.19 117.42 19.03
N GLU E 440 70.04 118.28 19.59
CA GLU E 440 70.27 119.64 19.02
C GLU E 440 71.08 119.52 17.71
N ASN E 441 71.84 118.44 17.55
CA ASN E 441 72.68 118.23 16.33
C ASN E 441 71.85 117.63 15.19
N LEU E 442 70.58 117.29 15.44
CA LEU E 442 69.69 116.77 14.36
C LEU E 442 69.52 117.84 13.27
N SER E 443 69.59 119.12 13.64
CA SER E 443 69.43 120.22 12.65
C SER E 443 70.56 120.16 11.60
N ASP E 444 71.79 119.93 12.04
CA ASP E 444 72.94 119.89 11.09
C ASP E 444 73.50 118.48 11.01
N GLY E 445 73.43 117.86 9.82
CA GLY E 445 73.94 116.49 9.65
C GLY E 445 75.42 116.40 9.92
N VAL E 446 76.18 117.42 9.54
CA VAL E 446 77.66 117.40 9.71
C VAL E 446 77.99 117.31 11.19
N SER E 447 77.31 118.10 12.03
CA SER E 447 77.56 118.09 13.49
C SER E 447 77.20 116.71 14.05
N PHE E 448 76.09 116.14 13.60
CA PHE E 448 75.66 114.81 14.10
C PHE E 448 76.72 113.76 13.74
N CYS E 449 77.19 113.79 12.49
CA CYS E 449 78.20 112.80 12.04
C CYS E 449 79.50 112.99 12.81
N ASN E 450 79.90 114.24 13.05
CA ASN E 450 81.14 114.51 13.82
C ASN E 450 81.00 113.97 15.25
N GLU E 451 79.83 114.19 15.86
CA GLU E 451 79.59 113.68 17.23
C GLU E 451 79.64 112.15 17.22
N VAL E 452 79.05 111.52 16.20
CA VAL E 452 79.07 110.03 16.10
C VAL E 452 80.52 109.56 15.97
N ILE E 453 81.32 110.26 15.15
CA ILE E 453 82.74 109.88 14.99
C ILE E 453 83.46 110.02 16.33
N GLY E 454 83.17 111.10 17.07
CA GLY E 454 83.79 111.29 18.40
C GLY E 454 83.40 110.18 19.36
N LEU E 455 82.13 109.79 19.35
CA LEU E 455 81.65 108.72 20.28
C LEU E 455 82.30 107.38 19.92
N VAL E 456 82.34 107.04 18.63
CA VAL E 456 82.93 105.73 18.21
C VAL E 456 84.44 105.73 18.45
N LYS E 457 85.11 106.88 18.29
CA LYS E 457 86.57 106.96 18.54
C LYS E 457 86.85 106.67 20.02
N SER E 458 85.97 107.14 20.92
CA SER E 458 86.13 106.89 22.37
C SER E 458 85.90 105.41 22.70
N LYS E 459 85.30 104.64 21.78
CA LYS E 459 85.06 103.17 21.94
C LYS E 459 83.86 102.94 22.86
N CYS E 460 83.16 104.00 23.26
CA CYS E 460 81.92 103.83 24.05
C CYS E 460 80.87 103.11 23.19
N PHE E 461 80.75 103.50 21.91
CA PHE E 461 79.81 102.82 20.97
C PHE E 461 80.31 101.40 20.67
N ALA E 462 81.64 101.22 20.57
CA ALA E 462 82.22 99.90 20.25
C ALA E 462 82.07 98.93 21.42
N PHE E 463 82.24 97.64 21.15
CA PHE E 463 82.15 96.62 22.22
C PHE E 463 83.24 96.88 23.26
N THR E 464 82.88 96.81 24.54
CA THR E 464 83.85 97.12 25.62
C THR E 464 84.71 95.88 25.93
N GLU E 465 86.03 96.06 25.93
CA GLU E 465 86.96 94.94 26.26
C GLU E 465 86.87 94.59 27.76
N GLN E 466 86.41 95.53 28.58
CA GLN E 466 86.34 95.32 30.05
C GLN E 466 85.37 94.17 30.35
N CYS E 467 84.28 94.07 29.58
CA CYS E 467 83.25 93.04 29.86
C CYS E 467 83.88 91.65 29.75
N SER E 468 83.58 90.78 30.72
CA SER E 468 84.15 89.41 30.74
C SER E 468 83.45 88.51 29.71
N GLN E 469 84.09 87.39 29.37
CA GLN E 469 83.50 86.42 28.40
C GLN E 469 82.24 85.79 29.01
N ALA E 470 82.21 85.61 30.34
CA ALA E 470 81.04 85.01 31.01
C ALA E 470 79.81 85.91 30.81
N SER E 471 79.99 87.23 30.87
CA SER E 471 78.85 88.18 30.75
C SER E 471 78.77 88.73 29.32
N TYR E 472 79.25 87.97 28.33
CA TYR E 472 79.26 88.45 26.93
C TYR E 472 77.82 88.69 26.44
N GLU E 473 76.88 87.83 26.81
CA GLU E 473 75.48 87.96 26.32
C GLU E 473 74.86 89.26 26.84
N GLU E 474 75.10 89.63 28.10
CA GLU E 474 74.57 90.89 28.66
C GLU E 474 75.20 92.09 27.93
N ALA E 475 76.50 92.01 27.65
CA ALA E 475 77.17 93.11 26.92
C ALA E 475 76.57 93.23 25.52
N VAL E 476 76.29 92.11 24.87
CA VAL E 476 75.66 92.13 23.51
C VAL E 476 74.26 92.74 23.64
N LEU E 477 73.54 92.40 24.71
CA LEU E 477 72.18 92.95 24.92
C LEU E 477 72.25 94.48 25.07
N ASN E 478 73.23 94.97 25.83
CA ASN E 478 73.40 96.44 25.95
C ASN E 478 73.80 97.04 24.61
N ILE E 479 74.70 96.38 23.88
CA ILE E 479 75.22 96.94 22.59
C ILE E 479 74.07 97.04 21.58
N GLU E 480 73.23 96.01 21.49
CA GLU E 480 72.14 96.02 20.48
C GLU E 480 71.14 97.14 20.82
N LYS E 481 70.85 97.36 22.10
CA LYS E 481 69.94 98.46 22.51
C LYS E 481 70.58 99.80 22.14
N CYS E 482 71.89 99.94 22.37
CA CYS E 482 72.61 101.19 22.02
C CYS E 482 72.53 101.39 20.49
N ASP E 483 72.67 100.29 19.73
CA ASP E 483 72.58 100.37 18.25
C ASP E 483 71.16 100.82 17.86
N VAL E 484 70.16 100.28 18.55
CA VAL E 484 68.74 100.64 18.24
C VAL E 484 68.55 102.15 18.50
N CYS E 485 69.10 102.65 19.61
CA CYS E 485 68.97 104.10 19.92
C CYS E 485 69.64 104.92 18.82
N LEU E 486 70.84 104.50 18.41
CA LEU E 486 71.57 105.25 17.35
C LEU E 486 70.76 105.20 16.05
N LEU E 487 70.17 104.05 15.73
CA LEU E 487 69.39 103.92 14.48
C LEU E 487 68.18 104.87 14.53
N VAL E 488 67.54 104.96 15.70
CA VAL E 488 66.37 105.87 15.84
C VAL E 488 66.83 107.31 15.61
N LEU E 489 67.97 107.68 16.19
CA LEU E 489 68.49 109.06 16.03
C LEU E 489 68.83 109.30 14.55
N LEU E 490 69.41 108.30 13.88
CA LEU E 490 69.78 108.45 12.45
C LEU E 490 68.51 108.60 11.61
N ARG E 491 67.47 107.84 11.95
CA ARG E 491 66.19 107.95 11.20
C ARG E 491 65.61 109.36 11.39
N TYR E 492 65.68 109.90 12.60
CA TYR E 492 65.18 111.27 12.85
C TYR E 492 66.04 112.28 12.08
N LEU E 493 67.35 112.06 12.04
CA LEU E 493 68.25 112.97 11.28
C LEU E 493 67.86 112.93 9.79
N LEU E 494 67.60 111.73 9.25
CA LEU E 494 67.18 111.61 7.83
C LEU E 494 65.82 112.31 7.65
N HIS E 495 64.92 112.17 8.62
CA HIS E 495 63.61 112.87 8.53
C HIS E 495 63.81 114.39 8.54
N LEU E 496 64.77 114.88 9.34
CA LEU E 496 65.06 116.35 9.42
C LEU E 496 65.90 116.87 8.24
N ILE E 497 66.88 116.11 7.73
CA ILE E 497 67.79 116.67 6.68
C ILE E 497 67.64 115.95 5.33
N GLY E 498 67.10 114.73 5.30
CA GLY E 498 66.99 113.97 4.04
C GLY E 498 68.33 113.39 3.59
N THR E 499 68.41 112.93 2.35
CA THR E 499 69.69 112.42 1.81
C THR E 499 70.20 113.37 0.72
N GLU E 500 71.12 114.26 1.08
CA GLU E 500 71.65 115.24 0.09
C GLU E 500 73.18 115.22 0.06
N ALA E 501 73.84 115.03 1.20
CA ALA E 501 75.33 115.12 1.23
C ALA E 501 75.93 113.91 1.95
N ILE E 502 75.41 112.72 1.69
CA ILE E 502 75.94 111.49 2.35
C ILE E 502 77.39 111.28 1.93
N LEU E 503 77.70 111.43 0.64
CA LEU E 503 79.09 111.26 0.16
C LEU E 503 79.68 112.62 -0.25
N ASP E 504 78.84 113.60 -0.56
CA ASP E 504 79.35 114.93 -0.99
C ASP E 504 80.14 115.56 0.16
N ALA E 505 79.62 115.45 1.37
CA ALA E 505 80.34 115.96 2.56
C ALA E 505 81.27 114.86 3.08
N LYS E 506 82.56 115.19 3.25
CA LYS E 506 83.55 114.19 3.70
C LYS E 506 83.22 113.72 5.12
N GLU E 507 82.57 114.57 5.93
CA GLU E 507 82.29 114.21 7.35
C GLU E 507 81.37 112.98 7.41
N GLN E 508 80.32 112.94 6.58
CA GLN E 508 79.42 111.76 6.56
C GLN E 508 80.15 110.52 6.04
N LEU E 509 81.01 110.68 5.03
CA LEU E 509 81.82 109.53 4.52
C LEU E 509 82.75 109.03 5.62
N GLU E 510 83.37 109.95 6.38
CA GLU E 510 84.25 109.55 7.51
C GLU E 510 83.40 108.85 8.58
N MET E 511 82.18 109.33 8.81
CA MET E 511 81.28 108.68 9.80
C MET E 511 80.98 107.25 9.35
N LEU E 512 80.70 107.05 8.05
CA LEU E 512 80.45 105.67 7.54
C LEU E 512 81.71 104.83 7.69
N HIS E 513 82.89 105.41 7.42
CA HIS E 513 84.17 104.67 7.60
C HIS E 513 84.35 104.30 9.07
N ALA E 514 83.99 105.22 9.97
CA ALA E 514 84.08 104.93 11.42
C ALA E 514 83.10 103.82 11.78
N ILE E 515 81.92 103.80 11.16
CA ILE E 515 80.94 102.70 11.41
C ILE E 515 81.57 101.38 10.93
N GLU E 516 82.25 101.41 9.78
CA GLU E 516 82.95 100.19 9.29
C GLU E 516 84.04 99.78 10.29
N LYS E 517 84.76 100.76 10.86
CA LYS E 517 85.81 100.46 11.87
C LYS E 517 85.18 99.83 13.11
N ASN E 518 84.02 100.34 13.54
CA ASN E 518 83.31 99.76 14.70
C ASN E 518 82.88 98.33 14.36
N ASP E 519 82.43 98.11 13.12
CA ASP E 519 82.03 96.75 12.67
C ASP E 519 83.26 95.83 12.74
N SER E 520 84.42 96.34 12.33
CA SER E 520 85.69 95.55 12.42
C SER E 520 86.02 95.24 13.89
N GLY E 521 85.81 96.21 14.80
CA GLY E 521 86.05 95.95 16.23
C GLY E 521 85.13 94.86 16.75
N ARG E 522 83.86 94.88 16.34
CA ARG E 522 82.91 93.81 16.74
C ARG E 522 83.35 92.48 16.12
N ARG E 523 83.83 92.53 14.87
CA ARG E 523 84.31 91.30 14.17
C ARG E 523 85.53 90.74 14.90
N GLN E 524 86.33 91.58 15.56
CA GLN E 524 87.46 91.03 16.35
C GLN E 524 86.92 90.09 17.43
N TRP E 525 85.90 90.53 18.17
CA TRP E 525 85.27 89.64 19.19
C TRP E 525 84.57 88.45 18.51
N ALA E 526 84.01 88.67 17.32
CA ALA E 526 83.37 87.56 16.57
C ALA E 526 84.42 86.50 16.23
N LYS E 527 85.61 86.92 15.81
CA LYS E 527 86.73 85.97 15.50
C LYS E 527 87.26 85.36 16.81
N ALA E 528 87.04 86.02 17.95
CA ALA E 528 87.44 85.44 19.26
C ALA E 528 86.66 84.14 19.48
N LEU E 529 85.50 83.99 18.83
CA LEU E 529 84.69 82.74 18.89
C LEU E 529 84.28 82.42 20.32
N ASN E 530 83.90 83.44 21.10
CA ASN E 530 83.35 83.20 22.46
C ASN E 530 82.00 82.48 22.33
N LEU E 531 81.17 82.94 21.40
CA LEU E 531 79.83 82.31 21.16
C LEU E 531 79.62 82.17 19.65
N GLY E 532 78.83 81.17 19.24
CA GLY E 532 78.54 80.96 17.80
C GLY E 532 77.78 82.14 17.22
N ASN E 533 76.85 82.70 17.99
CA ASN E 533 76.00 83.80 17.46
C ASN E 533 76.87 84.99 17.06
N ASP E 534 76.65 85.52 15.85
CA ASP E 534 77.40 86.70 15.40
C ASP E 534 76.95 87.93 16.20
N PRO E 535 77.88 88.79 16.67
CA PRO E 535 77.49 90.01 17.38
C PRO E 535 76.69 90.92 16.44
N PRO E 536 75.66 91.62 16.94
CA PRO E 536 74.83 92.46 16.09
C PRO E 536 75.64 93.56 15.42
N LEU E 537 75.50 93.69 14.10
CA LEU E 537 76.22 94.76 13.35
C LEU E 537 75.18 95.68 12.70
N LEU E 538 75.36 96.99 12.87
CA LEU E 538 74.37 97.97 12.34
C LEU E 538 74.76 98.41 10.93
N TYR E 539 75.88 97.88 10.40
CA TYR E 539 76.36 98.33 9.07
C TYR E 539 75.32 98.00 7.99
N PRO E 540 74.69 96.80 7.90
CA PRO E 540 73.68 96.57 6.88
C PRO E 540 72.48 97.53 7.00
N ILE E 541 72.03 97.79 8.23
CA ILE E 541 70.85 98.67 8.44
C ILE E 541 71.19 100.10 7.99
N VAL E 542 72.37 100.59 8.35
CA VAL E 542 72.79 101.95 7.93
C VAL E 542 72.91 101.97 6.39
N SER E 543 73.45 100.90 5.82
CA SER E 543 73.57 100.81 4.34
C SER E 543 72.19 100.86 3.69
N GLN E 544 71.22 100.14 4.26
CA GLN E 544 69.84 100.21 3.70
C GLN E 544 69.28 101.62 3.87
N MET E 545 69.45 102.22 5.05
CA MET E 545 68.83 103.56 5.29
C MET E 545 69.56 104.68 4.52
N PHE E 546 70.87 104.83 4.72
CA PHE E 546 71.62 105.94 4.06
C PHE E 546 73.09 105.57 3.81
N GLY E 547 73.44 104.28 3.85
CA GLY E 547 74.85 103.87 3.69
C GLY E 547 75.19 103.71 2.23
N VAL E 548 74.22 103.93 1.33
CA VAL E 548 74.42 103.77 -0.14
C VAL E 548 75.05 102.40 -0.41
N HIS E 549 74.38 101.33 0.02
CA HIS E 549 74.88 99.95 -0.24
C HIS E 549 76.32 99.77 0.26
N ASP E 550 76.54 99.88 1.58
CA ASP E 550 77.88 99.63 2.16
C ASP E 550 78.93 100.45 1.40
N LYS E 551 78.60 101.70 1.07
CA LYS E 551 79.55 102.58 0.34
C LYS E 551 79.97 101.84 -0.95
N SER E 552 81.26 101.59 -1.14
CA SER E 552 81.76 100.92 -2.37
C SER E 552 81.83 99.41 -2.15
N VAL E 553 81.60 98.95 -0.91
CA VAL E 553 81.74 97.48 -0.61
C VAL E 553 80.81 96.69 -1.53
N ILE E 554 79.52 97.06 -1.58
CA ILE E 554 78.55 96.27 -2.40
C ILE E 554 77.79 97.18 -3.37
N ILE E 555 78.30 98.39 -3.67
CA ILE E 555 77.65 99.24 -4.71
C ILE E 555 77.67 98.48 -6.03
N GLU E 556 78.72 97.69 -6.27
CA GLU E 556 78.80 96.84 -7.49
C GLU E 556 78.03 95.55 -7.22
#